data_5UUZ
#
_entry.id   5UUZ
#
_cell.length_a   82.818
_cell.length_b   89.887
_cell.length_c   104.620
_cell.angle_alpha   99.27
_cell.angle_beta   89.94
_cell.angle_gamma   96.15
#
_symmetry.space_group_name_H-M   'P 1'
#
loop_
_entity.id
_entity.type
_entity.pdbx_description
1 polymer "Inosine-5'-monophosphate dehydrogenase"
2 non-polymer 'INOSINIC ACID'
3 non-polymer 3-(2-{[(4-chlorophenyl)carbamoyl]amino}propan-2-yl)-N-hydroxybenzene-1-carboximidamide
4 non-polymer 'POTASSIUM ION'
5 water water
#
_entity_poly.entity_id   1
_entity_poly.type   'polypeptide(L)'
_entity_poly.pdbx_seq_one_letter_code
;MHHHHHHSSGVDLGTENLYFQSNAMWESKFVKEGLTFDDVLLVPAKSDVLPREVSVKTVLSESLQLNIPLISAGMDTVTE
ADMAIAMARQGGLGIIHKNMSIEQQAEQVDKVKRSGGLLVGAAVGVTADAMTRIDALVKASVDAIVLDTAHGHSQGVIDK
VKEVRAKYPSLNIIAGNVATAEATKALIEAGANVVKVGIGPGSICTTRVVAGVGVPQLTAVYDCATEARKHGIPVIADGG
IKYSGDMVKALAAGAHVVMLGSMFAGVAESPGETEIYQGRQFKVYRGMGSVGAMEKGSKDRYFQEGNKKLVPEGIEGRVP
YKGPLADTVHQLVGGLRAGMGYCGAQDLEFLRENAQFIRMSGAGLLESHPHHVQITKEAPNYSL
;
_entity_poly.pdbx_strand_id   A,B,C,D,E,F,G,H
#
loop_
_chem_comp.id
_chem_comp.type
_chem_comp.name
_chem_comp.formula
8L4 non-polymer 3-(2-{[(4-chlorophenyl)carbamoyl]amino}propan-2-yl)-N-hydroxybenzene-1-carboximidamide 'C17 H19 Cl N4 O2'
IMP non-polymer 'INOSINIC ACID' 'C10 H13 N4 O8 P'
K non-polymer 'POTASSIUM ION' 'K 1'
#
# COMPACT_ATOMS: atom_id res chain seq x y z
N SER A 22 7.24 4.53 -7.02
CA SER A 22 6.26 3.99 -6.07
C SER A 22 6.87 2.77 -5.46
N ASN A 23 7.92 2.34 -6.14
CA ASN A 23 8.59 1.13 -5.76
C ASN A 23 9.38 1.34 -4.48
N ALA A 24 9.54 2.60 -4.06
CA ALA A 24 10.34 2.92 -2.88
C ALA A 24 9.72 2.35 -1.61
N MET A 25 8.40 2.49 -1.44
CA MET A 25 7.80 2.01 -0.19
C MET A 25 7.96 0.50 -0.05
N TRP A 26 7.96 -0.22 -1.17
CA TRP A 26 8.11 -1.67 -1.12
C TRP A 26 9.52 -2.08 -0.76
N GLU A 27 10.51 -1.31 -1.21
CA GLU A 27 11.91 -1.66 -0.97
C GLU A 27 12.42 -1.18 0.38
N SER A 28 11.68 -0.33 1.08
CA SER A 28 12.08 0.17 2.39
C SER A 28 11.40 -0.56 3.55
N LYS A 29 10.75 -1.70 3.27
CA LYS A 29 9.96 -2.37 4.31
C LYS A 29 10.83 -2.79 5.49
N PHE A 30 12.04 -3.27 5.23
CA PHE A 30 12.86 -3.86 6.28
C PHE A 30 14.18 -3.11 6.49
N VAL A 31 14.17 -1.79 6.28
CA VAL A 31 15.39 -0.99 6.39
C VAL A 31 15.64 -0.53 7.83
N LYS A 32 14.60 -0.10 8.55
CA LYS A 32 14.79 0.50 9.86
C LYS A 32 15.24 -0.53 10.90
N GLU A 33 16.02 -0.06 11.89
CA GLU A 33 16.51 -0.88 12.98
C GLU A 33 16.18 -0.21 14.31
N GLY A 34 15.81 -1.02 15.30
CA GLY A 34 15.40 -0.49 16.58
C GLY A 34 16.15 -1.14 17.73
N LEU A 35 16.39 -0.34 18.76
CA LEU A 35 17.10 -0.74 19.97
C LEU A 35 16.19 -0.58 21.17
N THR A 36 16.35 -1.47 22.15
CA THR A 36 15.64 -1.34 23.41
C THR A 36 16.67 -1.23 24.55
N PHE A 37 16.17 -1.16 25.78
CA PHE A 37 17.05 -0.94 26.93
C PHE A 37 18.14 -1.99 27.04
N ASP A 38 17.80 -3.26 26.84
CA ASP A 38 18.77 -4.35 27.03
C ASP A 38 19.77 -4.48 25.89
N ASP A 39 19.74 -3.58 24.91
CA ASP A 39 20.70 -3.62 23.81
C ASP A 39 21.91 -2.73 24.06
N VAL A 40 21.89 -1.87 25.07
CA VAL A 40 22.88 -0.81 25.19
C VAL A 40 23.37 -0.67 26.63
N LEU A 41 24.46 0.09 26.77
CA LEU A 41 24.98 0.55 28.05
C LEU A 41 25.47 1.98 27.90
N LEU A 42 25.39 2.74 28.99
CA LEU A 42 25.91 4.10 29.02
C LEU A 42 27.41 4.09 29.23
N VAL A 43 28.13 4.83 28.40
CA VAL A 43 29.58 4.90 28.47
C VAL A 43 29.99 5.90 29.56
N PRO A 44 30.79 5.51 30.53
CA PRO A 44 31.25 6.48 31.53
C PRO A 44 32.16 7.54 30.91
N ALA A 45 31.92 8.79 31.31
CA ALA A 45 32.65 9.92 30.77
C ALA A 45 33.39 10.66 31.89
N LYS A 46 34.17 11.66 31.48
CA LYS A 46 34.80 12.54 32.45
C LYS A 46 33.74 13.17 33.34
N SER A 47 34.00 13.21 34.65
CA SER A 47 33.00 13.65 35.60
C SER A 47 33.62 14.57 36.65
N ASP A 48 33.01 15.74 36.84
CA ASP A 48 33.37 16.66 37.91
C ASP A 48 32.33 16.67 39.01
N VAL A 49 31.26 15.90 38.87
CA VAL A 49 30.14 15.90 39.81
C VAL A 49 30.06 14.52 40.47
N LEU A 50 29.61 14.51 41.71
CA LEU A 50 29.38 13.28 42.47
C LEU A 50 27.88 13.00 42.58
N PRO A 51 27.48 11.73 42.72
CA PRO A 51 26.03 11.44 42.77
C PRO A 51 25.26 12.25 43.81
N ARG A 52 25.84 12.54 44.96
CA ARG A 52 25.10 13.28 45.99
C ARG A 52 24.84 14.72 45.58
N GLU A 53 25.69 15.30 44.73
CA GLU A 53 25.62 16.71 44.40
C GLU A 53 24.97 16.98 43.05
N VAL A 54 24.43 15.95 42.39
CA VAL A 54 23.77 16.12 41.09
C VAL A 54 22.35 16.62 41.30
N SER A 55 21.79 17.24 40.25
CA SER A 55 20.44 17.77 40.23
C SER A 55 19.54 16.89 39.37
N VAL A 56 18.38 16.49 39.90
CA VAL A 56 17.46 15.64 39.15
C VAL A 56 16.13 16.36 38.86
N LYS A 57 16.08 17.68 38.98
CA LYS A 57 14.86 18.41 38.66
C LYS A 57 14.64 18.51 37.14
N THR A 58 13.37 18.67 36.76
CA THR A 58 12.98 18.75 35.35
C THR A 58 11.78 19.69 35.19
N VAL A 59 11.72 20.35 34.04
CA VAL A 59 10.64 21.27 33.69
C VAL A 59 9.90 20.70 32.49
N LEU A 60 8.61 20.42 32.66
CA LEU A 60 7.76 19.99 31.55
C LEU A 60 7.08 21.17 30.87
N SER A 61 6.72 22.18 31.65
CA SER A 61 6.19 23.44 31.17
C SER A 61 6.39 24.46 32.27
N GLU A 62 6.04 25.72 31.99
CA GLU A 62 6.20 26.77 33.00
C GLU A 62 5.29 26.54 34.19
N SER A 63 4.17 25.85 34.01
CA SER A 63 3.27 25.56 35.11
C SER A 63 3.47 24.17 35.71
N LEU A 64 4.34 23.34 35.13
CA LEU A 64 4.52 21.96 35.58
C LEU A 64 6.00 21.60 35.63
N GLN A 65 6.59 21.59 36.83
CA GLN A 65 7.96 21.12 37.01
C GLN A 65 7.96 20.08 38.12
N LEU A 66 8.72 19.02 37.92
CA LEU A 66 8.82 17.92 38.87
C LEU A 66 10.21 17.91 39.48
N ASN A 67 10.29 17.56 40.76
CA ASN A 67 11.57 17.47 41.45
C ASN A 67 12.28 16.15 41.16
N ILE A 68 11.53 15.09 40.88
CA ILE A 68 12.13 13.83 40.42
C ILE A 68 11.43 13.45 39.12
N PRO A 69 12.16 12.89 38.15
CA PRO A 69 11.55 12.62 36.83
C PRO A 69 10.80 11.28 36.78
N LEU A 70 9.81 11.13 37.65
CA LEU A 70 9.05 9.90 37.76
C LEU A 70 7.56 10.22 37.80
N ILE A 71 6.80 9.52 36.97
CA ILE A 71 5.35 9.65 36.92
C ILE A 71 4.76 8.25 37.07
N SER A 72 3.81 8.08 37.99
CA SER A 72 3.12 6.81 38.11
C SER A 72 2.02 6.72 37.07
N ALA A 73 1.89 5.54 36.46
CA ALA A 73 1.00 5.35 35.34
C ALA A 73 -0.46 5.40 35.75
N GLY A 74 -1.30 5.86 34.81
CA GLY A 74 -2.73 5.95 35.04
C GLY A 74 -3.49 4.67 34.74
N MET A 75 -3.29 3.66 35.57
CA MET A 75 -3.93 2.36 35.40
C MET A 75 -4.65 2.02 36.69
N ASP A 76 -5.72 1.22 36.57
CA ASP A 76 -6.58 0.95 37.71
C ASP A 76 -5.91 0.15 38.82
N THR A 77 -4.67 -0.32 38.60
CA THR A 77 -3.93 -1.05 39.62
C THR A 77 -2.67 -0.32 40.06
N VAL A 78 -2.48 0.94 39.64
CA VAL A 78 -1.26 1.69 39.92
C VAL A 78 -1.55 2.97 40.69
N THR A 79 -2.42 3.83 40.18
CA THR A 79 -2.51 5.18 40.73
C THR A 79 -3.96 5.55 41.05
N GLU A 80 -4.21 5.83 42.32
CA GLU A 80 -5.44 6.48 42.76
C GLU A 80 -5.06 7.62 43.70
N ALA A 81 -5.96 8.02 44.60
CA ALA A 81 -5.70 9.19 45.45
C ALA A 81 -4.43 9.01 46.28
N ASP A 82 -4.33 7.90 47.01
CA ASP A 82 -3.18 7.70 47.89
C ASP A 82 -1.87 7.60 47.12
N MET A 83 -1.88 7.05 45.90
CA MET A 83 -0.64 6.97 45.13
C MET A 83 -0.24 8.34 44.60
N ALA A 84 -1.20 9.10 44.05
CA ALA A 84 -0.89 10.44 43.55
C ALA A 84 -0.39 11.35 44.66
N ILE A 85 -0.94 11.20 45.87
CA ILE A 85 -0.46 11.98 47.01
C ILE A 85 0.98 11.62 47.33
N ALA A 86 1.26 10.32 47.46
CA ALA A 86 2.60 9.89 47.81
C ALA A 86 3.61 10.24 46.72
N MET A 87 3.20 10.14 45.45
CA MET A 87 4.10 10.51 44.35
C MET A 87 4.53 11.98 44.48
N ALA A 88 3.56 12.88 44.62
CA ALA A 88 3.89 14.30 44.72
C ALA A 88 4.73 14.59 45.95
N ARG A 89 4.46 13.88 47.05
CA ARG A 89 5.23 14.08 48.27
C ARG A 89 6.69 13.67 48.09
N GLN A 90 6.96 12.70 47.21
CA GLN A 90 8.31 12.32 46.86
C GLN A 90 8.93 13.23 45.81
N GLY A 91 8.18 14.20 45.31
CA GLY A 91 8.67 15.09 44.27
C GLY A 91 8.28 14.71 42.86
N GLY A 92 7.38 13.75 42.68
CA GLY A 92 7.02 13.29 41.36
C GLY A 92 5.61 13.69 40.99
N LEU A 93 4.94 12.84 40.21
CA LEU A 93 3.59 13.13 39.75
C LEU A 93 2.85 11.83 39.58
N GLY A 94 1.56 11.83 39.90
CA GLY A 94 0.70 10.68 39.71
C GLY A 94 -0.46 11.03 38.82
N ILE A 95 -0.83 10.10 37.94
CA ILE A 95 -1.92 10.30 37.00
C ILE A 95 -3.06 9.39 37.41
N ILE A 96 -4.12 9.96 37.98
CA ILE A 96 -5.27 9.17 38.39
C ILE A 96 -5.95 8.56 37.17
N HIS A 97 -6.19 7.25 37.23
CA HIS A 97 -6.73 6.54 36.08
C HIS A 97 -8.19 6.90 35.85
N LYS A 98 -8.69 6.51 34.68
CA LYS A 98 -10.01 6.91 34.21
C LYS A 98 -11.10 5.87 34.44
N ASN A 99 -10.76 4.67 34.92
CA ASN A 99 -11.77 3.63 35.13
C ASN A 99 -12.61 3.90 36.39
N MET A 100 -13.30 5.04 36.35
CA MET A 100 -14.19 5.46 37.42
C MET A 100 -15.14 6.48 36.81
N SER A 101 -16.16 6.88 37.58
CA SER A 101 -17.06 7.91 37.08
C SER A 101 -16.34 9.26 37.02
N ILE A 102 -16.93 10.18 36.25
CA ILE A 102 -16.35 11.51 36.14
C ILE A 102 -16.31 12.18 37.50
N GLU A 103 -17.37 12.04 38.29
CA GLU A 103 -17.36 12.68 39.60
C GLU A 103 -16.37 12.02 40.54
N GLN A 104 -16.22 10.70 40.46
CA GLN A 104 -15.25 10.02 41.31
C GLN A 104 -13.84 10.48 41.01
N GLN A 105 -13.52 10.65 39.72
CA GLN A 105 -12.16 11.06 39.38
C GLN A 105 -11.91 12.51 39.81
N ALA A 106 -12.91 13.38 39.65
CA ALA A 106 -12.77 14.75 40.13
C ALA A 106 -12.63 14.77 41.65
N GLU A 107 -13.29 13.82 42.33
CA GLU A 107 -13.15 13.70 43.79
C GLU A 107 -11.76 13.21 44.17
N GLN A 108 -11.14 12.38 43.34
CA GLN A 108 -9.78 11.93 43.63
C GLN A 108 -8.77 13.04 43.40
N VAL A 109 -8.92 13.78 42.29
CA VAL A 109 -8.05 14.92 42.02
C VAL A 109 -8.16 15.96 43.12
N ASP A 110 -9.39 16.22 43.56
CA ASP A 110 -9.62 17.22 44.59
C ASP A 110 -8.96 16.83 45.91
N LYS A 111 -8.95 15.53 46.25
CA LYS A 111 -8.29 15.08 47.47
C LYS A 111 -6.80 15.39 47.45
N VAL A 112 -6.15 15.20 46.29
CA VAL A 112 -4.70 15.41 46.21
C VAL A 112 -4.34 16.88 46.30
N LYS A 113 -5.16 17.75 45.71
CA LYS A 113 -4.82 19.18 45.70
C LYS A 113 -4.91 19.80 47.09
N ARG A 114 -6.00 19.53 47.82
CA ARG A 114 -6.16 20.16 49.12
C ARG A 114 -5.22 19.60 50.17
N SER A 115 -4.65 18.42 49.94
CA SER A 115 -3.80 17.77 50.93
C SER A 115 -2.36 18.26 50.80
N GLY A 116 -2.22 19.58 50.90
CA GLY A 116 -0.94 20.25 50.89
C GLY A 116 -0.54 20.95 49.61
N GLY A 117 -1.48 21.16 48.69
CA GLY A 117 -1.15 21.80 47.42
C GLY A 117 -0.26 20.99 46.50
N LEU A 118 -0.47 19.68 46.45
CA LEU A 118 0.36 18.80 45.65
C LEU A 118 -0.07 18.80 44.19
N LEU A 119 0.86 18.46 43.31
CA LEU A 119 0.57 18.31 41.89
C LEU A 119 -0.19 17.00 41.65
N VAL A 120 -1.04 17.01 40.61
CA VAL A 120 -1.82 15.82 40.30
C VAL A 120 -2.17 15.84 38.81
N GLY A 121 -2.29 14.63 38.23
CA GLY A 121 -2.75 14.47 36.88
C GLY A 121 -3.92 13.51 36.82
N ALA A 122 -4.56 13.46 35.66
CA ALA A 122 -5.71 12.59 35.47
C ALA A 122 -5.77 12.12 34.02
N ALA A 123 -6.11 10.85 33.83
CA ALA A 123 -6.20 10.26 32.50
C ALA A 123 -7.60 10.42 31.92
N VAL A 124 -7.66 10.77 30.63
CA VAL A 124 -8.91 10.90 29.89
C VAL A 124 -8.76 10.18 28.56
N GLY A 125 -9.74 9.34 28.22
CA GLY A 125 -9.74 8.68 26.93
C GLY A 125 -10.39 9.54 25.84
N VAL A 126 -10.09 9.20 24.58
CA VAL A 126 -10.63 9.94 23.43
C VAL A 126 -11.98 9.34 23.08
N THR A 127 -13.02 9.94 23.62
CA THR A 127 -14.38 9.49 23.38
C THR A 127 -15.29 10.71 23.30
N ALA A 128 -16.56 10.50 22.89
CA ALA A 128 -17.48 11.63 22.76
C ALA A 128 -17.75 12.30 24.10
N ASP A 129 -17.72 11.56 25.19
CA ASP A 129 -17.99 12.11 26.50
C ASP A 129 -16.73 12.67 27.13
N ALA A 130 -15.64 12.69 26.38
CA ALA A 130 -14.35 13.10 26.94
C ALA A 130 -14.39 14.53 27.46
N MET A 131 -14.93 15.45 26.64
CA MET A 131 -14.88 16.86 27.00
C MET A 131 -15.67 17.14 28.28
N THR A 132 -16.74 16.38 28.52
CA THR A 132 -17.47 16.52 29.78
C THR A 132 -16.61 16.14 30.97
N ARG A 133 -15.83 15.06 30.84
CA ARG A 133 -14.94 14.65 31.92
C ARG A 133 -13.82 15.67 32.13
N ILE A 134 -13.28 16.20 31.04
CA ILE A 134 -12.16 17.15 31.15
C ILE A 134 -12.59 18.41 31.88
N ASP A 135 -13.80 18.90 31.61
CA ASP A 135 -14.28 20.10 32.28
C ASP A 135 -14.32 19.89 33.80
N ALA A 136 -14.84 18.76 34.26
CA ALA A 136 -14.93 18.49 35.69
C ALA A 136 -13.55 18.40 36.35
N LEU A 137 -12.54 17.94 35.60
CA LEU A 137 -11.20 17.82 36.17
C LEU A 137 -10.55 19.18 36.34
N VAL A 138 -10.78 20.11 35.41
CA VAL A 138 -10.18 21.43 35.53
C VAL A 138 -10.75 22.18 36.74
N LYS A 139 -12.02 21.96 37.08
CA LYS A 139 -12.56 22.59 38.28
C LYS A 139 -11.92 22.05 39.54
N ALA A 140 -11.51 20.78 39.54
CA ALA A 140 -10.73 20.27 40.66
C ALA A 140 -9.28 20.76 40.63
N SER A 141 -8.93 21.62 39.67
CA SER A 141 -7.61 22.24 39.57
C SER A 141 -6.51 21.23 39.22
N VAL A 142 -6.82 20.30 38.32
CA VAL A 142 -5.80 19.37 37.85
C VAL A 142 -4.72 20.15 37.11
N ASP A 143 -3.47 19.69 37.23
CA ASP A 143 -2.35 20.37 36.60
C ASP A 143 -2.13 19.92 35.16
N ALA A 144 -2.45 18.67 34.85
CA ALA A 144 -2.28 18.16 33.50
C ALA A 144 -3.28 17.04 33.26
N ILE A 145 -3.86 17.02 32.07
CA ILE A 145 -4.69 15.90 31.66
C ILE A 145 -3.88 15.09 30.66
N VAL A 146 -4.00 13.77 30.75
CA VAL A 146 -3.30 12.84 29.88
C VAL A 146 -4.35 12.25 28.95
N LEU A 147 -4.33 12.68 27.69
CA LEU A 147 -5.17 12.06 26.67
C LEU A 147 -4.39 10.87 26.12
N ASP A 148 -4.48 9.74 26.82
CA ASP A 148 -3.71 8.55 26.49
C ASP A 148 -4.59 7.61 25.66
N THR A 149 -4.08 7.19 24.51
CA THR A 149 -4.77 6.25 23.64
C THR A 149 -3.78 5.24 23.09
N ALA A 150 -4.33 4.11 22.64
CA ALA A 150 -3.50 3.05 22.08
C ALA A 150 -2.72 3.53 20.86
N HIS A 151 -3.32 4.39 20.05
CA HIS A 151 -2.68 4.89 18.83
C HIS A 151 -2.82 6.40 18.83
N GLY A 152 -1.75 7.10 19.22
CA GLY A 152 -1.79 8.56 19.26
C GLY A 152 -1.72 9.21 17.89
N HIS A 153 -1.27 8.46 16.88
CA HIS A 153 -1.16 8.98 15.52
C HIS A 153 -2.45 8.79 14.74
N SER A 154 -3.59 8.78 15.44
CA SER A 154 -4.91 8.69 14.84
C SER A 154 -5.53 10.07 14.74
N GLN A 155 -6.39 10.24 13.73
CA GLN A 155 -7.04 11.54 13.53
C GLN A 155 -7.97 11.88 14.68
N GLY A 156 -8.61 10.88 15.30
CA GLY A 156 -9.45 11.15 16.46
C GLY A 156 -8.69 11.77 17.61
N VAL A 157 -7.44 11.36 17.80
CA VAL A 157 -6.61 11.91 18.86
C VAL A 157 -6.17 13.33 18.54
N ILE A 158 -5.76 13.57 17.29
CA ILE A 158 -5.32 14.90 16.88
C ILE A 158 -6.45 15.91 17.05
N ASP A 159 -7.66 15.54 16.62
CA ASP A 159 -8.79 16.45 16.73
C ASP A 159 -9.12 16.75 18.19
N LYS A 160 -9.09 15.73 19.05
CA LYS A 160 -9.42 15.96 20.46
C LYS A 160 -8.41 16.89 21.14
N VAL A 161 -7.14 16.82 20.74
CA VAL A 161 -6.15 17.74 21.32
C VAL A 161 -6.45 19.16 20.89
N LYS A 162 -6.82 19.35 19.61
CA LYS A 162 -7.19 20.68 19.13
C LYS A 162 -8.43 21.21 19.86
N GLU A 163 -9.41 20.35 20.11
CA GLU A 163 -10.65 20.78 20.76
C GLU A 163 -10.43 21.11 22.23
N VAL A 164 -9.46 20.46 22.88
CA VAL A 164 -9.15 20.79 24.26
C VAL A 164 -8.25 22.02 24.33
N ARG A 165 -7.27 22.13 23.41
CA ARG A 165 -6.43 23.32 23.40
C ARG A 165 -7.24 24.57 23.07
N ALA A 166 -8.27 24.43 22.23
CA ALA A 166 -9.12 25.58 21.91
C ALA A 166 -9.90 26.04 23.14
N LYS A 167 -10.42 25.09 23.93
CA LYS A 167 -11.23 25.45 25.09
C LYS A 167 -10.39 25.86 26.29
N TYR A 168 -9.22 25.26 26.46
CA TYR A 168 -8.36 25.51 27.62
C TYR A 168 -6.95 25.81 27.13
N PRO A 169 -6.67 27.06 26.76
CA PRO A 169 -5.34 27.39 26.23
C PRO A 169 -4.22 27.27 27.25
N SER A 170 -4.51 27.26 28.55
CA SER A 170 -3.49 27.17 29.58
C SER A 170 -3.32 25.78 30.18
N LEU A 171 -4.14 24.81 29.78
CA LEU A 171 -4.12 23.49 30.37
C LEU A 171 -2.95 22.65 29.83
N ASN A 172 -2.20 22.01 30.73
CA ASN A 172 -1.15 21.09 30.32
C ASN A 172 -1.78 19.85 29.71
N ILE A 173 -1.42 19.54 28.46
CA ILE A 173 -1.96 18.40 27.73
C ILE A 173 -0.82 17.44 27.41
N ILE A 174 -0.95 16.21 27.90
CA ILE A 174 -0.01 15.12 27.62
C ILE A 174 -0.71 14.16 26.67
N ALA A 175 -0.18 14.04 25.45
CA ALA A 175 -0.81 13.26 24.39
C ALA A 175 0.03 12.04 24.06
N GLY A 176 -0.61 10.89 23.96
CA GLY A 176 0.08 9.67 23.60
C GLY A 176 -0.94 8.59 23.28
N ASN A 177 -0.43 7.41 22.96
CA ASN A 177 1.01 7.14 22.91
C ASN A 177 1.47 7.10 21.46
N VAL A 178 2.71 7.50 21.22
CA VAL A 178 3.28 7.51 19.89
C VAL A 178 4.63 6.81 19.93
N ALA A 179 5.17 6.55 18.73
CA ALA A 179 6.45 5.90 18.60
C ALA A 179 7.29 6.43 17.45
N THR A 180 6.82 7.45 16.73
CA THR A 180 7.53 7.98 15.59
C THR A 180 7.62 9.49 15.70
N ALA A 181 8.60 10.05 14.99
CA ALA A 181 8.73 11.51 14.93
C ALA A 181 7.54 12.12 14.23
N GLU A 182 7.01 11.44 13.22
CA GLU A 182 5.87 11.98 12.48
C GLU A 182 4.66 12.11 13.39
N ALA A 183 4.43 11.13 14.25
CA ALA A 183 3.35 11.23 15.22
C ALA A 183 3.63 12.28 16.28
N THR A 184 4.91 12.46 16.65
CA THR A 184 5.28 13.50 17.60
C THR A 184 5.05 14.88 17.02
N LYS A 185 5.42 15.09 15.75
CA LYS A 185 5.14 16.36 15.09
C LYS A 185 3.65 16.61 14.96
N ALA A 186 2.87 15.57 14.72
CA ALA A 186 1.43 15.75 14.53
C ALA A 186 0.76 16.19 15.84
N LEU A 187 1.10 15.54 16.96
CA LEU A 187 0.46 15.91 18.22
C LEU A 187 0.98 17.24 18.75
N ILE A 188 2.24 17.58 18.48
CA ILE A 188 2.74 18.90 18.87
C ILE A 188 2.02 19.99 18.08
N GLU A 189 1.80 19.77 16.79
CA GLU A 189 1.11 20.77 15.97
C GLU A 189 -0.33 20.96 16.41
N ALA A 190 -0.93 19.96 17.07
CA ALA A 190 -2.29 20.07 17.56
C ALA A 190 -2.42 20.82 18.88
N GLY A 191 -1.31 21.11 19.56
CA GLY A 191 -1.33 21.88 20.77
C GLY A 191 -1.02 21.11 22.07
N ALA A 192 -0.31 19.99 22.00
CA ALA A 192 0.02 19.22 23.20
C ALA A 192 1.36 19.70 23.77
N ASN A 193 1.37 19.98 25.07
CA ASN A 193 2.61 20.45 25.69
C ASN A 193 3.60 19.31 25.89
N VAL A 194 3.12 18.09 26.12
CA VAL A 194 3.97 16.94 26.41
C VAL A 194 3.51 15.77 25.55
N VAL A 195 4.48 15.00 25.06
CA VAL A 195 4.22 13.82 24.24
C VAL A 195 4.64 12.58 25.01
N LYS A 196 3.74 11.61 25.11
CA LYS A 196 4.03 10.35 25.80
C LYS A 196 4.36 9.28 24.78
N VAL A 197 5.52 8.66 24.95
CA VAL A 197 6.10 7.74 23.96
C VAL A 197 6.03 6.32 24.52
N GLY A 198 5.60 5.38 23.68
CA GLY A 198 5.57 3.98 24.03
C GLY A 198 4.42 3.21 23.42
N ILE A 199 4.70 2.36 22.45
CA ILE A 199 3.70 1.46 21.87
C ILE A 199 4.27 0.05 21.95
N GLY A 200 3.81 -0.72 22.93
CA GLY A 200 4.22 -2.10 23.09
C GLY A 200 5.27 -2.48 24.15
N PRO A 201 5.94 -1.54 24.82
CA PRO A 201 6.99 -1.97 25.77
C PRO A 201 6.48 -2.39 27.14
N GLY A 202 5.20 -2.16 27.45
CA GLY A 202 4.72 -2.42 28.79
C GLY A 202 4.91 -3.87 29.21
N SER A 203 5.13 -4.06 30.52
CA SER A 203 5.33 -5.40 31.05
C SER A 203 4.04 -6.23 30.97
N ILE A 204 2.88 -5.57 30.98
CA ILE A 204 1.60 -6.25 30.87
C ILE A 204 1.02 -6.12 29.47
N CYS A 205 1.82 -5.68 28.51
CA CYS A 205 1.32 -5.34 27.19
C CYS A 205 1.54 -6.48 26.21
N THR A 206 0.52 -6.75 25.38
CA THR A 206 0.61 -7.75 24.33
C THR A 206 0.36 -7.16 22.95
N THR A 207 0.38 -5.82 22.83
CA THR A 207 0.11 -5.16 21.56
C THR A 207 0.97 -5.71 20.43
N ARG A 208 2.28 -5.82 20.68
CA ARG A 208 3.18 -6.30 19.66
C ARG A 208 2.95 -7.77 19.31
N VAL A 209 2.35 -8.53 20.21
CA VAL A 209 2.12 -9.95 19.96
C VAL A 209 0.79 -10.20 19.26
N VAL A 210 -0.26 -9.50 19.67
CA VAL A 210 -1.59 -9.74 19.11
C VAL A 210 -1.86 -8.88 17.87
N ALA A 211 -1.18 -7.75 17.71
CA ALA A 211 -1.33 -6.92 16.54
C ALA A 211 -0.06 -6.82 15.71
N GLY A 212 1.08 -7.27 16.24
CA GLY A 212 2.34 -7.24 15.52
C GLY A 212 2.97 -5.88 15.36
N VAL A 213 2.46 -4.86 16.06
CA VAL A 213 2.85 -3.46 15.83
C VAL A 213 3.61 -2.95 17.03
N GLY A 214 4.69 -2.21 16.76
CA GLY A 214 5.45 -1.59 17.83
C GLY A 214 6.76 -1.03 17.32
N VAL A 215 7.43 -0.30 18.20
CA VAL A 215 8.78 0.20 17.98
C VAL A 215 9.59 -0.04 19.26
N PRO A 216 10.77 -0.63 19.18
CA PRO A 216 11.61 -0.80 20.39
C PRO A 216 11.77 0.51 21.15
N GLN A 217 11.55 0.45 22.46
CA GLN A 217 11.28 1.66 23.24
C GLN A 217 12.42 2.67 23.20
N LEU A 218 13.68 2.19 23.24
CA LEU A 218 14.79 3.14 23.25
C LEU A 218 14.87 3.91 21.93
N THR A 219 14.57 3.23 20.82
CA THR A 219 14.52 3.90 19.52
C THR A 219 13.30 4.81 19.42
N ALA A 220 12.16 4.37 19.96
CA ALA A 220 10.95 5.20 19.96
C ALA A 220 11.19 6.51 20.70
N VAL A 221 11.80 6.43 21.90
CA VAL A 221 12.11 7.63 22.67
C VAL A 221 13.08 8.53 21.90
N TYR A 222 14.11 7.93 21.31
CA TYR A 222 15.11 8.72 20.59
C TYR A 222 14.51 9.41 19.37
N ASP A 223 13.73 8.67 18.57
CA ASP A 223 13.14 9.25 17.37
C ASP A 223 12.15 10.36 17.71
N CYS A 224 11.36 10.17 18.76
CA CYS A 224 10.38 11.18 19.14
C CYS A 224 11.04 12.38 19.80
N ALA A 225 12.09 12.14 20.61
CA ALA A 225 12.79 13.26 21.23
C ALA A 225 13.54 14.08 20.20
N THR A 226 13.98 13.46 19.11
CA THR A 226 14.65 14.20 18.05
C THR A 226 13.72 15.25 17.44
N GLU A 227 12.44 14.92 17.28
CA GLU A 227 11.49 15.90 16.78
C GLU A 227 11.09 16.90 17.86
N ALA A 228 10.83 16.43 19.08
CA ALA A 228 10.34 17.33 20.12
C ALA A 228 11.39 18.37 20.50
N ARG A 229 12.64 18.05 20.31
CA ARG A 229 13.69 18.99 20.61
C ARG A 229 13.53 20.22 19.73
N LYS A 230 13.13 20.02 18.48
CA LYS A 230 13.00 21.13 17.54
C LYS A 230 11.94 22.13 17.99
N HIS A 231 10.99 21.71 18.82
CA HIS A 231 9.92 22.57 19.30
C HIS A 231 10.04 22.94 20.77
N GLY A 232 11.09 22.50 21.46
CA GLY A 232 11.14 22.74 22.89
C GLY A 232 10.15 21.93 23.70
N ILE A 233 9.68 20.81 23.17
CA ILE A 233 8.64 20.00 23.81
C ILE A 233 9.31 18.82 24.52
N PRO A 234 8.94 18.53 25.77
CA PRO A 234 9.45 17.34 26.43
C PRO A 234 8.65 16.09 26.06
N VAL A 235 9.30 14.93 26.20
CA VAL A 235 8.63 13.65 25.93
C VAL A 235 8.70 12.79 27.18
N ILE A 236 7.72 11.89 27.29
CA ILE A 236 7.63 10.94 28.39
C ILE A 236 7.93 9.54 27.84
N ALA A 237 8.90 8.87 28.43
CA ALA A 237 9.18 7.46 28.12
C ALA A 237 8.24 6.60 28.94
N ASP A 238 7.26 5.99 28.29
CA ASP A 238 6.17 5.28 28.96
C ASP A 238 6.28 3.79 28.67
N GLY A 239 6.57 3.01 29.70
CA GLY A 239 6.54 1.55 29.66
C GLY A 239 7.89 0.93 29.39
N GLY A 240 8.06 -0.31 29.86
CA GLY A 240 9.23 -1.10 29.58
C GLY A 240 10.36 -0.98 30.57
N ILE A 241 10.25 -0.10 31.57
CA ILE A 241 11.32 0.08 32.53
C ILE A 241 11.20 -1.01 33.59
N LYS A 242 12.23 -1.84 33.71
CA LYS A 242 12.30 -2.94 34.65
C LYS A 242 13.22 -2.68 35.83
N TYR A 243 14.32 -1.96 35.63
CA TYR A 243 15.27 -1.62 36.68
C TYR A 243 15.56 -0.12 36.66
N SER A 244 16.22 0.35 37.71
CA SER A 244 16.53 1.77 37.78
C SER A 244 17.49 2.20 36.68
N GLY A 245 18.36 1.30 36.22
CA GLY A 245 19.25 1.64 35.14
C GLY A 245 18.53 1.87 33.83
N ASP A 246 17.39 1.19 33.63
CA ASP A 246 16.60 1.42 32.44
C ASP A 246 16.04 2.84 32.43
N MET A 247 15.69 3.38 33.59
CA MET A 247 15.24 4.77 33.66
C MET A 247 16.34 5.72 33.20
N VAL A 248 17.58 5.48 33.61
CA VAL A 248 18.69 6.35 33.21
C VAL A 248 18.90 6.30 31.70
N LYS A 249 18.72 5.11 31.10
CA LYS A 249 18.85 5.00 29.65
C LYS A 249 17.76 5.78 28.92
N ALA A 250 16.53 5.74 29.45
CA ALA A 250 15.43 6.47 28.83
C ALA A 250 15.67 7.98 28.89
N LEU A 251 16.13 8.49 30.03
CA LEU A 251 16.41 9.92 30.12
C LEU A 251 17.58 10.30 29.23
N ALA A 252 18.64 9.49 29.21
CA ALA A 252 19.78 9.76 28.36
C ALA A 252 19.47 9.64 26.87
N ALA A 253 18.37 8.97 26.52
CA ALA A 253 17.99 8.87 25.11
C ALA A 253 17.20 10.07 24.63
N GLY A 254 16.83 10.98 25.53
CA GLY A 254 16.14 12.20 25.13
C GLY A 254 14.89 12.51 25.94
N ALA A 255 14.48 11.60 26.82
CA ALA A 255 13.25 11.82 27.57
C ALA A 255 13.49 12.72 28.76
N HIS A 256 12.52 13.61 29.03
CA HIS A 256 12.58 14.47 30.21
C HIS A 256 12.17 13.70 31.45
N VAL A 257 11.21 12.79 31.30
CA VAL A 257 10.57 12.11 32.40
C VAL A 257 10.19 10.70 31.93
N VAL A 258 10.10 9.78 32.88
CA VAL A 258 9.69 8.40 32.59
C VAL A 258 8.40 8.09 33.33
N MET A 259 7.60 7.19 32.75
CA MET A 259 6.36 6.72 33.36
C MET A 259 6.48 5.24 33.71
N LEU A 260 6.15 4.90 34.95
CA LEU A 260 6.31 3.55 35.47
C LEU A 260 4.96 2.97 35.89
N GLY A 261 4.79 1.69 35.65
CA GLY A 261 3.60 0.97 36.07
C GLY A 261 3.94 -0.21 36.96
N SER A 262 4.66 -1.19 36.41
CA SER A 262 4.96 -2.40 37.17
C SER A 262 5.83 -2.11 38.39
N MET A 263 6.79 -1.19 38.26
CA MET A 263 7.65 -0.88 39.38
C MET A 263 6.92 -0.14 40.48
N PHE A 264 5.70 0.32 40.23
CA PHE A 264 4.90 1.00 41.24
C PHE A 264 3.70 0.20 41.71
N ALA A 265 3.29 -0.83 40.97
CA ALA A 265 2.08 -1.55 41.33
C ALA A 265 2.22 -2.33 42.63
N GLY A 266 3.43 -2.70 43.01
CA GLY A 266 3.65 -3.46 44.23
C GLY A 266 3.77 -2.63 45.47
N VAL A 267 3.69 -1.31 45.31
CA VAL A 267 3.89 -0.40 46.42
C VAL A 267 2.63 -0.35 47.29
N ALA A 268 2.82 0.03 48.56
CA ALA A 268 1.72 0.00 49.52
C ALA A 268 0.62 0.99 49.15
N GLU A 269 1.00 2.19 48.69
CA GLU A 269 0.01 3.21 48.40
C GLU A 269 -0.64 3.02 47.03
N SER A 270 -0.85 1.79 46.61
CA SER A 270 -1.45 1.66 45.30
C SER A 270 -2.75 0.87 45.43
N PRO A 271 -3.72 1.14 44.56
CA PRO A 271 -5.04 0.50 44.71
C PRO A 271 -4.95 -1.01 44.65
N GLY A 272 -5.93 -1.65 45.27
CA GLY A 272 -5.95 -3.09 45.43
C GLY A 272 -5.31 -3.55 46.74
N GLU A 273 -5.63 -4.79 47.09
CA GLU A 273 -5.17 -5.37 48.35
C GLU A 273 -4.17 -6.49 48.10
N THR A 274 -3.33 -6.73 49.10
CA THR A 274 -2.29 -7.74 49.02
C THR A 274 -2.88 -9.15 49.03
N GLU A 275 -2.39 -9.99 48.13
CA GLU A 275 -2.73 -11.41 48.12
C GLU A 275 -1.47 -12.24 48.41
N ILE A 276 -1.68 -13.45 48.91
CA ILE A 276 -0.59 -14.31 49.36
C ILE A 276 -0.30 -15.38 48.32
N TYR A 277 0.96 -15.48 47.94
CA TYR A 277 1.48 -16.54 47.08
C TYR A 277 2.78 -17.03 47.71
N GLN A 278 2.81 -18.31 48.11
CA GLN A 278 4.02 -18.93 48.66
C GLN A 278 4.53 -18.19 49.89
N GLY A 279 3.61 -17.71 50.71
CA GLY A 279 4.03 -17.03 51.91
C GLY A 279 4.50 -15.63 51.67
N ARG A 280 4.45 -15.17 50.41
CA ARG A 280 4.91 -13.85 50.00
C ARG A 280 3.70 -13.02 49.63
N GLN A 281 3.83 -11.70 49.78
CA GLN A 281 2.74 -10.79 49.47
C GLN A 281 2.84 -10.28 48.03
N PHE A 282 1.71 -10.24 47.35
CA PHE A 282 1.62 -9.74 45.99
C PHE A 282 0.49 -8.76 45.88
N LYS A 283 0.60 -7.89 44.89
CA LYS A 283 -0.45 -6.96 44.51
C LYS A 283 -0.81 -7.25 43.06
N VAL A 284 -2.10 -7.09 42.74
CA VAL A 284 -2.56 -7.32 41.38
C VAL A 284 -2.01 -6.22 40.47
N TYR A 285 -1.53 -6.60 39.29
CA TYR A 285 -1.11 -5.64 38.28
C TYR A 285 -1.56 -6.17 36.93
N ARG A 286 -2.36 -5.39 36.21
CA ARG A 286 -2.95 -5.82 34.96
C ARG A 286 -2.92 -4.68 33.96
N GLY A 287 -2.91 -5.02 32.68
CA GLY A 287 -3.00 -4.02 31.66
C GLY A 287 -4.41 -3.45 31.54
N MET A 288 -4.48 -2.17 31.18
CA MET A 288 -5.78 -1.55 30.96
C MET A 288 -6.48 -2.08 29.72
N GLY A 289 -5.77 -2.77 28.84
CA GLY A 289 -6.38 -3.46 27.72
C GLY A 289 -6.66 -4.92 27.96
N SER A 290 -6.54 -5.37 29.21
CA SER A 290 -6.83 -6.75 29.54
C SER A 290 -8.33 -6.95 29.71
N VAL A 291 -8.74 -8.21 29.71
CA VAL A 291 -10.16 -8.52 29.84
C VAL A 291 -10.73 -7.93 31.12
N GLY A 292 -10.03 -8.13 32.24
CA GLY A 292 -10.57 -7.67 33.52
C GLY A 292 -10.74 -6.17 33.59
N ALA A 293 -9.76 -5.42 33.07
CA ALA A 293 -9.81 -3.97 33.18
C ALA A 293 -10.89 -3.37 32.29
N MET A 294 -11.20 -4.01 31.16
CA MET A 294 -12.20 -3.46 30.25
C MET A 294 -13.63 -3.79 30.68
N GLU A 295 -13.82 -4.81 31.52
CA GLU A 295 -15.15 -5.09 32.03
C GLU A 295 -15.65 -3.96 32.92
N LYS A 296 -14.77 -3.41 33.75
CA LYS A 296 -15.09 -2.22 34.54
C LYS A 296 -13.90 -1.24 34.58
N VAL A 311 -10.98 -7.52 21.55
CA VAL A 311 -9.70 -8.22 21.52
C VAL A 311 -8.72 -7.53 22.45
N PRO A 312 -8.20 -8.27 23.42
CA PRO A 312 -7.33 -7.64 24.43
C PRO A 312 -5.94 -7.33 23.89
N GLU A 313 -5.33 -6.32 24.48
CA GLU A 313 -3.94 -5.98 24.21
C GLU A 313 -3.12 -5.96 25.48
N GLY A 314 -3.57 -6.73 26.48
CA GLY A 314 -2.85 -6.87 27.75
C GLY A 314 -3.24 -8.13 28.47
N ILE A 315 -2.50 -8.43 29.54
CA ILE A 315 -2.72 -9.61 30.37
C ILE A 315 -2.92 -9.17 31.82
N GLU A 316 -3.44 -10.08 32.61
CA GLU A 316 -3.71 -9.84 34.03
C GLU A 316 -2.73 -10.65 34.87
N GLY A 317 -2.09 -9.99 35.83
CA GLY A 317 -1.08 -10.61 36.65
C GLY A 317 -0.95 -10.04 38.05
N ARG A 318 0.21 -10.25 38.64
CA ARG A 318 0.53 -9.79 39.97
C ARG A 318 2.04 -9.59 40.10
N VAL A 319 2.43 -8.60 40.90
CA VAL A 319 3.83 -8.25 41.13
C VAL A 319 4.10 -8.32 42.63
N PRO A 320 5.34 -8.54 43.06
CA PRO A 320 5.60 -8.66 44.50
C PRO A 320 5.29 -7.37 45.25
N TYR A 321 4.84 -7.53 46.49
CA TYR A 321 4.60 -6.39 47.37
C TYR A 321 5.93 -5.78 47.78
N LYS A 322 6.03 -4.47 47.65
CA LYS A 322 7.29 -3.75 47.81
C LYS A 322 7.31 -2.79 48.99
N GLY A 323 6.18 -2.62 49.69
CA GLY A 323 6.13 -1.77 50.86
C GLY A 323 5.80 -0.34 50.50
N PRO A 324 6.31 0.60 51.29
CA PRO A 324 6.00 2.02 51.03
C PRO A 324 6.69 2.53 49.77
N LEU A 325 6.08 3.54 49.16
CA LEU A 325 6.61 4.13 47.94
C LEU A 325 7.98 4.76 48.16
N ALA A 326 8.24 5.31 49.36
CA ALA A 326 9.50 6.02 49.60
C ALA A 326 10.70 5.10 49.40
N ASP A 327 10.58 3.82 49.75
CA ASP A 327 11.71 2.92 49.62
C ASP A 327 12.02 2.62 48.16
N THR A 328 10.98 2.46 47.34
CA THR A 328 11.18 2.24 45.90
C THR A 328 11.72 3.50 45.22
N VAL A 329 11.10 4.64 45.50
CA VAL A 329 11.53 5.90 44.87
C VAL A 329 12.96 6.23 45.25
N HIS A 330 13.34 5.93 46.50
CA HIS A 330 14.70 6.22 46.94
C HIS A 330 15.72 5.39 46.15
N GLN A 331 15.43 4.12 45.91
CA GLN A 331 16.34 3.29 45.14
C GLN A 331 16.40 3.75 43.68
N LEU A 332 15.25 4.15 43.13
CA LEU A 332 15.19 4.62 41.74
C LEU A 332 16.02 5.88 41.55
N VAL A 333 15.79 6.89 42.39
CA VAL A 333 16.54 8.14 42.26
C VAL A 333 18.02 7.90 42.52
N GLY A 334 18.33 7.04 43.49
CA GLY A 334 19.73 6.74 43.79
C GLY A 334 20.47 6.14 42.62
N GLY A 335 19.83 5.21 41.90
CA GLY A 335 20.45 4.69 40.69
C GLY A 335 20.61 5.77 39.64
N LEU A 336 19.68 6.71 39.58
CA LEU A 336 19.80 7.82 38.65
C LEU A 336 21.00 8.70 39.01
N ARG A 337 21.14 9.03 40.30
CA ARG A 337 22.28 9.84 40.73
C ARG A 337 23.60 9.15 40.46
N ALA A 338 23.64 7.82 40.65
CA ALA A 338 24.86 7.07 40.36
C ALA A 338 25.17 7.11 38.86
N GLY A 339 24.16 6.84 38.03
CA GLY A 339 24.38 6.88 36.59
C GLY A 339 24.79 8.24 36.09
N MET A 340 24.16 9.29 36.61
CA MET A 340 24.53 10.64 36.19
C MET A 340 25.95 10.98 36.62
N GLY A 341 26.38 10.49 37.79
CA GLY A 341 27.76 10.71 38.19
C GLY A 341 28.73 10.01 37.26
N TYR A 342 28.36 8.82 36.79
CA TYR A 342 29.20 8.09 35.83
C TYR A 342 29.33 8.84 34.51
N CYS A 343 28.27 9.55 34.10
CA CYS A 343 28.24 10.25 32.83
C CYS A 343 28.75 11.69 32.89
N GLY A 344 29.11 12.18 34.07
CA GLY A 344 29.54 13.56 34.18
C GLY A 344 28.42 14.54 34.01
N ALA A 345 27.20 14.13 34.31
CA ALA A 345 26.03 14.97 34.14
C ALA A 345 25.71 15.65 35.47
N GLN A 346 25.74 16.98 35.45
CA GLN A 346 25.35 17.76 36.62
C GLN A 346 23.84 17.92 36.70
N ASP A 347 23.17 17.92 35.54
CA ASP A 347 21.71 17.99 35.48
C ASP A 347 21.23 17.09 34.36
N LEU A 348 19.90 16.96 34.27
CA LEU A 348 19.30 16.05 33.30
C LEU A 348 19.44 16.55 31.86
N GLU A 349 19.62 17.86 31.65
CA GLU A 349 19.79 18.33 30.27
C GLU A 349 21.15 17.93 29.72
N PHE A 350 22.19 17.99 30.55
CA PHE A 350 23.51 17.56 30.12
C PHE A 350 23.50 16.07 29.78
N LEU A 351 22.83 15.26 30.61
CA LEU A 351 22.70 13.83 30.31
C LEU A 351 21.95 13.64 29.01
N ARG A 352 20.91 14.45 28.78
CA ARG A 352 20.08 14.32 27.59
C ARG A 352 20.86 14.67 26.32
N GLU A 353 21.71 15.67 26.37
CA GLU A 353 22.44 16.10 25.16
C GLU A 353 23.86 15.63 24.97
N ASN A 354 24.45 14.97 25.94
CA ASN A 354 25.83 14.54 25.80
C ASN A 354 26.05 13.05 25.98
N ALA A 355 25.15 12.35 26.67
CA ALA A 355 25.40 10.95 27.03
C ALA A 355 25.45 10.05 25.81
N GLN A 356 26.42 9.16 25.79
CA GLN A 356 26.66 8.24 24.70
C GLN A 356 26.40 6.81 25.17
N PHE A 357 25.81 6.00 24.29
CA PHE A 357 25.59 4.59 24.54
C PHE A 357 26.60 3.75 23.78
N ILE A 358 26.70 2.48 24.19
CA ILE A 358 27.42 1.46 23.43
C ILE A 358 26.49 0.27 23.28
N ARG A 359 26.39 -0.26 22.07
CA ARG A 359 25.52 -1.40 21.83
C ARG A 359 26.23 -2.70 22.19
N MET A 360 25.45 -3.69 22.64
CA MET A 360 25.99 -4.96 23.05
C MET A 360 25.04 -6.06 22.61
N SER A 361 25.53 -7.29 22.65
CA SER A 361 24.77 -8.46 22.26
C SER A 361 24.10 -9.09 23.48
N GLY A 362 23.42 -10.21 23.26
CA GLY A 362 22.84 -10.94 24.38
C GLY A 362 23.87 -11.41 25.37
N ALA A 363 25.08 -11.75 24.90
CA ALA A 363 26.15 -12.09 25.82
C ALA A 363 26.54 -10.90 26.69
N GLY A 364 26.49 -9.68 26.13
CA GLY A 364 26.75 -8.50 26.92
C GLY A 364 25.71 -8.26 27.99
N LEU A 365 24.44 -8.60 27.71
CA LEU A 365 23.40 -8.46 28.71
C LEU A 365 23.61 -9.42 29.88
N LEU A 366 24.01 -10.67 29.58
CA LEU A 366 24.30 -11.62 30.65
C LEU A 366 25.52 -11.20 31.48
N GLU A 367 26.47 -10.48 30.87
CA GLU A 367 27.60 -9.97 31.63
C GLU A 367 27.16 -8.84 32.55
N SER A 368 26.21 -8.03 32.10
CA SER A 368 25.78 -6.87 32.86
C SER A 368 25.09 -7.27 34.16
N HIS A 369 24.25 -8.31 34.11
CA HIS A 369 23.63 -8.84 35.30
C HIS A 369 24.62 -9.67 36.11
N PRO A 370 24.33 -9.92 37.39
CA PRO A 370 25.11 -10.90 38.14
C PRO A 370 24.99 -12.27 37.49
N HIS A 371 26.11 -13.01 37.49
CA HIS A 371 26.16 -14.28 36.81
C HIS A 371 27.08 -15.24 37.56
N HIS A 372 26.79 -16.53 37.43
CA HIS A 372 27.65 -17.61 37.92
C HIS A 372 27.94 -17.52 39.41
N VAL A 373 27.04 -16.89 40.16
CA VAL A 373 27.13 -16.80 41.61
C VAL A 373 25.72 -16.91 42.16
N GLN A 374 25.53 -17.79 43.14
CA GLN A 374 24.22 -17.98 43.77
C GLN A 374 23.91 -16.80 44.68
N ILE A 375 22.86 -16.05 44.34
CA ILE A 375 22.49 -14.87 45.11
C ILE A 375 21.87 -15.28 46.44
N THR A 376 22.49 -14.81 47.52
CA THR A 376 22.06 -15.08 48.90
C THR A 376 20.92 -14.24 49.48
N LYS A 377 20.96 -12.94 49.22
CA LYS A 377 19.99 -12.00 49.75
C LYS A 377 19.40 -11.21 48.58
N GLU A 378 18.17 -10.73 48.77
CA GLU A 378 17.52 -9.94 47.74
C GLU A 378 17.93 -8.49 48.00
N ALA A 379 18.47 -7.84 46.97
CA ALA A 379 18.91 -6.47 47.07
C ALA A 379 17.74 -5.50 46.95
N PRO A 380 17.87 -4.30 47.54
CA PRO A 380 16.77 -3.32 47.44
C PRO A 380 16.51 -2.83 46.02
N ASN A 381 17.48 -2.89 45.12
CA ASN A 381 17.33 -2.43 43.74
C ASN A 381 17.39 -3.55 42.72
N TYR A 382 17.62 -4.80 43.16
CA TYR A 382 17.75 -5.95 42.25
C TYR A 382 16.93 -7.11 42.80
N SER A 383 15.90 -7.50 42.06
CA SER A 383 15.05 -8.62 42.45
C SER A 383 14.92 -9.60 41.30
N ASN B 23 25.79 19.13 16.54
CA ASN B 23 24.69 18.16 16.59
C ASN B 23 25.26 16.76 16.65
N ALA B 24 26.59 16.68 16.51
CA ALA B 24 27.27 15.39 16.45
C ALA B 24 27.01 14.57 17.71
N MET B 25 27.04 15.20 18.88
CA MET B 25 26.84 14.48 20.13
C MET B 25 25.45 13.85 20.19
N TRP B 26 24.44 14.51 19.63
CA TRP B 26 23.10 13.92 19.65
C TRP B 26 22.98 12.78 18.67
N GLU B 27 23.63 12.89 17.52
CA GLU B 27 23.52 11.89 16.48
C GLU B 27 24.49 10.74 16.66
N SER B 28 25.46 10.85 17.57
CA SER B 28 26.42 9.79 17.81
C SER B 28 26.04 8.92 18.99
N LYS B 29 24.82 9.06 19.52
CA LYS B 29 24.47 8.41 20.78
C LYS B 29 24.59 6.90 20.68
N PHE B 30 24.20 6.30 19.55
CA PHE B 30 24.11 4.86 19.44
C PHE B 30 25.06 4.28 18.37
N VAL B 31 26.22 4.92 18.19
CA VAL B 31 27.15 4.47 17.14
C VAL B 31 28.07 3.36 17.64
N LYS B 32 28.51 3.41 18.89
CA LYS B 32 29.48 2.45 19.39
C LYS B 32 28.87 1.05 19.53
N GLU B 33 29.73 0.04 19.37
CA GLU B 33 29.41 -1.37 19.53
C GLU B 33 30.47 -1.98 20.43
N GLY B 34 30.05 -2.87 21.32
CA GLY B 34 30.95 -3.47 22.28
C GLY B 34 30.87 -4.98 22.29
N LEU B 35 32.01 -5.60 22.55
CA LEU B 35 32.14 -7.04 22.59
C LEU B 35 32.58 -7.48 23.98
N THR B 36 32.07 -8.63 24.40
CA THR B 36 32.48 -9.26 25.65
C THR B 36 33.08 -10.62 25.34
N PHE B 37 33.50 -11.32 26.40
CA PHE B 37 34.22 -12.58 26.23
C PHE B 37 33.42 -13.59 25.40
N ASP B 38 32.12 -13.71 25.67
CA ASP B 38 31.30 -14.73 25.04
C ASP B 38 30.88 -14.38 23.62
N ASP B 39 31.37 -13.27 23.08
CA ASP B 39 31.10 -12.86 21.71
C ASP B 39 32.16 -13.34 20.73
N VAL B 40 33.31 -13.82 21.21
CA VAL B 40 34.48 -14.04 20.38
C VAL B 40 35.14 -15.38 20.72
N LEU B 41 36.05 -15.77 19.84
CA LEU B 41 36.93 -16.90 20.05
C LEU B 41 38.29 -16.50 19.51
N LEU B 42 39.34 -17.06 20.09
CA LEU B 42 40.69 -16.85 19.60
C LEU B 42 40.94 -17.77 18.42
N VAL B 43 41.48 -17.23 17.34
CA VAL B 43 41.78 -18.02 16.13
C VAL B 43 43.11 -18.73 16.32
N PRO B 44 43.17 -20.06 16.11
CA PRO B 44 44.45 -20.76 16.19
C PRO B 44 45.37 -20.31 15.07
N ALA B 45 46.63 -20.06 15.42
CA ALA B 45 47.63 -19.58 14.48
C ALA B 45 48.78 -20.58 14.40
N LYS B 46 49.72 -20.31 13.49
CA LYS B 46 50.92 -21.14 13.40
C LYS B 46 51.64 -21.17 14.75
N SER B 47 52.05 -22.36 15.17
CA SER B 47 52.71 -22.49 16.46
C SER B 47 53.85 -23.48 16.37
N ASP B 48 55.02 -23.05 16.83
CA ASP B 48 56.13 -23.95 17.11
C ASP B 48 56.24 -24.12 18.61
N VAL B 49 55.30 -23.59 19.35
CA VAL B 49 55.36 -23.53 20.80
C VAL B 49 54.42 -24.58 21.38
N LEU B 50 54.84 -25.18 22.48
CA LEU B 50 54.06 -26.16 23.19
C LEU B 50 53.51 -25.53 24.47
N PRO B 51 52.33 -25.96 24.93
CA PRO B 51 51.78 -25.36 26.17
C PRO B 51 52.76 -25.38 27.34
N ARG B 52 53.59 -26.43 27.43
CA ARG B 52 54.51 -26.53 28.55
C ARG B 52 55.64 -25.50 28.48
N GLU B 53 56.02 -25.03 27.29
CA GLU B 53 57.20 -24.19 27.14
C GLU B 53 56.91 -22.70 27.06
N VAL B 54 55.65 -22.28 27.23
CA VAL B 54 55.34 -20.85 27.12
C VAL B 54 55.76 -20.14 28.40
N SER B 55 55.94 -18.83 28.29
CA SER B 55 56.25 -17.97 29.44
C SER B 55 55.01 -17.17 29.81
N VAL B 56 54.63 -17.22 31.09
CA VAL B 56 53.45 -16.52 31.57
C VAL B 56 53.84 -15.39 32.52
N LYS B 57 55.10 -14.98 32.52
CA LYS B 57 55.56 -13.86 33.34
C LYS B 57 55.14 -12.53 32.72
N THR B 58 54.97 -11.51 33.56
CA THR B 58 54.63 -10.18 33.07
C THR B 58 55.20 -9.14 34.03
N VAL B 59 55.53 -7.97 33.50
CA VAL B 59 56.08 -6.87 34.27
C VAL B 59 55.09 -5.70 34.27
N LEU B 60 54.66 -5.29 35.46
CA LEU B 60 53.82 -4.10 35.61
C LEU B 60 54.64 -2.84 35.83
N SER B 61 55.75 -2.95 36.55
CA SER B 61 56.69 -1.86 36.74
C SER B 61 58.04 -2.49 37.10
N GLU B 62 59.05 -1.63 37.29
CA GLU B 62 60.37 -2.15 37.63
C GLU B 62 60.36 -2.88 38.98
N SER B 63 59.47 -2.50 39.88
CA SER B 63 59.40 -3.11 41.21
C SER B 63 58.38 -4.23 41.31
N LEU B 64 57.64 -4.52 40.23
CA LEU B 64 56.53 -5.47 40.27
C LEU B 64 56.63 -6.42 39.08
N GLN B 65 57.09 -7.64 39.36
CA GLN B 65 57.17 -8.71 38.37
C GLN B 65 56.43 -9.92 38.91
N LEU B 66 55.54 -10.48 38.09
CA LEU B 66 54.74 -11.62 38.51
C LEU B 66 55.11 -12.83 37.66
N ASN B 67 55.14 -14.00 38.29
CA ASN B 67 55.41 -15.23 37.54
C ASN B 67 54.17 -15.74 36.84
N ILE B 68 52.98 -15.47 37.38
CA ILE B 68 51.73 -15.79 36.72
C ILE B 68 50.92 -14.50 36.64
N PRO B 69 50.16 -14.28 35.57
CA PRO B 69 49.43 -13.00 35.42
C PRO B 69 48.07 -13.04 36.12
N LEU B 70 48.08 -13.30 37.41
CA LEU B 70 46.84 -13.44 38.17
C LEU B 70 46.93 -12.61 39.44
N ILE B 71 45.92 -11.77 39.66
CA ILE B 71 45.81 -10.95 40.85
C ILE B 71 44.44 -11.23 41.47
N SER B 72 44.44 -11.56 42.76
CA SER B 72 43.19 -11.75 43.48
C SER B 72 42.63 -10.39 43.86
N ALA B 73 41.31 -10.24 43.72
CA ALA B 73 40.68 -8.95 43.93
C ALA B 73 40.73 -8.54 45.40
N GLY B 74 40.73 -7.23 45.62
CA GLY B 74 40.73 -6.68 46.97
C GLY B 74 39.34 -6.52 47.56
N MET B 75 38.71 -7.63 47.93
CA MET B 75 37.36 -7.63 48.48
C MET B 75 37.36 -8.36 49.82
N ASP B 76 36.43 -7.98 50.70
CA ASP B 76 36.43 -8.53 52.06
C ASP B 76 36.06 -10.02 52.12
N THR B 77 35.71 -10.63 51.00
CA THR B 77 35.44 -12.07 50.96
C THR B 77 36.42 -12.81 50.06
N VAL B 78 37.46 -12.13 49.57
CA VAL B 78 38.38 -12.68 48.59
C VAL B 78 39.81 -12.71 49.12
N THR B 79 40.32 -11.56 49.55
CA THR B 79 41.75 -11.44 49.83
C THR B 79 41.99 -10.83 51.20
N GLU B 80 42.65 -11.58 52.07
CA GLU B 80 43.27 -11.00 53.26
C GLU B 80 44.69 -11.57 53.32
N ALA B 81 45.29 -11.57 54.51
CA ALA B 81 46.70 -11.95 54.64
C ALA B 81 46.97 -13.35 54.10
N ASP B 82 46.20 -14.34 54.55
CA ASP B 82 46.44 -15.72 54.13
C ASP B 82 46.26 -15.90 52.63
N MET B 83 45.36 -15.12 52.01
CA MET B 83 45.18 -15.21 50.56
C MET B 83 46.34 -14.54 49.83
N ALA B 84 46.76 -13.36 50.30
CA ALA B 84 47.90 -12.69 49.67
C ALA B 84 49.17 -13.52 49.78
N ILE B 85 49.34 -14.24 50.90
CA ILE B 85 50.49 -15.11 51.05
C ILE B 85 50.45 -16.22 50.00
N ALA B 86 49.31 -16.90 49.91
CA ALA B 86 49.20 -17.98 48.93
C ALA B 86 49.27 -17.45 47.51
N MET B 87 48.69 -16.26 47.25
CA MET B 87 48.76 -15.67 45.92
C MET B 87 50.20 -15.44 45.48
N ALA B 88 50.98 -14.76 46.32
CA ALA B 88 52.37 -14.49 45.96
C ALA B 88 53.17 -15.78 45.82
N ARG B 89 52.87 -16.78 46.67
CA ARG B 89 53.61 -18.03 46.63
C ARG B 89 53.36 -18.78 45.33
N GLN B 90 52.20 -18.57 44.71
CA GLN B 90 51.90 -19.15 43.40
C GLN B 90 52.50 -18.34 42.25
N GLY B 91 53.15 -17.22 42.55
CA GLY B 91 53.69 -16.35 41.52
C GLY B 91 52.81 -15.16 41.18
N GLY B 92 51.76 -14.92 41.96
CA GLY B 92 50.82 -13.85 41.67
C GLY B 92 50.87 -12.70 42.67
N LEU B 93 49.72 -12.08 42.91
CA LEU B 93 49.64 -10.90 43.76
C LEU B 93 48.28 -10.85 44.43
N GLY B 94 48.26 -10.39 45.67
CA GLY B 94 47.03 -10.21 46.42
C GLY B 94 46.89 -8.75 46.83
N ILE B 95 45.66 -8.24 46.77
CA ILE B 95 45.36 -6.86 47.15
C ILE B 95 44.54 -6.91 48.43
N ILE B 96 45.14 -6.54 49.55
CA ILE B 96 44.42 -6.55 50.82
C ILE B 96 43.30 -5.52 50.77
N HIS B 97 42.08 -5.95 51.08
CA HIS B 97 40.92 -5.07 50.98
C HIS B 97 40.95 -4.03 52.11
N LYS B 98 40.10 -3.00 51.96
CA LYS B 98 40.11 -1.86 52.86
C LYS B 98 39.05 -1.89 53.95
N ASN B 99 38.14 -2.86 53.97
CA ASN B 99 37.10 -2.89 55.00
C ASN B 99 37.67 -3.37 56.33
N MET B 100 38.62 -2.57 56.84
CA MET B 100 39.28 -2.83 58.11
C MET B 100 39.88 -1.52 58.58
N SER B 101 40.42 -1.53 59.79
CA SER B 101 41.11 -0.35 60.27
C SER B 101 42.39 -0.12 59.47
N ILE B 102 42.93 1.10 59.59
CA ILE B 102 44.21 1.40 58.97
C ILE B 102 45.27 0.53 59.60
N GLU B 103 45.17 0.35 60.91
CA GLU B 103 46.17 -0.42 61.64
C GLU B 103 46.06 -1.89 61.29
N GLN B 104 44.84 -2.38 61.05
CA GLN B 104 44.70 -3.78 60.64
C GLN B 104 45.29 -4.01 59.26
N GLN B 105 45.03 -3.10 58.32
CA GLN B 105 45.54 -3.28 56.96
C GLN B 105 47.05 -3.14 56.91
N ALA B 106 47.61 -2.20 57.68
CA ALA B 106 49.06 -2.12 57.78
C ALA B 106 49.63 -3.39 58.40
N GLU B 107 48.87 -4.00 59.33
CA GLU B 107 49.30 -5.27 59.93
C GLU B 107 49.22 -6.42 58.94
N GLN B 108 48.25 -6.37 58.03
CA GLN B 108 48.10 -7.43 57.04
C GLN B 108 49.19 -7.37 55.99
N VAL B 109 49.58 -6.16 55.59
CA VAL B 109 50.66 -5.99 54.61
C VAL B 109 51.98 -6.54 55.16
N ASP B 110 52.34 -6.14 56.39
CA ASP B 110 53.61 -6.60 56.94
C ASP B 110 53.58 -8.09 57.24
N LYS B 111 52.43 -8.61 57.68
CA LYS B 111 52.31 -10.05 57.92
C LYS B 111 52.61 -10.82 56.64
N VAL B 112 52.14 -10.30 55.50
CA VAL B 112 52.45 -10.92 54.21
C VAL B 112 53.91 -10.67 53.84
N LYS B 113 54.44 -9.50 54.20
CA LYS B 113 55.82 -9.19 53.83
C LYS B 113 56.82 -10.01 54.61
N ARG B 114 56.56 -10.26 55.90
CA ARG B 114 57.51 -11.00 56.71
C ARG B 114 57.64 -12.45 56.27
N SER B 115 56.67 -12.95 55.50
CA SER B 115 56.65 -14.37 55.11
C SER B 115 57.47 -14.59 53.85
N GLY B 116 58.72 -14.14 53.87
CA GLY B 116 59.65 -14.33 52.78
C GLY B 116 59.84 -13.15 51.87
N GLY B 117 59.39 -11.96 52.26
CA GLY B 117 59.52 -10.82 51.36
C GLY B 117 58.64 -10.93 50.15
N LEU B 118 57.40 -11.39 50.32
CA LEU B 118 56.48 -11.63 49.21
C LEU B 118 55.84 -10.32 48.75
N LEU B 119 55.39 -10.32 47.50
CA LEU B 119 54.72 -9.14 46.97
C LEU B 119 53.32 -9.02 47.54
N VAL B 120 52.87 -7.79 47.78
CA VAL B 120 51.53 -7.55 48.31
C VAL B 120 51.08 -6.15 47.92
N GLY B 121 49.76 -5.99 47.74
CA GLY B 121 49.16 -4.70 47.49
C GLY B 121 48.03 -4.45 48.45
N ALA B 122 47.53 -3.21 48.46
CA ALA B 122 46.42 -2.84 49.32
C ALA B 122 45.58 -1.77 48.64
N ALA B 123 44.26 -1.87 48.82
CA ALA B 123 43.31 -0.94 48.23
C ALA B 123 43.08 0.26 49.14
N VAL B 124 43.00 1.43 48.54
CA VAL B 124 42.69 2.66 49.26
C VAL B 124 41.62 3.40 48.46
N GLY B 125 40.57 3.82 49.16
CA GLY B 125 39.54 4.60 48.52
C GLY B 125 39.88 6.06 48.48
N VAL B 126 39.19 6.80 47.62
CA VAL B 126 39.43 8.24 47.47
C VAL B 126 38.57 8.92 48.54
N THR B 127 39.19 9.12 49.71
CA THR B 127 38.55 9.76 50.86
C THR B 127 39.58 10.64 51.56
N ALA B 128 39.12 11.44 52.53
CA ALA B 128 40.02 12.37 53.22
C ALA B 128 41.15 11.68 53.95
N ASP B 129 40.88 10.51 54.50
CA ASP B 129 41.90 9.76 55.20
C ASP B 129 42.82 8.96 54.28
N ALA B 130 42.63 9.03 52.96
CA ALA B 130 43.36 8.12 52.08
C ALA B 130 44.87 8.23 52.26
N MET B 131 45.41 9.46 52.26
CA MET B 131 46.85 9.61 52.40
C MET B 131 47.33 9.16 53.78
N THR B 132 46.50 9.31 54.81
CA THR B 132 46.86 8.78 56.12
C THR B 132 46.99 7.26 56.09
N ARG B 133 46.06 6.58 55.40
CA ARG B 133 46.18 5.14 55.23
C ARG B 133 47.37 4.78 54.35
N ILE B 134 47.63 5.57 53.30
CA ILE B 134 48.72 5.26 52.40
C ILE B 134 50.05 5.34 53.13
N ASP B 135 50.22 6.30 54.02
CA ASP B 135 51.46 6.40 54.78
C ASP B 135 51.71 5.12 55.57
N ALA B 136 50.69 4.64 56.28
CA ALA B 136 50.86 3.43 57.09
C ALA B 136 51.16 2.21 56.24
N LEU B 137 50.66 2.19 55.00
CA LEU B 137 50.92 1.05 54.11
C LEU B 137 52.33 1.09 53.54
N VAL B 138 52.82 2.29 53.21
CA VAL B 138 54.19 2.42 52.72
C VAL B 138 55.18 2.08 53.82
N LYS B 139 54.85 2.40 55.07
CA LYS B 139 55.71 2.05 56.20
C LYS B 139 55.77 0.54 56.39
N ALA B 140 54.69 -0.18 56.06
CA ALA B 140 54.69 -1.64 56.02
C ALA B 140 55.35 -2.20 54.77
N SER B 141 55.96 -1.36 53.94
CA SER B 141 56.69 -1.78 52.74
C SER B 141 55.74 -2.38 51.71
N VAL B 142 54.56 -1.77 51.56
CA VAL B 142 53.61 -2.24 50.55
C VAL B 142 54.20 -2.02 49.17
N ASP B 143 53.88 -2.93 48.25
CA ASP B 143 54.42 -2.86 46.90
C ASP B 143 53.54 -2.05 45.94
N ALA B 144 52.23 -2.02 46.17
CA ALA B 144 51.32 -1.25 45.32
C ALA B 144 50.07 -0.87 46.09
N ILE B 145 49.59 0.35 45.88
CA ILE B 145 48.28 0.77 46.37
C ILE B 145 47.36 0.79 45.17
N VAL B 146 46.13 0.35 45.37
CA VAL B 146 45.12 0.35 44.33
C VAL B 146 44.14 1.46 44.68
N LEU B 147 44.19 2.57 43.95
CA LEU B 147 43.22 3.63 44.15
C LEU B 147 41.97 3.20 43.38
N ASP B 148 41.17 2.38 44.06
CA ASP B 148 40.01 1.72 43.46
C ASP B 148 38.77 2.54 43.79
N THR B 149 38.03 2.94 42.76
CA THR B 149 36.78 3.67 42.93
C THR B 149 35.76 3.15 41.93
N ALA B 150 34.50 3.42 42.24
CA ALA B 150 33.42 3.02 41.32
C ALA B 150 33.57 3.70 39.97
N HIS B 151 34.04 4.94 39.96
CA HIS B 151 34.22 5.72 38.72
C HIS B 151 35.61 6.33 38.75
N GLY B 152 36.54 5.74 38.00
CA GLY B 152 37.90 6.25 37.98
C GLY B 152 38.10 7.53 37.21
N HIS B 153 37.15 7.89 36.35
CA HIS B 153 37.26 9.10 35.53
C HIS B 153 36.68 10.34 36.22
N SER B 154 36.69 10.41 37.55
CA SER B 154 36.29 11.60 38.25
C SER B 154 37.53 12.38 38.67
N GLN B 155 37.41 13.71 38.70
CA GLN B 155 38.56 14.55 39.03
C GLN B 155 39.05 14.30 40.45
N GLY B 156 38.15 13.91 41.35
CA GLY B 156 38.57 13.55 42.69
C GLY B 156 39.58 12.41 42.68
N VAL B 157 39.41 11.48 41.74
CA VAL B 157 40.38 10.39 41.60
C VAL B 157 41.68 10.90 40.98
N ILE B 158 41.57 11.68 39.90
CA ILE B 158 42.77 12.22 39.26
C ILE B 158 43.54 13.11 40.21
N ASP B 159 42.84 13.98 40.94
CA ASP B 159 43.51 14.85 41.88
C ASP B 159 44.20 14.04 42.97
N LYS B 160 43.53 12.98 43.45
CA LYS B 160 44.12 12.15 44.49
C LYS B 160 45.36 11.40 43.99
N VAL B 161 45.40 11.06 42.70
CA VAL B 161 46.56 10.35 42.15
C VAL B 161 47.78 11.26 42.15
N LYS B 162 47.63 12.51 41.70
CA LYS B 162 48.77 13.42 41.71
C LYS B 162 49.26 13.66 43.13
N GLU B 163 48.32 13.77 44.08
CA GLU B 163 48.68 14.04 45.46
C GLU B 163 49.38 12.85 46.10
N VAL B 164 49.07 11.65 45.64
CA VAL B 164 49.82 10.47 46.07
C VAL B 164 51.11 10.35 45.29
N ARG B 165 51.07 10.68 44.00
CA ARG B 165 52.27 10.62 43.17
C ARG B 165 53.33 11.61 43.64
N ALA B 166 52.88 12.77 44.17
CA ALA B 166 53.82 13.78 44.64
C ALA B 166 54.60 13.29 45.87
N LYS B 167 53.93 12.59 46.77
CA LYS B 167 54.58 12.16 48.00
C LYS B 167 55.47 10.93 47.80
N TYR B 168 55.11 10.04 46.85
CA TYR B 168 55.83 8.78 46.64
C TYR B 168 56.17 8.56 45.18
N PRO B 169 57.30 9.09 44.71
CA PRO B 169 57.68 8.89 43.30
C PRO B 169 58.03 7.44 42.98
N SER B 170 58.34 6.62 43.97
CA SER B 170 58.74 5.24 43.75
C SER B 170 57.61 4.24 43.99
N LEU B 171 56.46 4.70 44.47
CA LEU B 171 55.37 3.81 44.81
C LEU B 171 54.59 3.39 43.56
N ASN B 172 54.36 2.08 43.44
CA ASN B 172 53.48 1.58 42.40
C ASN B 172 52.05 2.00 42.69
N ILE B 173 51.42 2.70 41.75
CA ILE B 173 50.06 3.17 41.89
C ILE B 173 49.22 2.49 40.83
N ILE B 174 48.20 1.76 41.25
CA ILE B 174 47.24 1.13 40.35
C ILE B 174 45.93 1.90 40.49
N ALA B 175 45.51 2.56 39.41
CA ALA B 175 44.34 3.43 39.43
C ALA B 175 43.22 2.84 38.58
N GLY B 176 42.01 2.83 39.13
CA GLY B 176 40.82 2.36 38.45
C GLY B 176 39.60 2.75 39.24
N ASN B 177 38.44 2.36 38.74
CA ASN B 177 38.33 1.62 37.49
C ASN B 177 37.82 2.51 36.37
N VAL B 178 38.29 2.23 35.17
CA VAL B 178 37.90 2.97 33.97
C VAL B 178 37.51 1.97 32.90
N ALA B 179 36.93 2.51 31.82
CA ALA B 179 36.55 1.68 30.69
C ALA B 179 36.76 2.35 29.35
N THR B 180 37.34 3.55 29.29
CA THR B 180 37.48 4.29 28.06
C THR B 180 38.92 4.70 27.86
N ALA B 181 39.25 5.00 26.60
CA ALA B 181 40.59 5.48 26.27
C ALA B 181 40.85 6.84 26.91
N GLU B 182 39.81 7.69 26.98
CA GLU B 182 39.98 9.02 27.54
C GLU B 182 40.35 8.94 29.02
N ALA B 183 39.70 8.05 29.74
CA ALA B 183 39.97 7.90 31.17
C ALA B 183 41.35 7.31 31.43
N THR B 184 41.82 6.42 30.55
CA THR B 184 43.16 5.87 30.72
C THR B 184 44.21 6.95 30.57
N LYS B 185 44.06 7.78 29.54
CA LYS B 185 44.98 8.88 29.34
C LYS B 185 44.93 9.86 30.49
N ALA B 186 43.76 10.04 31.09
CA ALA B 186 43.62 10.96 32.20
C ALA B 186 44.36 10.47 33.44
N LEU B 187 44.23 9.17 33.76
CA LEU B 187 44.92 8.65 34.93
C LEU B 187 46.42 8.54 34.71
N ILE B 188 46.84 8.26 33.47
CA ILE B 188 48.27 8.19 33.18
C ILE B 188 48.91 9.56 33.34
N GLU B 189 48.22 10.62 32.90
CA GLU B 189 48.74 11.97 33.08
C GLU B 189 48.82 12.35 34.56
N ALA B 190 48.00 11.73 35.41
CA ALA B 190 48.06 12.01 36.84
C ALA B 190 49.16 11.25 37.56
N GLY B 191 49.80 10.27 36.92
CA GLY B 191 50.91 9.58 37.53
C GLY B 191 50.67 8.14 37.95
N ALA B 192 49.72 7.48 37.31
CA ALA B 192 49.40 6.09 37.62
C ALA B 192 50.26 5.14 36.79
N ASN B 193 50.89 4.17 37.44
CA ASN B 193 51.73 3.22 36.73
C ASN B 193 50.91 2.16 36.02
N VAL B 194 49.78 1.77 36.60
CA VAL B 194 48.91 0.73 36.06
C VAL B 194 47.48 1.23 36.12
N VAL B 195 46.70 0.91 35.09
CA VAL B 195 45.30 1.30 35.00
C VAL B 195 44.46 0.03 35.06
N LYS B 196 43.46 0.01 35.95
CA LYS B 196 42.58 -1.14 36.09
C LYS B 196 41.27 -0.90 35.36
N VAL B 197 40.91 -1.83 34.49
CA VAL B 197 39.81 -1.65 33.55
C VAL B 197 38.65 -2.54 33.96
N GLY B 198 37.44 -1.98 33.95
CA GLY B 198 36.25 -2.73 34.26
C GLY B 198 35.18 -1.94 34.97
N ILE B 199 34.07 -1.68 34.30
CA ILE B 199 32.92 -1.04 34.92
C ILE B 199 31.72 -1.92 34.63
N GLY B 200 31.33 -2.74 35.61
CA GLY B 200 30.15 -3.57 35.48
C GLY B 200 30.25 -5.04 35.12
N PRO B 201 31.42 -5.58 34.72
CA PRO B 201 31.42 -7.00 34.31
C PRO B 201 31.42 -8.01 35.44
N GLY B 202 31.64 -7.57 36.68
CA GLY B 202 31.80 -8.50 37.78
C GLY B 202 30.61 -9.41 37.97
N SER B 203 30.89 -10.62 38.46
CA SER B 203 29.83 -11.60 38.66
C SER B 203 28.85 -11.15 39.75
N ILE B 204 29.30 -10.35 40.71
CA ILE B 204 28.43 -9.89 41.78
C ILE B 204 28.01 -8.43 41.58
N CYS B 205 28.23 -7.89 40.39
CA CYS B 205 28.05 -6.46 40.14
C CYS B 205 26.70 -6.18 39.50
N THR B 206 26.04 -5.12 39.98
CA THR B 206 24.78 -4.65 39.41
C THR B 206 24.87 -3.21 38.90
N THR B 207 26.09 -2.68 38.74
CA THR B 207 26.27 -1.30 38.28
C THR B 207 25.54 -1.05 36.97
N ARG B 208 25.71 -1.94 35.98
CA ARG B 208 25.04 -1.77 34.69
C ARG B 208 23.54 -1.91 34.80
N VAL B 209 23.05 -2.58 35.84
CA VAL B 209 21.63 -2.78 36.04
C VAL B 209 21.01 -1.61 36.80
N VAL B 210 21.69 -1.10 37.82
CA VAL B 210 21.11 -0.04 38.65
C VAL B 210 21.43 1.36 38.15
N ALA B 211 22.49 1.54 37.36
CA ALA B 211 22.83 2.84 36.81
C ALA B 211 22.77 2.89 35.28
N GLY B 212 22.69 1.75 34.61
CA GLY B 212 22.67 1.70 33.16
C GLY B 212 24.01 1.95 32.51
N VAL B 213 25.09 1.94 33.28
CA VAL B 213 26.40 2.39 32.83
C VAL B 213 27.34 1.18 32.72
N GLY B 214 28.13 1.15 31.66
CA GLY B 214 29.11 0.10 31.50
C GLY B 214 29.67 0.08 30.09
N VAL B 215 30.71 -0.73 29.92
CA VAL B 215 31.28 -1.03 28.61
C VAL B 215 31.57 -2.53 28.60
N PRO B 216 31.15 -3.27 27.58
CA PRO B 216 31.49 -4.70 27.51
C PRO B 216 32.98 -4.92 27.69
N GLN B 217 33.33 -5.83 28.61
CA GLN B 217 34.66 -5.86 29.19
C GLN B 217 35.75 -6.07 28.14
N LEU B 218 35.50 -6.91 27.14
CA LEU B 218 36.52 -7.14 26.13
C LEU B 218 36.78 -5.90 25.28
N THR B 219 35.74 -5.11 25.01
CA THR B 219 35.93 -3.85 24.32
C THR B 219 36.61 -2.83 25.23
N ALA B 220 36.22 -2.81 26.52
CA ALA B 220 36.85 -1.90 27.47
C ALA B 220 38.34 -2.18 27.58
N VAL B 221 38.71 -3.46 27.69
CA VAL B 221 40.13 -3.79 27.79
C VAL B 221 40.86 -3.39 26.52
N TYR B 222 40.25 -3.65 25.36
CA TYR B 222 40.90 -3.33 24.09
C TYR B 222 41.06 -1.82 23.92
N ASP B 223 40.01 -1.05 24.24
CA ASP B 223 40.09 0.41 24.12
C ASP B 223 41.11 1.00 25.08
N CYS B 224 41.20 0.46 26.30
CA CYS B 224 42.18 0.98 27.25
C CYS B 224 43.59 0.54 26.87
N ALA B 225 43.75 -0.68 26.37
CA ALA B 225 45.07 -1.11 25.96
C ALA B 225 45.57 -0.34 24.75
N THR B 226 44.66 0.09 23.86
CA THR B 226 45.08 0.90 22.72
C THR B 226 45.69 2.22 23.18
N GLU B 227 45.11 2.84 24.21
CA GLU B 227 45.69 4.07 24.74
C GLU B 227 46.89 3.78 25.63
N ALA B 228 46.78 2.80 26.53
CA ALA B 228 47.84 2.56 27.49
C ALA B 228 49.14 2.08 26.84
N ARG B 229 49.06 1.39 25.69
CA ARG B 229 50.28 1.00 24.98
C ARG B 229 51.08 2.21 24.53
N LYS B 230 50.41 3.31 24.19
CA LYS B 230 51.09 4.50 23.71
C LYS B 230 52.02 5.10 24.76
N HIS B 231 51.78 4.80 26.04
CA HIS B 231 52.60 5.27 27.13
C HIS B 231 53.43 4.15 27.75
N GLY B 232 53.36 2.94 27.21
CA GLY B 232 54.03 1.80 27.82
C GLY B 232 53.41 1.33 29.11
N ILE B 233 52.14 1.65 29.33
CA ILE B 233 51.45 1.39 30.60
C ILE B 233 50.67 0.09 30.48
N PRO B 234 50.79 -0.83 31.44
CA PRO B 234 49.96 -2.03 31.43
C PRO B 234 48.58 -1.76 32.02
N VAL B 235 47.63 -2.62 31.63
CA VAL B 235 46.27 -2.54 32.14
C VAL B 235 45.92 -3.86 32.79
N ILE B 236 45.00 -3.79 33.76
CA ILE B 236 44.51 -4.96 34.48
C ILE B 236 43.08 -5.20 34.03
N ALA B 237 42.80 -6.39 33.51
CA ALA B 237 41.44 -6.80 33.18
C ALA B 237 40.76 -7.27 34.46
N ASP B 238 39.83 -6.46 34.98
CA ASP B 238 39.22 -6.67 36.28
C ASP B 238 37.74 -7.00 36.11
N GLY B 239 37.36 -8.22 36.46
CA GLY B 239 35.97 -8.63 36.53
C GLY B 239 35.50 -9.34 35.27
N GLY B 240 34.47 -10.18 35.43
CA GLY B 240 33.80 -10.81 34.32
C GLY B 240 34.36 -12.14 33.88
N ILE B 241 35.47 -12.58 34.44
CA ILE B 241 36.11 -13.82 34.01
C ILE B 241 35.42 -15.00 34.70
N LYS B 242 34.79 -15.86 33.93
CA LYS B 242 34.08 -17.02 34.46
C LYS B 242 34.84 -18.32 34.25
N TYR B 243 35.57 -18.44 33.15
CA TYR B 243 36.35 -19.62 32.84
C TYR B 243 37.78 -19.19 32.53
N SER B 244 38.67 -20.17 32.51
CA SER B 244 40.08 -19.87 32.24
C SER B 244 40.28 -19.30 30.83
N GLY B 245 39.42 -19.67 29.89
CA GLY B 245 39.51 -19.13 28.55
C GLY B 245 39.17 -17.65 28.47
N ASP B 246 38.31 -17.16 29.38
CA ASP B 246 38.04 -15.73 29.43
C ASP B 246 39.31 -14.96 29.79
N MET B 247 40.14 -15.54 30.65
CA MET B 247 41.41 -14.90 30.97
C MET B 247 42.31 -14.79 29.75
N VAL B 248 42.37 -15.86 28.94
CA VAL B 248 43.20 -15.82 27.74
C VAL B 248 42.68 -14.74 26.78
N LYS B 249 41.36 -14.59 26.69
CA LYS B 249 40.80 -13.56 25.82
C LYS B 249 41.11 -12.17 26.39
N ALA B 250 41.09 -12.04 27.71
CA ALA B 250 41.42 -10.75 28.32
C ALA B 250 42.88 -10.39 28.07
N LEU B 251 43.79 -11.36 28.24
CA LEU B 251 45.19 -11.10 27.94
C LEU B 251 45.41 -10.84 26.46
N ALA B 252 44.75 -11.62 25.59
CA ALA B 252 44.89 -11.41 24.16
C ALA B 252 44.25 -10.09 23.70
N ALA B 253 43.37 -9.50 24.51
CA ALA B 253 42.76 -8.22 24.15
C ALA B 253 43.64 -7.02 24.50
N GLY B 254 44.78 -7.24 25.15
CA GLY B 254 45.70 -6.16 25.41
C GLY B 254 46.14 -6.03 26.86
N ALA B 255 45.54 -6.85 27.74
CA ALA B 255 45.80 -6.74 29.17
C ALA B 255 47.07 -7.49 29.56
N HIS B 256 47.84 -6.89 30.47
CA HIS B 256 49.03 -7.56 30.97
C HIS B 256 48.69 -8.64 31.99
N VAL B 257 47.68 -8.37 32.81
CA VAL B 257 47.32 -9.22 33.95
C VAL B 257 45.82 -9.10 34.14
N VAL B 258 45.22 -10.13 34.76
CA VAL B 258 43.79 -10.13 35.04
C VAL B 258 43.57 -10.17 36.55
N MET B 259 42.44 -9.63 36.99
CA MET B 259 42.04 -9.64 38.39
C MET B 259 40.78 -10.48 38.56
N LEU B 260 40.82 -11.41 39.50
CA LEU B 260 39.74 -12.37 39.71
C LEU B 260 39.12 -12.21 41.08
N GLY B 261 37.81 -12.40 41.15
CA GLY B 261 37.09 -12.41 42.40
C GLY B 261 36.33 -13.70 42.60
N SER B 262 35.31 -13.95 41.77
CA SER B 262 34.44 -15.11 41.98
C SER B 262 35.22 -16.41 41.84
N MET B 263 36.18 -16.47 40.93
CA MET B 263 36.93 -17.70 40.75
C MET B 263 37.86 -18.00 41.91
N PHE B 264 38.06 -17.04 42.82
CA PHE B 264 38.92 -17.23 43.98
C PHE B 264 38.19 -17.28 45.30
N ALA B 265 36.93 -16.87 45.35
CA ALA B 265 36.23 -16.78 46.62
C ALA B 265 35.99 -18.14 47.25
N GLY B 266 35.97 -19.22 46.47
CA GLY B 266 35.73 -20.53 47.02
C GLY B 266 36.92 -21.28 47.56
N VAL B 267 38.14 -20.72 47.46
CA VAL B 267 39.33 -21.45 47.89
C VAL B 267 39.45 -21.37 49.41
N ALA B 268 40.26 -22.28 49.96
CA ALA B 268 40.39 -22.35 51.41
C ALA B 268 40.99 -21.06 51.97
N GLU B 269 41.99 -20.50 51.28
CA GLU B 269 42.67 -19.29 51.73
C GLU B 269 41.87 -18.07 51.27
N SER B 270 40.76 -17.80 51.94
CA SER B 270 39.99 -16.61 51.61
C SER B 270 39.17 -16.20 52.82
N PRO B 271 38.92 -14.91 53.00
CA PRO B 271 38.20 -14.45 54.20
C PRO B 271 36.80 -15.04 54.26
N GLY B 272 36.28 -15.15 55.47
CA GLY B 272 35.03 -15.84 55.69
C GLY B 272 35.26 -17.31 55.96
N GLU B 273 34.25 -17.95 56.53
CA GLU B 273 34.32 -19.35 56.89
C GLU B 273 33.41 -20.16 55.98
N THR B 274 33.73 -21.44 55.82
CA THR B 274 32.92 -22.30 54.96
C THR B 274 31.55 -22.48 55.60
N GLU B 275 30.50 -22.31 54.80
CA GLU B 275 29.16 -22.54 55.28
C GLU B 275 28.51 -23.67 54.49
N ILE B 276 27.54 -24.34 55.12
CA ILE B 276 26.92 -25.55 54.57
C ILE B 276 25.55 -25.20 54.03
N TYR B 277 25.32 -25.56 52.76
CA TYR B 277 24.06 -25.34 52.07
C TYR B 277 23.69 -26.62 51.35
N GLN B 278 22.53 -27.20 51.69
CA GLN B 278 22.06 -28.41 51.03
C GLN B 278 23.05 -29.56 51.16
N GLY B 279 23.71 -29.63 52.32
CA GLY B 279 24.68 -30.67 52.57
C GLY B 279 26.03 -30.45 51.94
N ARG B 280 26.20 -29.34 51.22
CA ARG B 280 27.45 -28.99 50.57
C ARG B 280 28.07 -27.77 51.23
N GLN B 281 29.38 -27.64 51.12
CA GLN B 281 30.13 -26.55 51.73
C GLN B 281 30.26 -25.40 50.74
N PHE B 282 29.99 -24.19 51.22
CA PHE B 282 30.04 -22.97 50.41
C PHE B 282 30.80 -21.89 51.18
N LYS B 283 31.28 -20.90 50.44
CA LYS B 283 31.86 -19.70 51.01
C LYS B 283 31.07 -18.48 50.57
N VAL B 284 30.93 -17.51 51.46
CA VAL B 284 30.22 -16.28 51.13
C VAL B 284 31.06 -15.48 50.14
N TYR B 285 30.40 -14.97 49.11
CA TYR B 285 31.03 -14.08 48.14
C TYR B 285 30.08 -12.94 47.86
N ARG B 286 30.50 -11.73 48.16
CA ARG B 286 29.66 -10.57 47.97
C ARG B 286 30.42 -9.40 47.41
N GLY B 287 29.71 -8.55 46.70
CA GLY B 287 30.32 -7.36 46.15
C GLY B 287 30.58 -6.33 47.23
N MET B 288 31.66 -5.55 47.04
CA MET B 288 31.97 -4.51 48.00
C MET B 288 30.97 -3.37 48.00
N GLY B 289 30.13 -3.27 46.97
CA GLY B 289 29.04 -2.32 46.93
C GLY B 289 27.70 -2.88 47.36
N SER B 290 27.68 -4.07 47.95
CA SER B 290 26.44 -4.67 48.42
C SER B 290 26.06 -4.12 49.79
N VAL B 291 24.81 -4.36 50.18
CA VAL B 291 24.32 -3.88 51.47
C VAL B 291 25.18 -4.45 52.59
N GLY B 292 25.47 -5.75 52.54
CA GLY B 292 26.22 -6.37 53.61
C GLY B 292 27.63 -5.83 53.75
N ALA B 293 28.30 -5.61 52.61
CA ALA B 293 29.69 -5.15 52.64
C ALA B 293 29.80 -3.70 53.09
N MET B 294 28.78 -2.88 52.84
CA MET B 294 28.91 -1.47 53.17
C MET B 294 28.66 -1.17 54.64
N GLU B 295 27.94 -2.04 55.36
CA GLU B 295 27.85 -1.92 56.80
C GLU B 295 29.19 -2.24 57.46
N LYS B 296 29.92 -3.19 56.89
CA LYS B 296 31.18 -3.70 57.44
C LYS B 296 32.22 -2.60 57.60
N LYS B 309 19.60 5.78 53.67
CA LYS B 309 19.64 4.49 53.01
C LYS B 309 20.36 4.60 51.68
N LEU B 310 21.54 4.00 51.58
CA LEU B 310 22.35 4.09 50.38
C LEU B 310 21.92 3.04 49.35
N VAL B 311 22.27 3.29 48.09
CA VAL B 311 21.86 2.45 46.98
C VAL B 311 23.02 1.53 46.60
N PRO B 312 22.85 0.21 46.71
CA PRO B 312 23.96 -0.70 46.42
C PRO B 312 24.19 -0.88 44.93
N GLU B 313 25.43 -1.27 44.59
CA GLU B 313 25.80 -1.65 43.23
C GLU B 313 26.36 -3.08 43.19
N GLY B 314 25.97 -3.90 44.16
CA GLY B 314 26.37 -5.29 44.21
C GLY B 314 25.39 -6.11 45.03
N ILE B 315 25.57 -7.42 44.96
CA ILE B 315 24.71 -8.37 45.65
C ILE B 315 25.56 -9.30 46.52
N GLU B 316 24.88 -10.01 47.41
CA GLU B 316 25.52 -10.95 48.33
C GLU B 316 25.20 -12.36 47.86
N GLY B 317 26.23 -13.19 47.76
CA GLY B 317 26.04 -14.53 47.25
C GLY B 317 26.91 -15.58 47.89
N ARG B 318 27.08 -16.70 47.19
CA ARG B 318 27.89 -17.79 47.68
C ARG B 318 28.40 -18.59 46.49
N VAL B 319 29.60 -19.13 46.65
CA VAL B 319 30.23 -19.94 45.62
C VAL B 319 30.63 -21.29 46.23
N PRO B 320 30.73 -22.35 45.43
CA PRO B 320 31.11 -23.64 46.00
C PRO B 320 32.52 -23.60 46.57
N TYR B 321 32.72 -24.36 47.64
CA TYR B 321 34.05 -24.48 48.22
C TYR B 321 34.95 -25.25 47.27
N LYS B 322 36.17 -24.73 47.05
CA LYS B 322 37.05 -25.24 46.00
C LYS B 322 38.35 -25.86 46.51
N GLY B 323 38.66 -25.76 47.79
CA GLY B 323 39.87 -26.37 48.30
C GLY B 323 41.07 -25.45 48.22
N PRO B 324 42.25 -26.04 48.04
CA PRO B 324 43.48 -25.23 48.04
C PRO B 324 43.57 -24.33 46.84
N LEU B 325 44.23 -23.18 47.04
CA LEU B 325 44.41 -22.21 45.96
C LEU B 325 45.25 -22.78 44.83
N ALA B 326 46.22 -23.66 45.15
CA ALA B 326 47.12 -24.19 44.13
C ALA B 326 46.37 -24.95 43.05
N ASP B 327 45.27 -25.63 43.42
CA ASP B 327 44.52 -26.41 42.45
C ASP B 327 43.80 -25.51 41.46
N THR B 328 43.25 -24.39 41.93
CA THR B 328 42.59 -23.42 41.06
C THR B 328 43.58 -22.74 40.14
N VAL B 329 44.72 -22.31 40.68
CA VAL B 329 45.76 -21.66 39.88
C VAL B 329 46.29 -22.59 38.81
N HIS B 330 46.45 -23.87 39.13
CA HIS B 330 46.97 -24.82 38.16
C HIS B 330 46.03 -24.94 36.96
N GLN B 331 44.72 -24.97 37.19
CA GLN B 331 43.79 -25.00 36.07
C GLN B 331 43.80 -23.68 35.31
N LEU B 332 43.91 -22.56 36.02
CA LEU B 332 43.96 -21.25 35.38
C LEU B 332 45.21 -21.11 34.51
N VAL B 333 46.38 -21.38 35.07
CA VAL B 333 47.60 -21.29 34.29
C VAL B 333 47.61 -22.35 33.19
N GLY B 334 47.09 -23.54 33.48
CA GLY B 334 47.01 -24.57 32.46
C GLY B 334 46.14 -24.18 31.28
N GLY B 335 45.01 -23.53 31.54
CA GLY B 335 44.19 -23.05 30.45
C GLY B 335 44.88 -21.96 29.65
N LEU B 336 45.64 -21.09 30.33
CA LEU B 336 46.40 -20.06 29.64
C LEU B 336 47.50 -20.66 28.79
N ARG B 337 48.21 -21.66 29.31
CA ARG B 337 49.28 -22.29 28.53
C ARG B 337 48.73 -22.94 27.27
N ALA B 338 47.56 -23.57 27.36
CA ALA B 338 46.96 -24.17 26.17
C ALA B 338 46.57 -23.10 25.16
N GLY B 339 45.93 -22.03 25.62
CA GLY B 339 45.53 -20.96 24.72
C GLY B 339 46.71 -20.31 24.03
N MET B 340 47.80 -20.09 24.76
CA MET B 340 48.98 -19.51 24.14
C MET B 340 49.58 -20.44 23.10
N GLY B 341 49.54 -21.75 23.36
CA GLY B 341 50.04 -22.70 22.39
C GLY B 341 49.19 -22.71 21.12
N TYR B 342 47.87 -22.60 21.27
CA TYR B 342 47.01 -22.51 20.10
C TYR B 342 47.31 -21.27 19.28
N CYS B 343 47.69 -20.17 19.94
CA CYS B 343 47.94 -18.91 19.26
C CYS B 343 49.39 -18.75 18.83
N GLY B 344 50.26 -19.69 19.17
CA GLY B 344 51.65 -19.57 18.81
C GLY B 344 52.40 -18.50 19.58
N ALA B 345 51.93 -18.16 20.77
CA ALA B 345 52.56 -17.15 21.61
C ALA B 345 53.49 -17.85 22.60
N GLN B 346 54.78 -17.53 22.52
CA GLN B 346 55.74 -18.12 23.45
C GLN B 346 55.72 -17.37 24.78
N ASP B 347 55.38 -16.09 24.75
CA ASP B 347 55.26 -15.27 25.95
C ASP B 347 54.01 -14.41 25.82
N LEU B 348 53.67 -13.72 26.91
CA LEU B 348 52.42 -12.95 26.93
C LEU B 348 52.49 -11.71 26.06
N GLU B 349 53.68 -11.19 25.75
CA GLU B 349 53.76 -10.01 24.91
C GLU B 349 53.40 -10.33 23.46
N PHE B 350 53.79 -11.52 22.97
CA PHE B 350 53.37 -11.96 21.65
C PHE B 350 51.87 -12.16 21.58
N LEU B 351 51.27 -12.78 22.61
CA LEU B 351 49.83 -12.93 22.64
C LEU B 351 49.14 -11.57 22.61
N ARG B 352 49.72 -10.60 23.30
CA ARG B 352 49.15 -9.27 23.36
C ARG B 352 49.15 -8.58 22.00
N GLU B 353 50.18 -8.84 21.19
CA GLU B 353 50.42 -8.07 19.98
C GLU B 353 49.98 -8.79 18.70
N ASN B 354 49.76 -10.10 18.75
CA ASN B 354 49.49 -10.88 17.55
C ASN B 354 48.18 -11.65 17.56
N ALA B 355 47.62 -11.95 18.72
CA ALA B 355 46.46 -12.83 18.77
C ALA B 355 45.28 -12.22 18.04
N GLN B 356 44.60 -13.03 17.25
CA GLN B 356 43.43 -12.59 16.49
C GLN B 356 42.17 -13.24 17.03
N PHE B 357 41.09 -12.48 17.09
CA PHE B 357 39.78 -12.99 17.47
C PHE B 357 38.92 -13.17 16.22
N ILE B 358 37.87 -13.96 16.38
CA ILE B 358 36.80 -14.06 15.40
C ILE B 358 35.48 -13.92 16.15
N ARG B 359 34.58 -13.11 15.62
CA ARG B 359 33.31 -12.88 16.29
C ARG B 359 32.31 -13.98 15.94
N MET B 360 31.43 -14.27 16.89
CA MET B 360 30.43 -15.31 16.72
C MET B 360 29.13 -14.87 17.38
N SER B 361 28.05 -15.57 17.01
CA SER B 361 26.72 -15.29 17.54
C SER B 361 26.44 -16.20 18.74
N GLY B 362 25.23 -16.07 19.27
CA GLY B 362 24.80 -16.93 20.36
C GLY B 362 24.80 -18.39 19.98
N ALA B 363 24.51 -18.70 18.72
CA ALA B 363 24.65 -20.08 18.27
C ALA B 363 26.10 -20.55 18.35
N GLY B 364 27.05 -19.65 18.10
CA GLY B 364 28.45 -20.01 18.27
C GLY B 364 28.80 -20.25 19.73
N LEU B 365 28.22 -19.47 20.64
CA LEU B 365 28.44 -19.70 22.06
C LEU B 365 27.86 -21.04 22.49
N LEU B 366 26.68 -21.40 21.98
CA LEU B 366 26.10 -22.69 22.29
C LEU B 366 26.95 -23.83 21.74
N GLU B 367 27.59 -23.61 20.59
CA GLU B 367 28.48 -24.61 20.03
C GLU B 367 29.79 -24.71 20.81
N SER B 368 30.27 -23.58 21.33
CA SER B 368 31.56 -23.58 22.02
C SER B 368 31.50 -24.39 23.30
N HIS B 369 30.44 -24.25 24.07
CA HIS B 369 30.26 -25.06 25.26
C HIS B 369 29.86 -26.47 24.85
N PRO B 370 30.06 -27.45 25.73
CA PRO B 370 29.51 -28.78 25.46
C PRO B 370 28.00 -28.73 25.28
N HIS B 371 27.49 -29.57 24.37
CA HIS B 371 26.09 -29.50 24.01
C HIS B 371 25.56 -30.90 23.68
N HIS B 372 24.27 -31.10 23.92
CA HIS B 372 23.52 -32.31 23.57
C HIS B 372 24.11 -33.56 24.21
N VAL B 373 24.79 -33.41 25.34
CA VAL B 373 25.32 -34.53 26.10
C VAL B 373 25.17 -34.21 27.58
N GLN B 374 24.53 -35.11 28.33
CA GLN B 374 24.35 -34.92 29.76
C GLN B 374 25.67 -35.18 30.49
N ILE B 375 26.20 -34.15 31.13
CA ILE B 375 27.50 -34.24 31.79
C ILE B 375 27.35 -35.07 33.06
N THR B 376 28.15 -36.13 33.19
CA THR B 376 28.08 -37.05 34.32
C THR B 376 29.06 -36.70 35.44
N LYS B 377 30.27 -36.24 35.09
CA LYS B 377 31.27 -35.89 36.08
C LYS B 377 31.65 -34.43 35.90
N GLU B 378 32.07 -33.81 37.00
CA GLU B 378 32.47 -32.41 36.96
C GLU B 378 33.97 -32.31 36.72
N ALA B 379 34.35 -31.56 35.70
CA ALA B 379 35.75 -31.34 35.39
C ALA B 379 36.35 -30.23 36.26
N PRO B 380 37.67 -30.27 36.50
CA PRO B 380 38.29 -29.21 37.32
C PRO B 380 38.18 -27.83 36.72
N ASN B 381 37.98 -27.72 35.41
CA ASN B 381 37.91 -26.44 34.73
C ASN B 381 36.54 -26.10 34.15
N TYR B 382 35.56 -27.00 34.25
CA TYR B 382 34.22 -26.78 33.71
C TYR B 382 33.19 -27.23 34.71
N SER B 383 32.42 -26.29 35.26
CA SER B 383 31.33 -26.60 36.19
C SER B 383 30.30 -25.48 36.20
N SER C 22 34.43 -21.83 -12.88
CA SER C 22 33.69 -20.75 -12.23
C SER C 22 33.88 -20.74 -10.71
N ASN C 23 33.87 -19.52 -10.15
CA ASN C 23 34.04 -19.29 -8.72
C ASN C 23 32.94 -18.44 -8.08
N ALA C 24 32.01 -17.88 -8.86
CA ALA C 24 31.02 -16.97 -8.32
C ALA C 24 30.12 -17.64 -7.28
N MET C 25 29.63 -18.85 -7.59
CA MET C 25 28.72 -19.53 -6.67
C MET C 25 29.42 -19.87 -5.36
N TRP C 26 30.73 -20.10 -5.41
CA TRP C 26 31.45 -20.45 -4.19
C TRP C 26 31.55 -19.26 -3.26
N GLU C 27 31.73 -18.07 -3.82
CA GLU C 27 31.87 -16.85 -3.03
C GLU C 27 30.54 -16.27 -2.62
N SER C 28 29.45 -16.77 -3.18
CA SER C 28 28.12 -16.29 -2.87
C SER C 28 27.41 -17.12 -1.82
N LYS C 29 28.10 -18.08 -1.19
CA LYS C 29 27.45 -19.05 -0.33
C LYS C 29 26.75 -18.41 0.86
N PHE C 30 27.40 -17.43 1.50
CA PHE C 30 26.91 -16.90 2.77
C PHE C 30 26.55 -15.42 2.71
N VAL C 31 26.05 -14.95 1.57
CA VAL C 31 25.70 -13.53 1.43
C VAL C 31 24.31 -13.23 1.94
N LYS C 32 23.33 -14.08 1.66
CA LYS C 32 21.95 -13.75 1.97
C LYS C 32 21.69 -13.71 3.47
N GLU C 33 20.71 -12.89 3.86
CA GLU C 33 20.23 -12.76 5.22
C GLU C 33 18.72 -12.89 5.21
N GLY C 34 18.18 -13.58 6.22
CA GLY C 34 16.75 -13.82 6.29
C GLY C 34 16.19 -13.45 7.64
N LEU C 35 14.95 -12.96 7.63
CA LEU C 35 14.26 -12.51 8.81
C LEU C 35 13.00 -13.35 9.01
N THR C 36 12.63 -13.54 10.27
CA THR C 36 11.40 -14.23 10.60
C THR C 36 10.50 -13.27 11.37
N PHE C 37 9.31 -13.76 11.75
CA PHE C 37 8.31 -12.90 12.37
C PHE C 37 8.84 -12.21 13.61
N ASP C 38 9.57 -12.95 14.45
CA ASP C 38 10.02 -12.43 15.73
C ASP C 38 11.25 -11.53 15.63
N ASP C 39 11.70 -11.23 14.41
CA ASP C 39 12.81 -10.31 14.19
C ASP C 39 12.35 -8.87 13.94
N VAL C 40 11.05 -8.66 13.71
CA VAL C 40 10.55 -7.39 13.19
C VAL C 40 9.31 -6.95 13.96
N LEU C 41 8.96 -5.69 13.77
CA LEU C 41 7.72 -5.12 14.26
C LEU C 41 7.21 -4.18 13.19
N LEU C 42 5.88 -4.06 13.10
CA LEU C 42 5.27 -3.10 12.19
C LEU C 42 5.27 -1.73 12.84
N VAL C 43 5.71 -0.73 12.09
CA VAL C 43 5.78 0.65 12.57
C VAL C 43 4.39 1.27 12.52
N PRO C 44 3.90 1.83 13.62
CA PRO C 44 2.61 2.53 13.57
C PRO C 44 2.71 3.79 12.71
N ALA C 45 1.68 4.00 11.89
CA ALA C 45 1.63 5.13 10.97
C ALA C 45 0.40 5.99 11.25
N LYS C 46 0.31 7.11 10.53
CA LYS C 46 -0.90 7.92 10.56
C LYS C 46 -2.10 7.09 10.15
N SER C 47 -3.20 7.23 10.90
CA SER C 47 -4.37 6.39 10.67
C SER C 47 -5.61 7.27 10.74
N ASP C 48 -6.47 7.11 9.72
CA ASP C 48 -7.78 7.75 9.66
C ASP C 48 -8.91 6.77 9.92
N VAL C 49 -8.58 5.49 10.12
CA VAL C 49 -9.57 4.43 10.26
C VAL C 49 -9.41 3.77 11.63
N LEU C 50 -10.53 3.23 12.15
CA LEU C 50 -10.58 2.46 13.39
C LEU C 50 -10.69 0.97 13.08
N PRO C 51 -10.23 0.10 13.99
CA PRO C 51 -10.26 -1.35 13.71
C PRO C 51 -11.60 -1.90 13.24
N ARG C 52 -12.71 -1.38 13.73
CA ARG C 52 -14.02 -1.88 13.31
C ARG C 52 -14.31 -1.54 11.84
N GLU C 53 -13.69 -0.50 11.31
CA GLU C 53 -14.01 0.02 9.99
C GLU C 53 -13.03 -0.42 8.89
N VAL C 54 -12.05 -1.26 9.21
CA VAL C 54 -11.12 -1.71 8.19
C VAL C 54 -11.76 -2.84 7.39
N SER C 55 -11.24 -3.08 6.19
CA SER C 55 -11.71 -4.14 5.32
C SER C 55 -10.69 -5.26 5.35
N VAL C 56 -11.15 -6.49 5.59
CA VAL C 56 -10.28 -7.64 5.62
C VAL C 56 -10.57 -8.58 4.44
N LYS C 57 -11.30 -8.10 3.44
CA LYS C 57 -11.60 -8.87 2.25
C LYS C 57 -10.38 -8.94 1.33
N THR C 58 -10.32 -10.03 0.55
CA THR C 58 -9.23 -10.26 -0.39
C THR C 58 -9.74 -11.07 -1.57
N VAL C 59 -9.12 -10.85 -2.72
CA VAL C 59 -9.43 -11.59 -3.95
C VAL C 59 -8.20 -12.40 -4.31
N LEU C 60 -8.36 -13.72 -4.40
CA LEU C 60 -7.28 -14.57 -4.87
C LEU C 60 -7.34 -14.81 -6.37
N SER C 61 -8.54 -14.88 -6.93
CA SER C 61 -8.71 -15.03 -8.37
C SER C 61 -10.11 -14.56 -8.73
N GLU C 62 -10.41 -14.66 -10.02
CA GLU C 62 -11.71 -14.23 -10.52
C GLU C 62 -12.82 -15.05 -9.90
N SER C 63 -12.53 -16.31 -9.60
CA SER C 63 -13.47 -17.26 -9.02
C SER C 63 -13.28 -17.45 -7.52
N LEU C 64 -12.32 -16.80 -6.89
CA LEU C 64 -11.98 -17.07 -5.49
C LEU C 64 -11.86 -15.77 -4.71
N GLN C 65 -12.90 -15.43 -3.95
CA GLN C 65 -12.93 -14.23 -3.13
C GLN C 65 -13.22 -14.62 -1.69
N LEU C 66 -12.40 -14.15 -0.76
CA LEU C 66 -12.53 -14.50 0.64
C LEU C 66 -12.84 -13.26 1.46
N ASN C 67 -13.70 -13.43 2.47
CA ASN C 67 -14.05 -12.35 3.37
C ASN C 67 -13.08 -12.16 4.53
N ILE C 68 -12.39 -13.22 4.97
CA ILE C 68 -11.30 -13.09 5.93
C ILE C 68 -10.08 -13.76 5.31
N PRO C 69 -8.88 -13.23 5.51
CA PRO C 69 -7.69 -13.77 4.81
C PRO C 69 -7.06 -14.95 5.54
N LEU C 70 -7.85 -16.01 5.73
CA LEU C 70 -7.44 -17.19 6.48
C LEU C 70 -7.80 -18.44 5.70
N ILE C 71 -6.84 -19.35 5.57
CA ILE C 71 -7.04 -20.64 4.91
C ILE C 71 -6.60 -21.74 5.87
N SER C 72 -7.44 -22.75 6.03
CA SER C 72 -7.11 -23.90 6.85
C SER C 72 -6.16 -24.83 6.09
N ALA C 73 -5.10 -25.29 6.75
CA ALA C 73 -4.08 -26.06 6.06
C ALA C 73 -4.60 -27.46 5.73
N GLY C 74 -4.17 -28.00 4.58
CA GLY C 74 -4.64 -29.30 4.13
C GLY C 74 -3.92 -30.50 4.73
N MET C 75 -4.19 -30.74 6.01
CA MET C 75 -3.55 -31.80 6.78
C MET C 75 -4.63 -32.67 7.40
N ASP C 76 -4.32 -33.96 7.59
CA ASP C 76 -5.28 -34.93 8.11
C ASP C 76 -5.66 -34.66 9.56
N THR C 77 -5.05 -33.66 10.19
CA THR C 77 -5.38 -33.28 11.56
C THR C 77 -5.98 -31.89 11.68
N VAL C 78 -6.26 -31.22 10.56
CA VAL C 78 -6.72 -29.83 10.63
C VAL C 78 -8.08 -29.68 9.97
N THR C 79 -8.19 -30.09 8.70
CA THR C 79 -9.38 -29.76 7.91
C THR C 79 -9.91 -30.98 7.17
N GLU C 80 -11.17 -31.29 7.41
CA GLU C 80 -11.95 -32.20 6.57
C GLU C 80 -13.25 -31.45 6.28
N ALA C 81 -14.30 -32.19 5.95
CA ALA C 81 -15.55 -31.55 5.55
C ALA C 81 -16.08 -30.61 6.63
N ASP C 82 -16.14 -31.11 7.87
CA ASP C 82 -16.70 -30.30 8.96
C ASP C 82 -15.87 -29.04 9.20
N MET C 83 -14.56 -29.10 8.99
CA MET C 83 -13.72 -27.92 9.16
C MET C 83 -13.87 -26.96 7.98
N ALA C 84 -13.83 -27.50 6.75
CA ALA C 84 -13.97 -26.64 5.58
C ALA C 84 -15.31 -25.92 5.58
N ILE C 85 -16.36 -26.58 6.07
CA ILE C 85 -17.65 -25.91 6.20
C ILE C 85 -17.55 -24.74 7.16
N ALA C 86 -16.98 -24.97 8.34
CA ALA C 86 -16.86 -23.90 9.31
C ALA C 86 -15.94 -22.79 8.81
N MET C 87 -14.87 -23.14 8.10
CA MET C 87 -13.98 -22.12 7.53
C MET C 87 -14.74 -21.21 6.57
N ALA C 88 -15.42 -21.79 5.57
CA ALA C 88 -16.09 -20.98 4.57
C ALA C 88 -17.17 -20.10 5.20
N ARG C 89 -17.86 -20.62 6.21
CA ARG C 89 -18.93 -19.89 6.88
C ARG C 89 -18.40 -18.68 7.62
N GLN C 90 -17.15 -18.73 8.09
CA GLN C 90 -16.50 -17.58 8.71
C GLN C 90 -15.90 -16.61 7.70
N GLY C 91 -15.97 -16.92 6.41
CA GLY C 91 -15.38 -16.08 5.39
C GLY C 91 -14.01 -16.52 4.90
N GLY C 92 -13.55 -17.71 5.28
CA GLY C 92 -12.24 -18.18 4.89
C GLY C 92 -12.33 -19.33 3.91
N LEU C 93 -11.36 -20.24 3.94
CA LEU C 93 -11.32 -21.34 3.00
C LEU C 93 -10.68 -22.55 3.66
N GLY C 94 -11.17 -23.74 3.33
CA GLY C 94 -10.61 -24.98 3.83
C GLY C 94 -10.12 -25.85 2.70
N ILE C 95 -8.98 -26.51 2.93
CA ILE C 95 -8.36 -27.37 1.93
C ILE C 95 -8.48 -28.82 2.41
N ILE C 96 -9.34 -29.60 1.75
CA ILE C 96 -9.50 -31.00 2.13
C ILE C 96 -8.20 -31.73 1.88
N HIS C 97 -7.71 -32.46 2.91
CA HIS C 97 -6.41 -33.09 2.79
C HIS C 97 -6.46 -34.30 1.85
N LYS C 98 -5.28 -34.77 1.47
CA LYS C 98 -5.12 -35.80 0.45
C LYS C 98 -4.94 -37.21 1.03
N ASN C 99 -4.85 -37.36 2.34
CA ASN C 99 -4.68 -38.68 2.95
C ASN C 99 -6.00 -39.45 2.95
N MET C 100 -6.49 -39.73 1.75
CA MET C 100 -7.76 -40.42 1.55
C MET C 100 -7.74 -41.07 0.18
N SER C 101 -8.74 -41.91 -0.07
CA SER C 101 -8.95 -42.42 -1.40
C SER C 101 -9.51 -41.30 -2.29
N ILE C 102 -9.45 -41.50 -3.60
CA ILE C 102 -10.03 -40.50 -4.50
C ILE C 102 -11.54 -40.38 -4.25
N GLU C 103 -12.21 -41.51 -4.00
CA GLU C 103 -13.67 -41.45 -3.79
C GLU C 103 -14.03 -40.74 -2.50
N GLN C 104 -13.21 -40.93 -1.46
CA GLN C 104 -13.49 -40.25 -0.19
C GLN C 104 -13.34 -38.74 -0.31
N GLN C 105 -12.27 -38.30 -0.99
CA GLN C 105 -12.01 -36.87 -1.11
C GLN C 105 -13.05 -36.17 -2.00
N ALA C 106 -13.48 -36.84 -3.08
CA ALA C 106 -14.50 -36.25 -3.93
C ALA C 106 -15.79 -36.05 -3.17
N GLU C 107 -16.12 -36.97 -2.25
CA GLU C 107 -17.32 -36.83 -1.44
C GLU C 107 -17.20 -35.74 -0.39
N GLN C 108 -15.99 -35.49 0.12
CA GLN C 108 -15.82 -34.43 1.10
C GLN C 108 -16.05 -33.07 0.48
N VAL C 109 -15.51 -32.87 -0.73
CA VAL C 109 -15.72 -31.63 -1.47
C VAL C 109 -17.21 -31.43 -1.71
N ASP C 110 -17.89 -32.49 -2.13
CA ASP C 110 -19.33 -32.41 -2.40
C ASP C 110 -20.12 -32.13 -1.13
N LYS C 111 -19.71 -32.71 0.00
CA LYS C 111 -20.38 -32.40 1.26
C LYS C 111 -20.29 -30.91 1.59
N VAL C 112 -19.11 -30.31 1.38
CA VAL C 112 -18.96 -28.89 1.68
C VAL C 112 -19.72 -28.05 0.68
N LYS C 113 -19.76 -28.49 -0.57
CA LYS C 113 -20.44 -27.74 -1.61
C LYS C 113 -21.94 -27.72 -1.37
N ARG C 114 -22.50 -28.83 -0.89
CA ARG C 114 -23.94 -28.93 -0.68
C ARG C 114 -24.43 -28.00 0.43
N SER C 115 -23.55 -27.57 1.32
CA SER C 115 -23.98 -26.85 2.53
C SER C 115 -24.02 -25.33 2.31
N GLY C 116 -24.75 -24.93 1.27
CA GLY C 116 -24.96 -23.53 1.00
C GLY C 116 -24.12 -22.93 -0.11
N GLY C 117 -23.51 -23.75 -0.96
CA GLY C 117 -22.66 -23.21 -2.01
C GLY C 117 -21.39 -22.57 -1.50
N LEU C 118 -20.75 -23.20 -0.51
CA LEU C 118 -19.57 -22.65 0.11
C LEU C 118 -18.33 -22.99 -0.74
N LEU C 119 -17.30 -22.15 -0.59
CA LEU C 119 -16.02 -22.39 -1.26
C LEU C 119 -15.25 -23.49 -0.53
N VAL C 120 -14.51 -24.28 -1.30
CA VAL C 120 -13.72 -25.37 -0.74
C VAL C 120 -12.54 -25.66 -1.67
N GLY C 121 -11.45 -26.12 -1.07
CA GLY C 121 -10.28 -26.54 -1.82
C GLY C 121 -9.92 -27.96 -1.47
N ALA C 122 -8.99 -28.51 -2.25
CA ALA C 122 -8.55 -29.89 -2.04
C ALA C 122 -7.08 -30.01 -2.37
N ALA C 123 -6.36 -30.80 -1.57
CA ALA C 123 -4.94 -31.01 -1.79
C ALA C 123 -4.73 -32.18 -2.73
N VAL C 124 -3.78 -32.03 -3.65
CA VAL C 124 -3.41 -33.08 -4.58
C VAL C 124 -1.89 -33.15 -4.63
N GLY C 125 -1.36 -34.36 -4.49
CA GLY C 125 0.07 -34.55 -4.62
C GLY C 125 0.49 -34.78 -6.06
N VAL C 126 1.77 -34.57 -6.32
CA VAL C 126 2.34 -34.73 -7.66
C VAL C 126 2.76 -36.19 -7.77
N THR C 127 1.86 -37.02 -8.30
CA THR C 127 2.11 -38.43 -8.52
C THR C 127 1.42 -38.84 -9.82
N ALA C 128 1.66 -40.08 -10.25
CA ALA C 128 1.06 -40.55 -11.49
C ALA C 128 -0.46 -40.54 -11.43
N ASP C 129 -1.04 -40.85 -10.27
CA ASP C 129 -2.48 -40.87 -10.06
C ASP C 129 -3.08 -39.49 -9.88
N ALA C 130 -2.28 -38.43 -9.93
CA ALA C 130 -2.75 -37.10 -9.59
C ALA C 130 -3.93 -36.67 -10.46
N MET C 131 -3.80 -36.80 -11.77
CA MET C 131 -4.84 -36.29 -12.66
C MET C 131 -6.15 -37.02 -12.47
N THR C 132 -6.11 -38.31 -12.12
CA THR C 132 -7.34 -39.03 -11.81
C THR C 132 -8.04 -38.41 -10.61
N ARG C 133 -7.28 -38.03 -9.59
CA ARG C 133 -7.86 -37.41 -8.41
C ARG C 133 -8.41 -36.03 -8.73
N ILE C 134 -7.70 -35.26 -9.56
CA ILE C 134 -8.14 -33.92 -9.93
C ILE C 134 -9.44 -33.98 -10.72
N ASP C 135 -9.56 -34.97 -11.61
CA ASP C 135 -10.78 -35.09 -12.42
C ASP C 135 -12.00 -35.26 -11.51
N ALA C 136 -11.90 -36.16 -10.52
CA ALA C 136 -13.00 -36.39 -9.60
C ALA C 136 -13.30 -35.16 -8.75
N LEU C 137 -12.29 -34.34 -8.47
CA LEU C 137 -12.52 -33.12 -7.70
C LEU C 137 -13.23 -32.06 -8.53
N VAL C 138 -12.91 -31.98 -9.82
CA VAL C 138 -13.57 -31.00 -10.67
C VAL C 138 -15.05 -31.37 -10.86
N LYS C 139 -15.35 -32.68 -10.89
CA LYS C 139 -16.76 -33.08 -11.00
C LYS C 139 -17.53 -32.75 -9.73
N ALA C 140 -16.88 -32.80 -8.57
CA ALA C 140 -17.48 -32.31 -7.34
C ALA C 140 -17.52 -30.78 -7.26
N SER C 141 -17.10 -30.09 -8.31
CA SER C 141 -17.15 -28.63 -8.40
C SER C 141 -16.21 -27.96 -7.39
N VAL C 142 -14.99 -28.50 -7.23
CA VAL C 142 -14.02 -27.86 -6.35
C VAL C 142 -13.62 -26.51 -6.91
N ASP C 143 -13.39 -25.54 -6.02
CA ASP C 143 -13.04 -24.19 -6.44
C ASP C 143 -11.55 -24.00 -6.64
N ALA C 144 -10.72 -24.74 -5.93
CA ALA C 144 -9.29 -24.59 -6.08
C ALA C 144 -8.62 -25.92 -5.80
N ILE C 145 -7.63 -26.25 -6.60
CA ILE C 145 -6.80 -27.41 -6.37
C ILE C 145 -5.49 -26.93 -5.80
N VAL C 146 -4.99 -27.63 -4.79
CA VAL C 146 -3.74 -27.29 -4.14
C VAL C 146 -2.75 -28.40 -4.50
N LEU C 147 -1.79 -28.07 -5.37
CA LEU C 147 -0.68 -28.94 -5.73
C LEU C 147 0.42 -28.84 -4.68
N ASP C 148 0.34 -29.72 -3.68
CA ASP C 148 1.22 -29.70 -2.52
C ASP C 148 2.40 -30.66 -2.69
N THR C 149 3.61 -30.11 -2.58
CA THR C 149 4.80 -30.91 -2.60
C THR C 149 5.79 -30.34 -1.58
N ALA C 150 6.69 -31.20 -1.11
CA ALA C 150 7.74 -30.76 -0.22
C ALA C 150 8.63 -29.72 -0.89
N HIS C 151 8.84 -29.85 -2.20
CA HIS C 151 9.70 -28.95 -2.97
C HIS C 151 8.93 -28.50 -4.22
N GLY C 152 8.39 -27.28 -4.17
CA GLY C 152 7.61 -26.80 -5.30
C GLY C 152 8.44 -26.41 -6.51
N HIS C 153 9.75 -26.18 -6.33
CA HIS C 153 10.62 -25.83 -7.43
C HIS C 153 11.25 -27.06 -8.07
N SER C 154 10.57 -28.19 -8.05
CA SER C 154 11.05 -29.39 -8.73
C SER C 154 10.37 -29.49 -10.08
N GLN C 155 11.06 -30.10 -11.04
CA GLN C 155 10.52 -30.16 -12.40
C GLN C 155 9.25 -30.98 -12.47
N GLY C 156 9.11 -32.01 -11.63
CA GLY C 156 7.88 -32.78 -11.61
C GLY C 156 6.66 -31.95 -11.25
N VAL C 157 6.83 -30.98 -10.35
CA VAL C 157 5.73 -30.10 -10.00
C VAL C 157 5.42 -29.14 -11.13
N ILE C 158 6.46 -28.58 -11.75
CA ILE C 158 6.27 -27.64 -12.86
C ILE C 158 5.53 -28.32 -14.00
N ASP C 159 5.91 -29.56 -14.32
CA ASP C 159 5.22 -30.28 -15.38
C ASP C 159 3.77 -30.53 -15.03
N LYS C 160 3.49 -30.90 -13.78
CA LYS C 160 2.11 -31.17 -13.39
C LYS C 160 1.25 -29.91 -13.45
N VAL C 161 1.82 -28.75 -13.14
CA VAL C 161 1.04 -27.50 -13.21
C VAL C 161 0.68 -27.17 -14.65
N LYS C 162 1.64 -27.33 -15.56
CA LYS C 162 1.38 -27.03 -16.97
C LYS C 162 0.28 -27.92 -17.55
N GLU C 163 0.29 -29.22 -17.21
CA GLU C 163 -0.70 -30.12 -17.76
C GLU C 163 -2.08 -29.95 -17.11
N VAL C 164 -2.14 -29.50 -15.85
CA VAL C 164 -3.45 -29.25 -15.26
C VAL C 164 -4.03 -27.96 -15.83
N ARG C 165 -3.18 -26.96 -16.08
CA ARG C 165 -3.64 -25.76 -16.76
C ARG C 165 -4.11 -26.09 -18.18
N ALA C 166 -3.47 -27.07 -18.82
CA ALA C 166 -3.89 -27.48 -20.15
C ALA C 166 -5.26 -28.15 -20.13
N LYS C 167 -5.51 -29.02 -19.14
CA LYS C 167 -6.77 -29.75 -19.13
C LYS C 167 -7.93 -28.94 -18.56
N TYR C 168 -7.66 -28.05 -17.61
CA TYR C 168 -8.68 -27.24 -16.95
C TYR C 168 -8.19 -25.79 -16.98
N PRO C 169 -8.46 -25.08 -18.08
CA PRO C 169 -7.91 -23.72 -18.22
C PRO C 169 -8.43 -22.70 -17.22
N SER C 170 -9.61 -22.91 -16.64
CA SER C 170 -10.20 -21.95 -15.71
C SER C 170 -10.09 -22.37 -14.25
N LEU C 171 -9.54 -23.56 -13.97
CA LEU C 171 -9.52 -24.08 -12.62
C LEU C 171 -8.46 -23.34 -11.80
N ASN C 172 -8.84 -22.94 -10.59
CA ASN C 172 -7.90 -22.30 -9.68
C ASN C 172 -6.84 -23.31 -9.25
N ILE C 173 -5.58 -22.99 -9.51
CA ILE C 173 -4.46 -23.86 -9.15
C ILE C 173 -3.61 -23.13 -8.14
N ILE C 174 -3.45 -23.72 -6.97
CA ILE C 174 -2.60 -23.21 -5.91
C ILE C 174 -1.37 -24.11 -5.87
N ALA C 175 -0.21 -23.56 -6.20
CA ALA C 175 1.02 -24.33 -6.32
C ALA C 175 2.02 -23.92 -5.25
N GLY C 176 2.58 -24.92 -4.57
CA GLY C 176 3.60 -24.72 -3.56
C GLY C 176 4.21 -26.05 -3.21
N ASN C 177 5.16 -26.02 -2.27
CA ASN C 177 5.59 -24.79 -1.65
C ASN C 177 6.95 -24.36 -2.17
N VAL C 178 7.16 -23.05 -2.22
CA VAL C 178 8.41 -22.45 -2.67
C VAL C 178 8.86 -21.43 -1.63
N ALA C 179 10.09 -20.96 -1.81
CA ALA C 179 10.61 -19.95 -0.91
C ALA C 179 11.46 -18.90 -1.60
N THR C 180 11.59 -18.94 -2.93
CA THR C 180 12.47 -18.03 -3.64
C THR C 180 11.73 -17.31 -4.76
N ALA C 181 12.26 -16.17 -5.16
CA ALA C 181 11.67 -15.43 -6.28
C ALA C 181 11.74 -16.27 -7.55
N GLU C 182 12.84 -16.99 -7.74
CA GLU C 182 13.01 -17.81 -8.93
C GLU C 182 11.97 -18.94 -8.98
N ALA C 183 11.71 -19.59 -7.84
CA ALA C 183 10.72 -20.65 -7.81
C ALA C 183 9.31 -20.12 -8.04
N THR C 184 9.02 -18.91 -7.53
CA THR C 184 7.69 -18.33 -7.71
C THR C 184 7.41 -18.02 -9.18
N LYS C 185 8.37 -17.43 -9.87
CA LYS C 185 8.17 -17.10 -11.28
C LYS C 185 7.97 -18.36 -12.12
N ALA C 186 8.62 -19.46 -11.75
CA ALA C 186 8.47 -20.69 -12.52
C ALA C 186 7.05 -21.24 -12.42
N LEU C 187 6.48 -21.25 -11.21
CA LEU C 187 5.11 -21.75 -11.09
C LEU C 187 4.11 -20.79 -11.70
N ILE C 188 4.38 -19.49 -11.65
CA ILE C 188 3.48 -18.53 -12.27
C ILE C 188 3.48 -18.72 -13.79
N GLU C 189 4.67 -18.89 -14.38
CA GLU C 189 4.74 -19.15 -15.82
C GLU C 189 4.16 -20.50 -16.19
N ALA C 190 4.10 -21.44 -15.24
CA ALA C 190 3.52 -22.74 -15.54
C ALA C 190 2.00 -22.72 -15.52
N GLY C 191 1.40 -21.65 -15.02
CA GLY C 191 -0.04 -21.47 -15.03
C GLY C 191 -0.75 -21.54 -13.68
N ALA C 192 -0.06 -21.29 -12.58
CA ALA C 192 -0.68 -21.33 -11.26
C ALA C 192 -1.22 -19.94 -10.90
N ASN C 193 -2.48 -19.88 -10.47
CA ASN C 193 -3.04 -18.59 -10.10
C ASN C 193 -2.51 -18.11 -8.76
N VAL C 194 -2.22 -19.03 -7.86
CA VAL C 194 -1.77 -18.71 -6.51
C VAL C 194 -0.56 -19.56 -6.17
N VAL C 195 0.41 -18.96 -5.49
CA VAL C 195 1.65 -19.64 -5.08
C VAL C 195 1.66 -19.69 -3.55
N LYS C 196 1.90 -20.88 -2.99
CA LYS C 196 1.94 -21.05 -1.55
C LYS C 196 3.39 -21.03 -1.08
N VAL C 197 3.68 -20.15 -0.12
CA VAL C 197 5.05 -19.86 0.27
C VAL C 197 5.29 -20.45 1.66
N GLY C 198 6.41 -21.15 1.80
CA GLY C 198 6.81 -21.70 3.07
C GLY C 198 7.56 -23.02 2.97
N ILE C 199 8.85 -23.00 3.28
CA ILE C 199 9.65 -24.23 3.35
C ILE C 199 10.33 -24.24 4.71
N GLY C 200 9.78 -25.02 5.64
CA GLY C 200 10.36 -25.18 6.96
C GLY C 200 9.80 -24.40 8.15
N PRO C 201 8.89 -23.43 7.98
CA PRO C 201 8.46 -22.68 9.16
C PRO C 201 7.42 -23.39 10.01
N GLY C 202 6.89 -24.53 9.54
CA GLY C 202 5.78 -25.18 10.22
C GLY C 202 6.09 -25.53 11.67
N SER C 203 5.03 -25.45 12.48
CA SER C 203 5.14 -25.76 13.91
C SER C 203 5.45 -27.23 14.17
N ILE C 204 5.02 -28.11 13.28
CA ILE C 204 5.28 -29.54 13.41
C ILE C 204 6.35 -30.00 12.43
N CYS C 205 7.07 -29.07 11.82
CA CYS C 205 7.96 -29.35 10.70
C CYS C 205 9.42 -29.48 11.16
N THR C 206 10.12 -30.47 10.63
CA THR C 206 11.54 -30.66 10.91
C THR C 206 12.39 -30.62 9.65
N THR C 207 11.84 -30.09 8.54
CA THR C 207 12.58 -30.03 7.29
C THR C 207 13.93 -29.35 7.46
N ARG C 208 13.92 -28.17 8.10
CA ARG C 208 15.16 -27.41 8.28
C ARG C 208 16.13 -28.10 9.21
N VAL C 209 15.64 -28.99 10.07
CA VAL C 209 16.51 -29.69 11.01
C VAL C 209 17.03 -30.98 10.41
N VAL C 210 16.19 -31.74 9.70
CA VAL C 210 16.64 -33.03 9.17
C VAL C 210 17.25 -32.94 7.78
N ALA C 211 16.94 -31.90 7.01
CA ALA C 211 17.53 -31.71 5.70
C ALA C 211 18.38 -30.45 5.60
N GLY C 212 18.33 -29.56 6.59
CA GLY C 212 19.09 -28.34 6.59
C GLY C 212 18.60 -27.27 5.65
N VAL C 213 17.41 -27.41 5.09
CA VAL C 213 16.92 -26.56 4.00
C VAL C 213 15.76 -25.71 4.49
N GLY C 214 15.78 -24.43 4.11
CA GLY C 214 14.70 -23.54 4.47
C GLY C 214 15.05 -22.09 4.19
N VAL C 215 14.04 -21.24 4.30
CA VAL C 215 14.21 -19.79 4.23
C VAL C 215 13.33 -19.19 5.32
N PRO C 216 13.84 -18.30 6.17
CA PRO C 216 12.98 -17.66 7.18
C PRO C 216 11.72 -17.10 6.56
N GLN C 217 10.57 -17.41 7.18
CA GLN C 217 9.29 -17.29 6.50
C GLN C 217 8.99 -15.86 6.06
N LEU C 218 9.31 -14.87 6.89
CA LEU C 218 9.00 -13.49 6.50
C LEU C 218 9.84 -13.04 5.32
N THR C 219 11.11 -13.47 5.25
CA THR C 219 11.92 -13.18 4.08
C THR C 219 11.41 -13.96 2.88
N ALA C 220 10.99 -15.21 3.10
CA ALA C 220 10.43 -16.00 2.01
C ALA C 220 9.19 -15.35 1.44
N VAL C 221 8.29 -14.89 2.31
CA VAL C 221 7.05 -14.26 1.85
C VAL C 221 7.37 -13.00 1.05
N TYR C 222 8.29 -12.18 1.56
CA TYR C 222 8.64 -10.94 0.86
C TYR C 222 9.35 -11.19 -0.47
N ASP C 223 10.32 -12.13 -0.49
CA ASP C 223 11.03 -12.40 -1.73
C ASP C 223 10.10 -12.96 -2.80
N CYS C 224 9.14 -13.79 -2.41
CA CYS C 224 8.20 -14.34 -3.37
C CYS C 224 7.15 -13.31 -3.80
N ALA C 225 6.68 -12.51 -2.86
CA ALA C 225 5.69 -11.49 -3.23
C ALA C 225 6.29 -10.43 -4.13
N THR C 226 7.58 -10.14 -3.98
CA THR C 226 8.23 -9.19 -4.88
C THR C 226 8.16 -9.67 -6.31
N GLU C 227 8.34 -10.97 -6.53
CA GLU C 227 8.25 -11.52 -7.88
C GLU C 227 6.80 -11.65 -8.34
N ALA C 228 5.92 -12.15 -7.46
CA ALA C 228 4.52 -12.34 -7.84
C ALA C 228 3.81 -11.01 -8.05
N ARG C 229 4.26 -9.96 -7.35
CA ARG C 229 3.66 -8.64 -7.54
C ARG C 229 3.77 -8.16 -8.97
N LYS C 230 4.87 -8.52 -9.64
CA LYS C 230 5.08 -8.12 -11.03
C LYS C 230 4.07 -8.76 -11.98
N HIS C 231 3.47 -9.90 -11.59
CA HIS C 231 2.49 -10.59 -12.42
C HIS C 231 1.07 -10.49 -11.88
N GLY C 232 0.85 -9.77 -10.78
CA GLY C 232 -0.48 -9.72 -10.21
C GLY C 232 -0.94 -11.00 -9.55
N ILE C 233 -0.03 -11.88 -9.16
CA ILE C 233 -0.36 -13.19 -8.60
C ILE C 233 -0.34 -13.08 -7.07
N PRO C 234 -1.34 -13.59 -6.37
CA PRO C 234 -1.29 -13.58 -4.91
C PRO C 234 -0.43 -14.72 -4.39
N VAL C 235 0.07 -14.53 -3.16
CA VAL C 235 0.88 -15.55 -2.51
C VAL C 235 0.27 -15.88 -1.16
N ILE C 236 0.50 -17.10 -0.69
CA ILE C 236 -0.02 -17.59 0.58
C ILE C 236 1.14 -17.75 1.55
N ALA C 237 1.08 -17.08 2.69
CA ALA C 237 2.08 -17.28 3.74
C ALA C 237 1.66 -18.50 4.56
N ASP C 238 2.36 -19.60 4.36
CA ASP C 238 1.96 -20.88 4.94
C ASP C 238 3.01 -21.32 5.97
N GLY C 239 2.60 -21.40 7.23
CA GLY C 239 3.39 -21.94 8.31
C GLY C 239 4.08 -20.86 9.13
N GLY C 240 4.35 -21.19 10.40
CA GLY C 240 5.13 -20.34 11.27
C GLY C 240 4.34 -19.35 12.09
N ILE C 241 3.04 -19.23 11.85
CA ILE C 241 2.23 -18.24 12.56
C ILE C 241 1.81 -18.81 13.91
N LYS C 242 2.28 -18.18 14.98
CA LYS C 242 1.99 -18.58 16.35
C LYS C 242 1.00 -17.66 17.05
N TYR C 243 1.00 -16.38 16.71
CA TYR C 243 0.08 -15.41 17.28
C TYR C 243 -0.59 -14.63 16.16
N SER C 244 -1.65 -13.90 16.52
CA SER C 244 -2.38 -13.12 15.52
C SER C 244 -1.50 -12.04 14.91
N GLY C 245 -0.53 -11.53 15.68
CA GLY C 245 0.38 -10.53 15.13
C GLY C 245 1.27 -11.07 14.03
N ASP C 246 1.59 -12.36 14.06
CA ASP C 246 2.37 -12.96 12.98
C ASP C 246 1.60 -12.91 11.66
N MET C 247 0.28 -13.09 11.73
CA MET C 247 -0.53 -12.99 10.54
C MET C 247 -0.50 -11.57 9.96
N VAL C 248 -0.54 -10.55 10.81
CA VAL C 248 -0.47 -9.19 10.32
C VAL C 248 0.87 -8.93 9.65
N LYS C 249 1.95 -9.48 10.22
CA LYS C 249 3.27 -9.30 9.63
C LYS C 249 3.39 -10.02 8.29
N ALA C 250 2.78 -11.20 8.18
CA ALA C 250 2.86 -11.93 6.91
C ALA C 250 2.15 -11.16 5.80
N LEU C 251 0.96 -10.64 6.09
CA LEU C 251 0.21 -9.86 5.11
C LEU C 251 0.94 -8.56 4.77
N ALA C 252 1.50 -7.87 5.77
CA ALA C 252 2.22 -6.65 5.49
C ALA C 252 3.50 -6.89 4.71
N ALA C 253 4.00 -8.14 4.70
CA ALA C 253 5.20 -8.48 3.94
C ALA C 253 4.90 -8.83 2.50
N GLY C 254 3.63 -8.88 2.09
CA GLY C 254 3.28 -9.08 0.71
C GLY C 254 2.29 -10.18 0.41
N ALA C 255 1.88 -10.93 1.44
CA ALA C 255 0.97 -12.05 1.24
C ALA C 255 -0.48 -11.57 1.22
N HIS C 256 -1.27 -12.16 0.32
CA HIS C 256 -2.70 -11.89 0.29
C HIS C 256 -3.44 -12.62 1.38
N VAL C 257 -2.99 -13.84 1.69
CA VAL C 257 -3.70 -14.73 2.58
C VAL C 257 -2.67 -15.56 3.32
N VAL C 258 -3.04 -16.00 4.52
CA VAL C 258 -2.18 -16.85 5.32
C VAL C 258 -2.88 -18.19 5.51
N MET C 259 -2.06 -19.23 5.66
CA MET C 259 -2.53 -20.58 5.91
C MET C 259 -2.05 -21.02 7.30
N LEU C 260 -2.96 -21.53 8.11
CA LEU C 260 -2.67 -21.90 9.49
C LEU C 260 -2.93 -23.39 9.70
N GLY C 261 -2.10 -23.98 10.57
CA GLY C 261 -2.29 -25.36 10.96
C GLY C 261 -2.47 -25.51 12.46
N SER C 262 -1.43 -25.20 13.26
CA SER C 262 -1.52 -25.41 14.70
C SER C 262 -2.58 -24.54 15.34
N MET C 263 -2.76 -23.31 14.85
CA MET C 263 -3.77 -22.43 15.43
C MET C 263 -5.18 -22.89 15.12
N PHE C 264 -5.34 -23.86 14.22
CA PHE C 264 -6.65 -24.42 13.91
C PHE C 264 -6.82 -25.86 14.39
N ALA C 265 -5.72 -26.53 14.75
CA ALA C 265 -5.80 -27.94 15.12
C ALA C 265 -6.57 -28.17 16.40
N GLY C 266 -6.64 -27.17 17.28
CA GLY C 266 -7.35 -27.37 18.54
C GLY C 266 -8.84 -27.10 18.53
N VAL C 267 -9.42 -26.63 17.43
CA VAL C 267 -10.84 -26.28 17.41
C VAL C 267 -11.68 -27.54 17.27
N ALA C 268 -12.96 -27.41 17.64
CA ALA C 268 -13.86 -28.55 17.67
C ALA C 268 -14.10 -29.13 16.28
N GLU C 269 -14.26 -28.27 15.26
CA GLU C 269 -14.60 -28.78 13.93
C GLU C 269 -13.41 -29.32 13.17
N SER C 270 -12.49 -30.02 13.84
CA SER C 270 -11.34 -30.53 13.10
C SER C 270 -11.28 -32.03 13.26
N PRO C 271 -10.76 -32.76 12.26
CA PRO C 271 -10.84 -34.23 12.31
C PRO C 271 -10.15 -34.79 13.54
N GLY C 272 -10.68 -35.92 13.99
CA GLY C 272 -10.25 -36.51 15.24
C GLY C 272 -11.06 -35.97 16.40
N GLU C 273 -11.05 -36.71 17.50
CA GLU C 273 -11.80 -36.33 18.68
C GLU C 273 -10.87 -35.96 19.81
N THR C 274 -11.40 -35.19 20.75
CA THR C 274 -10.61 -34.70 21.87
C THR C 274 -10.15 -35.86 22.75
N GLU C 275 -8.88 -35.80 23.13
CA GLU C 275 -8.23 -36.74 24.05
C GLU C 275 -7.91 -36.04 25.37
N ILE C 276 -7.92 -36.83 26.44
CA ILE C 276 -7.67 -36.30 27.78
C ILE C 276 -6.26 -36.74 28.18
N TYR C 277 -5.45 -35.76 28.53
CA TYR C 277 -4.06 -35.94 28.97
C TYR C 277 -3.83 -35.08 30.19
N GLN C 278 -3.45 -35.72 31.30
CA GLN C 278 -3.16 -35.01 32.54
C GLN C 278 -4.39 -34.22 33.00
N GLY C 279 -5.57 -34.79 32.75
CA GLY C 279 -6.80 -34.18 33.14
C GLY C 279 -7.27 -33.04 32.26
N ARG C 280 -6.50 -32.70 31.23
CA ARG C 280 -6.81 -31.59 30.34
C ARG C 280 -7.15 -32.11 28.94
N GLN C 281 -7.92 -31.33 28.21
CA GLN C 281 -8.41 -31.72 26.90
C GLN C 281 -7.43 -31.29 25.81
N PHE C 282 -7.09 -32.22 24.93
CA PHE C 282 -6.15 -31.96 23.84
C PHE C 282 -6.69 -32.58 22.56
N LYS C 283 -6.19 -32.07 21.43
CA LYS C 283 -6.43 -32.69 20.13
C LYS C 283 -5.08 -33.00 19.49
N VAL C 284 -5.02 -34.13 18.78
CA VAL C 284 -3.79 -34.56 18.11
C VAL C 284 -3.48 -33.61 16.97
N TYR C 285 -2.20 -33.23 16.86
CA TYR C 285 -1.73 -32.42 15.74
C TYR C 285 -0.37 -32.93 15.30
N ARG C 286 -0.27 -33.34 14.04
CA ARG C 286 0.95 -33.96 13.53
C ARG C 286 1.24 -33.46 12.13
N GLY C 287 2.51 -33.49 11.75
CA GLY C 287 2.88 -33.14 10.40
C GLY C 287 2.53 -34.22 9.41
N MET C 288 2.23 -33.79 8.18
CA MET C 288 1.94 -34.74 7.10
C MET C 288 3.16 -35.52 6.65
N GLY C 289 4.37 -35.10 7.02
CA GLY C 289 5.58 -35.85 6.81
C GLY C 289 6.05 -36.66 7.99
N SER C 290 5.22 -36.82 9.02
CA SER C 290 5.53 -37.58 10.23
C SER C 290 5.28 -39.08 10.02
N VAL C 291 5.84 -39.88 10.94
CA VAL C 291 5.67 -41.34 10.85
C VAL C 291 4.20 -41.73 10.89
N GLY C 292 3.45 -41.13 11.81
CA GLY C 292 2.05 -41.50 11.95
C GLY C 292 1.23 -41.18 10.71
N ALA C 293 1.46 -40.00 10.12
CA ALA C 293 0.66 -39.59 8.97
C ALA C 293 0.99 -40.43 7.75
N MET C 294 2.22 -40.95 7.66
CA MET C 294 2.62 -41.72 6.50
C MET C 294 2.20 -43.19 6.59
N GLU C 295 1.98 -43.70 7.79
CA GLU C 295 1.47 -45.06 7.96
C GLU C 295 0.01 -45.18 7.52
N LEU C 310 10.78 -42.54 2.47
CA LEU C 310 11.78 -41.56 2.91
C LEU C 310 11.77 -41.40 4.43
N VAL C 311 12.62 -40.53 4.94
CA VAL C 311 12.72 -40.25 6.37
C VAL C 311 11.73 -39.15 6.72
N PRO C 312 11.27 -39.03 7.97
CA PRO C 312 10.23 -38.05 8.25
C PRO C 312 10.77 -36.63 8.23
N GLU C 313 9.88 -35.70 7.89
CA GLU C 313 10.15 -34.28 7.95
C GLU C 313 9.10 -33.57 8.81
N GLY C 314 8.52 -34.34 9.73
CA GLY C 314 7.54 -33.81 10.67
C GLY C 314 7.49 -34.67 11.91
N ILE C 315 6.79 -34.16 12.92
CA ILE C 315 6.63 -34.83 14.20
C ILE C 315 5.14 -34.92 14.54
N GLU C 316 4.84 -35.75 15.52
CA GLU C 316 3.48 -35.94 16.01
C GLU C 316 3.37 -35.27 17.37
N GLY C 317 2.33 -34.48 17.56
CA GLY C 317 2.23 -33.72 18.77
C GLY C 317 0.82 -33.53 19.28
N ARG C 318 0.64 -32.52 20.13
CA ARG C 318 -0.61 -32.34 20.85
C ARG C 318 -0.86 -30.87 21.09
N VAL C 319 -2.11 -30.43 20.91
CA VAL C 319 -2.48 -29.03 21.10
C VAL C 319 -3.67 -28.93 22.04
N PRO C 320 -3.82 -27.84 22.79
CA PRO C 320 -4.98 -27.72 23.67
C PRO C 320 -6.27 -27.63 22.87
N TYR C 321 -7.33 -28.18 23.45
CA TYR C 321 -8.65 -28.01 22.85
C TYR C 321 -9.07 -26.55 23.03
N LYS C 322 -9.57 -25.95 21.95
CA LYS C 322 -9.81 -24.52 21.91
C LYS C 322 -11.28 -24.17 21.76
N GLY C 323 -12.15 -25.16 21.59
CA GLY C 323 -13.57 -24.92 21.48
C GLY C 323 -13.98 -24.65 20.05
N PRO C 324 -15.02 -23.84 19.87
CA PRO C 324 -15.51 -23.58 18.51
C PRO C 324 -14.51 -22.79 17.70
N LEU C 325 -14.55 -23.01 16.38
CA LEU C 325 -13.65 -22.31 15.48
C LEU C 325 -13.87 -20.81 15.51
N ALA C 326 -15.12 -20.38 15.69
CA ALA C 326 -15.45 -18.96 15.63
C ALA C 326 -14.68 -18.15 16.66
N ASP C 327 -14.41 -18.73 17.84
CA ASP C 327 -13.71 -17.99 18.89
C ASP C 327 -12.27 -17.70 18.51
N THR C 328 -11.59 -18.65 17.87
CA THR C 328 -10.24 -18.41 17.38
C THR C 328 -10.24 -17.42 16.22
N VAL C 329 -11.19 -17.57 15.28
CA VAL C 329 -11.26 -16.66 14.14
C VAL C 329 -11.51 -15.23 14.60
N HIS C 330 -12.36 -15.05 15.62
CA HIS C 330 -12.62 -13.70 16.13
C HIS C 330 -11.35 -13.07 16.69
N GLN C 331 -10.56 -13.84 17.45
CA GLN C 331 -9.32 -13.29 18.01
C GLN C 331 -8.29 -13.01 16.92
N LEU C 332 -8.20 -13.90 15.93
CA LEU C 332 -7.26 -13.70 14.83
C LEU C 332 -7.63 -12.46 14.01
N VAL C 333 -8.88 -12.37 13.58
CA VAL C 333 -9.28 -11.22 12.78
C VAL C 333 -9.22 -9.95 13.61
N GLY C 334 -9.61 -10.03 14.88
CA GLY C 334 -9.58 -8.85 15.72
C GLY C 334 -8.19 -8.27 15.88
N GLY C 335 -7.18 -9.14 16.05
CA GLY C 335 -5.82 -8.66 16.09
C GLY C 335 -5.39 -8.02 14.77
N LEU C 336 -5.86 -8.58 13.65
CA LEU C 336 -5.57 -7.99 12.35
C LEU C 336 -6.19 -6.61 12.22
N ARG C 337 -7.43 -6.44 12.68
CA ARG C 337 -8.08 -5.14 12.62
C ARG C 337 -7.30 -4.13 13.46
N ALA C 338 -6.79 -4.56 14.60
CA ALA C 338 -5.97 -3.69 15.43
C ALA C 338 -4.68 -3.30 14.71
N GLY C 339 -4.01 -4.28 14.08
CA GLY C 339 -2.78 -3.99 13.36
C GLY C 339 -2.98 -3.05 12.19
N MET C 340 -4.04 -3.27 11.41
CA MET C 340 -4.31 -2.40 10.27
C MET C 340 -4.65 -0.99 10.73
N GLY C 341 -5.34 -0.87 11.86
CA GLY C 341 -5.60 0.43 12.44
C GLY C 341 -4.34 1.11 12.95
N TYR C 342 -3.43 0.33 13.54
CA TYR C 342 -2.15 0.91 13.95
C TYR C 342 -1.35 1.40 12.74
N CYS C 343 -1.46 0.69 11.61
CA CYS C 343 -0.70 1.01 10.41
C CYS C 343 -1.44 1.96 9.48
N GLY C 344 -2.68 2.32 9.79
CA GLY C 344 -3.45 3.20 8.92
C GLY C 344 -3.93 2.56 7.65
N ALA C 345 -4.12 1.25 7.65
CA ALA C 345 -4.57 0.50 6.47
C ALA C 345 -6.08 0.32 6.53
N GLN C 346 -6.78 0.83 5.51
CA GLN C 346 -8.22 0.60 5.43
C GLN C 346 -8.54 -0.76 4.86
N ASP C 347 -7.69 -1.27 3.97
CA ASP C 347 -7.85 -2.59 3.39
C ASP C 347 -6.48 -3.25 3.30
N LEU C 348 -6.48 -4.52 2.90
CA LEU C 348 -5.24 -5.29 2.92
C LEU C 348 -4.25 -4.83 1.86
N GLU C 349 -4.71 -4.20 0.78
CA GLU C 349 -3.78 -3.73 -0.22
C GLU C 349 -2.95 -2.56 0.31
N PHE C 350 -3.57 -1.68 1.10
CA PHE C 350 -2.81 -0.58 1.71
C PHE C 350 -1.73 -1.12 2.64
N LEU C 351 -2.08 -2.11 3.47
CA LEU C 351 -1.08 -2.74 4.33
C LEU C 351 -0.01 -3.43 3.50
N ARG C 352 -0.43 -4.08 2.41
CA ARG C 352 0.52 -4.81 1.57
C ARG C 352 1.52 -3.88 0.92
N GLU C 353 1.09 -2.66 0.56
CA GLU C 353 1.90 -1.77 -0.25
C GLU C 353 2.60 -0.67 0.56
N ASN C 354 2.16 -0.41 1.79
CA ASN C 354 2.67 0.72 2.55
C ASN C 354 3.29 0.36 3.89
N ALA C 355 2.94 -0.77 4.48
CA ALA C 355 3.40 -1.06 5.83
C ALA C 355 4.91 -1.23 5.87
N GLN C 356 5.52 -0.61 6.87
CA GLN C 356 6.97 -0.64 7.07
C GLN C 356 7.26 -1.43 8.34
N PHE C 357 8.34 -2.21 8.31
CA PHE C 357 8.81 -2.95 9.47
C PHE C 357 10.00 -2.26 10.11
N ILE C 358 10.31 -2.67 11.34
CA ILE C 358 11.54 -2.27 12.00
C ILE C 358 12.18 -3.52 12.61
N ARG C 359 13.48 -3.68 12.40
CA ARG C 359 14.15 -4.86 12.91
C ARG C 359 14.56 -4.67 14.37
N MET C 360 14.54 -5.77 15.12
CA MET C 360 14.86 -5.74 16.53
C MET C 360 15.64 -6.99 16.89
N SER C 361 16.27 -6.97 18.07
CA SER C 361 17.06 -8.06 18.57
C SER C 361 16.23 -8.98 19.45
N GLY C 362 16.88 -10.00 20.01
CA GLY C 362 16.19 -10.85 20.96
C GLY C 362 15.71 -10.09 22.18
N ALA C 363 16.49 -9.11 22.63
CA ALA C 363 16.04 -8.25 23.73
C ALA C 363 14.80 -7.47 23.34
N GLY C 364 14.69 -7.08 22.07
CA GLY C 364 13.48 -6.42 21.62
C GLY C 364 12.29 -7.35 21.65
N LEU C 365 12.51 -8.62 21.32
CA LEU C 365 11.44 -9.62 21.40
C LEU C 365 11.02 -9.83 22.84
N LEU C 366 11.97 -9.84 23.78
CA LEU C 366 11.63 -9.98 25.19
C LEU C 366 10.80 -8.81 25.69
N GLU C 367 11.02 -7.62 25.13
CA GLU C 367 10.20 -6.46 25.48
C GLU C 367 8.82 -6.53 24.84
N SER C 368 8.72 -7.10 23.64
CA SER C 368 7.44 -7.17 22.96
C SER C 368 6.44 -8.04 23.71
N HIS C 369 6.88 -9.15 24.26
CA HIS C 369 6.06 -10.03 25.08
C HIS C 369 5.86 -9.44 26.48
N PRO C 370 4.84 -9.90 27.21
CA PRO C 370 4.76 -9.55 28.63
C PRO C 370 5.99 -10.06 29.37
N HIS C 371 6.47 -9.25 30.31
CA HIS C 371 7.70 -9.56 31.02
C HIS C 371 7.61 -9.07 32.45
N HIS C 372 8.33 -9.73 33.35
CA HIS C 372 8.48 -9.29 34.73
C HIS C 372 7.15 -9.14 35.45
N VAL C 373 6.16 -9.91 35.04
CA VAL C 373 4.85 -9.95 35.70
C VAL C 373 4.38 -11.38 35.73
N GLN C 374 4.01 -11.88 36.91
CA GLN C 374 3.51 -13.24 37.04
C GLN C 374 2.08 -13.25 36.53
N ILE C 375 1.85 -13.94 35.42
CA ILE C 375 0.55 -13.94 34.76
C ILE C 375 -0.39 -14.87 35.52
N THR C 376 -1.54 -14.34 35.95
CA THR C 376 -2.53 -15.09 36.70
C THR C 376 -3.67 -15.64 35.86
N LYS C 377 -4.05 -14.94 34.79
CA LYS C 377 -5.18 -15.32 33.96
C LYS C 377 -4.74 -15.51 32.51
N GLU C 378 -5.49 -16.34 31.78
CA GLU C 378 -5.27 -16.61 30.37
C GLU C 378 -6.06 -15.63 29.52
N ALA C 379 -5.36 -14.95 28.61
CA ALA C 379 -6.08 -14.10 27.67
C ALA C 379 -6.57 -14.95 26.49
N PRO C 380 -7.71 -14.58 25.89
CA PRO C 380 -8.20 -15.35 24.72
C PRO C 380 -7.27 -15.30 23.50
N ASN C 381 -6.36 -14.33 23.42
CA ASN C 381 -5.42 -14.24 22.31
C ASN C 381 -3.97 -14.50 22.72
N TYR C 382 -3.71 -14.69 24.01
CA TYR C 382 -2.34 -14.92 24.50
C TYR C 382 -2.40 -16.05 25.52
N SER C 383 -1.79 -17.19 25.19
CA SER C 383 -1.79 -18.33 26.08
C SER C 383 -0.39 -18.85 26.29
N PHE D 20 51.28 1.34 10.68
CA PHE D 20 52.53 0.61 10.53
C PHE D 20 52.29 -0.91 10.59
N GLN D 21 53.34 -1.68 10.28
CA GLN D 21 53.22 -3.14 10.27
C GLN D 21 52.84 -3.68 11.64
N SER D 22 53.47 -3.15 12.69
CA SER D 22 53.23 -3.67 14.03
C SER D 22 51.79 -3.44 14.48
N ASN D 23 51.14 -2.43 13.93
CA ASN D 23 49.78 -2.03 14.30
C ASN D 23 48.72 -2.73 13.47
N ALA D 24 49.11 -3.39 12.38
CA ALA D 24 48.15 -4.06 11.51
C ALA D 24 47.46 -5.19 12.26
N MET D 25 48.25 -6.00 12.97
CA MET D 25 47.71 -7.10 13.76
C MET D 25 46.86 -6.57 14.92
N TRP D 26 47.19 -5.39 15.44
CA TRP D 26 46.45 -4.85 16.56
C TRP D 26 45.06 -4.36 16.13
N GLU D 27 44.96 -3.78 14.93
CA GLU D 27 43.68 -3.26 14.46
C GLU D 27 42.80 -4.30 13.77
N SER D 28 43.33 -5.48 13.46
CA SER D 28 42.53 -6.52 12.85
C SER D 28 42.04 -7.54 13.87
N LYS D 29 42.17 -7.24 15.16
CA LYS D 29 41.87 -8.22 16.20
C LYS D 29 40.42 -8.69 16.13
N PHE D 30 39.49 -7.77 15.88
CA PHE D 30 38.07 -8.08 15.99
C PHE D 30 37.36 -7.94 14.65
N VAL D 31 38.07 -8.22 13.55
CA VAL D 31 37.51 -8.03 12.22
C VAL D 31 36.74 -9.26 11.74
N LYS D 32 37.27 -10.46 11.98
CA LYS D 32 36.68 -11.68 11.43
C LYS D 32 35.34 -12.02 12.09
N GLU D 33 34.48 -12.66 11.30
CA GLU D 33 33.15 -13.13 11.73
C GLU D 33 33.01 -14.60 11.39
N GLY D 34 32.36 -15.34 12.28
CA GLY D 34 32.22 -16.77 12.10
C GLY D 34 30.79 -17.24 12.26
N LEU D 35 30.43 -18.23 11.45
CA LEU D 35 29.09 -18.82 11.43
C LEU D 35 29.19 -20.31 11.76
N THR D 36 28.15 -20.80 12.43
CA THR D 36 28.00 -22.22 12.73
C THR D 36 26.71 -22.73 12.10
N PHE D 37 26.42 -24.02 12.33
CA PHE D 37 25.28 -24.68 11.71
C PHE D 37 23.97 -23.99 12.03
N ASP D 38 23.75 -23.61 13.30
CA ASP D 38 22.48 -23.02 13.71
C ASP D 38 22.32 -21.57 13.29
N ASP D 39 23.28 -21.02 12.56
CA ASP D 39 23.20 -19.65 12.08
C ASP D 39 22.61 -19.55 10.68
N VAL D 40 22.49 -20.68 9.95
CA VAL D 40 22.20 -20.67 8.53
C VAL D 40 21.16 -21.72 8.18
N LEU D 41 20.65 -21.61 6.94
CA LEU D 41 19.80 -22.61 6.30
C LEU D 41 20.22 -22.69 4.84
N LEU D 42 20.02 -23.87 4.24
CA LEU D 42 20.28 -24.03 2.81
C LEU D 42 19.10 -23.52 2.00
N VAL D 43 19.39 -22.74 0.97
CA VAL D 43 18.33 -22.19 0.11
C VAL D 43 17.91 -23.25 -0.90
N PRO D 44 16.63 -23.59 -0.99
CA PRO D 44 16.17 -24.53 -2.02
C PRO D 44 16.34 -23.94 -3.41
N ALA D 45 16.83 -24.76 -4.34
CA ALA D 45 17.11 -24.31 -5.70
C ALA D 45 16.30 -25.14 -6.69
N LYS D 46 16.40 -24.74 -7.97
CA LYS D 46 15.78 -25.49 -9.05
C LYS D 46 16.31 -26.92 -9.03
N SER D 47 15.40 -27.89 -9.13
CA SER D 47 15.77 -29.29 -9.00
C SER D 47 15.01 -30.17 -9.98
N ASP D 48 15.71 -31.02 -10.70
CA ASP D 48 15.07 -32.04 -11.51
C ASP D 48 15.29 -33.46 -10.97
N VAL D 49 15.97 -33.62 -9.84
CA VAL D 49 16.35 -34.91 -9.30
C VAL D 49 15.59 -35.15 -8.00
N LEU D 50 15.30 -36.42 -7.73
CA LEU D 50 14.62 -36.84 -6.51
C LEU D 50 15.58 -37.51 -5.53
N PRO D 51 15.31 -37.41 -4.23
CA PRO D 51 16.23 -37.96 -3.22
C PRO D 51 16.64 -39.41 -3.47
N ARG D 52 15.74 -40.25 -3.95
CA ARG D 52 16.11 -41.64 -4.17
C ARG D 52 17.12 -41.79 -5.30
N GLU D 53 17.22 -40.80 -6.19
CA GLU D 53 18.02 -40.91 -7.40
C GLU D 53 19.38 -40.23 -7.29
N VAL D 54 19.69 -39.61 -6.15
CA VAL D 54 20.95 -38.88 -6.04
C VAL D 54 22.08 -39.85 -5.70
N SER D 55 23.30 -39.39 -5.94
CA SER D 55 24.50 -40.14 -5.63
C SER D 55 25.17 -39.56 -4.39
N VAL D 56 25.48 -40.41 -3.43
CA VAL D 56 26.16 -39.98 -2.21
C VAL D 56 27.57 -40.55 -2.14
N LYS D 57 28.11 -41.00 -3.28
CA LYS D 57 29.48 -41.50 -3.32
C LYS D 57 30.46 -40.35 -3.17
N THR D 58 31.63 -40.65 -2.60
CA THR D 58 32.64 -39.61 -2.44
C THR D 58 34.02 -40.25 -2.49
N VAL D 59 34.98 -39.52 -3.03
CA VAL D 59 36.33 -39.99 -3.11
C VAL D 59 37.27 -39.10 -2.33
N LEU D 60 37.93 -39.67 -1.34
CA LEU D 60 38.91 -38.97 -0.53
C LEU D 60 40.30 -39.06 -1.16
N SER D 61 40.58 -40.20 -1.79
CA SER D 61 41.76 -40.39 -2.63
C SER D 61 41.49 -41.60 -3.53
N GLU D 62 42.44 -41.89 -4.43
CA GLU D 62 42.27 -43.05 -5.30
C GLU D 62 42.24 -44.35 -4.50
N SER D 63 42.85 -44.37 -3.31
CA SER D 63 42.87 -45.57 -2.48
C SER D 63 41.75 -45.61 -1.45
N LEU D 64 40.97 -44.52 -1.33
CA LEU D 64 39.95 -44.41 -0.29
C LEU D 64 38.69 -43.83 -0.92
N GLN D 65 37.70 -44.68 -1.21
CA GLN D 65 36.43 -44.24 -1.76
C GLN D 65 35.32 -44.77 -0.89
N LEU D 66 34.40 -43.90 -0.48
CA LEU D 66 33.30 -44.24 0.40
C LEU D 66 31.99 -44.08 -0.36
N ASN D 67 31.05 -44.99 -0.08
CA ASN D 67 29.73 -44.92 -0.71
C ASN D 67 28.81 -43.93 0.02
N ILE D 68 29.03 -43.72 1.31
CA ILE D 68 28.30 -42.73 2.09
C ILE D 68 29.30 -41.81 2.76
N PRO D 69 29.02 -40.52 2.88
CA PRO D 69 30.03 -39.56 3.40
C PRO D 69 30.01 -39.45 4.93
N LEU D 70 30.25 -40.57 5.61
CA LEU D 70 30.18 -40.64 7.07
C LEU D 70 31.39 -41.37 7.62
N ILE D 71 32.03 -40.78 8.61
CA ILE D 71 33.17 -41.39 9.30
C ILE D 71 32.90 -41.37 10.79
N SER D 72 33.06 -42.52 11.45
CA SER D 72 32.91 -42.56 12.90
C SER D 72 34.19 -42.10 13.57
N ALA D 73 34.05 -41.29 14.62
CA ALA D 73 35.18 -40.62 15.24
C ALA D 73 36.09 -41.63 15.97
N GLY D 74 37.37 -41.28 16.03
CA GLY D 74 38.35 -42.13 16.69
C GLY D 74 38.45 -41.88 18.18
N MET D 75 37.41 -42.27 18.92
CA MET D 75 37.35 -42.04 20.35
C MET D 75 37.10 -43.35 21.06
N ASP D 76 37.59 -43.46 22.29
CA ASP D 76 37.49 -44.73 23.01
C ASP D 76 36.06 -45.09 23.40
N THR D 77 35.08 -44.23 23.12
CA THR D 77 33.68 -44.54 23.38
C THR D 77 32.85 -44.60 22.10
N VAL D 78 33.49 -44.52 20.92
CA VAL D 78 32.79 -44.42 19.65
C VAL D 78 33.12 -45.58 18.71
N THR D 79 34.41 -45.79 18.44
CA THR D 79 34.81 -46.65 17.32
C THR D 79 35.82 -47.69 17.79
N GLU D 80 35.46 -48.96 17.66
CA GLU D 80 36.42 -50.05 17.75
C GLU D 80 36.16 -51.00 16.58
N ALA D 81 36.58 -52.25 16.73
CA ALA D 81 36.49 -53.21 15.64
C ALA D 81 35.05 -53.38 15.17
N ASP D 82 34.14 -53.63 16.10
CA ASP D 82 32.74 -53.87 15.73
C ASP D 82 32.10 -52.63 15.10
N MET D 83 32.50 -51.44 15.52
CA MET D 83 31.95 -50.23 14.92
C MET D 83 32.52 -50.01 13.52
N ALA D 84 33.85 -50.16 13.38
CA ALA D 84 34.47 -49.98 12.09
C ALA D 84 33.95 -50.99 11.09
N ILE D 85 33.71 -52.21 11.55
CA ILE D 85 33.16 -53.25 10.67
C ILE D 85 31.78 -52.83 10.19
N ALA D 86 30.90 -52.43 11.11
CA ALA D 86 29.56 -52.02 10.71
C ALA D 86 29.58 -50.75 9.88
N MET D 87 30.48 -49.80 10.22
CA MET D 87 30.60 -48.57 9.44
C MET D 87 30.98 -48.85 7.99
N ALA D 88 32.05 -49.62 7.77
CA ALA D 88 32.51 -49.90 6.42
C ALA D 88 31.46 -50.68 5.63
N ARG D 89 30.75 -51.60 6.30
CA ARG D 89 29.74 -52.41 5.63
C ARG D 89 28.58 -51.56 5.13
N GLN D 90 28.32 -50.44 5.79
CA GLN D 90 27.34 -49.47 5.34
C GLN D 90 27.85 -48.57 4.24
N GLY D 91 29.12 -48.69 3.86
CA GLY D 91 29.73 -47.80 2.90
C GLY D 91 30.55 -46.69 3.49
N GLY D 92 30.83 -46.72 4.80
CA GLY D 92 31.55 -45.66 5.45
C GLY D 92 32.95 -46.02 5.92
N LEU D 93 33.37 -45.41 7.02
CA LEU D 93 34.72 -45.60 7.51
C LEU D 93 34.73 -45.43 9.03
N GLY D 94 35.53 -46.24 9.70
CA GLY D 94 35.73 -46.13 11.13
C GLY D 94 37.19 -45.94 11.46
N ILE D 95 37.46 -45.07 12.42
CA ILE D 95 38.82 -44.73 12.84
C ILE D 95 39.04 -45.33 14.22
N ILE D 96 39.86 -46.37 14.29
CA ILE D 96 40.16 -46.99 15.58
C ILE D 96 40.93 -46.01 16.45
N HIS D 97 40.46 -45.79 17.67
CA HIS D 97 41.05 -44.80 18.54
C HIS D 97 42.42 -45.27 19.04
N LYS D 98 43.19 -44.32 19.57
CA LYS D 98 44.59 -44.54 19.92
C LYS D 98 44.83 -44.86 21.39
N ASN D 99 43.79 -44.81 22.23
CA ASN D 99 43.94 -45.13 23.66
C ASN D 99 44.02 -46.65 23.83
N MET D 100 45.11 -47.20 23.29
CA MET D 100 45.39 -48.62 23.30
C MET D 100 46.90 -48.80 23.20
N SER D 101 47.35 -50.02 23.43
CA SER D 101 48.74 -50.35 23.13
C SER D 101 48.89 -50.45 21.61
N ILE D 102 50.13 -50.43 21.14
CA ILE D 102 50.37 -50.55 19.71
C ILE D 102 49.88 -51.89 19.20
N GLU D 103 50.09 -52.95 19.97
CA GLU D 103 49.73 -54.30 19.53
C GLU D 103 48.22 -54.48 19.49
N GLN D 104 47.49 -53.88 20.44
CA GLN D 104 46.04 -53.99 20.41
C GLN D 104 45.45 -53.24 19.22
N GLN D 105 45.98 -52.07 18.90
CA GLN D 105 45.42 -51.28 17.81
C GLN D 105 45.68 -51.97 16.47
N ALA D 106 46.86 -52.56 16.29
CA ALA D 106 47.16 -53.27 15.06
C ALA D 106 46.24 -54.48 14.88
N GLU D 107 45.95 -55.19 15.97
CA GLU D 107 45.03 -56.32 15.84
C GLU D 107 43.60 -55.86 15.63
N GLN D 108 43.24 -54.68 16.14
CA GLN D 108 41.89 -54.18 15.84
C GLN D 108 41.78 -53.85 14.37
N VAL D 109 42.83 -53.24 13.80
CA VAL D 109 42.86 -53.00 12.36
C VAL D 109 42.78 -54.33 11.62
N ASP D 110 43.56 -55.31 12.05
CA ASP D 110 43.56 -56.60 11.38
C ASP D 110 42.21 -57.29 11.49
N LYS D 111 41.52 -57.12 12.62
CA LYS D 111 40.19 -57.68 12.75
C LYS D 111 39.24 -57.11 11.70
N VAL D 112 39.34 -55.81 11.43
CA VAL D 112 38.47 -55.20 10.42
C VAL D 112 38.87 -55.64 9.01
N LYS D 113 40.18 -55.75 8.76
CA LYS D 113 40.63 -56.15 7.44
C LYS D 113 40.24 -57.59 7.15
N ARG D 114 40.36 -58.47 8.15
CA ARG D 114 40.01 -59.87 7.97
C ARG D 114 38.51 -60.06 7.75
N SER D 115 37.70 -59.08 8.14
CA SER D 115 36.24 -59.21 8.08
C SER D 115 35.69 -58.76 6.73
N GLY D 116 36.25 -59.30 5.65
CA GLY D 116 35.78 -59.03 4.32
C GLY D 116 36.59 -58.01 3.54
N GLY D 117 37.79 -57.67 3.99
CA GLY D 117 38.59 -56.67 3.30
C GLY D 117 38.00 -55.28 3.39
N LEU D 118 37.44 -54.93 4.56
CA LEU D 118 36.76 -53.66 4.70
C LEU D 118 37.76 -52.53 4.93
N LEU D 119 37.34 -51.32 4.59
CA LEU D 119 38.19 -50.16 4.85
C LEU D 119 38.20 -49.85 6.34
N VAL D 120 39.35 -49.39 6.82
CA VAL D 120 39.53 -49.09 8.23
C VAL D 120 40.62 -48.04 8.38
N GLY D 121 40.49 -47.20 9.41
CA GLY D 121 41.50 -46.23 9.75
C GLY D 121 41.93 -46.39 11.19
N ALA D 122 43.00 -45.69 11.53
CA ALA D 122 43.55 -45.76 12.88
C ALA D 122 44.15 -44.41 13.24
N ALA D 123 43.93 -44.00 14.48
CA ALA D 123 44.42 -42.72 14.97
C ALA D 123 45.83 -42.89 15.53
N VAL D 124 46.68 -41.91 15.23
CA VAL D 124 48.04 -41.85 15.76
C VAL D 124 48.28 -40.44 16.27
N GLY D 125 48.79 -40.34 17.49
CA GLY D 125 49.16 -39.04 18.02
C GLY D 125 50.57 -38.66 17.63
N VAL D 126 50.88 -37.36 17.73
CA VAL D 126 52.21 -36.87 17.38
C VAL D 126 53.08 -36.99 18.64
N THR D 127 53.77 -38.12 18.75
CA THR D 127 54.65 -38.40 19.86
C THR D 127 55.86 -39.17 19.34
N ALA D 128 56.84 -39.39 20.23
CA ALA D 128 58.03 -40.11 19.82
C ALA D 128 57.72 -41.55 19.40
N ASP D 129 56.73 -42.19 20.03
CA ASP D 129 56.34 -43.55 19.67
C ASP D 129 55.49 -43.62 18.41
N ALA D 130 55.18 -42.46 17.81
CA ALA D 130 54.24 -42.43 16.70
C ALA D 130 54.72 -43.30 15.56
N MET D 131 55.97 -43.12 15.15
CA MET D 131 56.47 -43.85 14.00
C MET D 131 56.54 -45.34 14.28
N THR D 132 56.82 -45.74 15.52
CA THR D 132 56.74 -47.14 15.88
C THR D 132 55.30 -47.65 15.79
N ARG D 133 54.34 -46.84 16.24
CA ARG D 133 52.93 -47.22 16.20
C ARG D 133 52.41 -47.31 14.76
N ILE D 134 52.82 -46.37 13.90
CA ILE D 134 52.34 -46.35 12.52
C ILE D 134 52.80 -47.59 11.76
N ASP D 135 54.04 -48.04 12.02
CA ASP D 135 54.57 -49.21 11.33
C ASP D 135 53.69 -50.43 11.57
N ALA D 136 53.30 -50.65 12.82
CA ALA D 136 52.46 -51.80 13.14
C ALA D 136 51.09 -51.70 12.47
N LEU D 137 50.61 -50.47 12.27
CA LEU D 137 49.32 -50.28 11.62
C LEU D 137 49.41 -50.55 10.12
N VAL D 138 50.51 -50.15 9.49
CA VAL D 138 50.69 -50.42 8.06
C VAL D 138 50.82 -51.91 7.80
N LYS D 139 51.51 -52.63 8.68
CA LYS D 139 51.59 -54.08 8.52
C LYS D 139 50.24 -54.74 8.77
N ALA D 140 49.39 -54.13 9.60
CA ALA D 140 48.01 -54.60 9.73
C ALA D 140 47.15 -54.21 8.54
N SER D 141 47.75 -53.57 7.53
CA SER D 141 47.09 -53.22 6.28
C SER D 141 45.99 -52.16 6.47
N VAL D 142 46.25 -51.17 7.34
CA VAL D 142 45.33 -50.06 7.51
C VAL D 142 45.29 -49.22 6.23
N ASP D 143 44.12 -48.65 5.94
CA ASP D 143 43.94 -47.85 4.73
C ASP D 143 44.30 -46.37 4.92
N ALA D 144 44.14 -45.84 6.12
CA ALA D 144 44.47 -44.44 6.39
C ALA D 144 44.84 -44.31 7.86
N ILE D 145 45.88 -43.54 8.14
CA ILE D 145 46.22 -43.21 9.52
C ILE D 145 45.76 -41.77 9.74
N VAL D 146 45.23 -41.52 10.93
CA VAL D 146 44.74 -40.20 11.30
C VAL D 146 45.72 -39.62 12.30
N LEU D 147 46.47 -38.61 11.87
CA LEU D 147 47.36 -37.87 12.77
C LEU D 147 46.50 -36.85 13.50
N ASP D 148 45.92 -37.28 14.62
CA ASP D 148 44.95 -36.51 15.37
C ASP D 148 45.67 -35.76 16.49
N THR D 149 45.53 -34.43 16.49
CA THR D 149 46.10 -33.60 17.53
C THR D 149 45.13 -32.49 17.90
N ALA D 150 45.29 -31.98 19.11
CA ALA D 150 44.48 -30.84 19.54
C ALA D 150 44.72 -29.63 18.64
N HIS D 151 45.96 -29.46 18.16
CA HIS D 151 46.33 -28.30 17.34
C HIS D 151 47.08 -28.80 16.10
N GLY D 152 46.40 -28.85 14.96
CA GLY D 152 47.04 -29.34 13.75
C GLY D 152 48.02 -28.37 13.13
N HIS D 153 47.96 -27.10 13.50
CA HIS D 153 48.84 -26.08 12.97
C HIS D 153 50.13 -25.93 13.78
N SER D 154 50.57 -26.98 14.45
CA SER D 154 51.81 -26.98 15.21
C SER D 154 52.93 -27.60 14.39
N GLN D 155 54.16 -27.13 14.65
CA GLN D 155 55.31 -27.61 13.89
C GLN D 155 55.56 -29.10 14.12
N GLY D 156 55.22 -29.62 15.31
CA GLY D 156 55.33 -31.04 15.53
C GLY D 156 54.46 -31.85 14.60
N VAL D 157 53.24 -31.37 14.33
CA VAL D 157 52.35 -32.08 13.41
C VAL D 157 52.88 -31.98 11.99
N ILE D 158 53.34 -30.80 11.58
CA ILE D 158 53.89 -30.63 10.23
C ILE D 158 55.06 -31.57 10.03
N ASP D 159 55.96 -31.66 11.01
CA ASP D 159 57.12 -32.53 10.88
C ASP D 159 56.72 -34.00 10.74
N LYS D 160 55.72 -34.44 11.52
CA LYS D 160 55.33 -35.84 11.44
C LYS D 160 54.74 -36.18 10.08
N VAL D 161 54.01 -35.25 9.46
CA VAL D 161 53.43 -35.55 8.16
C VAL D 161 54.53 -35.71 7.11
N LYS D 162 55.52 -34.82 7.13
CA LYS D 162 56.65 -34.97 6.23
C LYS D 162 57.40 -36.28 6.50
N GLU D 163 57.55 -36.63 7.78
CA GLU D 163 58.29 -37.83 8.15
C GLU D 163 57.52 -39.11 7.80
N VAL D 164 56.19 -39.06 7.82
CA VAL D 164 55.42 -40.22 7.39
C VAL D 164 55.33 -40.26 5.86
N ARG D 165 55.20 -39.11 5.22
CA ARG D 165 55.17 -39.07 3.75
C ARG D 165 56.48 -39.55 3.16
N ALA D 166 57.61 -39.30 3.83
CA ALA D 166 58.89 -39.76 3.34
C ALA D 166 58.98 -41.29 3.36
N LYS D 167 58.47 -41.92 4.42
CA LYS D 167 58.58 -43.37 4.56
C LYS D 167 57.51 -44.12 3.75
N TYR D 168 56.32 -43.54 3.59
CA TYR D 168 55.20 -44.21 2.93
C TYR D 168 54.60 -43.29 1.89
N PRO D 169 55.13 -43.30 0.65
CA PRO D 169 54.61 -42.37 -0.36
C PRO D 169 53.18 -42.63 -0.79
N SER D 170 52.63 -43.83 -0.59
CA SER D 170 51.28 -44.17 -1.02
C SER D 170 50.26 -44.18 0.11
N LEU D 171 50.69 -43.96 1.34
CA LEU D 171 49.80 -44.09 2.49
C LEU D 171 48.85 -42.90 2.60
N ASN D 172 47.56 -43.18 2.77
CA ASN D 172 46.59 -42.12 3.02
C ASN D 172 46.84 -41.51 4.39
N ILE D 173 47.12 -40.20 4.42
CA ILE D 173 47.40 -39.48 5.66
C ILE D 173 46.32 -38.43 5.86
N ILE D 174 45.60 -38.54 6.96
CA ILE D 174 44.59 -37.58 7.40
C ILE D 174 45.18 -36.80 8.55
N ALA D 175 45.39 -35.50 8.36
CA ALA D 175 46.03 -34.65 9.36
C ALA D 175 45.03 -33.63 9.90
N GLY D 176 45.02 -33.48 11.22
CA GLY D 176 44.14 -32.51 11.84
C GLY D 176 44.52 -32.34 13.29
N ASN D 177 43.77 -31.49 13.99
CA ASN D 177 42.66 -30.72 13.42
C ASN D 177 43.07 -29.29 13.19
N VAL D 178 42.50 -28.67 12.18
CA VAL D 178 42.76 -27.28 11.86
C VAL D 178 41.44 -26.56 11.70
N ALA D 179 41.52 -25.23 11.63
CA ALA D 179 40.33 -24.41 11.42
C ALA D 179 40.60 -23.22 10.52
N THR D 180 41.79 -23.13 9.93
CA THR D 180 42.15 -21.99 9.11
C THR D 180 42.65 -22.46 7.76
N ALA D 181 42.59 -21.55 6.79
CA ALA D 181 43.13 -21.83 5.46
C ALA D 181 44.65 -22.00 5.49
N GLU D 182 45.32 -21.23 6.34
CA GLU D 182 46.78 -21.31 6.46
C GLU D 182 47.20 -22.65 7.01
N ALA D 183 46.48 -23.14 8.02
CA ALA D 183 46.80 -24.45 8.58
C ALA D 183 46.49 -25.55 7.57
N THR D 184 45.46 -25.37 6.75
CA THR D 184 45.13 -26.34 5.73
C THR D 184 46.22 -26.41 4.67
N LYS D 185 46.70 -25.24 4.22
CA LYS D 185 47.76 -25.19 3.22
C LYS D 185 49.07 -25.75 3.78
N ALA D 186 49.33 -25.56 5.07
CA ALA D 186 50.55 -26.09 5.67
C ALA D 186 50.53 -27.61 5.70
N LEU D 187 49.39 -28.21 6.07
CA LEU D 187 49.34 -29.67 6.14
C LEU D 187 49.38 -30.30 4.76
N ILE D 188 48.79 -29.64 3.76
CA ILE D 188 48.84 -30.16 2.40
C ILE D 188 50.27 -30.17 1.89
N GLU D 189 51.01 -29.08 2.14
CA GLU D 189 52.41 -28.97 1.73
C GLU D 189 53.30 -29.96 2.46
N ALA D 190 52.90 -30.43 3.64
CA ALA D 190 53.67 -31.45 4.34
C ALA D 190 53.39 -32.86 3.83
N GLY D 191 52.36 -33.05 3.01
CA GLY D 191 52.08 -34.35 2.41
C GLY D 191 50.84 -35.08 2.88
N ALA D 192 49.85 -34.35 3.39
CA ALA D 192 48.61 -34.95 3.85
C ALA D 192 47.59 -35.00 2.70
N ASN D 193 46.99 -36.17 2.49
CA ASN D 193 46.00 -36.30 1.42
C ASN D 193 44.67 -35.69 1.80
N VAL D 194 44.33 -35.74 3.09
CA VAL D 194 43.05 -35.25 3.60
C VAL D 194 43.33 -34.42 4.84
N VAL D 195 42.56 -33.34 5.00
CA VAL D 195 42.68 -32.42 6.12
C VAL D 195 41.39 -32.49 6.94
N LYS D 196 41.52 -32.67 8.25
CA LYS D 196 40.37 -32.73 9.15
C LYS D 196 40.17 -31.40 9.85
N VAL D 197 38.95 -30.86 9.75
CA VAL D 197 38.63 -29.52 10.21
C VAL D 197 37.73 -29.59 11.43
N GLY D 198 38.07 -28.80 12.46
CA GLY D 198 37.28 -28.71 13.67
C GLY D 198 38.12 -28.44 14.90
N ILE D 199 38.02 -27.24 15.45
CA ILE D 199 38.69 -26.88 16.70
C ILE D 199 37.58 -26.36 17.62
N GLY D 200 37.10 -27.20 18.53
CA GLY D 200 36.14 -26.75 19.49
C GLY D 200 34.65 -27.03 19.28
N PRO D 201 34.20 -27.52 18.12
CA PRO D 201 32.74 -27.69 17.96
C PRO D 201 32.20 -28.93 18.62
N GLY D 202 33.05 -29.83 19.09
CA GLY D 202 32.59 -31.11 19.59
C GLY D 202 31.57 -30.97 20.70
N SER D 203 30.64 -31.91 20.73
CA SER D 203 29.58 -31.88 21.73
C SER D 203 30.11 -32.10 23.13
N ILE D 204 31.24 -32.81 23.27
CA ILE D 204 31.86 -33.05 24.57
C ILE D 204 33.11 -32.19 24.78
N CYS D 205 33.31 -31.19 23.94
CA CYS D 205 34.55 -30.44 23.91
C CYS D 205 34.46 -29.18 24.74
N THR D 206 35.51 -28.90 25.52
CA THR D 206 35.60 -27.68 26.31
C THR D 206 36.80 -26.84 25.92
N THR D 207 37.43 -27.13 24.78
CA THR D 207 38.60 -26.38 24.33
C THR D 207 38.32 -24.89 24.27
N ARG D 208 37.18 -24.50 23.67
CA ARG D 208 36.87 -23.08 23.53
C ARG D 208 36.55 -22.43 24.86
N VAL D 209 36.17 -23.22 25.87
CA VAL D 209 35.85 -22.67 27.19
C VAL D 209 37.09 -22.58 28.07
N VAL D 210 37.95 -23.60 28.07
CA VAL D 210 39.10 -23.59 28.96
C VAL D 210 40.34 -22.93 28.36
N ALA D 211 40.42 -22.84 27.03
CA ALA D 211 41.54 -22.17 26.37
C ALA D 211 41.15 -20.94 25.59
N GLY D 212 39.84 -20.71 25.38
CA GLY D 212 39.34 -19.55 24.66
C GLY D 212 39.53 -19.57 23.16
N VAL D 213 39.93 -20.70 22.59
CA VAL D 213 40.36 -20.80 21.20
C VAL D 213 39.36 -21.61 20.39
N GLY D 214 39.08 -21.16 19.18
CA GLY D 214 38.20 -21.90 18.29
C GLY D 214 37.77 -21.06 17.10
N VAL D 215 37.14 -21.73 16.15
CA VAL D 215 36.51 -21.07 15.01
C VAL D 215 35.16 -21.74 14.80
N PRO D 216 34.07 -20.98 14.66
CA PRO D 216 32.78 -21.59 14.36
C PRO D 216 32.89 -22.55 13.19
N GLN D 217 32.36 -23.75 13.39
CA GLN D 217 32.67 -24.89 12.53
C GLN D 217 32.31 -24.65 11.08
N LEU D 218 31.18 -23.99 10.82
CA LEU D 218 30.78 -23.78 9.44
C LEU D 218 31.72 -22.82 8.72
N THR D 219 32.22 -21.80 9.41
CA THR D 219 33.23 -20.94 8.82
C THR D 219 34.57 -21.66 8.69
N ALA D 220 34.93 -22.47 9.68
CA ALA D 220 36.17 -23.24 9.57
C ALA D 220 36.14 -24.16 8.38
N VAL D 221 35.04 -24.90 8.19
CA VAL D 221 34.96 -25.79 7.04
C VAL D 221 35.03 -25.00 5.74
N TYR D 222 34.32 -23.86 5.67
CA TYR D 222 34.33 -23.06 4.44
C TYR D 222 35.70 -22.46 4.18
N ASP D 223 36.36 -21.93 5.22
CA ASP D 223 37.68 -21.33 5.03
C ASP D 223 38.72 -22.39 4.65
N CYS D 224 38.65 -23.57 5.25
CA CYS D 224 39.63 -24.61 4.94
C CYS D 224 39.37 -25.26 3.59
N ALA D 225 38.10 -25.48 3.24
CA ALA D 225 37.80 -26.05 1.92
C ALA D 225 38.17 -25.08 0.80
N THR D 226 38.11 -23.78 1.07
CA THR D 226 38.51 -22.80 0.06
C THR D 226 39.97 -22.98 -0.32
N GLU D 227 40.83 -23.26 0.67
CA GLU D 227 42.25 -23.49 0.40
C GLU D 227 42.49 -24.88 -0.18
N ALA D 228 41.87 -25.90 0.40
CA ALA D 228 42.09 -27.27 -0.06
C ALA D 228 41.55 -27.47 -1.46
N ARG D 229 40.51 -26.72 -1.84
CA ARG D 229 39.97 -26.82 -3.18
C ARG D 229 41.05 -26.48 -4.22
N LYS D 230 41.92 -25.51 -3.89
CA LYS D 230 42.97 -25.10 -4.81
C LYS D 230 44.01 -26.18 -5.06
N HIS D 231 44.16 -27.14 -4.15
CA HIS D 231 45.11 -28.23 -4.31
C HIS D 231 44.44 -29.55 -4.67
N GLY D 232 43.12 -29.56 -4.84
CA GLY D 232 42.41 -30.80 -5.07
C GLY D 232 42.31 -31.72 -3.87
N ILE D 233 42.47 -31.19 -2.66
CA ILE D 233 42.50 -31.97 -1.43
C ILE D 233 41.12 -31.92 -0.80
N PRO D 234 40.55 -33.05 -0.37
CA PRO D 234 39.28 -33.02 0.35
C PRO D 234 39.46 -32.70 1.83
N VAL D 235 38.39 -32.21 2.45
CA VAL D 235 38.40 -31.89 3.86
C VAL D 235 37.30 -32.66 4.58
N ILE D 236 37.52 -32.91 5.86
CA ILE D 236 36.58 -33.60 6.73
C ILE D 236 36.00 -32.60 7.71
N ALA D 237 34.67 -32.50 7.75
CA ALA D 237 33.98 -31.72 8.77
C ALA D 237 33.88 -32.53 10.05
N ASP D 238 34.64 -32.16 11.06
CA ASP D 238 34.77 -32.93 12.29
C ASP D 238 34.18 -32.15 13.46
N GLY D 239 33.10 -32.66 14.03
CA GLY D 239 32.53 -32.18 15.28
C GLY D 239 31.41 -31.17 15.10
N GLY D 240 30.50 -31.15 16.08
CA GLY D 240 29.43 -30.17 16.14
C GLY D 240 28.13 -30.59 15.47
N ILE D 241 28.10 -31.73 14.79
CA ILE D 241 26.90 -32.15 14.06
C ILE D 241 25.93 -32.78 15.04
N LYS D 242 24.74 -32.19 15.17
CA LYS D 242 23.70 -32.66 16.08
C LYS D 242 22.55 -33.35 15.36
N TYR D 243 22.21 -32.91 14.16
CA TYR D 243 21.13 -33.46 13.36
C TYR D 243 21.63 -33.74 11.95
N SER D 244 20.84 -34.50 11.20
CA SER D 244 21.23 -34.83 9.84
C SER D 244 21.36 -33.59 8.97
N GLY D 245 20.61 -32.53 9.29
CA GLY D 245 20.73 -31.27 8.56
C GLY D 245 22.06 -30.59 8.76
N ASP D 246 22.69 -30.81 9.92
CA ASP D 246 24.04 -30.27 10.14
C ASP D 246 25.03 -30.91 9.18
N MET D 247 24.85 -32.21 8.89
CA MET D 247 25.71 -32.86 7.92
C MET D 247 25.52 -32.27 6.53
N VAL D 248 24.27 -32.03 6.13
CA VAL D 248 24.01 -31.45 4.82
C VAL D 248 24.62 -30.07 4.71
N LYS D 249 24.58 -29.30 5.80
CA LYS D 249 25.17 -27.97 5.79
C LYS D 249 26.69 -28.05 5.68
N ALA D 250 27.30 -29.02 6.38
CA ALA D 250 28.75 -29.15 6.34
C ALA D 250 29.23 -29.58 4.97
N LEU D 251 28.53 -30.52 4.34
CA LEU D 251 28.91 -30.92 2.99
C LEU D 251 28.71 -29.77 2.01
N ALA D 252 27.60 -29.04 2.14
CA ALA D 252 27.37 -27.90 1.27
C ALA D 252 28.33 -26.76 1.55
N ALA D 253 28.96 -26.73 2.72
CA ALA D 253 29.92 -25.67 3.01
C ALA D 253 31.31 -25.94 2.46
N GLY D 254 31.53 -27.11 1.85
CA GLY D 254 32.78 -27.41 1.19
C GLY D 254 33.44 -28.72 1.57
N ALA D 255 32.88 -29.43 2.56
CA ALA D 255 33.47 -30.66 3.05
C ALA D 255 33.08 -31.84 2.17
N HIS D 256 34.02 -32.77 1.97
CA HIS D 256 33.73 -34.00 1.24
C HIS D 256 33.00 -35.01 2.12
N VAL D 257 33.35 -35.05 3.39
CA VAL D 257 32.91 -36.08 4.31
C VAL D 257 32.78 -35.48 5.69
N VAL D 258 31.93 -36.07 6.54
CA VAL D 258 31.79 -35.60 7.92
C VAL D 258 32.17 -36.71 8.88
N MET D 259 32.67 -36.31 10.04
CA MET D 259 33.02 -37.23 11.12
C MET D 259 32.07 -37.01 12.30
N LEU D 260 31.46 -38.09 12.77
CA LEU D 260 30.45 -38.01 13.80
C LEU D 260 30.90 -38.75 15.04
N GLY D 261 30.55 -38.20 16.19
CA GLY D 261 30.83 -38.86 17.45
C GLY D 261 29.56 -39.07 18.24
N SER D 262 28.92 -37.98 18.69
CA SER D 262 27.76 -38.12 19.57
C SER D 262 26.62 -38.85 18.87
N MET D 263 26.44 -38.61 17.56
CA MET D 263 25.37 -39.28 16.84
C MET D 263 25.66 -40.77 16.63
N PHE D 264 26.88 -41.23 16.86
CA PHE D 264 27.20 -42.65 16.74
C PHE D 264 27.51 -43.34 18.06
N ALA D 265 27.78 -42.56 19.13
CA ALA D 265 28.22 -43.15 20.38
C ALA D 265 27.13 -43.99 21.04
N GLY D 266 25.87 -43.73 20.74
CA GLY D 266 24.78 -44.49 21.32
C GLY D 266 24.38 -45.75 20.60
N VAL D 267 25.00 -46.08 19.48
CA VAL D 267 24.57 -47.25 18.71
C VAL D 267 25.11 -48.52 19.34
N ALA D 268 24.49 -49.65 18.97
CA ALA D 268 24.82 -50.93 19.58
C ALA D 268 26.25 -51.33 19.32
N GLU D 269 26.75 -51.12 18.10
CA GLU D 269 28.09 -51.56 17.74
C GLU D 269 29.19 -50.61 18.17
N SER D 270 29.06 -49.96 19.32
CA SER D 270 30.14 -49.06 19.72
C SER D 270 30.67 -49.50 21.07
N PRO D 271 31.94 -49.24 21.35
CA PRO D 271 32.53 -49.74 22.61
C PRO D 271 31.78 -49.19 23.81
N GLY D 272 31.82 -49.94 24.90
CA GLY D 272 31.03 -49.65 26.07
C GLY D 272 29.68 -50.36 26.05
N GLU D 273 29.08 -50.46 27.22
CA GLU D 273 27.81 -51.15 27.38
C GLU D 273 26.70 -50.18 27.72
N THR D 274 25.47 -50.59 27.40
CA THR D 274 24.31 -49.78 27.72
C THR D 274 24.07 -49.83 29.22
N GLU D 275 23.85 -48.66 29.83
CA GLU D 275 23.48 -48.54 31.21
C GLU D 275 22.06 -47.99 31.26
N ILE D 276 21.32 -48.33 32.31
CA ILE D 276 19.91 -47.96 32.44
C ILE D 276 19.78 -46.89 33.52
N TYR D 277 19.12 -45.77 33.17
CA TYR D 277 18.84 -44.71 34.13
C TYR D 277 17.40 -44.27 33.96
N GLN D 278 16.61 -44.41 35.02
CA GLN D 278 15.20 -43.98 35.03
C GLN D 278 14.40 -44.68 33.94
N GLY D 279 14.69 -45.96 33.74
CA GLY D 279 14.00 -46.75 32.75
C GLY D 279 14.46 -46.55 31.32
N ARG D 280 15.44 -45.70 31.08
CA ARG D 280 15.92 -45.43 29.73
C ARG D 280 17.35 -45.94 29.58
N GLN D 281 17.71 -46.35 28.36
CA GLN D 281 19.01 -46.95 28.10
C GLN D 281 19.99 -45.88 27.64
N PHE D 282 21.19 -45.90 28.21
CA PHE D 282 22.20 -44.91 27.90
C PHE D 282 23.55 -45.57 27.66
N LYS D 283 24.40 -44.88 26.91
CA LYS D 283 25.80 -45.25 26.75
C LYS D 283 26.69 -44.08 27.11
N VAL D 284 27.84 -44.39 27.73
CA VAL D 284 28.80 -43.36 28.11
C VAL D 284 29.45 -42.77 26.87
N TYR D 285 29.56 -41.44 26.84
CA TYR D 285 30.23 -40.73 25.76
C TYR D 285 31.09 -39.64 26.37
N ARG D 286 32.39 -39.67 26.10
CA ARG D 286 33.30 -38.73 26.71
C ARG D 286 34.31 -38.25 25.68
N GLY D 287 34.83 -37.04 25.91
CA GLY D 287 35.89 -36.53 25.07
C GLY D 287 37.21 -37.19 25.38
N MET D 288 38.04 -37.30 24.34
CA MET D 288 39.38 -37.86 24.52
C MET D 288 40.29 -36.93 25.34
N GLY D 289 39.88 -35.68 25.55
CA GLY D 289 40.57 -34.78 26.45
C GLY D 289 39.97 -34.71 27.82
N SER D 290 39.06 -35.62 28.17
CA SER D 290 38.48 -35.66 29.49
C SER D 290 39.42 -36.35 30.47
N VAL D 291 39.17 -36.13 31.76
CA VAL D 291 39.99 -36.76 32.78
C VAL D 291 39.93 -38.28 32.65
N GLY D 292 38.73 -38.81 32.47
CA GLY D 292 38.57 -40.26 32.42
C GLY D 292 39.31 -40.92 31.27
N ALA D 293 39.25 -40.31 30.08
CA ALA D 293 39.89 -40.93 28.93
C ALA D 293 41.40 -40.85 29.00
N MET D 294 41.95 -39.78 29.61
CA MET D 294 43.40 -39.64 29.69
C MET D 294 43.99 -40.36 30.89
N GLU D 295 43.18 -40.61 31.92
CA GLU D 295 43.57 -41.37 33.09
C GLU D 295 43.82 -42.83 32.72
N LYS D 309 45.93 -32.00 38.60
CA LYS D 309 46.89 -32.94 38.00
C LYS D 309 47.26 -32.51 36.58
N LEU D 310 46.27 -31.96 35.88
CA LEU D 310 46.40 -31.56 34.48
C LEU D 310 45.19 -30.68 34.16
N VAL D 311 45.14 -30.17 32.93
CA VAL D 311 43.97 -29.39 32.52
C VAL D 311 43.28 -30.08 31.35
N PRO D 312 42.09 -30.61 31.56
CA PRO D 312 41.37 -31.29 30.49
C PRO D 312 40.73 -30.31 29.52
N GLU D 313 40.49 -30.79 28.29
CA GLU D 313 39.81 -30.01 27.27
C GLU D 313 38.55 -30.72 26.78
N GLY D 314 37.98 -31.57 27.63
CA GLY D 314 36.75 -32.29 27.34
C GLY D 314 36.07 -32.71 28.62
N ILE D 315 34.85 -33.22 28.46
CA ILE D 315 34.00 -33.65 29.58
C ILE D 315 33.54 -35.08 29.33
N GLU D 316 32.97 -35.67 30.39
CA GLU D 316 32.41 -37.02 30.38
C GLU D 316 30.89 -36.93 30.47
N GLY D 317 30.22 -37.68 29.61
CA GLY D 317 28.78 -37.58 29.55
C GLY D 317 28.07 -38.87 29.22
N ARG D 318 26.84 -38.73 28.75
CA ARG D 318 25.98 -39.88 28.51
C ARG D 318 25.03 -39.54 27.37
N VAL D 319 24.79 -40.51 26.49
CA VAL D 319 23.85 -40.31 25.39
C VAL D 319 22.85 -41.46 25.37
N PRO D 320 21.63 -41.25 24.85
CA PRO D 320 20.67 -42.36 24.79
C PRO D 320 21.13 -43.47 23.86
N TYR D 321 20.72 -44.69 24.22
CA TYR D 321 20.93 -45.85 23.35
C TYR D 321 20.07 -45.74 22.10
N LYS D 322 20.67 -46.02 20.95
CA LYS D 322 20.01 -45.79 19.67
C LYS D 322 19.78 -47.07 18.88
N GLY D 323 20.27 -48.22 19.36
CA GLY D 323 20.06 -49.47 18.70
C GLY D 323 21.15 -49.75 17.69
N PRO D 324 20.82 -50.51 16.65
CA PRO D 324 21.84 -50.84 15.65
C PRO D 324 22.23 -49.62 14.84
N LEU D 325 23.47 -49.64 14.35
CA LEU D 325 24.01 -48.51 13.58
C LEU D 325 23.20 -48.27 12.32
N ALA D 326 22.63 -49.32 11.73
CA ALA D 326 21.95 -49.19 10.45
C ALA D 326 20.80 -48.19 10.51
N ASP D 327 20.10 -48.12 11.65
CA ASP D 327 18.97 -47.21 11.75
C ASP D 327 19.43 -45.74 11.78
N THR D 328 20.53 -45.46 12.47
CA THR D 328 21.07 -44.10 12.49
C THR D 328 21.63 -43.71 11.13
N VAL D 329 22.39 -44.61 10.48
CA VAL D 329 22.94 -44.31 9.16
C VAL D 329 21.82 -44.09 8.15
N HIS D 330 20.76 -44.89 8.24
CA HIS D 330 19.63 -44.74 7.32
C HIS D 330 18.98 -43.36 7.45
N GLN D 331 18.79 -42.89 8.69
CA GLN D 331 18.22 -41.57 8.87
C GLN D 331 19.18 -40.48 8.40
N LEU D 332 20.48 -40.66 8.68
CA LEU D 332 21.49 -39.68 8.25
C LEU D 332 21.55 -39.59 6.74
N VAL D 333 21.73 -40.72 6.06
CA VAL D 333 21.83 -40.68 4.59
C VAL D 333 20.50 -40.20 4.00
N GLY D 334 19.38 -40.61 4.59
CA GLY D 334 18.08 -40.15 4.10
C GLY D 334 17.92 -38.64 4.20
N GLY D 335 18.37 -38.06 5.32
CA GLY D 335 18.33 -36.62 5.45
C GLY D 335 19.22 -35.93 4.43
N LEU D 336 20.36 -36.55 4.11
CA LEU D 336 21.23 -35.99 3.08
C LEU D 336 20.55 -36.02 1.72
N ARG D 337 19.88 -37.14 1.39
CA ARG D 337 19.22 -37.24 0.08
C ARG D 337 18.11 -36.21 -0.05
N ALA D 338 17.37 -35.95 1.04
CA ALA D 338 16.32 -34.94 0.98
C ALA D 338 16.92 -33.56 0.72
N GLY D 339 17.97 -33.21 1.46
CA GLY D 339 18.60 -31.91 1.26
C GLY D 339 19.16 -31.74 -0.14
N MET D 340 19.78 -32.79 -0.67
CA MET D 340 20.31 -32.71 -2.02
C MET D 340 19.21 -32.52 -3.05
N GLY D 341 18.05 -33.14 -2.84
CA GLY D 341 16.92 -32.92 -3.74
C GLY D 341 16.40 -31.49 -3.66
N TYR D 342 16.36 -30.92 -2.45
CA TYR D 342 15.94 -29.53 -2.30
C TYR D 342 16.90 -28.58 -3.00
N CYS D 343 18.18 -28.92 -3.06
CA CYS D 343 19.20 -28.10 -3.67
C CYS D 343 19.44 -28.41 -5.13
N GLY D 344 18.79 -29.44 -5.68
CA GLY D 344 19.07 -29.77 -7.07
C GLY D 344 20.41 -30.41 -7.31
N ALA D 345 20.96 -31.10 -6.31
CA ALA D 345 22.26 -31.73 -6.40
C ALA D 345 22.07 -33.20 -6.78
N GLN D 346 22.64 -33.61 -7.92
CA GLN D 346 22.62 -35.01 -8.30
C GLN D 346 23.72 -35.79 -7.60
N ASP D 347 24.84 -35.14 -7.30
CA ASP D 347 25.93 -35.75 -6.55
C ASP D 347 26.51 -34.71 -5.59
N LEU D 348 27.44 -35.16 -4.76
CA LEU D 348 27.99 -34.28 -3.73
C LEU D 348 28.85 -33.15 -4.31
N GLU D 349 29.41 -33.32 -5.50
CA GLU D 349 30.24 -32.25 -6.05
C GLU D 349 29.38 -31.05 -6.41
N PHE D 350 28.16 -31.29 -6.92
CA PHE D 350 27.25 -30.20 -7.20
C PHE D 350 26.86 -29.46 -5.93
N LEU D 351 26.59 -30.20 -4.84
CA LEU D 351 26.24 -29.55 -3.58
C LEU D 351 27.38 -28.69 -3.04
N ARG D 352 28.62 -29.18 -3.13
CA ARG D 352 29.74 -28.42 -2.60
C ARG D 352 29.99 -27.15 -3.40
N GLU D 353 29.68 -27.16 -4.69
CA GLU D 353 30.05 -26.08 -5.59
C GLU D 353 28.90 -25.12 -5.89
N ASN D 354 27.65 -25.50 -5.64
CA ASN D 354 26.51 -24.67 -6.03
C ASN D 354 25.58 -24.29 -4.89
N ALA D 355 25.54 -25.05 -3.79
CA ALA D 355 24.54 -24.83 -2.76
C ALA D 355 24.74 -23.47 -2.10
N GLN D 356 23.64 -22.75 -1.89
CA GLN D 356 23.65 -21.43 -1.30
C GLN D 356 22.98 -21.45 0.07
N PHE D 357 23.56 -20.72 1.02
CA PHE D 357 23.00 -20.59 2.35
C PHE D 357 22.29 -19.25 2.50
N ILE D 358 21.42 -19.17 3.51
CA ILE D 358 20.83 -17.92 3.96
C ILE D 358 21.02 -17.85 5.47
N ARG D 359 21.45 -16.69 5.95
CA ARG D 359 21.75 -16.46 7.35
C ARG D 359 20.51 -16.06 8.13
N MET D 360 20.44 -16.49 9.39
CA MET D 360 19.27 -16.21 10.22
C MET D 360 19.69 -15.94 11.65
N SER D 361 18.76 -15.39 12.42
CA SER D 361 18.98 -15.02 13.82
C SER D 361 18.54 -16.15 14.76
N GLY D 362 18.61 -15.90 16.07
CA GLY D 362 18.13 -16.87 17.03
C GLY D 362 16.64 -17.17 16.89
N ALA D 363 15.86 -16.14 16.54
CA ALA D 363 14.44 -16.39 16.27
C ALA D 363 14.26 -17.25 15.03
N GLY D 364 15.12 -17.11 14.03
CA GLY D 364 15.04 -17.99 12.87
C GLY D 364 15.30 -19.44 13.24
N LEU D 365 16.23 -19.67 14.18
CA LEU D 365 16.47 -21.02 14.64
C LEU D 365 15.26 -21.59 15.36
N LEU D 366 14.58 -20.79 16.18
CA LEU D 366 13.38 -21.30 16.86
C LEU D 366 12.25 -21.63 15.89
N GLU D 367 12.15 -20.90 14.78
CA GLU D 367 11.16 -21.23 13.75
C GLU D 367 11.55 -22.52 13.03
N SER D 368 12.85 -22.76 12.87
CA SER D 368 13.31 -23.94 12.15
C SER D 368 12.96 -25.23 12.89
N HIS D 369 13.14 -25.24 14.21
CA HIS D 369 12.70 -26.38 14.99
C HIS D 369 11.18 -26.37 15.15
N PRO D 370 10.58 -27.52 15.45
CA PRO D 370 9.17 -27.52 15.81
C PRO D 370 8.96 -26.66 17.05
N HIS D 371 7.83 -25.94 17.08
CA HIS D 371 7.59 -24.98 18.15
C HIS D 371 6.10 -24.92 18.49
N HIS D 372 5.80 -24.59 19.75
CA HIS D 372 4.44 -24.35 20.22
C HIS D 372 3.53 -25.56 20.03
N VAL D 373 4.11 -26.75 20.00
CA VAL D 373 3.35 -28.00 19.93
C VAL D 373 4.05 -29.00 20.82
N GLN D 374 3.31 -29.62 21.74
CA GLN D 374 3.87 -30.60 22.65
C GLN D 374 4.09 -31.92 21.93
N ILE D 375 5.35 -32.33 21.79
CA ILE D 375 5.69 -33.55 21.05
C ILE D 375 5.30 -34.77 21.88
N THR D 376 4.55 -35.68 21.27
CA THR D 376 4.07 -36.85 22.02
C THR D 376 4.96 -38.08 21.85
N LYS D 377 5.45 -38.33 20.65
CA LYS D 377 6.28 -39.49 20.37
C LYS D 377 7.57 -39.03 19.70
N GLU D 378 8.59 -39.86 19.81
CA GLU D 378 9.90 -39.55 19.24
C GLU D 378 9.96 -39.98 17.77
N ALA D 379 10.34 -39.05 16.90
CA ALA D 379 10.56 -39.36 15.51
C ALA D 379 11.95 -39.97 15.33
N PRO D 380 12.14 -40.81 14.31
CA PRO D 380 13.46 -41.45 14.14
C PRO D 380 14.61 -40.49 13.90
N ASN D 381 14.37 -39.26 13.43
CA ASN D 381 15.43 -38.32 13.17
C ASN D 381 15.42 -37.09 14.07
N TYR D 382 14.45 -36.94 14.97
CA TYR D 382 14.35 -35.75 15.81
C TYR D 382 14.09 -36.11 17.26
N SER D 383 15.06 -35.79 18.11
CA SER D 383 15.02 -35.98 19.56
C SER D 383 14.45 -37.33 19.96
N GLN E 21 -32.73 51.06 -20.05
CA GLN E 21 -33.77 50.15 -19.61
C GLN E 21 -34.06 49.09 -20.65
N SER E 22 -33.30 49.14 -21.75
CA SER E 22 -33.50 48.19 -22.84
C SER E 22 -33.41 46.77 -22.31
N ASN E 23 -34.38 45.96 -22.74
CA ASN E 23 -34.34 44.53 -22.47
C ASN E 23 -33.16 43.84 -23.18
N ALA E 24 -32.34 44.60 -23.93
CA ALA E 24 -31.25 44.02 -24.70
C ALA E 24 -30.27 43.25 -23.82
N MET E 25 -29.87 43.85 -22.69
CA MET E 25 -28.97 43.14 -21.80
C MET E 25 -29.65 41.91 -21.20
N TRP E 26 -30.97 41.98 -20.99
CA TRP E 26 -31.67 40.85 -20.41
C TRP E 26 -31.78 39.68 -21.39
N GLU E 27 -32.01 39.98 -22.67
CA GLU E 27 -32.20 38.94 -23.67
C GLU E 27 -30.89 38.40 -24.22
N SER E 28 -29.77 39.06 -23.95
CA SER E 28 -28.48 38.59 -24.42
C SER E 28 -27.73 37.78 -23.37
N LYS E 29 -28.41 37.37 -22.28
CA LYS E 29 -27.73 36.75 -21.15
C LYS E 29 -27.01 35.46 -21.54
N PHE E 30 -27.65 34.61 -22.35
CA PHE E 30 -27.13 33.27 -22.61
C PHE E 30 -26.80 33.06 -24.09
N VAL E 31 -26.37 34.10 -24.79
CA VAL E 31 -26.07 33.96 -26.21
C VAL E 31 -24.64 33.48 -26.46
N LYS E 32 -23.65 33.96 -25.71
CA LYS E 32 -22.27 33.60 -26.05
C LYS E 32 -21.99 32.12 -25.80
N GLU E 33 -21.05 31.58 -26.59
CA GLU E 33 -20.61 30.19 -26.49
C GLU E 33 -19.08 30.16 -26.44
N GLY E 34 -18.54 29.27 -25.62
CA GLY E 34 -17.12 29.22 -25.38
C GLY E 34 -16.54 27.84 -25.55
N LEU E 35 -15.29 27.80 -26.03
CA LEU E 35 -14.53 26.58 -26.29
C LEU E 35 -13.26 26.56 -25.47
N THR E 36 -12.84 25.35 -25.08
CA THR E 36 -11.58 25.14 -24.39
C THR E 36 -10.70 24.19 -25.22
N PHE E 37 -9.51 23.89 -24.67
CA PHE E 37 -8.53 23.08 -25.39
C PHE E 37 -9.10 21.72 -25.78
N ASP E 38 -9.82 21.08 -24.85
CA ASP E 38 -10.32 19.73 -25.07
C ASP E 38 -11.55 19.70 -25.99
N ASP E 39 -11.98 20.84 -26.52
CA ASP E 39 -13.10 20.89 -27.43
C ASP E 39 -12.70 20.84 -28.89
N VAL E 40 -11.41 21.01 -29.20
CA VAL E 40 -10.97 21.25 -30.57
C VAL E 40 -9.72 20.44 -30.89
N LEU E 41 -9.41 20.37 -32.18
CA LEU E 41 -8.16 19.82 -32.67
C LEU E 41 -7.68 20.66 -33.84
N LEU E 42 -6.36 20.75 -33.99
CA LEU E 42 -5.78 21.45 -35.13
C LEU E 42 -5.79 20.55 -36.35
N VAL E 43 -6.24 21.11 -37.47
CA VAL E 43 -6.34 20.37 -38.72
C VAL E 43 -4.97 20.32 -39.40
N PRO E 44 -4.46 19.14 -39.74
CA PRO E 44 -3.20 19.06 -40.48
C PRO E 44 -3.34 19.61 -41.90
N ALA E 45 -2.34 20.39 -42.31
CA ALA E 45 -2.29 21.01 -43.63
C ALA E 45 -1.03 20.55 -44.36
N LYS E 46 -0.93 20.95 -45.62
CA LYS E 46 0.25 20.66 -46.41
C LYS E 46 1.50 21.28 -45.78
N SER E 47 2.58 20.52 -45.77
CA SER E 47 3.78 20.92 -45.07
C SER E 47 5.00 20.72 -45.96
N ASP E 48 5.81 21.77 -46.05
CA ASP E 48 7.10 21.73 -46.69
C ASP E 48 8.26 21.77 -45.70
N VAL E 49 7.96 21.88 -44.41
CA VAL E 49 8.95 22.02 -43.35
C VAL E 49 8.86 20.81 -42.41
N LEU E 50 9.98 20.47 -41.82
CA LEU E 50 10.04 19.41 -40.83
C LEU E 50 10.12 20.01 -39.43
N PRO E 51 9.66 19.29 -38.40
CA PRO E 51 9.70 19.85 -37.02
C PRO E 51 11.08 20.38 -36.62
N ARG E 52 12.16 19.73 -37.05
CA ARG E 52 13.48 20.22 -36.68
C ARG E 52 13.77 21.57 -37.34
N GLU E 53 13.12 21.86 -38.46
CA GLU E 53 13.40 23.02 -39.28
C GLU E 53 12.43 24.17 -39.06
N VAL E 54 11.49 24.04 -38.13
CA VAL E 54 10.58 25.15 -37.85
C VAL E 54 11.26 26.14 -36.91
N SER E 55 10.76 27.38 -36.92
CA SER E 55 11.25 28.42 -36.04
C SER E 55 10.23 28.67 -34.94
N VAL E 56 10.68 28.66 -33.69
CA VAL E 56 9.79 28.89 -32.56
C VAL E 56 10.12 30.22 -31.87
N LYS E 57 10.86 31.09 -32.54
CA LYS E 57 11.13 32.40 -31.97
C LYS E 57 9.88 33.27 -32.05
N THR E 58 9.78 34.21 -31.12
CA THR E 58 8.66 35.13 -31.07
C THR E 58 9.16 36.43 -30.45
N VAL E 59 8.58 37.54 -30.88
CA VAL E 59 8.94 38.86 -30.38
C VAL E 59 7.72 39.43 -29.66
N LEU E 60 7.88 39.74 -28.37
CA LEU E 60 6.82 40.41 -27.64
C LEU E 60 6.92 41.92 -27.81
N SER E 61 8.14 42.41 -27.94
CA SER E 61 8.44 43.78 -28.34
C SER E 61 9.86 43.76 -28.88
N GLU E 62 10.29 44.91 -29.39
CA GLU E 62 11.65 44.96 -29.89
C GLU E 62 12.67 44.79 -28.78
N SER E 63 12.28 45.10 -27.54
CA SER E 63 13.16 44.98 -26.38
C SER E 63 13.01 43.65 -25.65
N LEU E 64 12.05 42.82 -26.03
CA LEU E 64 11.79 41.56 -25.35
C LEU E 64 11.55 40.54 -26.45
N GLN E 65 12.57 39.72 -26.73
CA GLN E 65 12.49 38.71 -27.76
C GLN E 65 12.82 37.36 -27.15
N LEU E 66 11.98 36.37 -27.41
CA LEU E 66 12.13 35.04 -26.85
C LEU E 66 12.41 34.05 -27.98
N ASN E 67 13.30 33.10 -27.72
CA ASN E 67 13.58 32.05 -28.69
C ASN E 67 12.58 30.91 -28.59
N ILE E 68 12.02 30.69 -27.41
CA ILE E 68 10.94 29.74 -27.24
C ILE E 68 9.76 30.49 -26.63
N PRO E 69 8.54 30.17 -27.03
CA PRO E 69 7.36 30.95 -26.58
C PRO E 69 6.81 30.45 -25.25
N LEU E 70 7.64 30.46 -24.22
CA LEU E 70 7.25 29.93 -22.92
C LEU E 70 7.66 30.89 -21.82
N ILE E 71 6.72 31.20 -20.93
CA ILE E 71 6.96 32.03 -19.76
C ILE E 71 6.48 31.27 -18.53
N SER E 72 7.35 31.15 -17.53
CA SER E 72 6.96 30.53 -16.28
C SER E 72 6.18 31.52 -15.44
N ALA E 73 5.14 31.02 -14.78
CA ALA E 73 4.21 31.89 -14.06
C ALA E 73 4.87 32.55 -12.86
N GLY E 74 4.36 33.73 -12.49
CA GLY E 74 4.84 34.45 -11.34
C GLY E 74 4.16 34.01 -10.06
N MET E 75 4.50 32.81 -9.60
CA MET E 75 3.90 32.24 -8.40
C MET E 75 5.00 31.82 -7.43
N ASP E 76 4.66 31.86 -6.14
CA ASP E 76 5.64 31.57 -5.10
C ASP E 76 6.09 30.12 -5.07
N THR E 77 5.49 29.24 -5.90
CA THR E 77 5.89 27.85 -6.02
C THR E 77 6.39 27.50 -7.42
N VAL E 78 6.56 28.49 -8.30
CA VAL E 78 6.93 28.25 -9.70
C VAL E 78 8.24 28.93 -10.07
N THR E 79 8.34 30.24 -9.86
CA THR E 79 9.42 31.02 -10.44
C THR E 79 10.09 31.90 -9.40
N GLU E 80 11.39 31.70 -9.22
CA GLU E 80 12.23 32.66 -8.53
C GLU E 80 13.50 32.83 -9.38
N ALA E 81 14.59 33.24 -8.74
CA ALA E 81 15.82 33.56 -9.47
C ALA E 81 16.32 32.36 -10.26
N ASP E 82 16.48 31.21 -9.60
CA ASP E 82 17.02 30.04 -10.31
C ASP E 82 16.08 29.58 -11.42
N MET E 83 14.77 29.74 -11.24
CA MET E 83 13.85 29.38 -12.30
C MET E 83 13.93 30.39 -13.44
N ALA E 84 13.94 31.68 -13.11
CA ALA E 84 14.06 32.71 -14.13
C ALA E 84 15.39 32.60 -14.88
N ILE E 85 16.46 32.24 -14.18
CA ILE E 85 17.75 32.03 -14.84
C ILE E 85 17.66 30.87 -15.83
N ALA E 86 17.13 29.74 -15.37
CA ALA E 86 17.01 28.58 -16.24
C ALA E 86 16.04 28.84 -17.39
N MET E 87 14.96 29.59 -17.14
CA MET E 87 14.00 29.88 -18.22
C MET E 87 14.67 30.62 -19.37
N ALA E 88 15.36 31.74 -19.06
CA ALA E 88 15.99 32.53 -20.11
C ALA E 88 17.07 31.75 -20.82
N ARG E 89 17.80 30.89 -20.10
CA ARG E 89 18.86 30.09 -20.70
C ARG E 89 18.29 29.15 -21.77
N GLN E 90 17.03 28.74 -21.60
CA GLN E 90 16.31 27.95 -22.57
C GLN E 90 15.72 28.80 -23.69
N GLY E 91 15.84 30.12 -23.59
CA GLY E 91 15.24 31.01 -24.55
C GLY E 91 13.90 31.57 -24.14
N GLY E 92 13.49 31.37 -22.88
CA GLY E 92 12.19 31.81 -22.43
C GLY E 92 12.25 32.98 -21.48
N LEU E 93 11.29 33.06 -20.55
CA LEU E 93 11.22 34.21 -19.66
C LEU E 93 10.61 33.75 -18.34
N GLY E 94 11.08 34.32 -17.25
CA GLY E 94 10.56 34.03 -15.92
C GLY E 94 10.04 35.30 -15.26
N ILE E 95 8.94 35.16 -14.53
CA ILE E 95 8.32 36.28 -13.83
C ILE E 95 8.49 36.04 -12.34
N ILE E 96 9.40 36.80 -11.71
CA ILE E 96 9.60 36.70 -10.27
C ILE E 96 8.36 37.23 -9.55
N HIS E 97 7.83 36.43 -8.63
CA HIS E 97 6.59 36.73 -7.93
C HIS E 97 6.78 37.83 -6.88
N LYS E 98 5.66 38.37 -6.42
CA LYS E 98 5.68 39.45 -5.44
C LYS E 98 5.52 39.05 -3.99
N ASN E 99 5.43 37.75 -3.71
CA ASN E 99 5.35 37.29 -2.33
C ASN E 99 6.74 37.29 -1.68
N MET E 100 7.31 38.49 -1.64
CA MET E 100 8.60 38.76 -1.02
C MET E 100 8.66 40.26 -0.77
N SER E 101 9.69 40.70 -0.07
CA SER E 101 9.82 42.13 0.15
C SER E 101 10.16 42.86 -1.14
N ILE E 102 9.93 44.18 -1.11
CA ILE E 102 10.30 45.01 -2.26
C ILE E 102 11.81 44.94 -2.47
N GLU E 103 12.58 44.90 -1.39
CA GLU E 103 14.01 44.81 -1.59
C GLU E 103 14.38 43.44 -2.17
N GLN E 104 13.72 42.38 -1.68
CA GLN E 104 14.01 41.03 -2.16
C GLN E 104 13.65 40.85 -3.63
N GLN E 105 12.56 41.45 -4.09
CA GLN E 105 12.24 41.23 -5.49
C GLN E 105 13.32 41.85 -6.39
N ALA E 106 13.82 43.03 -6.02
CA ALA E 106 14.94 43.62 -6.73
C ALA E 106 16.21 42.80 -6.57
N GLU E 107 16.38 42.12 -5.42
CA GLU E 107 17.57 41.30 -5.21
C GLU E 107 17.58 40.10 -6.16
N GLN E 108 16.41 39.55 -6.49
CA GLN E 108 16.34 38.45 -7.43
C GLN E 108 16.48 38.91 -8.88
N VAL E 109 15.86 40.04 -9.24
CA VAL E 109 15.89 40.50 -10.63
C VAL E 109 17.30 40.75 -11.12
N ASP E 110 18.10 41.48 -10.33
CA ASP E 110 19.46 41.76 -10.75
C ASP E 110 20.29 40.50 -10.79
N LYS E 111 19.98 39.53 -9.91
CA LYS E 111 20.64 38.23 -9.96
C LYS E 111 20.50 37.58 -11.33
N VAL E 112 19.32 37.68 -11.94
CA VAL E 112 19.13 37.09 -13.27
C VAL E 112 19.88 37.90 -14.32
N LYS E 113 19.91 39.23 -14.16
CA LYS E 113 20.61 40.09 -15.11
C LYS E 113 22.12 39.89 -15.04
N ARG E 114 22.65 39.70 -13.83
CA ARG E 114 24.10 39.59 -13.67
C ARG E 114 24.65 38.34 -14.35
N SER E 115 23.84 37.30 -14.55
CA SER E 115 24.33 36.03 -15.08
C SER E 115 24.18 35.96 -16.61
N GLY E 116 24.79 36.92 -17.29
CA GLY E 116 24.86 36.88 -18.74
C GLY E 116 23.89 37.77 -19.49
N GLY E 117 23.26 38.74 -18.83
CA GLY E 117 22.32 39.60 -19.52
C GLY E 117 21.08 38.88 -20.01
N LEU E 118 20.57 37.94 -19.23
CA LEU E 118 19.39 37.20 -19.64
C LEU E 118 18.14 37.99 -19.33
N LEU E 119 17.08 37.69 -20.08
CA LEU E 119 15.81 38.37 -19.85
C LEU E 119 15.16 37.89 -18.56
N VAL E 120 14.45 38.80 -17.91
CA VAL E 120 13.74 38.50 -16.67
C VAL E 120 12.57 39.46 -16.55
N GLY E 121 11.51 38.99 -15.91
CA GLY E 121 10.36 39.81 -15.62
C GLY E 121 10.05 39.75 -14.14
N ALA E 122 9.17 40.66 -13.73
CA ALA E 122 8.77 40.71 -12.33
C ALA E 122 7.32 41.16 -12.29
N ALA E 123 6.55 40.50 -11.43
CA ALA E 123 5.14 40.81 -11.28
C ALA E 123 4.96 41.87 -10.21
N VAL E 124 4.03 42.79 -10.44
CA VAL E 124 3.67 43.82 -9.47
C VAL E 124 2.14 43.90 -9.41
N GLY E 125 1.60 43.90 -8.19
CA GLY E 125 0.17 44.05 -7.98
C GLY E 125 -0.26 45.51 -7.93
N VAL E 126 -1.56 45.73 -8.07
CA VAL E 126 -2.10 47.09 -8.05
C VAL E 126 -2.35 47.48 -6.60
N THR E 127 -1.36 48.09 -5.96
CA THR E 127 -1.46 48.52 -4.57
C THR E 127 -0.75 49.85 -4.41
N ALA E 128 -0.86 50.43 -3.21
CA ALA E 128 -0.18 51.69 -2.95
C ALA E 128 1.32 51.56 -3.10
N ASP E 129 1.88 50.40 -2.76
CA ASP E 129 3.30 50.14 -2.87
C ASP E 129 3.76 49.87 -4.30
N ALA E 130 2.86 49.86 -5.27
CA ALA E 130 3.22 49.42 -6.61
C ALA E 130 4.30 50.31 -7.22
N MET E 131 4.09 51.62 -7.22
CA MET E 131 5.05 52.49 -7.89
C MET E 131 6.40 52.48 -7.17
N THR E 132 6.38 52.33 -5.84
CA THR E 132 7.63 52.17 -5.10
C THR E 132 8.33 50.88 -5.50
N ARG E 133 7.57 49.80 -5.66
CA ARG E 133 8.14 48.51 -6.05
C ARG E 133 8.65 48.56 -7.49
N ILE E 134 7.90 49.19 -8.40
CA ILE E 134 8.29 49.23 -9.81
C ILE E 134 9.59 50.01 -9.97
N ASP E 135 9.77 51.09 -9.22
CA ASP E 135 10.98 51.89 -9.32
C ASP E 135 12.21 51.03 -9.02
N ALA E 136 12.15 50.24 -7.94
CA ALA E 136 13.28 49.38 -7.59
C ALA E 136 13.54 48.32 -8.65
N LEU E 137 12.49 47.88 -9.35
CA LEU E 137 12.66 46.88 -10.40
C LEU E 137 13.28 47.49 -11.65
N VAL E 138 12.89 48.73 -12.00
CA VAL E 138 13.52 49.41 -13.13
C VAL E 138 14.98 49.69 -12.81
N LYS E 139 15.28 49.96 -11.55
CA LYS E 139 16.67 50.13 -11.12
C LYS E 139 17.47 48.86 -11.26
N ALA E 140 16.84 47.71 -11.07
CA ALA E 140 17.48 46.42 -11.35
C ALA E 140 17.53 46.09 -12.82
N SER E 141 17.07 46.99 -13.70
CA SER E 141 17.13 46.79 -15.16
C SER E 141 16.25 45.63 -15.61
N VAL E 142 15.07 45.50 -15.00
CA VAL E 142 14.12 44.47 -15.43
C VAL E 142 13.64 44.81 -16.85
N ASP E 143 13.39 43.78 -17.64
CA ASP E 143 12.96 44.00 -19.02
C ASP E 143 11.45 44.17 -19.14
N ALA E 144 10.68 43.56 -18.23
CA ALA E 144 9.24 43.65 -18.31
C ALA E 144 8.64 43.56 -16.91
N ILE E 145 7.61 44.37 -16.68
CA ILE E 145 6.81 44.32 -15.46
C ILE E 145 5.48 43.69 -15.80
N VAL E 146 5.01 42.80 -14.93
CA VAL E 146 3.72 42.13 -15.09
C VAL E 146 2.79 42.70 -14.05
N LEU E 147 1.87 43.55 -14.50
CA LEU E 147 0.84 44.11 -13.62
C LEU E 147 -0.31 43.10 -13.61
N ASP E 148 -0.20 42.09 -12.74
CA ASP E 148 -1.19 41.03 -12.68
C ASP E 148 -2.19 41.28 -11.56
N THR E 149 -3.46 41.15 -11.89
CA THR E 149 -4.57 41.26 -10.95
C THR E 149 -5.64 40.22 -11.26
N ALA E 150 -6.45 39.91 -10.26
CA ALA E 150 -7.53 38.96 -10.44
C ALA E 150 -8.49 39.43 -11.52
N HIS E 151 -8.69 40.74 -11.65
CA HIS E 151 -9.60 41.32 -12.65
C HIS E 151 -8.88 42.46 -13.37
N GLY E 152 -8.39 42.19 -14.57
CA GLY E 152 -7.67 43.21 -15.32
C GLY E 152 -8.55 44.31 -15.87
N HIS E 153 -9.86 44.07 -15.97
CA HIS E 153 -10.78 45.08 -16.50
C HIS E 153 -11.31 46.01 -15.43
N SER E 154 -10.55 46.25 -14.37
CA SER E 154 -10.93 47.22 -13.37
C SER E 154 -10.21 48.53 -13.69
N GLN E 155 -10.88 49.66 -13.45
CA GLN E 155 -10.26 50.94 -13.77
C GLN E 155 -9.07 51.24 -12.87
N GLY E 156 -9.08 50.73 -11.63
CA GLY E 156 -7.91 50.88 -10.79
C GLY E 156 -6.69 50.27 -11.44
N VAL E 157 -6.89 49.15 -12.13
CA VAL E 157 -5.80 48.54 -12.89
C VAL E 157 -5.47 49.40 -14.10
N ILE E 158 -6.50 49.88 -14.79
CA ILE E 158 -6.32 50.74 -15.96
C ILE E 158 -5.57 52.00 -15.57
N ASP E 159 -5.93 52.62 -14.44
CA ASP E 159 -5.25 53.82 -13.99
C ASP E 159 -3.77 53.55 -13.70
N LYS E 160 -3.47 52.41 -13.09
CA LYS E 160 -2.08 52.09 -12.79
C LYS E 160 -1.26 51.93 -14.07
N VAL E 161 -1.87 51.40 -15.13
CA VAL E 161 -1.14 51.19 -16.39
C VAL E 161 -0.78 52.53 -17.02
N LYS E 162 -1.74 53.47 -17.07
CA LYS E 162 -1.45 54.78 -17.64
C LYS E 162 -0.38 55.51 -16.86
N GLU E 163 -0.45 55.48 -15.53
CA GLU E 163 0.51 56.24 -14.74
C GLU E 163 1.90 55.61 -14.76
N VAL E 164 2.00 54.29 -14.96
CA VAL E 164 3.32 53.70 -15.14
C VAL E 164 3.83 54.01 -16.54
N ARG E 165 2.93 54.01 -17.53
CA ARG E 165 3.33 54.42 -18.87
C ARG E 165 3.78 55.88 -18.89
N ALA E 166 3.18 56.71 -18.03
CA ALA E 166 3.60 58.10 -17.95
C ALA E 166 5.01 58.23 -17.38
N LYS E 167 5.33 57.43 -16.35
CA LYS E 167 6.65 57.52 -15.72
C LYS E 167 7.74 56.79 -16.51
N TYR E 168 7.40 55.69 -17.17
CA TYR E 168 8.37 54.86 -17.89
C TYR E 168 7.86 54.59 -19.30
N PRO E 169 8.10 55.52 -20.22
CA PRO E 169 7.63 55.30 -21.60
C PRO E 169 8.31 54.15 -22.31
N SER E 170 9.47 53.70 -21.82
CA SER E 170 10.21 52.63 -22.47
C SER E 170 10.04 51.26 -21.80
N LEU E 171 9.36 51.19 -20.66
CA LEU E 171 9.28 49.93 -19.92
C LEU E 171 8.21 49.02 -20.52
N ASN E 172 8.58 47.76 -20.73
CA ASN E 172 7.62 46.74 -21.17
C ASN E 172 6.63 46.48 -20.05
N ILE E 173 5.35 46.67 -20.33
CA ILE E 173 4.29 46.46 -19.33
C ILE E 173 3.39 45.35 -19.84
N ILE E 174 3.29 44.28 -19.05
CA ILE E 174 2.40 43.15 -19.34
C ILE E 174 1.23 43.25 -18.37
N ALA E 175 0.03 43.47 -18.90
CA ALA E 175 -1.16 43.69 -18.10
C ALA E 175 -2.16 42.55 -18.26
N GLY E 176 -2.70 42.11 -17.13
CA GLY E 176 -3.72 41.07 -17.10
C GLY E 176 -4.32 41.02 -15.72
N ASN E 177 -5.24 40.08 -15.52
CA ASN E 177 -5.65 39.16 -16.57
C ASN E 177 -7.01 39.55 -17.07
N VAL E 178 -7.24 39.34 -18.37
CA VAL E 178 -8.51 39.66 -18.99
C VAL E 178 -8.97 38.43 -19.77
N ALA E 179 -10.22 38.49 -20.22
CA ALA E 179 -10.77 37.41 -21.02
C ALA E 179 -11.71 37.93 -22.10
N THR E 180 -11.82 39.23 -22.26
CA THR E 180 -12.73 39.75 -23.27
C THR E 180 -12.06 40.76 -24.18
N ALA E 181 -12.60 40.89 -25.38
CA ALA E 181 -12.03 41.83 -26.33
C ALA E 181 -12.11 43.25 -25.80
N GLU E 182 -13.19 43.57 -25.08
CA GLU E 182 -13.35 44.92 -24.54
C GLU E 182 -12.27 45.24 -23.50
N ALA E 183 -11.96 44.27 -22.63
CA ALA E 183 -10.91 44.49 -21.63
C ALA E 183 -9.54 44.62 -22.27
N THR E 184 -9.32 43.92 -23.39
CA THR E 184 -8.02 43.97 -24.06
C THR E 184 -7.73 45.36 -24.60
N LYS E 185 -8.68 45.97 -25.31
CA LYS E 185 -8.42 47.28 -25.88
C LYS E 185 -8.25 48.34 -24.80
N ALA E 186 -8.94 48.19 -23.66
CA ALA E 186 -8.80 49.17 -22.59
C ALA E 186 -7.38 49.15 -22.01
N LEU E 187 -6.82 47.96 -21.78
CA LEU E 187 -5.46 47.92 -21.27
C LEU E 187 -4.47 48.36 -22.34
N ILE E 188 -4.75 48.07 -23.62
CA ILE E 188 -3.86 48.53 -24.68
C ILE E 188 -3.88 50.05 -24.79
N GLU E 189 -5.08 50.64 -24.74
CA GLU E 189 -5.18 52.09 -24.76
C GLU E 189 -4.59 52.74 -23.51
N ALA E 190 -4.50 52.00 -22.41
CA ALA E 190 -3.90 52.55 -21.20
C ALA E 190 -2.37 52.58 -21.26
N GLY E 191 -1.78 51.92 -22.24
CA GLY E 191 -0.36 51.93 -22.46
C GLY E 191 0.35 50.62 -22.17
N ALA E 192 -0.36 49.50 -22.13
CA ALA E 192 0.28 48.22 -21.94
C ALA E 192 0.59 47.63 -23.30
N ASN E 193 1.86 47.28 -23.53
CA ASN E 193 2.21 46.69 -24.82
C ASN E 193 1.85 45.20 -24.91
N VAL E 194 1.70 44.49 -23.78
CA VAL E 194 1.37 43.08 -23.78
C VAL E 194 0.21 42.86 -22.82
N VAL E 195 -0.73 41.98 -23.22
CA VAL E 195 -1.91 41.64 -22.42
C VAL E 195 -1.89 40.15 -22.08
N LYS E 196 -2.07 39.82 -20.81
CA LYS E 196 -2.11 38.44 -20.36
C LYS E 196 -3.56 37.96 -20.24
N VAL E 197 -3.87 36.85 -20.90
CA VAL E 197 -5.25 36.39 -21.05
C VAL E 197 -5.45 35.14 -20.21
N GLY E 198 -6.55 35.11 -19.44
CA GLY E 198 -6.90 33.95 -18.65
C GLY E 198 -7.59 34.28 -17.34
N ILE E 199 -8.88 33.95 -17.23
CA ILE E 199 -9.62 34.12 -15.98
C ILE E 199 -10.26 32.77 -15.65
N GLY E 200 -9.66 32.04 -14.72
CA GLY E 200 -10.20 30.78 -14.24
C GLY E 200 -9.65 29.46 -14.77
N PRO E 201 -8.83 29.42 -15.83
CA PRO E 201 -8.43 28.10 -16.35
C PRO E 201 -7.32 27.43 -15.56
N GLY E 202 -6.72 28.11 -14.60
CA GLY E 202 -5.57 27.55 -13.91
C GLY E 202 -5.86 26.22 -13.25
N SER E 203 -4.83 25.38 -13.19
CA SER E 203 -4.97 24.07 -12.59
C SER E 203 -5.23 24.16 -11.09
N ILE E 204 -4.76 25.22 -10.44
CA ILE E 204 -4.99 25.41 -9.01
C ILE E 204 -6.06 26.46 -8.73
N CYS E 205 -6.81 26.86 -9.75
CA CYS E 205 -7.70 28.01 -9.67
C CYS E 205 -9.14 27.59 -9.39
N THR E 206 -9.80 28.31 -8.47
CA THR E 206 -11.20 28.08 -8.16
C THR E 206 -12.07 29.30 -8.42
N THR E 207 -11.57 30.30 -9.16
CA THR E 207 -12.34 31.50 -9.43
C THR E 207 -13.72 31.15 -10.01
N ARG E 208 -13.74 30.30 -11.04
CA ARG E 208 -14.99 29.96 -11.69
C ARG E 208 -15.90 29.16 -10.77
N VAL E 209 -15.35 28.51 -9.75
CA VAL E 209 -16.17 27.71 -8.84
C VAL E 209 -16.70 28.56 -7.68
N VAL E 210 -15.87 29.43 -7.10
CA VAL E 210 -16.30 30.20 -5.93
C VAL E 210 -16.96 31.53 -6.28
N ALA E 211 -16.67 32.08 -7.47
CA ALA E 211 -17.30 33.32 -7.90
C ALA E 211 -18.15 33.17 -9.15
N GLY E 212 -18.10 32.02 -9.83
CA GLY E 212 -18.88 31.77 -11.02
C GLY E 212 -18.43 32.48 -12.27
N VAL E 213 -17.25 33.10 -12.27
CA VAL E 213 -16.83 34.00 -13.33
C VAL E 213 -15.67 33.37 -14.11
N GLY E 214 -15.72 33.50 -15.43
CA GLY E 214 -14.63 33.02 -16.28
C GLY E 214 -15.06 32.99 -17.72
N VAL E 215 -14.08 32.74 -18.58
CA VAL E 215 -14.31 32.51 -20.00
C VAL E 215 -13.46 31.33 -20.43
N PRO E 216 -14.01 30.33 -21.12
CA PRO E 216 -13.20 29.21 -21.61
C PRO E 216 -11.94 29.70 -22.33
N GLN E 217 -10.79 29.13 -21.94
CA GLN E 217 -9.50 29.73 -22.22
C GLN E 217 -9.25 29.92 -23.72
N LEU E 218 -9.62 28.94 -24.54
CA LEU E 218 -9.36 29.07 -25.96
C LEU E 218 -10.25 30.14 -26.59
N THR E 219 -11.49 30.29 -26.12
CA THR E 219 -12.31 31.39 -26.60
C THR E 219 -11.77 32.71 -26.08
N ALA E 220 -11.29 32.71 -24.83
CA ALA E 220 -10.71 33.92 -24.25
C ALA E 220 -9.47 34.36 -25.02
N VAL E 221 -8.59 33.41 -25.34
CA VAL E 221 -7.39 33.76 -26.10
C VAL E 221 -7.76 34.28 -27.48
N TYR E 222 -8.70 33.60 -28.15
CA TYR E 222 -9.09 34.01 -29.50
C TYR E 222 -9.77 35.37 -29.51
N ASP E 223 -10.68 35.63 -28.57
CA ASP E 223 -11.37 36.92 -28.54
C ASP E 223 -10.39 38.05 -28.26
N CYS E 224 -9.43 37.82 -27.37
CA CYS E 224 -8.47 38.87 -27.03
C CYS E 224 -7.48 39.09 -28.17
N ALA E 225 -7.08 38.01 -28.85
CA ALA E 225 -6.17 38.16 -29.98
C ALA E 225 -6.85 38.85 -31.15
N THR E 226 -8.17 38.68 -31.32
CA THR E 226 -8.87 39.39 -32.39
C THR E 226 -8.76 40.90 -32.20
N GLU E 227 -8.91 41.37 -30.97
CA GLU E 227 -8.76 42.80 -30.70
C GLU E 227 -7.29 43.22 -30.68
N ALA E 228 -6.42 42.40 -30.06
CA ALA E 228 -5.03 42.80 -29.95
C ALA E 228 -4.34 42.88 -31.30
N ARG E 229 -4.77 42.05 -32.26
CA ARG E 229 -4.19 42.10 -33.60
C ARG E 229 -4.36 43.47 -34.25
N LYS E 230 -5.46 44.15 -33.96
CA LYS E 230 -5.71 45.46 -34.55
C LYS E 230 -4.67 46.50 -34.11
N HIS E 231 -4.04 46.29 -32.97
CA HIS E 231 -3.04 47.22 -32.46
C HIS E 231 -1.63 46.68 -32.56
N GLY E 232 -1.44 45.48 -33.12
CA GLY E 232 -0.10 44.92 -33.13
C GLY E 232 0.39 44.48 -31.76
N ILE E 233 -0.52 44.23 -30.85
CA ILE E 233 -0.20 43.89 -29.46
C ILE E 233 -0.20 42.38 -29.32
N PRO E 234 0.81 41.77 -28.68
CA PRO E 234 0.79 40.34 -28.43
C PRO E 234 0.01 39.97 -27.17
N VAL E 235 -0.49 38.73 -27.14
CA VAL E 235 -1.21 38.25 -25.97
C VAL E 235 -0.53 37.00 -25.44
N ILE E 236 -0.65 36.78 -24.13
CA ILE E 236 -0.12 35.61 -23.44
C ILE E 236 -1.29 34.74 -23.02
N ALA E 237 -1.27 33.49 -23.47
CA ALA E 237 -2.27 32.51 -23.03
C ALA E 237 -1.82 31.97 -21.68
N ASP E 238 -2.52 32.36 -20.62
CA ASP E 238 -2.11 32.09 -19.25
C ASP E 238 -3.06 31.08 -18.59
N GLY E 239 -2.55 29.91 -18.27
CA GLY E 239 -3.26 28.94 -17.47
C GLY E 239 -4.01 27.91 -18.30
N GLY E 240 -4.22 26.73 -17.71
CA GLY E 240 -5.04 25.71 -18.33
C GLY E 240 -4.31 24.72 -19.19
N ILE E 241 -3.02 24.90 -19.43
CA ILE E 241 -2.27 23.99 -20.29
C ILE E 241 -1.87 22.78 -19.47
N LYS E 242 -2.36 21.60 -19.88
CA LYS E 242 -2.08 20.32 -19.24
C LYS E 242 -1.11 19.47 -20.03
N TYR E 243 -1.14 19.56 -21.36
CA TYR E 243 -0.22 18.84 -22.23
C TYR E 243 0.36 19.81 -23.25
N SER E 244 1.42 19.36 -23.93
CA SER E 244 2.10 20.21 -24.89
C SER E 244 1.18 20.60 -26.06
N GLY E 245 0.22 19.74 -26.40
CA GLY E 245 -0.71 20.08 -27.47
C GLY E 245 -1.59 21.25 -27.13
N ASP E 246 -1.85 21.48 -25.84
CA ASP E 246 -2.62 22.64 -25.43
C ASP E 246 -1.89 23.92 -25.80
N MET E 247 -0.57 23.90 -25.69
CA MET E 247 0.24 25.05 -26.07
C MET E 247 0.13 25.33 -27.56
N VAL E 248 0.17 24.29 -28.40
CA VAL E 248 0.04 24.50 -29.83
C VAL E 248 -1.33 25.08 -30.15
N LYS E 249 -2.36 24.62 -29.44
CA LYS E 249 -3.69 25.15 -29.65
C LYS E 249 -3.80 26.61 -29.20
N ALA E 250 -3.14 26.95 -28.09
CA ALA E 250 -3.21 28.33 -27.59
C ALA E 250 -2.53 29.29 -28.55
N LEU E 251 -1.34 28.94 -29.03
CA LEU E 251 -0.62 29.79 -29.97
C LEU E 251 -1.36 29.86 -31.30
N ALA E 252 -1.87 28.74 -31.79
CA ALA E 252 -2.61 28.76 -33.05
C ALA E 252 -3.92 29.52 -32.94
N ALA E 253 -4.43 29.75 -31.73
CA ALA E 253 -5.64 30.51 -31.54
C ALA E 253 -5.41 32.01 -31.51
N GLY E 254 -4.15 32.45 -31.53
CA GLY E 254 -3.87 33.87 -31.59
C GLY E 254 -2.86 34.38 -30.57
N ALA E 255 -2.42 33.51 -29.66
CA ALA E 255 -1.49 33.90 -28.61
C ALA E 255 -0.05 33.86 -29.14
N HIS E 256 0.74 34.84 -28.73
CA HIS E 256 2.16 34.84 -29.09
C HIS E 256 2.95 33.89 -28.21
N VAL E 257 2.58 33.80 -26.93
CA VAL E 257 3.34 33.06 -25.93
C VAL E 257 2.33 32.50 -24.94
N VAL E 258 2.71 31.41 -24.27
CA VAL E 258 1.86 30.82 -23.25
C VAL E 258 2.61 30.91 -21.91
N MET E 259 1.83 31.01 -20.83
CA MET E 259 2.35 31.04 -19.47
C MET E 259 1.91 29.78 -18.76
N LEU E 260 2.86 29.09 -18.14
CA LEU E 260 2.64 27.81 -17.51
C LEU E 260 2.92 27.89 -16.02
N GLY E 261 2.16 27.12 -15.25
CA GLY E 261 2.40 27.01 -13.82
C GLY E 261 2.64 25.58 -13.40
N SER E 262 1.61 24.74 -13.52
CA SER E 262 1.71 23.36 -13.03
C SER E 262 2.76 22.57 -13.80
N MET E 263 2.89 22.81 -15.11
CA MET E 263 3.88 22.07 -15.88
C MET E 263 5.31 22.47 -15.55
N PHE E 264 5.50 23.55 -14.80
CA PHE E 264 6.83 23.96 -14.36
C PHE E 264 7.05 23.79 -12.87
N ALA E 265 5.98 23.60 -12.07
CA ALA E 265 6.12 23.52 -10.62
C ALA E 265 6.88 22.27 -10.18
N GLY E 266 6.86 21.20 -10.97
CA GLY E 266 7.56 20.00 -10.58
C GLY E 266 9.03 20.00 -10.92
N VAL E 267 9.50 21.05 -11.57
CA VAL E 267 10.87 21.09 -12.07
C VAL E 267 11.84 21.36 -10.92
N ALA E 268 13.09 20.93 -11.11
CA ALA E 268 14.10 21.03 -10.04
C ALA E 268 14.42 22.48 -9.70
N GLU E 269 14.52 23.35 -10.70
CA GLU E 269 14.87 24.76 -10.47
C GLU E 269 13.68 25.60 -10.04
N SER E 270 12.81 25.08 -9.18
CA SER E 270 11.67 25.89 -8.79
C SER E 270 11.65 26.07 -7.27
N PRO E 271 11.12 27.19 -6.78
CA PRO E 271 11.19 27.45 -5.34
C PRO E 271 10.49 26.37 -4.54
N GLY E 272 10.92 26.19 -3.30
CA GLY E 272 10.45 25.09 -2.49
C GLY E 272 11.30 23.85 -2.64
N GLU E 273 11.12 22.94 -1.69
CA GLU E 273 11.87 21.70 -1.64
C GLU E 273 10.97 20.52 -1.98
N THR E 274 11.59 19.46 -2.48
CA THR E 274 10.87 18.25 -2.81
C THR E 274 10.37 17.59 -1.54
N GLU E 275 9.16 17.06 -1.59
CA GLU E 275 8.61 16.33 -0.45
C GLU E 275 8.47 14.86 -0.82
N ILE E 276 8.53 14.00 0.21
CA ILE E 276 8.41 12.56 0.03
C ILE E 276 7.04 12.18 0.55
N TYR E 277 6.22 11.62 -0.33
CA TYR E 277 4.87 11.18 -0.02
C TYR E 277 4.73 9.80 -0.63
N GLN E 278 4.49 8.79 0.21
CA GLN E 278 4.34 7.43 -0.29
C GLN E 278 5.58 6.96 -1.03
N GLY E 279 6.75 7.39 -0.55
CA GLY E 279 8.01 6.99 -1.13
C GLY E 279 8.36 7.72 -2.42
N ARG E 280 7.47 8.58 -2.90
CA ARG E 280 7.70 9.33 -4.14
C ARG E 280 8.01 10.80 -3.87
N GLN E 281 8.69 11.43 -4.81
CA GLN E 281 9.08 12.81 -4.63
C GLN E 281 8.05 13.74 -5.26
N PHE E 282 7.63 14.76 -4.50
CA PHE E 282 6.66 15.74 -4.95
C PHE E 282 7.13 17.14 -4.57
N LYS E 283 6.61 18.14 -5.27
CA LYS E 283 6.81 19.53 -4.90
C LYS E 283 5.47 20.20 -4.66
N VAL E 284 5.42 21.09 -3.67
CA VAL E 284 4.20 21.83 -3.38
C VAL E 284 3.90 22.78 -4.53
N TYR E 285 2.64 22.81 -4.95
CA TYR E 285 2.15 23.75 -5.97
C TYR E 285 0.80 24.28 -5.49
N ARG E 286 0.70 25.59 -5.34
CA ARG E 286 -0.48 26.20 -4.74
C ARG E 286 -0.87 27.44 -5.52
N GLY E 287 -2.15 27.81 -5.44
CA GLY E 287 -2.59 29.05 -6.05
C GLY E 287 -2.17 30.26 -5.23
N MET E 288 -1.91 31.37 -5.94
CA MET E 288 -1.57 32.62 -5.28
C MET E 288 -2.75 33.22 -4.53
N GLY E 289 -3.96 32.76 -4.82
CA GLY E 289 -5.14 33.11 -4.06
C GLY E 289 -5.56 32.07 -3.04
N SER E 290 -4.72 31.07 -2.77
CA SER E 290 -5.04 30.05 -1.78
C SER E 290 -4.69 30.55 -0.38
N VAL E 291 -5.23 29.86 0.63
CA VAL E 291 -5.01 30.27 2.01
C VAL E 291 -3.51 30.30 2.34
N GLY E 292 -2.77 29.24 1.95
CA GLY E 292 -1.37 29.18 2.30
C GLY E 292 -0.55 30.30 1.70
N ALA E 293 -0.76 30.58 0.41
CA ALA E 293 0.04 31.63 -0.22
C ALA E 293 -0.35 33.00 0.29
N MET E 294 -1.60 33.16 0.71
CA MET E 294 -2.12 34.43 1.19
C MET E 294 -1.82 34.70 2.66
N GLU E 295 -1.42 33.69 3.42
CA GLU E 295 -1.06 33.93 4.82
C GLU E 295 0.10 34.92 4.89
N LYS E 296 1.12 34.71 4.06
CA LYS E 296 2.14 35.73 3.78
C LYS E 296 2.84 35.42 2.47
N LYS E 309 -12.37 35.81 8.10
CA LYS E 309 -11.31 35.30 7.25
C LYS E 309 -11.52 35.67 5.78
N LEU E 310 -10.45 35.67 4.99
CA LEU E 310 -10.58 36.00 3.57
C LEU E 310 -11.09 34.80 2.77
N VAL E 311 -11.55 35.03 1.55
CA VAL E 311 -12.12 33.97 0.72
C VAL E 311 -11.11 33.62 -0.37
N PRO E 312 -10.62 32.39 -0.42
CA PRO E 312 -9.62 32.01 -1.43
C PRO E 312 -10.23 31.79 -2.80
N GLU E 313 -9.38 31.97 -3.83
CA GLU E 313 -9.75 31.66 -5.20
C GLU E 313 -8.76 30.67 -5.79
N GLY E 314 -8.12 29.88 -4.93
CA GLY E 314 -7.16 28.86 -5.33
C GLY E 314 -7.03 27.81 -4.25
N ILE E 315 -6.31 26.75 -4.59
CA ILE E 315 -6.11 25.62 -3.70
C ILE E 315 -4.62 25.36 -3.52
N GLU E 316 -4.30 24.55 -2.52
CA GLU E 316 -2.94 24.14 -2.20
C GLU E 316 -2.81 22.67 -2.56
N GLY E 317 -1.78 22.34 -3.34
CA GLY E 317 -1.60 20.98 -3.81
C GLY E 317 -0.16 20.56 -3.99
N ARG E 318 0.04 19.50 -4.78
CA ARG E 318 1.36 18.93 -5.00
C ARG E 318 1.42 18.30 -6.38
N VAL E 319 2.59 18.39 -7.01
CA VAL E 319 2.80 17.82 -8.34
C VAL E 319 4.00 16.89 -8.28
N PRO E 320 4.09 15.90 -9.16
CA PRO E 320 5.24 15.00 -9.13
C PRO E 320 6.52 15.76 -9.40
N TYR E 321 7.61 15.30 -8.79
CA TYR E 321 8.92 15.89 -9.09
C TYR E 321 9.32 15.49 -10.50
N LYS E 322 9.77 16.47 -11.29
CA LYS E 322 9.96 16.26 -12.71
C LYS E 322 11.41 16.38 -13.17
N GLY E 323 12.32 16.78 -12.28
CA GLY E 323 13.72 16.88 -12.61
C GLY E 323 14.10 18.23 -13.17
N PRO E 324 15.11 18.27 -14.03
CA PRO E 324 15.58 19.54 -14.56
C PRO E 324 14.60 20.14 -15.57
N LEU E 325 14.62 21.48 -15.63
CA LEU E 325 13.74 22.20 -16.55
C LEU E 325 14.01 21.83 -18.00
N ALA E 326 15.27 21.52 -18.33
CA ALA E 326 15.63 21.27 -19.71
C ALA E 326 14.83 20.11 -20.30
N ASP E 327 14.54 19.08 -19.49
CA ASP E 327 13.82 17.93 -20.00
C ASP E 327 12.35 18.26 -20.26
N THR E 328 11.73 19.05 -19.38
CA THR E 328 10.35 19.48 -19.58
C THR E 328 10.24 20.42 -20.78
N VAL E 329 11.15 21.39 -20.89
CA VAL E 329 11.12 22.32 -22.01
C VAL E 329 11.30 21.58 -23.33
N HIS E 330 12.20 20.59 -23.35
CA HIS E 330 12.44 19.85 -24.58
C HIS E 330 11.18 19.12 -25.04
N GLN E 331 10.45 18.50 -24.12
CA GLN E 331 9.21 17.83 -24.51
C GLN E 331 8.17 18.85 -24.96
N LEU E 332 8.11 19.99 -24.28
CA LEU E 332 7.15 21.03 -24.65
C LEU E 332 7.46 21.60 -26.03
N VAL E 333 8.70 22.03 -26.24
CA VAL E 333 9.08 22.58 -27.53
C VAL E 333 8.99 21.51 -28.62
N GLY E 334 9.35 20.28 -28.28
CA GLY E 334 9.26 19.19 -29.25
C GLY E 334 7.83 18.95 -29.70
N GLY E 335 6.87 19.03 -28.78
CA GLY E 335 5.48 18.93 -29.17
C GLY E 335 5.04 20.09 -30.06
N LEU E 336 5.57 21.29 -29.81
CA LEU E 336 5.24 22.43 -30.65
C LEU E 336 5.78 22.26 -32.06
N ARG E 337 7.02 21.79 -32.20
CA ARG E 337 7.61 21.60 -33.52
C ARG E 337 6.83 20.57 -34.33
N ALA E 338 6.37 19.50 -33.67
CA ALA E 338 5.54 18.51 -34.36
C ALA E 338 4.22 19.11 -34.80
N GLY E 339 3.56 19.87 -33.90
CA GLY E 339 2.31 20.51 -34.28
C GLY E 339 2.50 21.50 -35.41
N MET E 340 3.58 22.28 -35.36
CA MET E 340 3.85 23.21 -36.46
C MET E 340 4.13 22.46 -37.75
N GLY E 341 4.80 21.31 -37.65
CA GLY E 341 5.04 20.51 -38.84
C GLY E 341 3.76 19.94 -39.43
N TYR E 342 2.83 19.51 -38.58
CA TYR E 342 1.55 19.04 -39.09
C TYR E 342 0.78 20.15 -39.80
N CYS E 343 0.89 21.39 -39.31
CA CYS E 343 0.13 22.50 -39.87
C CYS E 343 0.84 23.21 -41.01
N GLY E 344 2.09 22.83 -41.29
CA GLY E 344 2.85 23.51 -42.33
C GLY E 344 3.33 24.88 -41.95
N ALA E 345 3.52 25.14 -40.65
CA ALA E 345 3.99 26.44 -40.18
C ALA E 345 5.51 26.36 -39.96
N GLN E 346 6.25 27.18 -40.70
CA GLN E 346 7.69 27.28 -40.48
C GLN E 346 8.01 28.24 -39.34
N ASP E 347 7.13 29.20 -39.07
CA ASP E 347 7.30 30.11 -37.96
C ASP E 347 5.95 30.27 -37.26
N LEU E 348 5.98 30.94 -36.10
CA LEU E 348 4.77 31.05 -35.30
C LEU E 348 3.74 31.97 -35.90
N GLU E 349 4.15 32.90 -36.77
CA GLU E 349 3.18 33.81 -37.38
C GLU E 349 2.26 33.08 -38.37
N PHE E 350 2.82 32.13 -39.14
CA PHE E 350 1.97 31.35 -40.04
C PHE E 350 0.94 30.54 -39.25
N LEU E 351 1.37 29.93 -38.15
CA LEU E 351 0.44 29.17 -37.31
C LEU E 351 -0.63 30.07 -36.71
N ARG E 352 -0.25 31.28 -36.29
CA ARG E 352 -1.22 32.17 -35.66
C ARG E 352 -2.29 32.64 -36.64
N GLU E 353 -1.93 32.83 -37.91
CA GLU E 353 -2.83 33.44 -38.86
C GLU E 353 -3.49 32.45 -39.82
N ASN E 354 -2.99 31.22 -39.91
CA ASN E 354 -3.48 30.27 -40.89
C ASN E 354 -4.05 28.98 -40.31
N ALA E 355 -3.64 28.58 -39.10
CA ALA E 355 -4.05 27.28 -38.57
C ALA E 355 -5.55 27.23 -38.32
N GLN E 356 -6.17 26.12 -38.71
CA GLN E 356 -7.60 25.93 -38.57
C GLN E 356 -7.89 24.82 -37.55
N PHE E 357 -8.91 25.03 -36.72
CA PHE E 357 -9.33 24.05 -35.74
C PHE E 357 -10.58 23.31 -36.24
N ILE E 358 -10.82 22.16 -35.62
CA ILE E 358 -12.06 21.41 -35.81
C ILE E 358 -12.63 21.06 -34.45
N ARG E 359 -13.92 21.29 -34.25
CA ARG E 359 -14.54 21.00 -32.97
C ARG E 359 -14.92 19.53 -32.86
N MET E 360 -14.86 19.01 -31.65
CA MET E 360 -15.17 17.61 -31.38
C MET E 360 -15.89 17.51 -30.05
N SER E 361 -16.51 16.36 -29.81
CA SER E 361 -17.27 16.11 -28.59
C SER E 361 -16.38 15.43 -27.55
N GLY E 362 -17.00 15.06 -26.43
CA GLY E 362 -16.26 14.29 -25.43
C GLY E 362 -15.81 12.94 -25.96
N ALA E 363 -16.62 12.32 -26.82
CA ALA E 363 -16.21 11.06 -27.45
C ALA E 363 -15.01 11.25 -28.35
N GLY E 364 -14.91 12.41 -29.01
CA GLY E 364 -13.72 12.69 -29.80
C GLY E 364 -12.48 12.87 -28.94
N LEU E 365 -12.65 13.48 -27.76
CA LEU E 365 -11.53 13.62 -26.85
C LEU E 365 -11.06 12.26 -26.35
N LEU E 366 -12.00 11.34 -26.10
CA LEU E 366 -11.62 9.98 -25.68
C LEU E 366 -10.86 9.25 -26.78
N GLU E 367 -11.16 9.57 -28.04
CA GLU E 367 -10.39 9.02 -29.16
C GLU E 367 -9.00 9.65 -29.25
N SER E 368 -8.86 10.93 -28.90
CA SER E 368 -7.56 11.59 -29.00
C SER E 368 -6.56 11.01 -28.01
N HIS E 369 -6.98 10.75 -26.78
CA HIS E 369 -6.12 10.12 -25.80
C HIS E 369 -5.96 8.63 -26.11
N PRO E 370 -4.91 8.00 -25.57
CA PRO E 370 -4.83 6.53 -25.63
C PRO E 370 -6.04 5.90 -24.95
N HIS E 371 -6.53 4.80 -25.55
CA HIS E 371 -7.74 4.14 -25.08
C HIS E 371 -7.61 2.65 -25.31
N HIS E 372 -8.30 1.86 -24.48
CA HIS E 372 -8.41 0.40 -24.65
C HIS E 372 -7.03 -0.29 -24.68
N VAL E 373 -6.05 0.30 -24.01
CA VAL E 373 -4.73 -0.29 -23.88
C VAL E 373 -4.23 -0.01 -22.47
N GLN E 374 -3.82 -1.06 -21.77
CA GLN E 374 -3.27 -0.91 -20.43
C GLN E 374 -1.85 -0.39 -20.56
N ILE E 375 -1.60 0.84 -20.12
CA ILE E 375 -0.30 1.47 -20.30
C ILE E 375 0.73 0.88 -19.33
N THR E 376 1.83 0.38 -19.87
CA THR E 376 2.86 -0.27 -19.07
C THR E 376 3.99 0.68 -18.65
N LYS E 377 4.39 1.61 -19.51
CA LYS E 377 5.48 2.51 -19.22
C LYS E 377 4.98 3.95 -19.31
N GLU E 378 5.62 4.84 -18.56
CA GLU E 378 5.24 6.24 -18.58
C GLU E 378 6.04 6.96 -19.67
N ALA E 379 5.32 7.68 -20.56
CA ALA E 379 6.02 8.45 -21.59
C ALA E 379 6.52 9.77 -21.04
N PRO E 380 7.62 10.30 -21.59
CA PRO E 380 8.14 11.60 -21.12
C PRO E 380 7.20 12.78 -21.37
N ASN E 381 6.26 12.66 -22.31
CA ASN E 381 5.32 13.74 -22.61
C ASN E 381 3.88 13.41 -22.26
N TYR E 382 3.59 12.20 -21.78
CA TYR E 382 2.22 11.80 -21.45
C TYR E 382 2.26 11.07 -20.12
N SER E 383 1.70 11.69 -19.09
CA SER E 383 1.68 11.09 -17.77
C SER E 383 0.27 11.13 -17.18
N ASN F 23 -9.35 38.87 -43.26
CA ASN F 23 -9.94 38.24 -42.08
C ASN F 23 -10.62 36.91 -42.33
N ALA F 24 -10.70 36.47 -43.59
CA ALA F 24 -11.40 35.22 -43.88
C ALA F 24 -10.76 34.03 -43.17
N MET F 25 -9.43 33.93 -43.23
CA MET F 25 -8.75 32.83 -42.54
C MET F 25 -8.90 32.93 -41.04
N TRP F 26 -8.95 34.15 -40.51
CA TRP F 26 -9.03 34.34 -39.07
C TRP F 26 -10.42 33.98 -38.54
N GLU F 27 -11.47 34.29 -39.29
CA GLU F 27 -12.82 34.04 -38.80
C GLU F 27 -13.30 32.62 -39.04
N SER F 28 -12.57 31.82 -39.81
CA SER F 28 -12.96 30.44 -40.07
C SER F 28 -12.25 29.44 -39.18
N LYS F 29 -11.55 29.91 -38.14
CA LYS F 29 -10.73 29.02 -37.32
C LYS F 29 -11.56 27.93 -36.65
N PHE F 30 -12.74 28.26 -36.15
CA PHE F 30 -13.53 27.35 -35.35
C PHE F 30 -14.88 27.02 -36.01
N VAL F 31 -14.92 26.94 -37.33
CA VAL F 31 -16.17 26.63 -38.02
C VAL F 31 -16.39 25.13 -38.17
N LYS F 32 -15.34 24.37 -38.48
CA LYS F 32 -15.52 22.95 -38.75
C LYS F 32 -15.91 22.15 -37.52
N GLU F 33 -16.64 21.06 -37.74
CA GLU F 33 -17.04 20.13 -36.71
C GLU F 33 -16.71 18.72 -37.19
N GLY F 34 -16.27 17.88 -36.26
CA GLY F 34 -15.85 16.53 -36.58
C GLY F 34 -16.55 15.52 -35.70
N LEU F 35 -16.78 14.34 -36.28
CA LEU F 35 -17.44 13.24 -35.62
C LEU F 35 -16.51 12.03 -35.54
N THR F 36 -16.67 11.26 -34.48
CA THR F 36 -15.97 10.01 -34.32
C THR F 36 -17.00 8.89 -34.24
N PHE F 37 -16.52 7.65 -34.08
CA PHE F 37 -17.41 6.48 -34.12
C PHE F 37 -18.49 6.56 -33.05
N ASP F 38 -18.12 6.99 -31.85
CA ASP F 38 -19.02 7.01 -30.71
C ASP F 38 -19.99 8.18 -30.73
N ASP F 39 -19.99 8.97 -31.81
CA ASP F 39 -20.93 10.08 -31.96
C ASP F 39 -22.16 9.70 -32.77
N VAL F 40 -22.17 8.54 -33.43
CA VAL F 40 -23.19 8.22 -34.42
C VAL F 40 -23.66 6.78 -34.23
N LEU F 41 -24.76 6.47 -34.93
CA LEU F 41 -25.29 5.12 -35.11
C LEU F 41 -25.80 5.00 -36.53
N LEU F 42 -25.73 3.80 -37.08
CA LEU F 42 -26.29 3.54 -38.40
C LEU F 42 -27.80 3.30 -38.30
N VAL F 43 -28.55 3.98 -39.17
CA VAL F 43 -30.01 3.87 -39.18
C VAL F 43 -30.40 2.61 -39.94
N PRO F 44 -31.22 1.73 -39.34
CA PRO F 44 -31.68 0.55 -40.07
C PRO F 44 -32.57 0.93 -41.25
N ALA F 45 -32.33 0.28 -42.39
CA ALA F 45 -33.04 0.55 -43.62
C ALA F 45 -33.77 -0.71 -44.10
N LYS F 46 -34.54 -0.55 -45.16
CA LYS F 46 -35.19 -1.67 -45.83
C LYS F 46 -34.17 -2.70 -46.28
N SER F 47 -34.47 -3.98 -46.01
CA SER F 47 -33.54 -5.06 -46.29
C SER F 47 -34.27 -6.27 -46.85
N ASP F 48 -33.77 -6.79 -47.98
CA ASP F 48 -34.18 -8.10 -48.49
C ASP F 48 -33.09 -9.14 -48.31
N VAL F 49 -31.98 -8.76 -47.69
CA VAL F 49 -30.82 -9.64 -47.60
C VAL F 49 -30.61 -10.02 -46.14
N LEU F 50 -30.08 -11.21 -45.94
CA LEU F 50 -29.72 -11.76 -44.66
C LEU F 50 -28.21 -11.73 -44.45
N PRO F 51 -27.77 -11.65 -43.20
CA PRO F 51 -26.32 -11.59 -42.92
C PRO F 51 -25.51 -12.67 -43.62
N ARG F 52 -26.04 -13.89 -43.73
CA ARG F 52 -25.31 -14.96 -44.40
C ARG F 52 -25.18 -14.70 -45.90
N GLU F 53 -26.09 -13.93 -46.49
CA GLU F 53 -26.16 -13.77 -47.93
C GLU F 53 -25.48 -12.52 -48.43
N VAL F 54 -24.88 -11.72 -47.56
CA VAL F 54 -24.21 -10.51 -48.02
C VAL F 54 -22.82 -10.85 -48.52
N SER F 55 -22.28 -9.96 -49.34
CA SER F 55 -20.93 -10.11 -49.87
C SER F 55 -20.02 -9.14 -49.14
N VAL F 56 -18.90 -9.64 -48.65
CA VAL F 56 -17.93 -8.81 -47.95
C VAL F 56 -16.66 -8.66 -48.77
N LYS F 57 -16.72 -8.99 -50.06
CA LYS F 57 -15.55 -8.80 -50.91
C LYS F 57 -15.37 -7.32 -51.24
N THR F 58 -14.11 -6.96 -51.50
CA THR F 58 -13.75 -5.60 -51.82
C THR F 58 -12.55 -5.63 -52.76
N VAL F 59 -12.48 -4.65 -53.65
CA VAL F 59 -11.39 -4.52 -54.62
C VAL F 59 -10.67 -3.21 -54.34
N LEU F 60 -9.38 -3.31 -54.02
CA LEU F 60 -8.53 -2.14 -53.79
C LEU F 60 -7.86 -1.66 -55.07
N SER F 61 -7.50 -2.59 -55.94
CA SER F 61 -7.00 -2.30 -57.28
C SER F 61 -7.21 -3.55 -58.11
N GLU F 62 -6.91 -3.49 -59.40
CA GLU F 62 -7.06 -4.68 -60.23
C GLU F 62 -6.09 -5.78 -59.82
N SER F 63 -4.96 -5.43 -59.22
CA SER F 63 -4.00 -6.43 -58.78
C SER F 63 -4.12 -6.78 -57.30
N LEU F 64 -4.97 -6.07 -56.54
CA LEU F 64 -5.09 -6.27 -55.09
C LEU F 64 -6.57 -6.26 -54.74
N GLN F 65 -7.13 -7.46 -54.54
CA GLN F 65 -8.52 -7.63 -54.12
C GLN F 65 -8.59 -8.62 -52.96
N LEU F 66 -9.31 -8.23 -51.90
CA LEU F 66 -9.43 -9.01 -50.68
C LEU F 66 -10.84 -9.53 -50.49
N ASN F 67 -10.94 -10.73 -49.90
CA ASN F 67 -12.24 -11.32 -49.64
C ASN F 67 -12.91 -10.75 -48.40
N ILE F 68 -12.14 -10.28 -47.42
CA ILE F 68 -12.71 -9.57 -46.28
C ILE F 68 -12.00 -8.22 -46.18
N PRO F 69 -12.70 -7.15 -45.80
CA PRO F 69 -12.08 -5.81 -45.81
C PRO F 69 -11.31 -5.51 -44.53
N LEU F 70 -10.30 -6.33 -44.24
CA LEU F 70 -9.52 -6.22 -43.03
C LEU F 70 -8.04 -6.28 -43.36
N ILE F 71 -7.27 -5.34 -42.83
CA ILE F 71 -5.83 -5.30 -42.99
C ILE F 71 -5.18 -5.20 -41.62
N SER F 72 -4.21 -6.05 -41.34
CA SER F 72 -3.46 -5.94 -40.09
C SER F 72 -2.38 -4.88 -40.21
N ALA F 73 -2.23 -4.08 -39.16
CA ALA F 73 -1.36 -2.92 -39.20
C ALA F 73 0.13 -3.30 -39.26
N GLY F 74 0.90 -2.44 -39.91
CA GLY F 74 2.34 -2.63 -40.04
C GLY F 74 3.09 -2.10 -38.84
N MET F 75 2.96 -2.78 -37.70
CA MET F 75 3.59 -2.37 -36.46
C MET F 75 4.41 -3.53 -35.91
N ASP F 76 5.48 -3.20 -35.18
CA ASP F 76 6.41 -4.22 -34.69
C ASP F 76 5.80 -5.15 -33.65
N THR F 77 4.57 -4.90 -33.21
CA THR F 77 3.87 -5.76 -32.28
C THR F 77 2.61 -6.35 -32.88
N VAL F 78 2.36 -6.19 -34.18
CA VAL F 78 1.11 -6.63 -34.77
C VAL F 78 1.33 -7.68 -35.85
N THR F 79 2.16 -7.36 -36.85
CA THR F 79 2.20 -8.17 -38.06
C THR F 79 3.63 -8.55 -38.42
N GLU F 80 3.89 -9.85 -38.47
CA GLU F 80 5.11 -10.38 -39.07
C GLU F 80 4.68 -11.50 -40.03
N ALA F 81 5.60 -12.44 -40.29
CA ALA F 81 5.32 -13.47 -41.30
C ALA F 81 4.09 -14.28 -40.95
N ASP F 82 4.05 -14.86 -39.74
CA ASP F 82 2.92 -15.71 -39.36
C ASP F 82 1.61 -14.94 -39.30
N MET F 83 1.66 -13.64 -38.96
CA MET F 83 0.44 -12.85 -38.92
C MET F 83 -0.09 -12.57 -40.31
N ALA F 84 0.79 -12.13 -41.23
CA ALA F 84 0.38 -11.90 -42.60
C ALA F 84 -0.09 -13.17 -43.27
N ILE F 85 0.53 -14.29 -42.93
CA ILE F 85 0.10 -15.59 -43.46
C ILE F 85 -1.31 -15.90 -42.97
N ALA F 86 -1.54 -15.80 -41.66
CA ALA F 86 -2.86 -16.09 -41.12
C ALA F 86 -3.91 -15.11 -41.63
N MET F 87 -3.53 -13.84 -41.81
CA MET F 87 -4.47 -12.87 -42.37
C MET F 87 -4.95 -13.31 -43.76
N ALA F 88 -4.01 -13.63 -44.64
CA ALA F 88 -4.38 -13.97 -46.01
C ALA F 88 -5.25 -15.21 -46.09
N ARG F 89 -4.97 -16.21 -45.25
CA ARG F 89 -5.78 -17.43 -45.29
C ARG F 89 -7.22 -17.16 -44.87
N GLN F 90 -7.42 -16.15 -44.03
CA GLN F 90 -8.75 -15.73 -43.63
C GLN F 90 -9.42 -14.81 -44.66
N GLY F 91 -8.73 -14.48 -45.74
CA GLY F 91 -9.25 -13.58 -46.75
C GLY F 91 -8.83 -12.13 -46.62
N GLY F 92 -7.87 -11.82 -45.76
CA GLY F 92 -7.46 -10.44 -45.58
C GLY F 92 -6.07 -10.14 -46.10
N LEU F 93 -5.39 -9.19 -45.44
CA LEU F 93 -4.08 -8.73 -45.86
C LEU F 93 -3.28 -8.33 -44.65
N GLY F 94 -2.00 -8.63 -44.67
CA GLY F 94 -1.09 -8.25 -43.59
C GLY F 94 0.04 -7.39 -44.13
N ILE F 95 0.41 -6.37 -43.38
CA ILE F 95 1.49 -5.47 -43.75
C ILE F 95 2.65 -5.73 -42.80
N ILE F 96 3.69 -6.39 -43.29
CA ILE F 96 4.87 -6.66 -42.48
C ILE F 96 5.53 -5.33 -42.12
N HIS F 97 5.80 -5.15 -40.83
CA HIS F 97 6.29 -3.87 -40.33
C HIS F 97 7.72 -3.61 -40.81
N LYS F 98 8.15 -2.36 -40.65
CA LYS F 98 9.39 -1.86 -41.20
C LYS F 98 10.55 -1.87 -40.20
N ASN F 99 10.30 -2.16 -38.93
CA ASN F 99 11.36 -2.19 -37.91
C ASN F 99 12.19 -3.47 -37.99
N MET F 100 12.85 -3.64 -39.14
CA MET F 100 13.75 -4.78 -39.38
C MET F 100 14.69 -4.39 -40.50
N SER F 101 15.70 -5.23 -40.72
CA SER F 101 16.64 -4.97 -41.81
C SER F 101 15.95 -5.16 -43.16
N ILE F 102 16.62 -4.67 -44.21
CA ILE F 102 16.09 -4.79 -45.56
C ILE F 102 15.96 -6.25 -45.95
N GLU F 103 17.00 -7.04 -45.62
CA GLU F 103 17.04 -8.45 -46.00
C GLU F 103 16.06 -9.27 -45.18
N GLN F 104 15.89 -8.94 -43.90
CA GLN F 104 14.93 -9.64 -43.06
C GLN F 104 13.51 -9.34 -43.52
N GLN F 105 13.23 -8.07 -43.88
CA GLN F 105 11.89 -7.74 -44.34
C GLN F 105 11.62 -8.37 -45.69
N ALA F 106 12.62 -8.38 -46.58
CA ALA F 106 12.44 -9.06 -47.84
C ALA F 106 12.26 -10.56 -47.62
N GLU F 107 12.89 -11.11 -46.59
CA GLU F 107 12.73 -12.54 -46.31
C GLU F 107 11.36 -12.84 -45.72
N GLN F 108 10.78 -11.92 -44.94
CA GLN F 108 9.44 -12.15 -44.37
C GLN F 108 8.37 -12.04 -45.44
N VAL F 109 8.47 -11.03 -46.32
CA VAL F 109 7.54 -10.91 -47.44
C VAL F 109 7.65 -12.15 -48.30
N ASP F 110 8.89 -12.58 -48.54
CA ASP F 110 9.20 -13.75 -49.34
C ASP F 110 8.65 -15.02 -48.69
N LYS F 111 8.67 -15.08 -47.35
CA LYS F 111 8.10 -16.21 -46.62
C LYS F 111 6.60 -16.34 -46.86
N VAL F 112 5.89 -15.23 -46.90
CA VAL F 112 4.43 -15.28 -47.07
C VAL F 112 4.06 -15.72 -48.47
N LYS F 113 4.86 -15.34 -49.46
CA LYS F 113 4.51 -15.68 -50.84
C LYS F 113 4.55 -17.18 -51.08
N ARG F 114 5.57 -17.87 -50.54
CA ARG F 114 5.68 -19.31 -50.73
C ARG F 114 4.66 -20.12 -49.97
N SER F 115 4.03 -19.55 -48.95
CA SER F 115 3.15 -20.32 -48.08
C SER F 115 1.73 -20.37 -48.68
N GLY F 116 1.69 -20.82 -49.94
CA GLY F 116 0.43 -21.00 -50.64
C GLY F 116 0.07 -19.90 -51.62
N GLY F 117 1.02 -19.05 -51.99
CA GLY F 117 0.73 -17.93 -52.88
C GLY F 117 -0.14 -16.87 -52.25
N LEU F 118 0.10 -16.55 -50.98
CA LEU F 118 -0.73 -15.61 -50.24
C LEU F 118 -0.34 -14.17 -50.53
N LEU F 119 -1.31 -13.27 -50.40
CA LEU F 119 -1.09 -11.85 -50.58
C LEU F 119 -0.38 -11.26 -49.36
N VAL F 120 0.47 -10.26 -49.60
CA VAL F 120 1.25 -9.67 -48.52
C VAL F 120 1.60 -8.23 -48.88
N GLY F 121 1.72 -7.38 -47.85
CA GLY F 121 2.18 -6.02 -48.01
C GLY F 121 3.34 -5.75 -47.06
N ALA F 122 4.01 -4.63 -47.28
CA ALA F 122 5.15 -4.26 -46.45
C ALA F 122 5.21 -2.74 -46.31
N ALA F 123 5.55 -2.30 -45.10
CA ALA F 123 5.67 -0.88 -44.81
C ALA F 123 7.09 -0.38 -45.07
N VAL F 124 7.19 0.81 -45.66
CA VAL F 124 8.47 1.48 -45.92
C VAL F 124 8.34 2.93 -45.47
N GLY F 125 9.34 3.42 -44.72
CA GLY F 125 9.34 4.81 -44.34
C GLY F 125 9.92 5.69 -45.44
N VAL F 126 9.57 6.98 -45.39
CA VAL F 126 10.01 7.93 -46.40
C VAL F 126 11.34 8.51 -45.95
N THR F 127 12.43 7.86 -46.39
CA THR F 127 13.79 8.27 -46.09
C THR F 127 14.65 8.02 -47.33
N ALA F 128 15.91 8.48 -47.27
CA ALA F 128 16.81 8.30 -48.41
C ALA F 128 17.03 6.83 -48.73
N ASP F 129 17.03 5.97 -47.72
CA ASP F 129 17.20 4.53 -47.92
C ASP F 129 15.93 3.84 -48.40
N ALA F 130 14.84 4.59 -48.59
CA ALA F 130 13.55 3.96 -48.88
C ALA F 130 13.61 3.10 -50.14
N MET F 131 14.17 3.65 -51.22
CA MET F 131 14.15 2.94 -52.50
C MET F 131 14.98 1.66 -52.45
N THR F 132 16.08 1.64 -51.69
CA THR F 132 16.82 0.39 -51.51
C THR F 132 15.97 -0.64 -50.78
N ARG F 133 15.20 -0.19 -49.79
CA ARG F 133 14.30 -1.10 -49.08
C ARG F 133 13.19 -1.58 -50.00
N ILE F 134 12.69 -0.68 -50.85
CA ILE F 134 11.62 -1.04 -51.79
C ILE F 134 12.11 -2.05 -52.81
N ASP F 135 13.36 -1.90 -53.28
CA ASP F 135 13.90 -2.79 -54.29
C ASP F 135 13.88 -4.25 -53.83
N ALA F 136 14.37 -4.51 -52.62
CA ALA F 136 14.39 -5.89 -52.13
C ALA F 136 12.98 -6.45 -51.93
N LEU F 137 12.01 -5.59 -51.61
CA LEU F 137 10.65 -6.07 -51.41
C LEU F 137 9.97 -6.38 -52.73
N VAL F 138 10.20 -5.55 -53.76
CA VAL F 138 9.61 -5.82 -55.07
C VAL F 138 10.20 -7.08 -55.68
N LYS F 139 11.50 -7.30 -55.46
CA LYS F 139 12.14 -8.53 -55.93
C LYS F 139 11.59 -9.75 -55.20
N ALA F 140 11.17 -9.59 -53.94
CA ALA F 140 10.45 -10.64 -53.24
C ALA F 140 8.99 -10.75 -53.68
N SER F 141 8.57 -9.97 -54.69
CA SER F 141 7.22 -10.05 -55.26
C SER F 141 6.16 -9.59 -54.27
N VAL F 142 6.43 -8.51 -53.55
CA VAL F 142 5.44 -7.93 -52.65
C VAL F 142 4.26 -7.41 -53.46
N ASP F 143 3.06 -7.51 -52.88
CA ASP F 143 1.85 -7.10 -53.57
C ASP F 143 1.51 -5.62 -53.38
N ALA F 144 1.90 -5.02 -52.26
CA ALA F 144 1.63 -3.61 -52.01
C ALA F 144 2.68 -3.07 -51.05
N ILE F 145 3.07 -1.83 -51.25
CA ILE F 145 4.01 -1.15 -50.37
C ILE F 145 3.28 0.00 -49.71
N VAL F 146 3.47 0.15 -48.41
CA VAL F 146 2.80 1.19 -47.63
C VAL F 146 3.85 2.25 -47.29
N LEU F 147 3.78 3.40 -47.96
CA LEU F 147 4.64 4.55 -47.63
C LEU F 147 3.94 5.40 -46.57
N ASP F 148 4.10 5.02 -45.31
CA ASP F 148 3.42 5.66 -44.20
C ASP F 148 4.34 6.64 -43.48
N THR F 149 3.84 7.86 -43.22
CA THR F 149 4.54 8.88 -42.46
C THR F 149 3.53 9.51 -41.49
N ALA F 150 4.05 10.12 -40.42
CA ALA F 150 3.18 10.77 -39.44
C ALA F 150 2.30 11.83 -40.10
N HIS F 151 2.81 12.51 -41.12
CA HIS F 151 2.06 13.54 -41.83
C HIS F 151 2.17 13.24 -43.32
N GLY F 152 1.08 12.71 -43.89
CA GLY F 152 1.07 12.37 -45.30
C GLY F 152 0.98 13.56 -46.23
N HIS F 153 0.56 14.71 -45.71
CA HIS F 153 0.44 15.92 -46.52
C HIS F 153 1.73 16.72 -46.56
N SER F 154 2.88 16.07 -46.41
CA SER F 154 4.16 16.72 -46.53
C SER F 154 4.73 16.50 -47.93
N GLN F 155 5.50 17.48 -48.40
CA GLN F 155 6.02 17.41 -49.77
C GLN F 155 7.00 16.26 -49.94
N GLY F 156 7.73 15.88 -48.89
CA GLY F 156 8.63 14.75 -48.98
C GLY F 156 7.92 13.45 -49.31
N VAL F 157 6.71 13.26 -48.77
CA VAL F 157 5.93 12.06 -49.07
C VAL F 157 5.44 12.10 -50.51
N ILE F 158 4.96 13.26 -50.96
CA ILE F 158 4.45 13.43 -52.31
C ILE F 158 5.56 13.15 -53.32
N ASP F 159 6.76 13.67 -53.04
CA ASP F 159 7.90 13.43 -53.93
C ASP F 159 8.24 11.96 -54.00
N LYS F 160 8.23 11.26 -52.86
CA LYS F 160 8.55 9.84 -52.87
C LYS F 160 7.51 9.03 -53.63
N VAL F 161 6.24 9.44 -53.60
CA VAL F 161 5.20 8.67 -54.31
C VAL F 161 5.38 8.78 -55.82
N LYS F 162 5.62 9.99 -56.33
CA LYS F 162 5.85 10.14 -57.77
C LYS F 162 7.12 9.42 -58.22
N GLU F 163 8.17 9.46 -57.38
CA GLU F 163 9.43 8.80 -57.72
C GLU F 163 9.33 7.28 -57.66
N VAL F 164 8.43 6.74 -56.85
CA VAL F 164 8.20 5.30 -56.86
C VAL F 164 7.26 4.91 -58.00
N ARG F 165 6.26 5.74 -58.30
CA ARG F 165 5.37 5.47 -59.42
C ARG F 165 6.09 5.49 -60.76
N ALA F 166 7.12 6.33 -60.91
CA ALA F 166 7.88 6.36 -62.16
C ALA F 166 8.67 5.08 -62.35
N LYS F 167 9.28 4.56 -61.27
CA LYS F 167 10.12 3.38 -61.37
C LYS F 167 9.30 2.10 -61.41
N TYR F 168 8.16 2.06 -60.75
CA TYR F 168 7.32 0.86 -60.67
C TYR F 168 5.88 1.25 -61.00
N PRO F 169 5.53 1.30 -62.29
CA PRO F 169 4.16 1.64 -62.66
C PRO F 169 3.14 0.59 -62.28
N SER F 170 3.57 -0.64 -62.01
CA SER F 170 2.65 -1.72 -61.67
C SER F 170 2.57 -2.00 -60.18
N LEU F 171 3.39 -1.33 -59.36
CA LEU F 171 3.43 -1.61 -57.93
C LEU F 171 2.27 -0.92 -57.23
N ASN F 172 1.54 -1.67 -56.40
CA ASN F 172 0.50 -1.07 -55.57
C ASN F 172 1.14 -0.19 -54.51
N ILE F 173 0.75 1.09 -54.50
CA ILE F 173 1.30 2.06 -53.56
C ILE F 173 0.17 2.55 -52.67
N ILE F 174 0.32 2.31 -51.37
CA ILE F 174 -0.60 2.83 -50.37
C ILE F 174 0.13 3.93 -49.62
N ALA F 175 -0.38 5.16 -49.72
CA ALA F 175 0.25 6.34 -49.15
C ALA F 175 -0.64 6.89 -48.03
N GLY F 176 -0.03 7.21 -46.89
CA GLY F 176 -0.76 7.77 -45.77
C GLY F 176 0.22 8.31 -44.75
N ASN F 177 -0.32 8.84 -43.64
CA ASN F 177 -1.76 8.94 -43.36
C ASN F 177 -2.25 10.38 -43.57
N VAL F 178 -3.54 10.53 -43.95
CA VAL F 178 -4.13 11.85 -44.21
C VAL F 178 -5.48 11.97 -43.49
N ALA F 179 -5.97 13.21 -43.37
CA ALA F 179 -7.24 13.48 -42.71
C ALA F 179 -8.02 14.59 -43.40
N THR F 180 -7.52 15.12 -44.50
CA THR F 180 -8.20 16.18 -45.21
C THR F 180 -8.37 15.76 -46.66
N ALA F 181 -9.38 16.35 -47.30
CA ALA F 181 -9.61 16.06 -48.72
C ALA F 181 -8.44 16.50 -49.58
N GLU F 182 -7.83 17.65 -49.24
CA GLU F 182 -6.72 18.14 -50.06
C GLU F 182 -5.53 17.21 -49.98
N ALA F 183 -5.26 16.63 -48.81
CA ALA F 183 -4.17 15.68 -48.69
C ALA F 183 -4.45 14.41 -49.47
N THR F 184 -5.72 14.02 -49.55
CA THR F 184 -6.10 12.90 -50.41
C THR F 184 -5.89 13.24 -51.87
N LYS F 185 -6.26 14.47 -52.26
CA LYS F 185 -6.05 14.93 -53.63
C LYS F 185 -4.57 14.98 -53.97
N ALA F 186 -3.72 15.34 -52.99
CA ALA F 186 -2.29 15.43 -53.24
C ALA F 186 -1.66 14.06 -53.45
N LEU F 187 -2.02 13.07 -52.62
CA LEU F 187 -1.41 11.75 -52.76
C LEU F 187 -1.90 11.01 -54.00
N ILE F 188 -3.16 11.21 -54.39
CA ILE F 188 -3.66 10.56 -55.60
C ILE F 188 -2.96 11.11 -56.82
N GLU F 189 -2.80 12.44 -56.88
CA GLU F 189 -2.10 13.06 -58.00
C GLU F 189 -0.64 12.65 -58.06
N ALA F 190 -0.06 12.24 -56.94
CA ALA F 190 1.32 11.78 -56.96
C ALA F 190 1.45 10.33 -57.43
N GLY F 191 0.36 9.59 -57.56
CA GLY F 191 0.39 8.24 -58.07
C GLY F 191 0.11 7.12 -57.08
N ALA F 192 -0.61 7.38 -56.00
CA ALA F 192 -0.95 6.35 -55.02
C ALA F 192 -2.29 5.71 -55.39
N ASN F 193 -2.32 4.38 -55.41
CA ASN F 193 -3.57 3.68 -55.74
C ASN F 193 -4.54 3.68 -54.58
N VAL F 194 -4.05 3.66 -53.34
CA VAL F 194 -4.88 3.62 -52.14
C VAL F 194 -4.33 4.63 -51.15
N VAL F 195 -5.23 5.32 -50.44
CA VAL F 195 -4.86 6.33 -49.46
C VAL F 195 -5.30 5.85 -48.08
N LYS F 196 -4.38 5.89 -47.12
CA LYS F 196 -4.66 5.47 -45.76
C LYS F 196 -4.98 6.69 -44.89
N VAL F 197 -6.13 6.65 -44.22
CA VAL F 197 -6.70 7.78 -43.50
C VAL F 197 -6.63 7.47 -42.01
N GLY F 198 -6.17 8.45 -41.23
CA GLY F 198 -6.10 8.38 -39.79
C GLY F 198 -4.92 9.10 -39.15
N ILE F 199 -5.19 10.22 -38.46
CA ILE F 199 -4.18 10.96 -37.68
C ILE F 199 -4.67 11.10 -36.25
N GLY F 200 -4.16 10.25 -35.36
CA GLY F 200 -4.52 10.38 -33.96
C GLY F 200 -5.58 9.47 -33.38
N PRO F 201 -6.33 8.68 -34.17
CA PRO F 201 -7.35 7.85 -33.53
C PRO F 201 -6.79 6.57 -32.91
N GLY F 202 -5.52 6.24 -33.14
CA GLY F 202 -4.99 4.97 -32.65
C GLY F 202 -5.09 4.82 -31.15
N SER F 203 -5.31 3.59 -30.71
CA SER F 203 -5.46 3.31 -29.29
C SER F 203 -4.16 3.56 -28.53
N ILE F 204 -3.02 3.43 -29.19
CA ILE F 204 -1.72 3.66 -28.57
C ILE F 204 -1.15 5.00 -28.96
N CYS F 205 -1.96 5.89 -29.53
CA CYS F 205 -1.49 7.13 -30.12
C CYS F 205 -1.72 8.30 -29.16
N THR F 206 -0.72 9.17 -29.07
CA THR F 206 -0.81 10.40 -28.29
C THR F 206 -0.59 11.65 -29.15
N THR F 207 -0.61 11.50 -30.48
CA THR F 207 -0.36 12.62 -31.38
C THR F 207 -1.24 13.82 -31.05
N ARG F 208 -2.54 13.59 -30.90
CA ARG F 208 -3.44 14.69 -30.64
C ARG F 208 -3.20 15.34 -29.29
N VAL F 209 -2.56 14.63 -28.36
CA VAL F 209 -2.29 15.18 -27.05
C VAL F 209 -0.97 15.96 -27.03
N VAL F 210 0.06 15.47 -27.73
CA VAL F 210 1.36 16.11 -27.68
C VAL F 210 1.55 17.18 -28.75
N ALA F 211 0.80 17.12 -29.86
CA ALA F 211 0.89 18.14 -30.89
C ALA F 211 -0.40 18.91 -31.09
N GLY F 212 -1.51 18.45 -30.52
CA GLY F 212 -2.79 19.13 -30.68
C GLY F 212 -3.44 18.96 -32.04
N VAL F 213 -2.95 18.04 -32.87
CA VAL F 213 -3.35 17.95 -34.27
C VAL F 213 -4.17 16.69 -34.47
N GLY F 214 -5.24 16.81 -35.25
CA GLY F 214 -6.02 15.65 -35.60
C GLY F 214 -7.33 16.05 -36.24
N VAL F 215 -8.01 15.05 -36.79
CA VAL F 215 -9.37 15.20 -37.31
C VAL F 215 -10.13 13.97 -36.82
N PRO F 216 -11.30 14.14 -36.19
CA PRO F 216 -12.07 12.98 -35.74
C PRO F 216 -12.27 11.94 -36.84
N GLN F 217 -11.98 10.69 -36.51
CA GLN F 217 -11.73 9.66 -37.52
C GLN F 217 -12.90 9.47 -38.47
N LEU F 218 -14.12 9.53 -37.96
CA LEU F 218 -15.27 9.33 -38.83
C LEU F 218 -15.41 10.47 -39.83
N THR F 219 -15.10 11.69 -39.41
CA THR F 219 -15.13 12.81 -40.34
C THR F 219 -13.96 12.73 -41.32
N ALA F 220 -12.79 12.31 -40.84
CA ALA F 220 -11.62 12.17 -41.71
C ALA F 220 -11.89 11.19 -42.84
N VAL F 221 -12.47 10.03 -42.52
CA VAL F 221 -12.79 9.05 -43.56
C VAL F 221 -13.80 9.61 -44.54
N TYR F 222 -14.83 10.30 -44.05
CA TYR F 222 -15.84 10.87 -44.93
C TYR F 222 -15.24 11.95 -45.81
N ASP F 223 -14.44 12.84 -45.23
CA ASP F 223 -13.83 13.91 -46.01
C ASP F 223 -12.86 13.37 -47.04
N CYS F 224 -12.10 12.34 -46.67
CA CYS F 224 -11.13 11.78 -47.62
C CYS F 224 -11.82 10.92 -48.67
N ALA F 225 -12.84 10.16 -48.28
CA ALA F 225 -13.56 9.34 -49.25
C ALA F 225 -14.34 10.21 -50.24
N THR F 226 -14.77 11.39 -49.82
CA THR F 226 -15.47 12.30 -50.72
C THR F 226 -14.57 12.68 -51.89
N GLU F 227 -13.28 12.91 -51.61
CA GLU F 227 -12.35 13.20 -52.69
C GLU F 227 -11.96 11.94 -53.46
N ALA F 228 -11.69 10.85 -52.74
CA ALA F 228 -11.16 9.66 -53.40
C ALA F 228 -12.17 9.01 -54.34
N ARG F 229 -13.46 9.08 -54.02
CA ARG F 229 -14.47 8.49 -54.90
C ARG F 229 -14.48 9.13 -56.29
N LYS F 230 -14.17 10.44 -56.36
CA LYS F 230 -14.17 11.12 -57.64
C LYS F 230 -13.11 10.57 -58.58
N HIS F 231 -12.09 9.91 -58.06
CA HIS F 231 -11.02 9.33 -58.87
C HIS F 231 -11.12 7.81 -58.93
N GLY F 232 -12.13 7.21 -58.31
CA GLY F 232 -12.19 5.77 -58.22
C GLY F 232 -11.15 5.17 -57.31
N ILE F 233 -10.61 5.95 -56.38
CA ILE F 233 -9.53 5.52 -55.51
C ILE F 233 -10.12 5.07 -54.18
N PRO F 234 -9.73 3.91 -53.66
CA PRO F 234 -10.19 3.49 -52.34
C PRO F 234 -9.36 4.12 -51.22
N VAL F 235 -9.98 4.19 -50.04
CA VAL F 235 -9.32 4.71 -48.84
C VAL F 235 -9.37 3.65 -47.75
N ILE F 236 -8.38 3.71 -46.86
CA ILE F 236 -8.27 2.80 -45.72
C ILE F 236 -8.58 3.59 -44.47
N ALA F 237 -9.57 3.13 -43.70
CA ALA F 237 -9.85 3.71 -42.39
C ALA F 237 -8.90 3.05 -41.40
N ASP F 238 -7.90 3.79 -40.94
CA ASP F 238 -6.81 3.26 -40.15
C ASP F 238 -6.87 3.81 -38.73
N GLY F 239 -7.12 2.93 -37.76
CA GLY F 239 -7.02 3.29 -36.36
C GLY F 239 -8.36 3.67 -35.75
N GLY F 240 -8.44 3.51 -34.43
CA GLY F 240 -9.59 3.96 -33.68
C GLY F 240 -10.69 2.94 -33.54
N ILE F 241 -10.57 1.80 -34.21
CA ILE F 241 -11.62 0.79 -34.20
C ILE F 241 -11.47 -0.01 -32.91
N LYS F 242 -12.47 0.06 -32.04
CA LYS F 242 -12.45 -0.66 -30.77
C LYS F 242 -13.38 -1.87 -30.76
N TYR F 243 -14.50 -1.78 -31.46
CA TYR F 243 -15.47 -2.87 -31.55
C TYR F 243 -15.81 -3.11 -33.01
N SER F 244 -16.48 -4.24 -33.29
CA SER F 244 -16.82 -4.55 -34.66
C SER F 244 -17.80 -3.54 -35.25
N GLY F 245 -18.62 -2.91 -34.41
CA GLY F 245 -19.54 -1.91 -34.90
C GLY F 245 -18.84 -0.66 -35.41
N ASP F 246 -17.67 -0.34 -34.85
CA ASP F 246 -16.90 0.79 -35.37
C ASP F 246 -16.43 0.51 -36.80
N MET F 247 -16.10 -0.75 -37.08
CA MET F 247 -15.69 -1.14 -38.43
C MET F 247 -16.83 -0.97 -39.43
N VAL F 248 -18.05 -1.32 -39.03
CA VAL F 248 -19.20 -1.16 -39.92
C VAL F 248 -19.44 0.32 -40.21
N LYS F 249 -19.23 1.18 -39.22
CA LYS F 249 -19.41 2.61 -39.40
C LYS F 249 -18.36 3.20 -40.33
N ALA F 250 -17.11 2.73 -40.23
CA ALA F 250 -16.05 3.25 -41.08
C ALA F 250 -16.28 2.89 -42.54
N LEU F 251 -16.66 1.64 -42.81
CA LEU F 251 -16.98 1.25 -44.17
C LEU F 251 -18.21 1.99 -44.67
N ALA F 252 -19.23 2.14 -43.82
CA ALA F 252 -20.41 2.89 -44.20
C ALA F 252 -20.15 4.37 -44.39
N ALA F 253 -19.03 4.88 -43.86
CA ALA F 253 -18.67 6.27 -44.05
C ALA F 253 -17.90 6.53 -45.35
N GLY F 254 -17.55 5.48 -46.09
CA GLY F 254 -16.91 5.68 -47.38
C GLY F 254 -15.63 4.88 -47.58
N ALA F 255 -15.16 4.18 -46.56
CA ALA F 255 -13.90 3.44 -46.67
C ALA F 255 -14.12 2.09 -47.32
N HIS F 256 -13.17 1.70 -48.18
CA HIS F 256 -13.22 0.39 -48.82
C HIS F 256 -12.76 -0.70 -47.86
N VAL F 257 -11.78 -0.37 -47.01
CA VAL F 257 -11.11 -1.33 -46.15
C VAL F 257 -10.72 -0.62 -44.86
N VAL F 258 -10.61 -1.37 -43.78
CA VAL F 258 -10.15 -0.82 -42.50
C VAL F 258 -8.87 -1.52 -42.08
N MET F 259 -8.03 -0.80 -41.35
CA MET F 259 -6.78 -1.34 -40.81
C MET F 259 -6.85 -1.39 -39.29
N LEU F 260 -6.55 -2.56 -38.73
CA LEU F 260 -6.67 -2.78 -37.30
C LEU F 260 -5.32 -3.12 -36.69
N GLY F 261 -5.10 -2.63 -35.47
CA GLY F 261 -3.88 -2.94 -34.74
C GLY F 261 -4.15 -3.57 -33.40
N SER F 262 -4.78 -2.82 -32.49
CA SER F 262 -5.00 -3.32 -31.13
C SER F 262 -5.87 -4.56 -31.12
N MET F 263 -6.85 -4.63 -32.03
CA MET F 263 -7.74 -5.78 -32.09
C MET F 263 -7.04 -7.04 -32.61
N PHE F 264 -5.83 -6.90 -33.14
CA PHE F 264 -5.06 -8.04 -33.62
C PHE F 264 -3.85 -8.35 -32.78
N ALA F 265 -3.40 -7.42 -31.93
CA ALA F 265 -2.17 -7.62 -31.18
C ALA F 265 -2.29 -8.74 -30.14
N GLY F 266 -3.50 -9.03 -29.69
CA GLY F 266 -3.68 -10.08 -28.70
C GLY F 266 -3.79 -11.47 -29.27
N VAL F 267 -3.74 -11.58 -30.60
CA VAL F 267 -3.93 -12.86 -31.26
C VAL F 267 -2.66 -13.70 -31.17
N ALA F 268 -2.82 -15.03 -31.27
CA ALA F 268 -1.68 -15.92 -31.10
C ALA F 268 -0.64 -15.69 -32.19
N GLU F 269 -1.08 -15.45 -33.43
CA GLU F 269 -0.16 -15.24 -34.54
C GLU F 269 0.38 -13.82 -34.63
N SER F 270 0.68 -13.19 -33.51
CA SER F 270 1.22 -11.84 -33.58
C SER F 270 2.56 -11.78 -32.85
N PRO F 271 3.45 -10.88 -33.27
CA PRO F 271 4.80 -10.87 -32.69
C PRO F 271 4.79 -10.61 -31.19
N GLY F 272 5.83 -11.11 -30.53
CA GLY F 272 5.90 -11.06 -29.09
C GLY F 272 5.31 -12.30 -28.43
N GLU F 273 5.66 -12.48 -27.16
CA GLU F 273 5.22 -13.62 -26.38
C GLU F 273 4.22 -13.16 -25.33
N THR F 274 3.34 -14.08 -24.94
CA THR F 274 2.34 -13.77 -23.93
C THR F 274 3.03 -13.60 -22.57
N GLU F 275 2.68 -12.53 -21.87
CA GLU F 275 3.12 -12.29 -20.50
C GLU F 275 1.91 -12.34 -19.59
N ILE F 276 2.14 -12.67 -18.32
CA ILE F 276 1.06 -12.92 -17.35
C ILE F 276 0.88 -11.73 -16.40
N TYR F 277 -0.36 -11.24 -16.34
CA TYR F 277 -0.76 -10.20 -15.40
C TYR F 277 -2.09 -10.60 -14.80
N GLN F 278 -2.15 -10.73 -13.48
CA GLN F 278 -3.39 -11.03 -12.76
C GLN F 278 -3.97 -12.37 -13.22
N GLY F 279 -3.10 -13.33 -13.50
CA GLY F 279 -3.56 -14.65 -13.90
C GLY F 279 -4.05 -14.72 -15.33
N ARG F 280 -4.02 -13.62 -16.06
CA ARG F 280 -4.43 -13.56 -17.45
C ARG F 280 -3.22 -13.31 -18.33
N GLN F 281 -3.30 -13.79 -19.57
CA GLN F 281 -2.21 -13.64 -20.52
C GLN F 281 -2.40 -12.39 -21.36
N PHE F 282 -1.31 -11.65 -21.56
CA PHE F 282 -1.33 -10.43 -22.34
C PHE F 282 -0.18 -10.47 -23.34
N LYS F 283 -0.34 -9.72 -24.41
CA LYS F 283 0.72 -9.51 -25.38
C LYS F 283 1.04 -8.02 -25.42
N VAL F 284 2.33 -7.72 -25.60
CA VAL F 284 2.77 -6.33 -25.66
C VAL F 284 2.21 -5.68 -26.92
N TYR F 285 1.67 -4.47 -26.76
CA TYR F 285 1.19 -3.69 -27.89
C TYR F 285 1.62 -2.24 -27.65
N ARG F 286 2.36 -1.68 -28.59
CA ARG F 286 2.93 -0.36 -28.41
C ARG F 286 2.82 0.43 -29.71
N GLY F 287 2.79 1.75 -29.59
CA GLY F 287 2.81 2.58 -30.77
C GLY F 287 4.18 2.62 -31.40
N MET F 288 4.20 2.72 -32.73
CA MET F 288 5.46 2.84 -33.46
C MET F 288 6.16 4.15 -33.19
N GLY F 289 5.47 5.12 -32.59
CA GLY F 289 6.06 6.36 -32.12
C GLY F 289 6.42 6.37 -30.66
N SER F 290 6.38 5.22 -29.99
CA SER F 290 6.76 5.16 -28.60
C SER F 290 8.27 5.05 -28.47
N VAL F 291 8.77 5.34 -27.26
CA VAL F 291 10.22 5.31 -27.02
C VAL F 291 10.79 3.93 -27.33
N GLY F 292 10.13 2.89 -26.85
CA GLY F 292 10.66 1.54 -27.00
C GLY F 292 10.74 1.10 -28.46
N ALA F 293 9.69 1.39 -29.24
CA ALA F 293 9.67 0.95 -30.63
C ALA F 293 10.68 1.71 -31.48
N MET F 294 11.02 2.93 -31.05
CA MET F 294 11.94 3.79 -31.79
C MET F 294 13.40 3.46 -31.53
N GLU F 295 13.71 2.75 -30.45
CA GLU F 295 15.08 2.33 -30.19
C GLU F 295 15.55 1.30 -31.22
N LYS F 309 16.31 12.32 -27.87
CA LYS F 309 16.51 13.65 -28.43
C LYS F 309 15.26 14.16 -29.14
N LEU F 310 14.28 13.26 -29.35
CA LEU F 310 13.04 13.62 -30.01
C LEU F 310 11.85 13.10 -29.22
N VAL F 311 10.68 13.58 -29.59
CA VAL F 311 9.49 13.54 -28.75
C VAL F 311 8.57 12.42 -29.23
N PRO F 312 8.18 11.48 -28.38
CA PRO F 312 7.34 10.37 -28.81
C PRO F 312 5.90 10.80 -29.05
N GLU F 313 5.22 10.06 -29.91
CA GLU F 313 3.81 10.26 -30.23
C GLU F 313 3.01 8.98 -30.03
N GLY F 314 3.48 8.10 -29.15
CA GLY F 314 2.78 6.86 -28.85
C GLY F 314 3.20 6.34 -27.48
N ILE F 315 2.47 5.32 -27.02
CA ILE F 315 2.69 4.73 -25.70
C ILE F 315 2.91 3.23 -25.85
N GLU F 316 3.46 2.64 -24.78
CA GLU F 316 3.73 1.22 -24.72
C GLU F 316 2.78 0.55 -23.75
N GLY F 317 2.10 -0.50 -24.21
CA GLY F 317 1.09 -1.16 -23.42
C GLY F 317 0.97 -2.65 -23.67
N ARG F 318 -0.18 -3.21 -23.29
CA ARG F 318 -0.45 -4.63 -23.44
C ARG F 318 -1.95 -4.82 -23.56
N VAL F 319 -2.36 -5.79 -24.37
CA VAL F 319 -3.76 -6.08 -24.61
C VAL F 319 -4.01 -7.55 -24.27
N PRO F 320 -5.23 -7.93 -23.91
CA PRO F 320 -5.47 -9.32 -23.53
C PRO F 320 -5.22 -10.27 -24.69
N TYR F 321 -4.75 -11.47 -24.35
CA TYR F 321 -4.52 -12.52 -25.33
C TYR F 321 -5.87 -13.06 -25.82
N LYS F 322 -5.99 -13.20 -27.14
CA LYS F 322 -7.27 -13.46 -27.78
C LYS F 322 -7.35 -14.82 -28.45
N GLY F 323 -6.24 -15.56 -28.49
CA GLY F 323 -6.20 -16.87 -29.08
C GLY F 323 -5.88 -16.84 -30.56
N PRO F 324 -6.40 -17.81 -31.32
CA PRO F 324 -6.13 -17.84 -32.76
C PRO F 324 -6.81 -16.69 -33.48
N LEU F 325 -6.20 -16.29 -34.60
CA LEU F 325 -6.73 -15.18 -35.38
C LEU F 325 -8.12 -15.47 -35.94
N ALA F 326 -8.43 -16.74 -36.23
CA ALA F 326 -9.71 -17.07 -36.84
C ALA F 326 -10.89 -16.66 -35.97
N ASP F 327 -10.75 -16.78 -34.64
CA ASP F 327 -11.87 -16.47 -33.76
C ASP F 327 -12.15 -14.98 -33.73
N THR F 328 -11.11 -14.14 -33.72
CA THR F 328 -11.30 -12.70 -33.77
C THR F 328 -11.86 -12.25 -35.12
N VAL F 329 -11.29 -12.77 -36.21
CA VAL F 329 -11.74 -12.38 -37.53
C VAL F 329 -13.20 -12.80 -37.74
N HIS F 330 -13.58 -13.97 -37.21
CA HIS F 330 -14.94 -14.45 -37.39
C HIS F 330 -15.94 -13.52 -36.72
N GLN F 331 -15.62 -13.02 -35.52
CA GLN F 331 -16.52 -12.08 -34.84
C GLN F 331 -16.59 -10.75 -35.56
N LEU F 332 -15.45 -10.27 -36.09
CA LEU F 332 -15.44 -9.01 -36.83
C LEU F 332 -16.30 -9.11 -38.09
N VAL F 333 -16.08 -10.13 -38.91
CA VAL F 333 -16.86 -10.30 -40.13
C VAL F 333 -18.32 -10.57 -39.80
N GLY F 334 -18.57 -11.36 -38.76
CA GLY F 334 -19.95 -11.63 -38.37
C GLY F 334 -20.69 -10.37 -37.96
N GLY F 335 -20.00 -9.48 -37.22
CA GLY F 335 -20.59 -8.18 -36.92
C GLY F 335 -20.80 -7.34 -38.15
N LEU F 336 -19.91 -7.47 -39.14
CA LEU F 336 -20.09 -6.73 -40.40
C LEU F 336 -21.31 -7.25 -41.16
N ARG F 337 -21.47 -8.57 -41.25
CA ARG F 337 -22.63 -9.14 -41.94
C ARG F 337 -23.93 -8.72 -41.26
N ALA F 338 -23.93 -8.62 -39.93
CA ALA F 338 -25.11 -8.16 -39.21
C ALA F 338 -25.43 -6.71 -39.56
N GLY F 339 -24.42 -5.84 -39.52
CA GLY F 339 -24.65 -4.44 -39.82
C GLY F 339 -25.13 -4.23 -41.24
N MET F 340 -24.55 -4.96 -42.20
CA MET F 340 -24.98 -4.84 -43.59
C MET F 340 -26.41 -5.34 -43.78
N GLY F 341 -26.80 -6.38 -43.06
CA GLY F 341 -28.19 -6.83 -43.12
C GLY F 341 -29.14 -5.79 -42.56
N TYR F 342 -28.72 -5.10 -41.50
CA TYR F 342 -29.52 -4.01 -40.94
C TYR F 342 -29.68 -2.87 -41.93
N CYS F 343 -28.65 -2.60 -42.73
CA CYS F 343 -28.69 -1.48 -43.66
C CYS F 343 -29.22 -1.88 -45.04
N GLY F 344 -29.51 -3.16 -45.25
CA GLY F 344 -29.99 -3.61 -46.55
C GLY F 344 -28.93 -3.60 -47.63
N ALA F 345 -27.67 -3.71 -47.26
CA ALA F 345 -26.56 -3.69 -48.21
C ALA F 345 -26.19 -5.12 -48.55
N GLN F 346 -26.31 -5.46 -49.83
CA GLN F 346 -25.90 -6.73 -50.39
C GLN F 346 -24.39 -6.86 -50.43
N ASP F 347 -23.73 -5.76 -50.76
CA ASP F 347 -22.29 -5.68 -50.89
C ASP F 347 -21.83 -4.34 -50.30
N LEU F 348 -20.52 -4.17 -50.19
CA LEU F 348 -19.98 -3.01 -49.49
C LEU F 348 -20.19 -1.71 -50.24
N GLU F 349 -20.41 -1.76 -51.56
CA GLU F 349 -20.64 -0.50 -52.28
C GLU F 349 -21.98 0.10 -51.90
N PHE F 350 -23.01 -0.73 -51.72
CA PHE F 350 -24.30 -0.22 -51.31
C PHE F 350 -24.21 0.43 -49.92
N LEU F 351 -23.48 -0.20 -49.00
CA LEU F 351 -23.30 0.40 -47.69
C LEU F 351 -22.56 1.73 -47.79
N ARG F 352 -21.54 1.81 -48.67
CA ARG F 352 -20.75 3.03 -48.79
C ARG F 352 -21.57 4.19 -49.35
N GLU F 353 -22.52 3.90 -50.25
CA GLU F 353 -23.23 4.94 -50.99
C GLU F 353 -24.62 5.23 -50.45
N ASN F 354 -25.19 4.35 -49.62
CA ASN F 354 -26.57 4.52 -49.19
C ASN F 354 -26.76 4.62 -47.68
N ALA F 355 -25.84 4.08 -46.87
CA ALA F 355 -26.04 4.02 -45.43
C ALA F 355 -26.07 5.41 -44.80
N GLN F 356 -27.02 5.62 -43.91
CA GLN F 356 -27.21 6.89 -43.23
C GLN F 356 -26.90 6.72 -41.75
N PHE F 357 -26.30 7.75 -41.16
CA PHE F 357 -26.00 7.77 -39.74
C PHE F 357 -27.01 8.64 -38.98
N ILE F 358 -27.06 8.47 -37.67
CA ILE F 358 -27.79 9.37 -36.80
C ILE F 358 -26.86 9.80 -35.67
N ARG F 359 -26.82 11.10 -35.40
CA ARG F 359 -25.94 11.60 -34.36
C ARG F 359 -26.63 11.55 -33.00
N MET F 360 -25.83 11.33 -31.96
CA MET F 360 -26.34 11.17 -30.61
C MET F 360 -25.36 11.81 -29.63
N SER F 361 -25.82 11.98 -28.39
CA SER F 361 -25.02 12.58 -27.34
C SER F 361 -24.31 11.50 -26.53
N GLY F 362 -23.58 11.95 -25.49
CA GLY F 362 -22.95 11.00 -24.59
C GLY F 362 -23.94 10.09 -23.88
N ALA F 363 -25.13 10.60 -23.56
CA ALA F 363 -26.17 9.75 -22.98
C ALA F 363 -26.62 8.67 -23.95
N GLY F 364 -26.64 8.99 -25.25
CA GLY F 364 -26.96 7.97 -26.25
C GLY F 364 -25.91 6.88 -26.35
N LEU F 365 -24.64 7.24 -26.15
CA LEU F 365 -23.58 6.24 -26.16
C LEU F 365 -23.73 5.28 -24.98
N LEU F 366 -24.09 5.80 -23.80
CA LEU F 366 -24.33 4.95 -22.63
C LEU F 366 -25.51 4.02 -22.84
N GLU F 367 -26.51 4.46 -23.61
CA GLU F 367 -27.64 3.58 -23.95
C GLU F 367 -27.22 2.50 -24.93
N SER F 368 -26.28 2.83 -25.82
CA SER F 368 -25.84 1.88 -26.85
C SER F 368 -25.14 0.68 -26.23
N HIS F 369 -24.29 0.92 -25.25
CA HIS F 369 -23.63 -0.13 -24.50
C HIS F 369 -24.63 -0.77 -23.52
N PRO F 370 -24.36 -2.00 -23.08
CA PRO F 370 -25.13 -2.54 -21.96
C PRO F 370 -24.97 -1.65 -20.74
N HIS F 371 -26.04 -1.50 -19.98
CA HIS F 371 -26.07 -0.55 -18.87
C HIS F 371 -26.92 -1.09 -17.73
N HIS F 372 -26.56 -0.68 -16.50
CA HIS F 372 -27.33 -0.96 -15.29
C HIS F 372 -27.56 -2.45 -15.07
N VAL F 373 -26.68 -3.28 -15.61
CA VAL F 373 -26.74 -4.72 -15.43
C VAL F 373 -25.32 -5.23 -15.25
N GLN F 374 -25.08 -5.99 -14.18
CA GLN F 374 -23.76 -6.52 -13.91
C GLN F 374 -23.46 -7.69 -14.85
N ILE F 375 -22.45 -7.52 -15.69
CA ILE F 375 -22.11 -8.53 -16.70
C ILE F 375 -21.41 -9.71 -16.04
N THR F 376 -21.93 -10.91 -16.30
CA THR F 376 -21.41 -12.15 -15.72
C THR F 376 -20.40 -12.85 -16.64
N LYS F 377 -20.61 -12.82 -17.95
CA LYS F 377 -19.73 -13.49 -18.87
C LYS F 377 -19.18 -12.50 -19.88
N GLU F 378 -17.96 -12.74 -20.35
CA GLU F 378 -17.36 -11.88 -21.36
C GLU F 378 -17.70 -12.46 -22.72
N ALA F 379 -18.30 -11.65 -23.58
CA ALA F 379 -18.73 -12.10 -24.88
C ALA F 379 -17.56 -12.17 -25.87
N PRO F 380 -17.66 -13.01 -26.90
CA PRO F 380 -16.55 -13.10 -27.86
C PRO F 380 -16.30 -11.80 -28.60
N ASN F 381 -17.28 -10.90 -28.68
CA ASN F 381 -17.12 -9.61 -29.35
C ASN F 381 -17.22 -8.42 -28.40
N TYR F 382 -17.51 -8.63 -27.11
CA TYR F 382 -17.66 -7.53 -26.18
C TYR F 382 -16.93 -7.84 -24.87
N SER F 383 -15.91 -7.04 -24.56
CA SER F 383 -15.16 -7.19 -23.31
C SER F 383 -15.68 -6.21 -22.27
N PHE G 20 -54.27 22.77 -38.01
CA PHE G 20 -52.98 22.36 -37.51
C PHE G 20 -52.92 22.52 -36.00
N GLN G 21 -53.98 23.07 -35.41
CA GLN G 21 -54.02 23.31 -33.97
C GLN G 21 -53.84 22.00 -33.24
N SER G 22 -54.41 20.97 -33.83
CA SER G 22 -54.33 19.63 -33.28
C SER G 22 -52.90 19.11 -33.24
N ASN G 23 -52.09 19.50 -34.22
CA ASN G 23 -50.71 19.04 -34.34
C ASN G 23 -49.54 19.94 -33.90
N ALA G 24 -49.79 21.15 -33.41
CA ALA G 24 -48.68 22.01 -33.00
C ALA G 24 -47.94 21.46 -31.79
N MET G 25 -48.69 21.00 -30.77
CA MET G 25 -48.06 20.47 -29.57
C MET G 25 -47.22 19.23 -29.86
N TRP G 26 -47.61 18.45 -30.89
CA TRP G 26 -46.86 17.25 -31.21
C TRP G 26 -45.52 17.59 -31.82
N GLU G 27 -45.45 18.64 -32.65
CA GLU G 27 -44.22 19.02 -33.31
C GLU G 27 -43.34 19.94 -32.48
N SER G 28 -43.82 20.47 -31.36
CA SER G 28 -43.02 21.31 -30.48
C SER G 28 -42.46 20.55 -29.28
N LYS G 29 -42.55 19.22 -29.29
CA LYS G 29 -42.22 18.42 -28.12
C LYS G 29 -40.77 18.59 -27.69
N PHE G 30 -39.84 18.64 -28.66
CA PHE G 30 -38.42 18.61 -28.36
C PHE G 30 -37.72 19.90 -28.80
N VAL G 31 -38.42 21.03 -28.74
CA VAL G 31 -37.84 22.28 -29.21
C VAL G 31 -37.03 22.96 -28.11
N LYS G 32 -37.51 22.95 -26.87
CA LYS G 32 -36.85 23.70 -25.81
C LYS G 32 -35.49 23.10 -25.45
N GLU G 33 -34.60 23.98 -25.01
CA GLU G 33 -33.24 23.68 -24.58
C GLU G 33 -33.04 24.33 -23.22
N GLY G 34 -32.38 23.63 -22.31
CA GLY G 34 -32.23 24.11 -20.94
C GLY G 34 -30.80 24.05 -20.47
N LEU G 35 -30.42 25.04 -19.65
CA LEU G 35 -29.09 25.17 -19.10
C LEU G 35 -29.14 25.14 -17.58
N THR G 36 -28.12 24.56 -16.97
CA THR G 36 -27.98 24.59 -15.52
C THR G 36 -26.66 25.26 -15.15
N PHE G 37 -26.40 25.34 -13.84
CA PHE G 37 -25.25 26.11 -13.37
C PHE G 37 -23.95 25.65 -14.03
N ASP G 38 -23.75 24.34 -14.17
CA ASP G 38 -22.49 23.83 -14.70
C ASP G 38 -22.37 23.94 -16.21
N ASP G 39 -23.35 24.55 -16.87
CA ASP G 39 -23.26 24.73 -18.31
C ASP G 39 -22.68 26.07 -18.71
N VAL G 40 -22.55 27.01 -17.77
CA VAL G 40 -22.28 28.41 -18.10
C VAL G 40 -21.21 28.99 -17.18
N LEU G 41 -20.73 30.17 -17.57
CA LEU G 41 -19.86 31.01 -16.76
C LEU G 41 -20.27 32.46 -16.99
N LEU G 42 -20.08 33.28 -15.96
CA LEU G 42 -20.33 34.71 -16.07
C LEU G 42 -19.13 35.40 -16.71
N VAL G 43 -19.41 36.25 -17.71
CA VAL G 43 -18.33 36.98 -18.40
C VAL G 43 -17.93 38.18 -17.54
N PRO G 44 -16.64 38.32 -17.19
CA PRO G 44 -16.22 39.51 -16.46
C PRO G 44 -16.36 40.76 -17.32
N ALA G 45 -16.87 41.82 -16.72
CA ALA G 45 -17.08 43.07 -17.41
C ALA G 45 -16.26 44.16 -16.73
N LYS G 46 -16.23 45.33 -17.35
CA LYS G 46 -15.57 46.50 -16.76
C LYS G 46 -16.17 46.81 -15.39
N SER G 47 -15.28 47.10 -14.41
CA SER G 47 -15.71 47.28 -13.04
C SER G 47 -14.95 48.45 -12.43
N ASP G 48 -15.68 49.37 -11.77
CA ASP G 48 -15.06 50.41 -10.96
C ASP G 48 -15.19 50.12 -9.47
N VAL G 49 -15.79 49.00 -9.11
CA VAL G 49 -16.10 48.67 -7.74
C VAL G 49 -15.31 47.45 -7.30
N LEU G 50 -14.96 47.43 -6.06
CA LEU G 50 -14.25 46.32 -5.44
C LEU G 50 -15.19 45.47 -4.60
N PRO G 51 -14.85 44.19 -4.44
CA PRO G 51 -15.72 43.26 -3.69
C PRO G 51 -16.10 43.75 -2.31
N ARG G 52 -15.19 44.43 -1.62
CA ARG G 52 -15.47 44.88 -0.25
C ARG G 52 -16.52 45.97 -0.21
N GLU G 53 -16.64 46.78 -1.27
CA GLU G 53 -17.51 47.95 -1.24
C GLU G 53 -18.83 47.75 -1.98
N VAL G 54 -19.13 46.54 -2.45
CA VAL G 54 -20.41 46.29 -3.11
C VAL G 54 -21.48 46.10 -2.05
N SER G 55 -22.73 46.27 -2.46
CA SER G 55 -23.88 46.07 -1.59
C SER G 55 -24.59 44.77 -1.95
N VAL G 56 -24.87 43.95 -0.94
CA VAL G 56 -25.54 42.67 -1.13
C VAL G 56 -26.94 42.67 -0.51
N LYS G 57 -27.48 43.84 -0.19
CA LYS G 57 -28.83 43.92 0.35
C LYS G 57 -29.86 43.71 -0.75
N THR G 58 -31.04 43.22 -0.35
CA THR G 58 -32.12 42.93 -1.29
C THR G 58 -33.46 43.16 -0.60
N VAL G 59 -34.45 43.57 -1.38
CA VAL G 59 -35.80 43.81 -0.89
C VAL G 59 -36.74 42.83 -1.59
N LEU G 60 -37.41 41.98 -0.80
CA LEU G 60 -38.38 41.03 -1.33
C LEU G 60 -39.80 41.61 -1.36
N SER G 61 -40.16 42.45 -0.40
CA SER G 61 -41.42 43.18 -0.38
C SER G 61 -41.23 44.40 0.51
N GLU G 62 -42.26 45.23 0.60
CA GLU G 62 -42.12 46.42 1.44
C GLU G 62 -41.89 46.04 2.91
N SER G 63 -42.35 44.87 3.33
CA SER G 63 -42.18 44.39 4.69
C SER G 63 -41.01 43.41 4.85
N LEU G 64 -40.34 43.01 3.77
CA LEU G 64 -39.33 41.94 3.82
C LEU G 64 -38.06 42.34 3.07
N GLN G 65 -37.03 42.76 3.81
CA GLN G 65 -35.73 43.07 3.25
C GLN G 65 -34.64 42.35 4.04
N LEU G 66 -33.69 41.76 3.32
CA LEU G 66 -32.60 41.00 3.90
C LEU G 66 -31.27 41.72 3.64
N ASN G 67 -30.34 41.57 4.58
CA ASN G 67 -29.02 42.16 4.39
C ASN G 67 -28.14 41.32 3.48
N ILE G 68 -28.34 39.99 3.48
CA ILE G 68 -27.65 39.08 2.58
C ILE G 68 -28.69 38.24 1.85
N PRO G 69 -28.48 37.88 0.58
CA PRO G 69 -29.52 37.18 -0.18
C PRO G 69 -29.49 35.67 0.00
N LEU G 70 -29.63 35.24 1.25
CA LEU G 70 -29.56 33.82 1.59
C LEU G 70 -30.73 33.44 2.48
N ILE G 71 -31.44 32.37 2.10
CA ILE G 71 -32.56 31.84 2.86
C ILE G 71 -32.30 30.37 3.11
N SER G 72 -32.44 29.96 4.38
CA SER G 72 -32.28 28.56 4.74
C SER G 72 -33.56 27.78 4.43
N ALA G 73 -33.39 26.59 3.85
CA ALA G 73 -34.53 25.82 3.39
C ALA G 73 -35.35 25.28 4.54
N GLY G 74 -36.65 25.11 4.29
CA GLY G 74 -37.58 24.58 5.27
C GLY G 74 -37.64 23.06 5.29
N MET G 75 -36.59 22.41 5.78
CA MET G 75 -36.51 20.96 5.82
C MET G 75 -36.19 20.51 7.23
N ASP G 76 -36.63 19.30 7.60
CA ASP G 76 -36.45 18.81 8.96
C ASP G 76 -35.00 18.53 9.32
N THR G 77 -34.05 18.65 8.38
CA THR G 77 -32.63 18.47 8.66
C THR G 77 -31.84 19.75 8.44
N VAL G 78 -32.52 20.87 8.18
CA VAL G 78 -31.86 22.12 7.80
C VAL G 78 -32.16 23.24 8.81
N THR G 79 -33.43 23.51 9.07
CA THR G 79 -33.82 24.72 9.77
C THR G 79 -34.76 24.41 10.92
N GLU G 80 -34.37 24.80 12.12
CA GLU G 80 -35.26 24.86 13.27
C GLU G 80 -35.08 26.23 13.91
N ALA G 81 -35.42 26.34 15.19
CA ALA G 81 -35.35 27.63 15.89
C ALA G 81 -33.94 28.21 15.84
N ASP G 82 -32.95 27.41 16.23
CA ASP G 82 -31.57 27.90 16.27
C ASP G 82 -31.07 28.30 14.89
N MET G 83 -31.54 27.64 13.83
CA MET G 83 -31.08 28.00 12.48
C MET G 83 -31.69 29.31 12.02
N ALA G 84 -33.01 29.46 12.16
CA ALA G 84 -33.66 30.70 11.77
C ALA G 84 -33.09 31.86 12.57
N ILE G 85 -32.75 31.59 13.83
CA ILE G 85 -32.08 32.56 14.71
C ILE G 85 -30.72 32.96 14.14
N ALA G 86 -29.89 31.98 13.80
CA ALA G 86 -28.57 32.30 13.28
C ALA G 86 -28.64 32.95 11.91
N MET G 87 -29.60 32.52 11.08
CA MET G 87 -29.75 33.08 9.73
C MET G 87 -30.04 34.57 9.78
N ALA G 88 -31.08 34.97 10.52
CA ALA G 88 -31.44 36.38 10.58
C ALA G 88 -30.33 37.24 11.16
N ARG G 89 -29.62 36.70 12.15
CA ARG G 89 -28.54 37.45 12.77
C ARG G 89 -27.48 37.78 11.75
N GLN G 90 -27.20 36.84 10.86
CA GLN G 90 -26.23 37.04 9.81
C GLN G 90 -26.77 37.90 8.67
N GLY G 91 -28.03 38.32 8.75
CA GLY G 91 -28.68 39.09 7.72
C GLY G 91 -29.56 38.30 6.78
N GLY G 92 -29.83 37.03 7.09
CA GLY G 92 -30.61 36.21 6.19
C GLY G 92 -31.99 35.87 6.69
N LEU G 93 -32.50 34.71 6.31
CA LEU G 93 -33.84 34.29 6.67
C LEU G 93 -33.86 32.77 6.79
N GLY G 94 -34.61 32.27 7.74
CA GLY G 94 -34.80 30.84 7.93
C GLY G 94 -36.27 30.49 7.83
N ILE G 95 -36.57 29.36 7.21
CA ILE G 95 -37.93 28.89 7.03
C ILE G 95 -38.14 27.67 7.91
N ILE G 96 -38.90 27.82 9.00
CA ILE G 96 -39.21 26.69 9.87
C ILE G 96 -40.01 25.66 9.09
N HIS G 97 -39.59 24.40 9.14
CA HIS G 97 -40.19 23.37 8.32
C HIS G 97 -41.60 23.02 8.83
N LYS G 98 -42.34 22.27 8.00
CA LYS G 98 -43.76 22.02 8.24
C LYS G 98 -44.03 20.70 8.94
N ASN G 99 -43.02 19.85 9.13
CA ASN G 99 -43.18 18.57 9.83
C ASN G 99 -43.17 18.81 11.34
N MET G 100 -44.21 19.48 11.79
CA MET G 100 -44.41 19.80 13.19
C MET G 100 -45.90 19.99 13.40
N SER G 101 -46.30 20.05 14.66
CA SER G 101 -47.66 20.42 14.97
C SER G 101 -47.84 21.92 14.73
N ILE G 102 -49.09 22.35 14.64
CA ILE G 102 -49.34 23.78 14.54
C ILE G 102 -48.84 24.46 15.81
N GLU G 103 -49.03 23.78 16.95
CA GLU G 103 -48.61 24.30 18.25
C GLU G 103 -47.10 24.27 18.38
N GLN G 104 -46.46 23.22 17.84
CA GLN G 104 -45.02 23.06 17.90
C GLN G 104 -44.30 24.10 17.06
N GLN G 105 -44.80 24.33 15.84
CA GLN G 105 -44.14 25.25 14.93
C GLN G 105 -44.29 26.70 15.37
N ALA G 106 -45.47 27.08 15.89
CA ALA G 106 -45.70 28.45 16.34
C ALA G 106 -44.83 28.80 17.54
N GLU G 107 -44.55 27.84 18.42
CA GLU G 107 -43.68 28.16 19.56
C GLU G 107 -42.25 28.41 19.12
N GLN G 108 -41.81 27.73 18.05
CA GLN G 108 -40.48 27.99 17.52
C GLN G 108 -40.42 29.32 16.79
N VAL G 109 -41.50 29.69 16.09
CA VAL G 109 -41.54 30.99 15.42
C VAL G 109 -41.41 32.12 16.43
N ASP G 110 -42.16 32.05 17.53
CA ASP G 110 -42.09 33.10 18.54
C ASP G 110 -40.73 33.10 19.24
N LYS G 111 -40.09 31.93 19.39
CA LYS G 111 -38.75 31.88 19.95
C LYS G 111 -37.78 32.75 19.15
N VAL G 112 -37.89 32.73 17.81
CA VAL G 112 -37.01 33.55 17.00
C VAL G 112 -37.37 35.03 17.17
N LYS G 113 -38.67 35.33 17.30
CA LYS G 113 -39.10 36.72 17.43
C LYS G 113 -38.66 37.33 18.76
N ARG G 114 -38.74 36.55 19.85
CA ARG G 114 -38.39 37.08 21.17
C ARG G 114 -36.92 37.42 21.28
N SER G 115 -36.07 36.81 20.46
CA SER G 115 -34.63 36.96 20.55
C SER G 115 -34.12 38.07 19.62
N GLY G 116 -34.61 39.28 19.83
CA GLY G 116 -34.08 40.43 19.13
C GLY G 116 -34.87 40.97 17.95
N GLY G 117 -36.13 40.59 17.80
CA GLY G 117 -36.94 41.07 16.69
C GLY G 117 -36.48 40.61 15.32
N LEU G 118 -36.05 39.36 15.21
CA LEU G 118 -35.51 38.86 13.96
C LEU G 118 -36.61 38.40 13.02
N LEU G 119 -36.29 38.40 11.73
CA LEU G 119 -37.19 37.92 10.70
C LEU G 119 -37.21 36.40 10.71
N VAL G 120 -38.37 35.83 10.38
CA VAL G 120 -38.53 34.38 10.35
C VAL G 120 -39.64 34.02 9.37
N GLY G 121 -39.50 32.85 8.74
CA GLY G 121 -40.52 32.31 7.87
C GLY G 121 -40.91 30.92 8.32
N ALA G 122 -41.99 30.42 7.73
CA ALA G 122 -42.50 29.10 8.09
C ALA G 122 -43.12 28.45 6.87
N ALA G 123 -42.91 27.15 6.73
CA ALA G 123 -43.45 26.40 5.61
C ALA G 123 -44.84 25.87 5.94
N VAL G 124 -45.74 25.97 4.96
CA VAL G 124 -47.10 25.46 5.08
C VAL G 124 -47.44 24.68 3.81
N GLY G 125 -47.97 23.46 3.98
CA GLY G 125 -48.43 22.68 2.86
C GLY G 125 -49.88 22.98 2.50
N VAL G 126 -50.28 22.57 1.30
CA VAL G 126 -51.67 22.76 0.85
C VAL G 126 -52.43 21.54 1.35
N THR G 127 -52.97 21.66 2.56
CA THR G 127 -53.73 20.59 3.21
C THR G 127 -54.86 21.21 4.01
N ALA G 128 -55.70 20.33 4.57
CA ALA G 128 -56.80 20.79 5.41
C ALA G 128 -56.28 21.55 6.62
N ASP G 129 -55.10 21.17 7.10
CA ASP G 129 -54.44 21.81 8.23
C ASP G 129 -53.82 23.14 7.87
N ALA G 130 -53.84 23.53 6.58
CA ALA G 130 -53.12 24.71 6.14
C ALA G 130 -53.67 25.98 6.79
N MET G 131 -54.98 26.19 6.69
CA MET G 131 -55.54 27.46 7.14
C MET G 131 -55.47 27.62 8.66
N THR G 132 -55.63 26.53 9.41
CA THR G 132 -55.45 26.58 10.85
C THR G 132 -54.00 26.88 11.21
N ARG G 133 -53.06 26.29 10.46
CA ARG G 133 -51.64 26.45 10.73
C ARG G 133 -51.18 27.88 10.50
N ILE G 134 -51.69 28.52 9.45
CA ILE G 134 -51.26 29.88 9.11
C ILE G 134 -51.65 30.86 10.21
N ASP G 135 -52.86 30.72 10.75
CA ASP G 135 -53.33 31.64 11.79
C ASP G 135 -52.43 31.60 13.02
N ALA G 136 -52.09 30.39 13.50
CA ALA G 136 -51.21 30.29 14.65
C ALA G 136 -49.83 30.85 14.35
N LEU G 137 -49.40 30.76 13.08
CA LEU G 137 -48.12 31.34 12.70
C LEU G 137 -48.22 32.87 12.62
N VAL G 138 -49.35 33.39 12.16
CA VAL G 138 -49.55 34.83 12.12
C VAL G 138 -49.66 35.39 13.53
N LYS G 139 -50.30 34.65 14.45
CA LYS G 139 -50.32 35.09 15.84
C LYS G 139 -48.94 35.00 16.47
N ALA G 140 -48.11 34.07 15.99
CA ALA G 140 -46.71 34.11 16.38
C ALA G 140 -45.96 35.21 15.63
N SER G 141 -46.67 35.99 14.81
CA SER G 141 -46.13 37.16 14.11
C SER G 141 -45.07 36.76 13.08
N VAL G 142 -45.31 35.66 12.37
CA VAL G 142 -44.38 35.24 11.33
C VAL G 142 -44.33 36.31 10.23
N ASP G 143 -43.16 36.49 9.63
CA ASP G 143 -42.96 37.52 8.62
C ASP G 143 -43.29 37.05 7.22
N ALA G 144 -43.17 35.76 6.94
CA ALA G 144 -43.47 35.23 5.62
C ALA G 144 -43.92 33.78 5.76
N ILE G 145 -44.91 33.40 4.95
CA ILE G 145 -45.36 32.02 4.85
C ILE G 145 -44.86 31.44 3.53
N VAL G 146 -44.38 30.20 3.59
CA VAL G 146 -43.89 29.47 2.42
C VAL G 146 -44.87 28.34 2.14
N LEU G 147 -45.61 28.43 1.04
CA LEU G 147 -46.49 27.37 0.58
C LEU G 147 -45.69 26.32 -0.19
N ASP G 148 -45.27 25.26 0.51
CA ASP G 148 -44.42 24.24 -0.09
C ASP G 148 -45.29 23.16 -0.70
N THR G 149 -45.13 22.95 -2.01
CA THR G 149 -45.78 21.86 -2.71
C THR G 149 -44.82 21.32 -3.75
N ALA G 150 -45.00 20.05 -4.11
CA ALA G 150 -44.19 19.47 -5.17
C ALA G 150 -44.45 20.14 -6.51
N HIS G 151 -45.69 20.56 -6.76
CA HIS G 151 -46.08 21.16 -8.03
C HIS G 151 -46.85 22.46 -7.77
N GLY G 152 -46.19 23.61 -7.98
CA GLY G 152 -46.84 24.88 -7.74
C GLY G 152 -47.86 25.28 -8.79
N HIS G 153 -47.81 24.66 -9.97
CA HIS G 153 -48.74 24.98 -11.04
C HIS G 153 -50.00 24.12 -11.01
N SER G 154 -50.41 23.68 -9.82
CA SER G 154 -51.65 22.94 -9.65
C SER G 154 -52.75 23.88 -9.15
N GLN G 155 -53.99 23.58 -9.53
CA GLN G 155 -55.11 24.46 -9.17
C GLN G 155 -55.34 24.48 -7.67
N GLY G 156 -55.02 23.40 -6.97
CA GLY G 156 -55.13 23.40 -5.52
C GLY G 156 -54.23 24.42 -4.86
N VAL G 157 -53.03 24.62 -5.41
CA VAL G 157 -52.12 25.61 -4.86
C VAL G 157 -52.60 27.03 -5.19
N ILE G 158 -53.02 27.25 -6.44
CA ILE G 158 -53.53 28.56 -6.83
C ILE G 158 -54.74 28.93 -5.99
N ASP G 159 -55.64 27.97 -5.75
CA ASP G 159 -56.82 28.26 -4.95
C ASP G 159 -56.44 28.64 -3.52
N LYS G 160 -55.46 27.95 -2.94
CA LYS G 160 -55.05 28.27 -1.57
C LYS G 160 -54.44 29.66 -1.50
N VAL G 161 -53.74 30.11 -2.55
CA VAL G 161 -53.13 31.43 -2.53
C VAL G 161 -54.21 32.50 -2.53
N LYS G 162 -55.25 32.34 -3.35
CA LYS G 162 -56.36 33.27 -3.34
C LYS G 162 -57.01 33.30 -1.96
N GLU G 163 -57.13 32.12 -1.35
CA GLU G 163 -57.77 31.96 -0.06
C GLU G 163 -56.92 32.51 1.09
N VAL G 164 -55.58 32.47 0.97
CA VAL G 164 -54.73 33.07 2.00
C VAL G 164 -54.57 34.57 1.77
N ARG G 165 -54.47 35.01 0.51
CA ARG G 165 -54.37 36.45 0.23
C ARG G 165 -55.62 37.20 0.65
N ALA G 166 -56.79 36.55 0.56
CA ALA G 166 -58.02 37.21 0.97
C ALA G 166 -58.05 37.46 2.47
N LYS G 167 -57.55 36.51 3.26
CA LYS G 167 -57.61 36.63 4.71
C LYS G 167 -56.52 37.53 5.27
N TYR G 168 -55.36 37.60 4.62
CA TYR G 168 -54.23 38.41 5.09
C TYR G 168 -53.67 39.21 3.93
N PRO G 169 -54.24 40.38 3.64
CA PRO G 169 -53.77 41.17 2.48
C PRO G 169 -52.36 41.71 2.61
N SER G 170 -51.82 41.82 3.83
CA SER G 170 -50.48 42.37 4.04
C SER G 170 -49.44 41.28 4.28
N LEU G 171 -49.86 40.01 4.32
CA LEU G 171 -48.97 38.91 4.64
C LEU G 171 -48.07 38.57 3.47
N ASN G 172 -46.77 38.46 3.73
CA ASN G 172 -45.85 37.99 2.70
C ASN G 172 -46.10 36.51 2.42
N ILE G 173 -46.40 36.20 1.16
CA ILE G 173 -46.68 34.83 0.72
C ILE G 173 -45.62 34.42 -0.28
N ILE G 174 -44.91 33.33 0.02
CA ILE G 174 -43.93 32.75 -0.87
C ILE G 174 -44.55 31.47 -1.43
N ALA G 175 -44.76 31.43 -2.74
CA ALA G 175 -45.42 30.31 -3.40
C ALA G 175 -44.46 29.58 -4.32
N GLY G 176 -44.46 28.25 -4.23
CA GLY G 176 -43.64 27.42 -5.09
C GLY G 176 -44.06 25.97 -4.94
N ASN G 177 -43.38 25.10 -5.68
CA ASN G 177 -42.31 25.48 -6.60
C ASN G 177 -42.79 25.43 -8.04
N VAL G 178 -42.23 26.30 -8.87
CA VAL G 178 -42.55 26.35 -10.28
C VAL G 178 -41.24 26.40 -11.08
N ALA G 179 -41.36 26.21 -12.40
CA ALA G 179 -40.22 26.28 -13.29
C ALA G 179 -40.56 26.93 -14.62
N THR G 180 -41.77 27.44 -14.80
CA THR G 180 -42.18 28.02 -16.07
C THR G 180 -42.72 29.42 -15.84
N ALA G 181 -42.70 30.22 -16.90
CA ALA G 181 -43.30 31.56 -16.82
C ALA G 181 -44.80 31.47 -16.61
N GLU G 182 -45.44 30.48 -17.24
CA GLU G 182 -46.89 30.33 -17.11
C GLU G 182 -47.28 30.00 -15.67
N ALA G 183 -46.50 29.15 -15.02
CA ALA G 183 -46.77 28.86 -13.61
C ALA G 183 -46.47 30.06 -12.73
N THR G 184 -45.45 30.84 -13.08
CA THR G 184 -45.12 32.03 -12.30
C THR G 184 -46.23 33.07 -12.42
N LYS G 185 -46.70 33.33 -13.65
CA LYS G 185 -47.75 34.31 -13.85
C LYS G 185 -49.06 33.85 -13.20
N ALA G 186 -49.31 32.54 -13.14
CA ALA G 186 -50.52 32.06 -12.49
C ALA G 186 -50.47 32.33 -10.98
N LEU G 187 -49.34 32.08 -10.33
CA LEU G 187 -49.25 32.32 -8.90
C LEU G 187 -49.22 33.80 -8.56
N ILE G 188 -48.65 34.63 -9.42
CA ILE G 188 -48.68 36.07 -9.18
C ILE G 188 -50.10 36.58 -9.28
N GLU G 189 -50.85 36.10 -10.29
CA GLU G 189 -52.26 36.47 -10.41
C GLU G 189 -53.08 35.98 -9.23
N ALA G 190 -52.62 34.92 -8.55
CA ALA G 190 -53.30 34.39 -7.38
C ALA G 190 -52.99 35.16 -6.11
N GLY G 191 -51.98 36.03 -6.11
CA GLY G 191 -51.71 36.87 -4.96
C GLY G 191 -50.45 36.58 -4.16
N ALA G 192 -49.44 35.97 -4.79
CA ALA G 192 -48.18 35.66 -4.13
C ALA G 192 -47.17 36.80 -4.33
N ASN G 193 -46.55 37.25 -3.23
CA ASN G 193 -45.55 38.32 -3.33
C ASN G 193 -44.21 37.79 -3.83
N VAL G 194 -43.88 36.55 -3.51
CA VAL G 194 -42.60 35.95 -3.89
C VAL G 194 -42.88 34.58 -4.49
N VAL G 195 -42.13 34.23 -5.53
CA VAL G 195 -42.27 32.95 -6.21
C VAL G 195 -40.98 32.16 -6.03
N LYS G 196 -41.11 30.92 -5.58
CA LYS G 196 -39.96 30.04 -5.40
C LYS G 196 -39.83 29.12 -6.60
N VAL G 197 -38.65 29.09 -7.21
CA VAL G 197 -38.40 28.41 -8.47
C VAL G 197 -37.49 27.22 -8.23
N GLY G 198 -37.87 26.07 -8.79
CA GLY G 198 -37.05 24.88 -8.69
C GLY G 198 -37.85 23.60 -8.63
N ILE G 199 -37.82 22.80 -9.70
CA ILE G 199 -38.45 21.49 -9.75
C ILE G 199 -37.37 20.49 -10.16
N GLY G 200 -36.83 19.77 -9.18
CA GLY G 200 -35.85 18.75 -9.43
C GLY G 200 -34.37 19.02 -9.22
N PRO G 201 -33.93 20.28 -9.01
CA PRO G 201 -32.47 20.49 -8.91
C PRO G 201 -31.87 20.14 -7.56
N GLY G 202 -32.70 19.87 -6.55
CA GLY G 202 -32.18 19.65 -5.21
C GLY G 202 -31.19 18.51 -5.17
N SER G 203 -30.21 18.64 -4.26
CA SER G 203 -29.18 17.63 -4.14
C SER G 203 -29.72 16.30 -3.65
N ILE G 204 -30.81 16.31 -2.88
CA ILE G 204 -31.41 15.09 -2.38
C ILE G 204 -32.67 14.72 -3.15
N CYS G 205 -32.89 15.33 -4.30
CA CYS G 205 -34.15 15.24 -5.03
C CYS G 205 -34.06 14.17 -6.12
N THR G 206 -35.11 13.35 -6.23
CA THR G 206 -35.19 12.34 -7.28
C THR G 206 -36.40 12.51 -8.17
N THR G 207 -37.07 13.67 -8.08
CA THR G 207 -38.26 13.93 -8.89
C THR G 207 -37.98 13.71 -10.37
N ARG G 208 -36.87 14.25 -10.87
CA ARG G 208 -36.56 14.11 -12.28
C ARG G 208 -36.26 12.67 -12.65
N VAL G 209 -35.88 11.85 -11.69
CA VAL G 209 -35.55 10.45 -11.99
C VAL G 209 -36.79 9.57 -11.91
N VAL G 210 -37.65 9.79 -10.91
CA VAL G 210 -38.79 8.92 -10.69
C VAL G 210 -40.04 9.38 -11.42
N ALA G 211 -40.12 10.64 -11.82
CA ALA G 211 -41.24 11.15 -12.61
C ALA G 211 -40.82 11.64 -13.98
N GLY G 212 -39.53 11.83 -14.24
CA GLY G 212 -39.05 12.30 -15.52
C GLY G 212 -39.29 13.77 -15.79
N VAL G 213 -39.69 14.54 -14.78
CA VAL G 213 -40.17 15.90 -14.95
C VAL G 213 -39.18 16.87 -14.31
N GLY G 214 -38.92 17.97 -15.00
CA GLY G 214 -38.06 19.01 -14.46
C GLY G 214 -37.68 20.01 -15.52
N VAL G 215 -37.04 21.08 -15.07
CA VAL G 215 -36.47 22.07 -15.96
C VAL G 215 -35.09 22.43 -15.41
N PRO G 216 -34.04 22.45 -16.24
CA PRO G 216 -32.72 22.86 -15.76
C PRO G 216 -32.79 24.19 -15.01
N GLN G 217 -32.19 24.20 -13.81
CA GLN G 217 -32.46 25.24 -12.82
C GLN G 217 -32.12 26.64 -13.32
N LEU G 218 -31.02 26.78 -14.07
CA LEU G 218 -30.64 28.11 -14.51
C LEU G 218 -31.62 28.64 -15.55
N THR G 219 -32.14 27.77 -16.42
CA THR G 219 -33.21 28.17 -17.34
C THR G 219 -34.52 28.39 -16.59
N ALA G 220 -34.82 27.55 -15.60
CA ALA G 220 -36.04 27.75 -14.82
C ALA G 220 -36.04 29.12 -14.15
N VAL G 221 -34.92 29.50 -13.54
CA VAL G 221 -34.85 30.83 -12.92
C VAL G 221 -35.02 31.92 -13.96
N TYR G 222 -34.33 31.78 -15.11
CA TYR G 222 -34.39 32.81 -16.15
C TYR G 222 -35.80 32.93 -16.73
N ASP G 223 -36.45 31.79 -17.00
CA ASP G 223 -37.80 31.81 -17.55
C ASP G 223 -38.80 32.39 -16.56
N CYS G 224 -38.65 32.07 -15.27
CA CYS G 224 -39.57 32.59 -14.27
C CYS G 224 -39.29 34.04 -13.93
N ALA G 225 -38.02 34.42 -13.85
CA ALA G 225 -37.70 35.83 -13.57
C ALA G 225 -38.11 36.75 -14.72
N THR G 226 -38.07 36.24 -15.95
CA THR G 226 -38.49 37.06 -17.09
C THR G 226 -39.94 37.48 -16.95
N GLU G 227 -40.79 36.58 -16.43
CA GLU G 227 -42.19 36.91 -16.20
C GLU G 227 -42.37 37.73 -14.93
N ALA G 228 -41.66 37.36 -13.85
CA ALA G 228 -41.86 38.05 -12.57
C ALA G 228 -41.42 39.50 -12.61
N ARG G 229 -40.41 39.84 -13.41
CA ARG G 229 -40.01 41.24 -13.49
C ARG G 229 -41.14 42.11 -14.02
N LYS G 230 -41.98 41.57 -14.90
CA LYS G 230 -43.08 42.34 -15.46
C LYS G 230 -44.10 42.74 -14.39
N HIS G 231 -44.14 42.04 -13.28
CA HIS G 231 -45.07 42.33 -12.20
C HIS G 231 -44.38 42.96 -11.00
N GLY G 232 -43.07 43.21 -11.08
CA GLY G 232 -42.31 43.69 -9.92
C GLY G 232 -42.12 42.66 -8.83
N ILE G 233 -42.24 41.38 -9.16
CA ILE G 233 -42.22 40.30 -8.18
C ILE G 233 -40.82 39.68 -8.16
N PRO G 234 -40.23 39.44 -6.98
CA PRO G 234 -38.96 38.73 -6.91
C PRO G 234 -39.15 37.22 -6.97
N VAL G 235 -38.09 36.53 -7.37
CA VAL G 235 -38.11 35.08 -7.42
C VAL G 235 -36.99 34.52 -6.56
N ILE G 236 -37.19 33.31 -6.07
CA ILE G 236 -36.21 32.60 -5.25
C ILE G 236 -35.67 31.45 -6.08
N ALA G 237 -34.34 31.40 -6.23
CA ALA G 237 -33.66 30.26 -6.84
C ALA G 237 -33.47 29.19 -5.78
N ASP G 238 -34.25 28.12 -5.87
CA ASP G 238 -34.30 27.10 -4.84
C ASP G 238 -33.74 25.79 -5.36
N GLY G 239 -32.63 25.35 -4.79
CA GLY G 239 -32.08 24.03 -5.05
C GLY G 239 -31.00 24.03 -6.10
N GLY G 240 -30.09 23.04 -5.99
CA GLY G 240 -29.07 22.81 -6.97
C GLY G 240 -27.77 23.54 -6.75
N ILE G 241 -27.69 24.40 -5.75
CA ILE G 241 -26.49 25.20 -5.53
C ILE G 241 -25.48 24.35 -4.77
N LYS G 242 -24.34 24.11 -5.39
CA LYS G 242 -23.28 23.28 -4.82
C LYS G 242 -22.11 24.10 -4.29
N TYR G 243 -21.79 25.20 -4.97
CA TYR G 243 -20.69 26.08 -4.60
C TYR G 243 -21.21 27.51 -4.56
N SER G 244 -20.41 28.39 -3.96
CA SER G 244 -20.82 29.78 -3.85
C SER G 244 -20.95 30.43 -5.22
N GLY G 245 -20.21 29.94 -6.22
CA GLY G 245 -20.35 30.46 -7.56
C GLY G 245 -21.69 30.14 -8.19
N ASP G 246 -22.31 29.04 -7.78
CA ASP G 246 -23.64 28.71 -8.29
C ASP G 246 -24.68 29.74 -7.82
N MET G 247 -24.51 30.26 -6.60
CA MET G 247 -25.40 31.32 -6.12
C MET G 247 -25.27 32.58 -6.97
N VAL G 248 -24.04 32.96 -7.33
CA VAL G 248 -23.82 34.13 -8.15
C VAL G 248 -24.45 33.94 -9.53
N LYS G 249 -24.37 32.73 -10.07
CA LYS G 249 -24.98 32.47 -11.37
C LYS G 249 -26.50 32.56 -11.28
N ALA G 250 -27.09 32.06 -10.19
CA ALA G 250 -28.53 32.11 -10.01
C ALA G 250 -29.02 33.54 -9.88
N LEU G 251 -28.32 34.35 -9.08
CA LEU G 251 -28.71 35.76 -8.92
C LEU G 251 -28.56 36.53 -10.22
N ALA G 252 -27.48 36.27 -10.96
CA ALA G 252 -27.29 36.96 -12.24
C ALA G 252 -28.31 36.54 -13.29
N ALA G 253 -28.97 35.39 -13.11
CA ALA G 253 -29.98 34.92 -14.04
C ALA G 253 -31.37 35.50 -13.76
N GLY G 254 -31.53 36.28 -12.68
CA GLY G 254 -32.80 36.94 -12.45
C GLY G 254 -33.37 36.82 -11.05
N ALA G 255 -32.73 36.03 -10.20
CA ALA G 255 -33.23 35.77 -8.86
C ALA G 255 -32.81 36.88 -7.89
N HIS G 256 -33.72 37.24 -6.98
CA HIS G 256 -33.37 38.17 -5.90
C HIS G 256 -32.60 37.47 -4.79
N VAL G 257 -32.95 36.21 -4.53
CA VAL G 257 -32.48 35.47 -3.37
C VAL G 257 -32.37 34.00 -3.73
N VAL G 258 -31.49 33.28 -3.03
CA VAL G 258 -31.35 31.84 -3.20
C VAL G 258 -31.69 31.15 -1.89
N MET G 259 -32.19 29.93 -2.01
CA MET G 259 -32.50 29.09 -0.86
C MET G 259 -31.57 27.89 -0.88
N LEU G 260 -30.94 27.62 0.25
CA LEU G 260 -29.93 26.57 0.32
C LEU G 260 -30.38 25.50 1.30
N GLY G 261 -30.04 24.25 0.97
CA GLY G 261 -30.29 23.11 1.82
C GLY G 261 -29.01 22.37 2.14
N SER G 262 -28.40 21.78 1.11
CA SER G 262 -27.20 20.97 1.32
C SER G 262 -26.06 21.78 1.91
N MET G 263 -25.92 23.04 1.48
CA MET G 263 -24.84 23.86 2.01
C MET G 263 -25.07 24.33 3.44
N PHE G 264 -26.27 24.15 3.99
CA PHE G 264 -26.55 24.56 5.36
C PHE G 264 -26.77 23.39 6.30
N ALA G 265 -27.00 22.18 5.79
CA ALA G 265 -27.31 21.07 6.66
C ALA G 265 -26.14 20.67 7.54
N GLY G 266 -24.92 20.97 7.15
CA GLY G 266 -23.80 20.57 7.97
C GLY G 266 -23.40 21.51 9.07
N VAL G 267 -24.05 22.67 9.20
CA VAL G 267 -23.63 23.63 10.20
C VAL G 267 -24.17 23.23 11.57
N ALA G 268 -23.56 23.79 12.62
CA ALA G 268 -23.90 23.39 13.99
C ALA G 268 -25.34 23.74 14.35
N GLU G 269 -25.81 24.90 13.92
CA GLU G 269 -27.15 25.34 14.31
C GLU G 269 -28.26 24.73 13.46
N SER G 270 -28.13 23.45 13.09
CA SER G 270 -29.16 22.80 12.29
C SER G 270 -29.64 21.54 13.02
N PRO G 271 -30.91 21.16 12.82
CA PRO G 271 -31.46 20.04 13.59
C PRO G 271 -30.70 18.75 13.35
N GLY G 272 -30.74 17.88 14.35
CA GLY G 272 -29.93 16.68 14.33
C GLY G 272 -28.58 16.90 14.97
N GLU G 273 -27.94 15.79 15.32
CA GLU G 273 -26.65 15.81 15.99
C GLU G 273 -25.57 15.25 15.07
N THR G 274 -24.34 15.67 15.33
CA THR G 274 -23.21 15.21 14.53
C THR G 274 -22.95 13.74 14.76
N GLU G 275 -22.73 12.99 13.69
CA GLU G 275 -22.35 11.59 13.79
C GLU G 275 -20.95 11.42 13.24
N ILE G 276 -20.23 10.44 13.75
CA ILE G 276 -18.83 10.19 13.37
C ILE G 276 -18.77 8.92 12.52
N TYR G 277 -18.20 9.02 11.33
CA TYR G 277 -17.98 7.86 10.47
C TYR G 277 -16.59 7.95 9.86
N GLN G 278 -15.76 6.95 10.15
CA GLN G 278 -14.43 6.77 9.54
C GLN G 278 -13.52 7.97 9.82
N GLY G 279 -13.61 8.48 11.05
CA GLY G 279 -12.78 9.56 11.54
C GLY G 279 -13.18 10.97 11.14
N ARG G 280 -14.19 11.14 10.30
CA ARG G 280 -14.69 12.47 9.97
C ARG G 280 -16.13 12.59 10.45
N GLN G 281 -16.53 13.82 10.73
CA GLN G 281 -17.86 14.12 11.25
C GLN G 281 -18.83 14.43 10.13
N PHE G 282 -20.04 13.85 10.20
CA PHE G 282 -21.09 14.03 9.21
C PHE G 282 -22.41 14.32 9.92
N LYS G 283 -23.32 14.97 9.18
CA LYS G 283 -24.67 15.25 9.67
C LYS G 283 -25.70 14.67 8.70
N VAL G 284 -26.82 14.19 9.23
CA VAL G 284 -27.88 13.66 8.38
C VAL G 284 -28.52 14.77 7.57
N TYR G 285 -28.69 14.55 6.26
CA TYR G 285 -29.39 15.46 5.38
C TYR G 285 -30.25 14.65 4.43
N ARG G 286 -31.56 14.90 4.43
CA ARG G 286 -32.49 14.10 3.64
C ARG G 286 -33.53 15.00 3.00
N GLY G 287 -34.09 14.53 1.90
CA GLY G 287 -35.17 15.23 1.25
C GLY G 287 -36.48 15.09 2.02
N MET G 288 -37.31 16.13 1.92
CA MET G 288 -38.63 16.08 2.54
C MET G 288 -39.55 15.08 1.85
N GLY G 289 -39.19 14.60 0.67
CA GLY G 289 -39.88 13.52 0.00
C GLY G 289 -39.24 12.17 0.19
N SER G 290 -38.27 12.04 1.09
CA SER G 290 -37.66 10.75 1.38
C SER G 290 -38.52 9.95 2.35
N VAL G 291 -38.25 8.65 2.44
CA VAL G 291 -39.03 7.78 3.32
C VAL G 291 -38.96 8.25 4.76
N GLY G 292 -37.76 8.59 5.22
CA GLY G 292 -37.59 8.96 6.62
C GLY G 292 -38.36 10.21 7.01
N ALA G 293 -38.34 11.23 6.16
CA ALA G 293 -39.00 12.49 6.49
C ALA G 293 -40.52 12.38 6.46
N MET G 294 -41.05 11.51 5.62
CA MET G 294 -42.49 11.40 5.46
C MET G 294 -43.17 10.54 6.51
N GLU G 295 -42.41 9.70 7.22
CA GLU G 295 -43.03 8.90 8.29
C GLU G 295 -43.56 9.78 9.40
N LYS G 296 -42.76 10.74 9.85
CA LYS G 296 -43.19 11.66 10.90
C LYS G 296 -44.34 12.55 10.41
N LYS G 309 -47.46 1.57 0.94
CA LYS G 309 -46.12 2.07 0.69
C LYS G 309 -46.14 3.13 -0.40
N LEU G 310 -45.40 4.22 -0.18
CA LEU G 310 -45.44 5.38 -1.05
C LEU G 310 -44.33 5.33 -2.09
N VAL G 311 -44.48 6.16 -3.11
CA VAL G 311 -43.48 6.42 -4.14
C VAL G 311 -42.73 7.69 -3.75
N PRO G 312 -41.51 7.57 -3.23
CA PRO G 312 -40.78 8.76 -2.77
C PRO G 312 -40.22 9.56 -3.94
N GLU G 313 -39.95 10.84 -3.65
CA GLU G 313 -39.29 11.75 -4.59
C GLU G 313 -38.02 12.34 -4.00
N GLY G 314 -37.41 11.64 -3.04
CA GLY G 314 -36.15 12.06 -2.43
C GLY G 314 -35.45 10.87 -1.82
N ILE G 315 -34.20 11.09 -1.42
CA ILE G 315 -33.35 10.07 -0.83
C ILE G 315 -32.81 10.61 0.50
N GLU G 316 -32.29 9.71 1.32
CA GLU G 316 -31.73 10.06 2.63
C GLU G 316 -30.22 9.93 2.59
N GLY G 317 -29.53 10.97 3.04
CA GLY G 317 -28.08 10.98 2.99
C GLY G 317 -27.44 11.75 4.12
N ARG G 318 -26.18 12.12 3.94
CA ARG G 318 -25.43 12.83 4.97
C ARG G 318 -24.37 13.71 4.32
N VAL G 319 -24.10 14.83 4.97
CA VAL G 319 -23.10 15.79 4.49
C VAL G 319 -22.10 16.04 5.60
N PRO G 320 -20.88 16.46 5.24
CA PRO G 320 -19.85 16.71 6.26
C PRO G 320 -20.27 17.82 7.21
N TYR G 321 -19.80 17.70 8.45
CA TYR G 321 -19.99 18.73 9.45
C TYR G 321 -19.14 19.95 9.08
N LYS G 322 -19.74 21.13 9.16
CA LYS G 322 -19.09 22.34 8.67
C LYS G 322 -18.83 23.37 9.77
N GLY G 323 -19.27 23.12 11.00
CA GLY G 323 -19.01 24.02 12.09
C GLY G 323 -20.06 25.10 12.21
N PRO G 324 -19.65 26.27 12.67
CA PRO G 324 -20.61 27.35 12.86
C PRO G 324 -21.15 27.86 11.53
N LEU G 325 -22.39 28.35 11.57
CA LEU G 325 -23.01 28.90 10.37
C LEU G 325 -22.26 30.13 9.86
N ALA G 326 -21.67 30.91 10.78
CA ALA G 326 -21.02 32.16 10.40
C ALA G 326 -19.90 31.94 9.40
N ASP G 327 -19.16 30.83 9.53
CA ASP G 327 -18.03 30.59 8.65
C ASP G 327 -18.48 30.27 7.23
N THR G 328 -19.55 29.49 7.08
CA THR G 328 -20.09 29.18 5.76
C THR G 328 -20.70 30.43 5.12
N VAL G 329 -21.50 31.18 5.90
CA VAL G 329 -22.13 32.38 5.38
C VAL G 329 -21.08 33.39 4.92
N HIS G 330 -19.99 33.48 5.67
CA HIS G 330 -18.90 34.38 5.27
C HIS G 330 -18.31 33.96 3.94
N GLN G 331 -18.12 32.65 3.73
CA GLN G 331 -17.60 32.16 2.47
C GLN G 331 -18.59 32.38 1.33
N LEU G 332 -19.89 32.22 1.62
CA LEU G 332 -20.91 32.43 0.60
C LEU G 332 -20.95 33.90 0.16
N VAL G 333 -21.07 34.82 1.12
CA VAL G 333 -21.13 36.23 0.77
C VAL G 333 -19.80 36.69 0.16
N GLY G 334 -18.69 36.18 0.68
CA GLY G 334 -17.40 36.54 0.11
C GLY G 334 -17.27 36.12 -1.35
N GLY G 335 -17.74 34.91 -1.67
CA GLY G 335 -17.75 34.50 -3.06
C GLY G 335 -18.67 35.36 -3.91
N LEU G 336 -19.79 35.78 -3.33
CA LEU G 336 -20.71 36.67 -4.04
C LEU G 336 -20.06 38.03 -4.31
N ARG G 337 -19.34 38.57 -3.32
CA ARG G 337 -18.69 39.86 -3.51
C ARG G 337 -17.63 39.81 -4.59
N ALA G 338 -16.91 38.69 -4.69
CA ALA G 338 -15.93 38.57 -5.76
C ALA G 338 -16.62 38.56 -7.12
N GLY G 339 -17.69 37.77 -7.25
CA GLY G 339 -18.41 37.70 -8.52
C GLY G 339 -18.99 39.03 -8.93
N MET G 340 -19.57 39.77 -7.97
CA MET G 340 -20.11 41.09 -8.29
C MET G 340 -19.01 42.05 -8.71
N GLY G 341 -17.83 41.95 -8.10
CA GLY G 341 -16.72 42.76 -8.52
C GLY G 341 -16.24 42.41 -9.92
N TYR G 342 -16.24 41.11 -10.24
CA TYR G 342 -15.87 40.68 -11.58
C TYR G 342 -16.83 41.23 -12.62
N CYS G 343 -18.11 41.33 -12.28
CA CYS G 343 -19.13 41.76 -13.21
C CYS G 343 -19.36 43.26 -13.22
N GLY G 344 -18.69 44.01 -12.35
CA GLY G 344 -18.92 45.43 -12.27
C GLY G 344 -20.24 45.80 -11.66
N ALA G 345 -20.79 44.92 -10.82
CA ALA G 345 -22.07 45.14 -10.19
C ALA G 345 -21.85 45.74 -8.81
N GLN G 346 -22.35 46.97 -8.61
CA GLN G 346 -22.24 47.60 -7.31
C GLN G 346 -23.34 47.14 -6.37
N ASP G 347 -24.48 46.72 -6.93
CA ASP G 347 -25.58 46.16 -6.15
C ASP G 347 -26.19 44.98 -6.90
N LEU G 348 -27.10 44.28 -6.22
CA LEU G 348 -27.68 43.07 -6.80
C LEU G 348 -28.62 43.36 -7.95
N GLU G 349 -29.18 44.56 -8.03
CA GLU G 349 -30.06 44.84 -9.16
C GLU G 349 -29.27 44.92 -10.46
N PHE G 350 -28.09 45.55 -10.39
CA PHE G 350 -27.23 45.66 -11.56
C PHE G 350 -26.77 44.30 -12.05
N LEU G 351 -26.40 43.41 -11.14
CA LEU G 351 -26.03 42.06 -11.54
C LEU G 351 -27.19 41.35 -12.21
N ARG G 352 -28.41 41.55 -11.67
CA ARG G 352 -29.58 40.87 -12.21
C ARG G 352 -29.90 41.36 -13.62
N GLU G 353 -29.62 42.62 -13.92
CA GLU G 353 -30.09 43.24 -15.15
C GLU G 353 -29.03 43.32 -16.25
N ASN G 354 -27.74 43.19 -15.90
CA ASN G 354 -26.69 43.37 -16.89
C ASN G 354 -25.78 42.18 -17.07
N ALA G 355 -25.64 41.31 -16.07
CA ALA G 355 -24.64 40.26 -16.13
C ALA G 355 -24.88 39.30 -17.29
N GLN G 356 -23.81 38.95 -17.99
CA GLN G 356 -23.85 38.08 -19.16
C GLN G 356 -23.19 36.76 -18.85
N PHE G 357 -23.76 35.68 -19.39
CA PHE G 357 -23.20 34.34 -19.27
C PHE G 357 -22.51 33.95 -20.57
N ILE G 358 -21.67 32.92 -20.50
CA ILE G 358 -21.13 32.26 -21.69
C ILE G 358 -21.29 30.76 -21.50
N ARG G 359 -21.79 30.08 -22.54
CA ARG G 359 -22.03 28.64 -22.47
C ARG G 359 -20.74 27.88 -22.75
N MET G 360 -20.60 26.72 -22.12
CA MET G 360 -19.40 25.90 -22.26
C MET G 360 -19.79 24.44 -22.26
N SER G 361 -18.85 23.58 -22.65
CA SER G 361 -19.11 22.15 -22.70
C SER G 361 -18.64 21.49 -21.41
N GLY G 362 -18.76 20.16 -21.34
CA GLY G 362 -18.25 19.44 -20.19
C GLY G 362 -16.76 19.60 -19.99
N ALA G 363 -15.99 19.70 -21.08
CA ALA G 363 -14.57 19.98 -20.97
C ALA G 363 -14.33 21.38 -20.39
N GLY G 364 -15.20 22.34 -20.70
CA GLY G 364 -15.07 23.65 -20.07
C GLY G 364 -15.31 23.60 -18.58
N LEU G 365 -16.26 22.76 -18.15
CA LEU G 365 -16.46 22.57 -16.71
C LEU G 365 -15.23 21.93 -16.06
N LEU G 366 -14.62 20.96 -16.76
CA LEU G 366 -13.42 20.31 -16.24
C LEU G 366 -12.24 21.29 -16.17
N GLU G 367 -12.19 22.27 -17.08
CA GLU G 367 -11.16 23.30 -16.98
C GLU G 367 -11.43 24.24 -15.81
N SER G 368 -12.72 24.51 -15.54
CA SER G 368 -13.12 25.46 -14.51
C SER G 368 -12.76 24.97 -13.11
N HIS G 369 -12.95 23.69 -12.84
CA HIS G 369 -12.54 23.13 -11.56
C HIS G 369 -11.03 22.97 -11.53
N PRO G 370 -10.45 22.86 -10.34
CA PRO G 370 -9.02 22.51 -10.25
C PRO G 370 -8.78 21.16 -10.90
N HIS G 371 -7.66 21.05 -11.62
CA HIS G 371 -7.40 19.86 -12.41
C HIS G 371 -5.91 19.54 -12.45
N HIS G 372 -5.61 18.24 -12.57
CA HIS G 372 -4.25 17.74 -12.77
C HIS G 372 -3.30 18.18 -11.66
N VAL G 373 -3.84 18.40 -10.47
CA VAL G 373 -3.04 18.73 -9.30
C VAL G 373 -3.66 18.01 -8.11
N GLN G 374 -2.84 17.27 -7.36
CA GLN G 374 -3.32 16.56 -6.17
C GLN G 374 -3.52 17.56 -5.04
N ILE G 375 -4.77 17.73 -4.61
CA ILE G 375 -5.10 18.70 -3.57
C ILE G 375 -4.67 18.15 -2.22
N THR G 376 -3.85 18.92 -1.49
CA THR G 376 -3.36 18.48 -0.18
C THR G 376 -4.19 19.00 0.98
N LYS G 377 -4.74 20.22 0.87
CA LYS G 377 -5.53 20.83 1.92
C LYS G 377 -6.93 21.17 1.45
N GLU G 378 -7.86 21.22 2.40
CA GLU G 378 -9.24 21.55 2.12
C GLU G 378 -9.43 23.05 2.25
N ALA G 379 -9.94 23.68 1.19
CA ALA G 379 -10.21 25.11 1.24
C ALA G 379 -11.56 25.37 1.92
N PRO G 380 -11.72 26.52 2.57
CA PRO G 380 -13.00 26.81 3.24
C PRO G 380 -14.18 26.89 2.28
N ASN G 381 -13.94 27.14 0.99
CA ASN G 381 -15.02 27.21 0.00
C ASN G 381 -14.97 26.09 -1.02
N TYR G 382 -13.94 25.24 -1.02
CA TYR G 382 -13.80 24.17 -2.01
C TYR G 382 -13.38 22.88 -1.30
N SER G 383 -14.26 21.89 -1.32
CA SER G 383 -13.97 20.60 -0.70
C SER G 383 -14.24 19.45 -1.66
N ASN H 23 -25.95 11.12 -55.17
CA ASN H 23 -25.11 12.04 -54.44
C ASN H 23 -25.86 12.65 -53.25
N ALA H 24 -27.19 12.59 -53.32
CA ALA H 24 -28.01 13.11 -52.22
C ALA H 24 -27.81 12.27 -50.98
N MET H 25 -27.83 10.94 -51.13
CA MET H 25 -27.62 10.05 -50.00
C MET H 25 -26.22 10.21 -49.42
N TRP H 26 -25.24 10.55 -50.26
CA TRP H 26 -23.87 10.69 -49.76
C TRP H 26 -23.71 11.93 -48.90
N GLU H 27 -24.38 13.02 -49.26
CA GLU H 27 -24.22 14.24 -48.49
C GLU H 27 -25.16 14.33 -47.29
N SER H 28 -26.16 13.45 -47.21
CA SER H 28 -27.11 13.44 -46.09
C SER H 28 -26.76 12.39 -45.05
N LYS H 29 -25.54 11.84 -45.10
CA LYS H 29 -25.17 10.73 -44.21
C LYS H 29 -25.26 11.13 -42.73
N PHE H 30 -24.86 12.36 -42.40
CA PHE H 30 -24.73 12.76 -41.00
C PHE H 30 -25.71 13.87 -40.63
N VAL H 31 -26.87 13.89 -41.26
CA VAL H 31 -27.84 14.95 -41.04
C VAL H 31 -28.73 14.66 -39.83
N LYS H 32 -29.16 13.41 -39.66
CA LYS H 32 -30.10 13.09 -38.59
C LYS H 32 -29.46 13.24 -37.21
N GLU H 33 -30.29 13.57 -36.22
CA GLU H 33 -29.92 13.71 -34.82
C GLU H 33 -30.91 12.96 -33.94
N GLY H 34 -30.41 12.29 -32.91
CA GLY H 34 -31.25 11.47 -32.06
C GLY H 34 -31.10 11.78 -30.59
N LEU H 35 -32.20 11.63 -29.87
CA LEU H 35 -32.26 11.86 -28.43
C LEU H 35 -32.68 10.59 -27.72
N THR H 36 -32.13 10.42 -26.52
CA THR H 36 -32.51 9.32 -25.64
C THR H 36 -33.06 9.88 -24.33
N PHE H 37 -33.42 8.97 -23.43
CA PHE H 37 -34.11 9.35 -22.20
C PHE H 37 -33.33 10.36 -21.39
N ASP H 38 -32.01 10.18 -21.25
CA ASP H 38 -31.21 11.04 -20.38
C ASP H 38 -30.88 12.38 -21.01
N ASP H 39 -31.41 12.66 -22.20
CA ASP H 39 -31.19 13.94 -22.88
C ASP H 39 -32.27 14.97 -22.59
N VAL H 40 -33.39 14.56 -22.00
CA VAL H 40 -34.58 15.40 -21.93
C VAL H 40 -35.17 15.33 -20.53
N LEU H 41 -36.08 16.26 -20.27
CA LEU H 41 -36.90 16.28 -19.08
C LEU H 41 -38.29 16.74 -19.49
N LEU H 42 -39.30 16.27 -18.77
CA LEU H 42 -40.65 16.72 -19.02
C LEU H 42 -40.88 18.05 -18.31
N VAL H 43 -41.45 19.01 -19.03
CA VAL H 43 -41.72 20.33 -18.47
C VAL H 43 -43.01 20.28 -17.64
N PRO H 44 -42.99 20.74 -16.39
CA PRO H 44 -44.25 20.78 -15.61
C PRO H 44 -45.20 21.78 -16.23
N ALA H 45 -46.46 21.37 -16.37
CA ALA H 45 -47.48 22.18 -17.02
C ALA H 45 -48.63 22.47 -16.06
N LYS H 46 -49.56 23.29 -16.53
CA LYS H 46 -50.79 23.55 -15.80
C LYS H 46 -51.55 22.25 -15.56
N SER H 47 -52.00 22.05 -14.31
CA SER H 47 -52.59 20.78 -13.90
C SER H 47 -53.80 21.00 -13.01
N ASP H 48 -54.91 20.36 -13.37
CA ASP H 48 -56.12 20.35 -12.54
C ASP H 48 -56.34 18.99 -11.87
N VAL H 49 -55.45 18.03 -12.09
CA VAL H 49 -55.61 16.67 -11.62
C VAL H 49 -54.52 16.34 -10.61
N LEU H 50 -54.84 15.41 -9.69
CA LEU H 50 -53.91 14.89 -8.72
C LEU H 50 -53.43 13.50 -9.12
N PRO H 51 -52.22 13.12 -8.70
CA PRO H 51 -51.71 11.77 -9.02
C PRO H 51 -52.66 10.64 -8.65
N ARG H 52 -53.49 10.83 -7.61
CA ARG H 52 -54.37 9.75 -7.15
C ARG H 52 -55.43 9.40 -8.19
N GLU H 53 -55.92 10.40 -8.95
CA GLU H 53 -57.03 10.22 -9.87
C GLU H 53 -56.63 10.22 -11.34
N VAL H 54 -55.34 10.17 -11.67
CA VAL H 54 -55.02 10.12 -13.09
C VAL H 54 -55.35 8.73 -13.61
N SER H 55 -55.57 8.64 -14.92
CA SER H 55 -55.94 7.37 -15.54
C SER H 55 -54.76 6.78 -16.28
N VAL H 56 -54.44 5.52 -15.96
CA VAL H 56 -53.33 4.81 -16.57
C VAL H 56 -53.81 3.65 -17.43
N LYS H 57 -55.10 3.61 -17.75
CA LYS H 57 -55.60 2.57 -18.65
C LYS H 57 -55.20 2.91 -20.07
N THR H 58 -55.05 1.87 -20.89
CA THR H 58 -54.70 2.07 -22.28
C THR H 58 -55.30 0.96 -23.12
N VAL H 59 -55.65 1.31 -24.36
CA VAL H 59 -56.25 0.40 -25.32
C VAL H 59 -55.30 0.24 -26.50
N LEU H 60 -54.91 -1.01 -26.76
CA LEU H 60 -54.12 -1.32 -27.94
C LEU H 60 -55.02 -1.72 -29.11
N SER H 61 -56.13 -2.39 -28.83
CA SER H 61 -57.16 -2.72 -29.81
C SER H 61 -58.44 -3.06 -29.05
N GLU H 62 -59.51 -3.33 -29.80
CA GLU H 62 -60.76 -3.70 -29.15
C GLU H 62 -60.62 -5.02 -28.38
N SER H 63 -59.68 -5.87 -28.77
CA SER H 63 -59.48 -7.14 -28.10
C SER H 63 -58.38 -7.11 -27.04
N LEU H 64 -57.66 -5.99 -26.92
CA LEU H 64 -56.49 -5.92 -26.03
C LEU H 64 -56.53 -4.62 -25.25
N GLN H 65 -56.94 -4.69 -23.98
CA GLN H 65 -56.97 -3.53 -23.10
C GLN H 65 -56.23 -3.84 -21.81
N LEU H 66 -55.34 -2.94 -21.40
CA LEU H 66 -54.54 -3.09 -20.20
C LEU H 66 -54.90 -2.01 -19.20
N ASN H 67 -54.88 -2.36 -17.91
CA ASN H 67 -55.17 -1.37 -16.87
C ASN H 67 -53.93 -0.52 -16.53
N ILE H 68 -52.74 -1.08 -16.69
CA ILE H 68 -51.50 -0.33 -16.52
C ILE H 68 -50.68 -0.49 -17.79
N PRO H 69 -49.94 0.53 -18.22
CA PRO H 69 -49.23 0.45 -19.51
C PRO H 69 -47.86 -0.20 -19.38
N LEU H 70 -47.84 -1.44 -18.90
CA LEU H 70 -46.59 -2.16 -18.67
C LEU H 70 -46.72 -3.57 -19.25
N ILE H 71 -45.72 -3.96 -20.05
CA ILE H 71 -45.65 -5.30 -20.63
C ILE H 71 -44.28 -5.87 -20.29
N SER H 72 -44.28 -7.09 -19.77
CA SER H 72 -43.03 -7.79 -19.50
C SER H 72 -42.49 -8.42 -20.78
N ALA H 73 -41.19 -8.34 -20.97
CA ALA H 73 -40.57 -8.75 -22.23
C ALA H 73 -40.61 -10.26 -22.40
N GLY H 74 -40.67 -10.69 -23.65
CA GLY H 74 -40.69 -12.11 -23.97
C GLY H 74 -39.30 -12.70 -24.06
N MET H 75 -38.67 -12.87 -22.90
CA MET H 75 -37.32 -13.40 -22.81
C MET H 75 -37.31 -14.55 -21.80
N ASP H 76 -36.39 -15.50 -22.01
CA ASP H 76 -36.33 -16.68 -21.16
C ASP H 76 -35.85 -16.37 -19.74
N THR H 77 -35.51 -15.11 -19.41
CA THR H 77 -35.17 -14.73 -18.06
C THR H 77 -36.16 -13.72 -17.48
N VAL H 78 -37.25 -13.43 -18.18
CA VAL H 78 -38.21 -12.40 -17.78
C VAL H 78 -39.61 -12.98 -17.60
N THR H 79 -40.14 -13.65 -18.62
CA THR H 79 -41.57 -13.96 -18.63
C THR H 79 -41.80 -15.42 -18.94
N GLU H 80 -42.44 -16.13 -18.02
CA GLU H 80 -43.08 -17.41 -18.33
C GLU H 80 -44.48 -17.33 -17.73
N ALA H 81 -45.06 -18.50 -17.45
CA ALA H 81 -46.45 -18.55 -16.99
C ALA H 81 -46.65 -17.75 -15.72
N ASP H 82 -45.82 -18.01 -14.70
CA ASP H 82 -45.99 -17.33 -13.42
C ASP H 82 -45.80 -15.82 -13.54
N MET H 83 -44.95 -15.37 -14.47
CA MET H 83 -44.79 -13.95 -14.68
C MET H 83 -46.00 -13.36 -15.40
N ALA H 84 -46.45 -14.02 -16.47
CA ALA H 84 -47.62 -13.55 -17.19
C ALA H 84 -48.86 -13.57 -16.30
N ILE H 85 -48.96 -14.55 -15.41
CA ILE H 85 -50.09 -14.60 -14.49
C ILE H 85 -50.10 -13.38 -13.58
N ALA H 86 -48.97 -13.11 -12.92
CA ALA H 86 -48.90 -11.99 -12.00
C ALA H 86 -49.00 -10.66 -12.74
N MET H 87 -48.40 -10.58 -13.93
CA MET H 87 -48.44 -9.35 -14.72
C MET H 87 -49.88 -8.93 -15.03
N ALA H 88 -50.66 -9.86 -15.60
CA ALA H 88 -52.04 -9.55 -15.94
C ALA H 88 -52.85 -9.22 -14.69
N ARG H 89 -52.53 -9.86 -13.57
CA ARG H 89 -53.21 -9.58 -12.33
C ARG H 89 -52.96 -8.15 -11.86
N GLN H 90 -51.81 -7.58 -12.21
CA GLN H 90 -51.53 -6.18 -11.92
C GLN H 90 -52.13 -5.22 -12.94
N GLY H 91 -52.82 -5.74 -13.96
CA GLY H 91 -53.38 -4.93 -15.02
C GLY H 91 -52.56 -4.85 -16.28
N GLY H 92 -51.50 -5.64 -16.39
CA GLY H 92 -50.60 -5.57 -17.53
C GLY H 92 -50.68 -6.76 -18.46
N LEU H 93 -49.55 -7.10 -19.07
CA LEU H 93 -49.50 -8.18 -20.04
C LEU H 93 -48.12 -8.82 -20.01
N GLY H 94 -48.09 -10.13 -20.17
CA GLY H 94 -46.84 -10.88 -20.27
C GLY H 94 -46.77 -11.58 -21.60
N ILE H 95 -45.58 -11.58 -22.20
CA ILE H 95 -45.35 -12.18 -23.50
C ILE H 95 -44.53 -13.44 -23.27
N ILE H 96 -45.17 -14.60 -23.42
CA ILE H 96 -44.45 -15.86 -23.21
C ILE H 96 -43.36 -16.01 -24.26
N HIS H 97 -42.14 -16.28 -23.81
CA HIS H 97 -41.02 -16.33 -24.72
C HIS H 97 -41.07 -17.59 -25.57
N LYS H 98 -40.28 -17.57 -26.65
CA LYS H 98 -40.33 -18.61 -27.68
C LYS H 98 -39.22 -19.65 -27.57
N ASN H 99 -38.26 -19.48 -26.66
CA ASN H 99 -37.18 -20.46 -26.50
C ASN H 99 -37.67 -21.69 -25.72
N MET H 100 -38.64 -22.36 -26.32
CA MET H 100 -39.24 -23.58 -25.80
C MET H 100 -39.90 -24.30 -26.96
N SER H 101 -40.38 -25.52 -26.71
CA SER H 101 -41.09 -26.23 -27.76
C SER H 101 -42.43 -25.55 -28.03
N ILE H 102 -43.04 -25.91 -29.16
CA ILE H 102 -44.32 -25.33 -29.56
C ILE H 102 -45.40 -25.67 -28.54
N GLU H 103 -45.46 -26.92 -28.09
CA GLU H 103 -46.48 -27.30 -27.11
C GLU H 103 -46.19 -26.74 -25.72
N GLN H 104 -44.91 -26.62 -25.34
CA GLN H 104 -44.64 -26.04 -24.03
C GLN H 104 -45.16 -24.60 -23.97
N GLN H 105 -44.98 -23.86 -25.06
CA GLN H 105 -45.46 -22.48 -25.09
C GLN H 105 -46.99 -22.44 -25.12
N ALA H 106 -47.61 -23.34 -25.89
CA ALA H 106 -49.07 -23.42 -25.93
C ALA H 106 -49.65 -23.87 -24.58
N GLU H 107 -48.96 -24.77 -23.87
CA GLU H 107 -49.47 -25.24 -22.58
C GLU H 107 -49.37 -24.16 -21.52
N GLN H 108 -48.33 -23.32 -21.59
CA GLN H 108 -48.21 -22.20 -20.66
C GLN H 108 -49.21 -21.10 -20.97
N VAL H 109 -49.49 -20.85 -22.25
CA VAL H 109 -50.47 -19.84 -22.63
C VAL H 109 -51.85 -20.16 -22.04
N ASP H 110 -52.29 -21.41 -22.19
CA ASP H 110 -53.59 -21.78 -21.65
C ASP H 110 -53.59 -21.72 -20.13
N LYS H 111 -52.44 -22.06 -19.51
CA LYS H 111 -52.33 -21.98 -18.06
C LYS H 111 -52.63 -20.58 -17.54
N VAL H 112 -52.17 -19.54 -18.24
CA VAL H 112 -52.45 -18.18 -17.80
C VAL H 112 -53.91 -17.81 -18.04
N LYS H 113 -54.49 -18.28 -19.14
CA LYS H 113 -55.87 -17.91 -19.45
C LYS H 113 -56.86 -18.55 -18.49
N ARG H 114 -56.64 -19.82 -18.13
CA ARG H 114 -57.58 -20.52 -17.26
C ARG H 114 -57.61 -19.96 -15.85
N SER H 115 -56.58 -19.21 -15.44
CA SER H 115 -56.49 -18.71 -14.08
C SER H 115 -57.19 -17.36 -13.96
N GLY H 116 -58.46 -17.35 -14.33
CA GLY H 116 -59.30 -16.18 -14.20
C GLY H 116 -59.53 -15.38 -15.47
N GLY H 117 -59.24 -15.94 -16.63
CA GLY H 117 -59.44 -15.20 -17.88
C GLY H 117 -58.50 -14.02 -18.03
N LEU H 118 -57.24 -14.19 -17.63
CA LEU H 118 -56.27 -13.11 -17.69
C LEU H 118 -55.67 -13.02 -19.10
N LEU H 119 -55.18 -11.84 -19.44
CA LEU H 119 -54.55 -11.62 -20.74
C LEU H 119 -53.14 -12.21 -20.78
N VAL H 120 -52.75 -12.68 -21.97
CA VAL H 120 -51.42 -13.24 -22.18
C VAL H 120 -51.05 -13.09 -23.65
N GLY H 121 -49.75 -12.94 -23.91
CA GLY H 121 -49.23 -12.89 -25.25
C GLY H 121 -48.12 -13.90 -25.44
N ALA H 122 -47.72 -14.09 -26.69
CA ALA H 122 -46.68 -15.06 -26.99
C ALA H 122 -45.84 -14.59 -28.16
N ALA H 123 -44.53 -14.80 -28.04
CA ALA H 123 -43.57 -14.44 -29.07
C ALA H 123 -43.36 -15.59 -30.05
N VAL H 124 -43.26 -15.23 -31.33
CA VAL H 124 -43.00 -16.18 -32.40
C VAL H 124 -41.88 -15.59 -33.26
N GLY H 125 -40.89 -16.42 -33.60
CA GLY H 125 -39.82 -15.98 -34.47
C GLY H 125 -40.14 -16.18 -35.94
N VAL H 126 -39.40 -15.49 -36.80
CA VAL H 126 -39.57 -15.62 -38.25
C VAL H 126 -38.73 -16.82 -38.67
N THR H 127 -39.36 -17.99 -38.67
CA THR H 127 -38.73 -19.22 -39.10
C THR H 127 -39.80 -20.07 -39.77
N ALA H 128 -39.36 -21.20 -40.34
CA ALA H 128 -40.29 -22.09 -41.05
C ALA H 128 -41.39 -22.63 -40.14
N ASP H 129 -41.10 -22.84 -38.87
CA ASP H 129 -42.13 -23.40 -38.00
C ASP H 129 -43.04 -22.34 -37.41
N ALA H 130 -42.94 -21.13 -37.89
CA ALA H 130 -43.71 -20.04 -37.29
C ALA H 130 -45.21 -20.29 -37.39
N MET H 131 -45.70 -20.60 -38.59
CA MET H 131 -47.14 -20.74 -38.76
C MET H 131 -47.69 -21.94 -37.99
N THR H 132 -46.93 -23.02 -37.88
CA THR H 132 -47.37 -24.14 -37.05
C THR H 132 -47.43 -23.73 -35.58
N ARG H 133 -46.44 -22.96 -35.12
CA ARG H 133 -46.43 -22.49 -33.73
C ARG H 133 -47.57 -21.52 -33.48
N ILE H 134 -47.88 -20.67 -34.46
CA ILE H 134 -48.95 -19.69 -34.28
C ILE H 134 -50.29 -20.39 -34.16
N ASP H 135 -50.53 -21.42 -34.98
CA ASP H 135 -51.80 -22.13 -34.93
C ASP H 135 -52.05 -22.75 -33.56
N ALA H 136 -51.02 -23.42 -33.02
CA ALA H 136 -51.16 -24.05 -31.71
C ALA H 136 -51.40 -23.01 -30.61
N LEU H 137 -50.87 -21.80 -30.80
CA LEU H 137 -51.09 -20.72 -29.84
C LEU H 137 -52.49 -20.12 -29.99
N VAL H 138 -53.00 -20.04 -31.22
CA VAL H 138 -54.34 -19.47 -31.41
C VAL H 138 -55.41 -20.32 -30.75
N LYS H 139 -55.30 -21.65 -30.85
CA LYS H 139 -56.28 -22.46 -30.12
C LYS H 139 -55.99 -22.41 -28.62
N ALA H 140 -54.74 -22.14 -28.23
CA ALA H 140 -54.50 -21.86 -26.82
C ALA H 140 -55.02 -20.51 -26.42
N SER H 141 -55.69 -19.80 -27.34
CA SER H 141 -56.42 -18.56 -27.08
C SER H 141 -55.50 -17.39 -26.69
N VAL H 142 -54.37 -17.24 -27.40
CA VAL H 142 -53.52 -16.09 -27.18
C VAL H 142 -54.27 -14.81 -27.54
N ASP H 143 -54.02 -13.75 -26.78
CA ASP H 143 -54.65 -12.46 -27.03
C ASP H 143 -53.84 -11.62 -28.02
N ALA H 144 -52.53 -11.84 -28.08
CA ALA H 144 -51.67 -11.12 -29.00
C ALA H 144 -50.48 -12.00 -29.34
N ILE H 145 -50.08 -11.98 -30.61
CA ILE H 145 -48.86 -12.64 -31.06
C ILE H 145 -47.81 -11.58 -31.32
N VAL H 146 -46.57 -11.86 -30.90
CA VAL H 146 -45.46 -10.94 -31.12
C VAL H 146 -44.49 -11.62 -32.08
N LEU H 147 -44.46 -11.17 -33.34
CA LEU H 147 -43.44 -11.61 -34.30
C LEU H 147 -42.24 -10.71 -34.08
N ASP H 148 -41.37 -11.14 -33.18
CA ASP H 148 -40.19 -10.40 -32.77
C ASP H 148 -39.00 -10.84 -33.59
N THR H 149 -38.32 -9.87 -34.20
CA THR H 149 -37.13 -10.14 -34.96
C THR H 149 -36.10 -9.04 -34.70
N ALA H 150 -34.83 -9.40 -34.93
CA ALA H 150 -33.75 -8.43 -34.75
C ALA H 150 -33.93 -7.23 -35.66
N HIS H 151 -34.45 -7.45 -36.86
CA HIS H 151 -34.66 -6.38 -37.84
C HIS H 151 -36.08 -6.49 -38.39
N GLY H 152 -36.99 -5.63 -37.90
CA GLY H 152 -38.38 -5.70 -38.32
C GLY H 152 -38.62 -5.21 -39.74
N HIS H 153 -37.68 -4.48 -40.32
CA HIS H 153 -37.80 -3.96 -41.68
C HIS H 153 -37.27 -4.92 -42.74
N SER H 154 -37.35 -6.22 -42.47
CA SER H 154 -36.93 -7.24 -43.42
C SER H 154 -38.12 -7.76 -44.21
N GLN H 155 -37.84 -8.15 -45.46
CA GLN H 155 -38.90 -8.66 -46.32
C GLN H 155 -39.51 -9.93 -45.77
N GLY H 156 -38.69 -10.75 -45.09
CA GLY H 156 -39.22 -11.92 -44.43
C GLY H 156 -40.22 -11.56 -43.34
N VAL H 157 -39.98 -10.44 -42.65
CA VAL H 157 -40.90 -9.98 -41.61
C VAL H 157 -42.18 -9.44 -42.24
N ILE H 158 -42.03 -8.61 -43.28
CA ILE H 158 -43.19 -8.05 -43.96
C ILE H 158 -44.07 -9.14 -44.55
N ASP H 159 -43.44 -10.10 -45.24
CA ASP H 159 -44.20 -11.19 -45.84
C ASP H 159 -44.86 -12.06 -44.78
N LYS H 160 -44.14 -12.37 -43.70
CA LYS H 160 -44.70 -13.24 -42.67
C LYS H 160 -45.89 -12.60 -41.97
N VAL H 161 -45.90 -11.28 -41.84
CA VAL H 161 -47.05 -10.64 -41.20
C VAL H 161 -48.29 -10.79 -42.07
N LYS H 162 -48.15 -10.58 -43.39
CA LYS H 162 -49.28 -10.77 -44.29
C LYS H 162 -49.75 -12.22 -44.28
N GLU H 163 -48.82 -13.16 -44.20
CA GLU H 163 -49.20 -14.57 -44.20
C GLU H 163 -49.89 -14.95 -42.90
N VAL H 164 -49.58 -14.25 -41.81
CA VAL H 164 -50.32 -14.47 -40.57
C VAL H 164 -51.62 -13.68 -40.57
N ARG H 165 -51.60 -12.43 -41.07
CA ARG H 165 -52.83 -11.65 -41.10
C ARG H 165 -53.87 -12.25 -42.04
N ALA H 166 -53.43 -12.87 -43.13
CA ALA H 166 -54.38 -13.52 -44.03
C ALA H 166 -55.04 -14.72 -43.34
N LYS H 167 -54.26 -15.48 -42.57
CA LYS H 167 -54.77 -16.70 -41.95
C LYS H 167 -55.60 -16.40 -40.71
N TYR H 168 -55.28 -15.32 -39.99
CA TYR H 168 -55.99 -14.95 -38.77
C TYR H 168 -56.33 -13.46 -38.79
N PRO H 169 -57.45 -13.10 -39.42
CA PRO H 169 -57.83 -11.68 -39.50
C PRO H 169 -58.20 -11.07 -38.16
N SER H 170 -58.49 -11.88 -37.15
CA SER H 170 -58.91 -11.38 -35.85
C SER H 170 -57.78 -11.37 -34.81
N LEU H 171 -56.61 -11.90 -35.15
CA LEU H 171 -55.52 -12.04 -34.20
C LEU H 171 -54.75 -10.72 -34.04
N ASN H 172 -54.52 -10.30 -32.81
CA ASN H 172 -53.66 -9.16 -32.55
C ASN H 172 -52.22 -9.52 -32.92
N ILE H 173 -51.62 -8.75 -33.81
CA ILE H 173 -50.26 -8.99 -34.26
C ILE H 173 -49.39 -7.81 -33.85
N ILE H 174 -48.38 -8.08 -33.04
CA ILE H 174 -47.38 -7.09 -32.65
C ILE H 174 -46.10 -7.44 -33.39
N ALA H 175 -45.68 -6.56 -34.30
CA ALA H 175 -44.54 -6.79 -35.17
C ALA H 175 -43.41 -5.83 -34.82
N GLY H 176 -42.21 -6.37 -34.71
CA GLY H 176 -41.03 -5.58 -34.42
C GLY H 176 -39.78 -6.40 -34.64
N ASN H 177 -38.64 -5.79 -34.38
CA ASN H 177 -38.59 -4.41 -33.93
C ASN H 177 -38.15 -3.48 -35.04
N VAL H 178 -38.63 -2.24 -35.01
CA VAL H 178 -38.27 -1.21 -35.96
C VAL H 178 -37.87 0.04 -35.17
N ALA H 179 -37.27 1.00 -35.88
CA ALA H 179 -36.89 2.25 -35.24
C ALA H 179 -37.08 3.46 -36.15
N THR H 180 -37.63 3.29 -37.34
CA THR H 180 -37.81 4.38 -38.28
C THR H 180 -39.26 4.42 -38.72
N ALA H 181 -39.68 5.59 -39.17
CA ALA H 181 -41.04 5.75 -39.66
C ALA H 181 -41.30 4.91 -40.91
N GLU H 182 -40.28 4.75 -41.77
CA GLU H 182 -40.47 4.00 -42.99
C GLU H 182 -40.81 2.54 -42.70
N ALA H 183 -40.12 1.93 -41.74
CA ALA H 183 -40.39 0.56 -41.35
C ALA H 183 -41.73 0.44 -40.62
N THR H 184 -42.12 1.47 -39.87
CA THR H 184 -43.41 1.44 -39.19
C THR H 184 -44.54 1.43 -40.19
N LYS H 185 -44.44 2.25 -41.23
CA LYS H 185 -45.47 2.28 -42.27
C LYS H 185 -45.56 0.94 -43.00
N ALA H 186 -44.43 0.27 -43.20
CA ALA H 186 -44.44 -1.00 -43.93
C ALA H 186 -45.14 -2.09 -43.14
N LEU H 187 -44.88 -2.19 -41.83
CA LEU H 187 -45.52 -3.22 -41.03
C LEU H 187 -47.01 -2.93 -40.83
N ILE H 188 -47.40 -1.67 -40.74
CA ILE H 188 -48.82 -1.35 -40.59
C ILE H 188 -49.58 -1.72 -41.85
N GLU H 189 -49.03 -1.37 -43.01
CA GLU H 189 -49.66 -1.72 -44.28
C GLU H 189 -49.62 -3.23 -44.53
N ALA H 190 -48.69 -3.94 -43.89
CA ALA H 190 -48.62 -5.38 -43.99
C ALA H 190 -49.62 -6.07 -43.08
N GLY H 191 -50.29 -5.32 -42.21
CA GLY H 191 -51.36 -5.84 -41.38
C GLY H 191 -51.09 -5.97 -39.90
N ALA H 192 -50.15 -5.21 -39.34
CA ALA H 192 -49.87 -5.27 -37.92
C ALA H 192 -50.69 -4.20 -37.19
N ASN H 193 -51.42 -4.62 -36.16
CA ASN H 193 -52.20 -3.67 -35.37
C ASN H 193 -51.33 -2.91 -34.37
N VAL H 194 -50.23 -3.50 -33.92
CA VAL H 194 -49.32 -2.86 -32.94
C VAL H 194 -47.90 -3.00 -33.44
N VAL H 195 -47.11 -1.95 -33.28
CA VAL H 195 -45.71 -1.92 -33.70
C VAL H 195 -44.82 -1.75 -32.47
N LYS H 196 -43.82 -2.62 -32.33
CA LYS H 196 -42.87 -2.56 -31.22
C LYS H 196 -41.58 -1.89 -31.68
N VAL H 197 -41.15 -0.86 -30.95
CA VAL H 197 -40.06 0.02 -31.37
C VAL H 197 -38.85 -0.22 -30.49
N GLY H 198 -37.67 -0.35 -31.11
CA GLY H 198 -36.44 -0.49 -30.37
C GLY H 198 -35.35 -1.35 -31.01
N ILE H 199 -34.28 -0.72 -31.48
CA ILE H 199 -33.09 -1.42 -31.98
C ILE H 199 -31.89 -0.88 -31.21
N GLY H 200 -31.41 -1.66 -30.25
CA GLY H 200 -30.21 -1.33 -29.52
C GLY H 200 -30.30 -0.70 -28.13
N PRO H 201 -31.48 -0.27 -27.64
CA PRO H 201 -31.48 0.40 -26.34
C PRO H 201 -31.44 -0.53 -25.15
N GLY H 202 -31.60 -1.84 -25.36
CA GLY H 202 -31.72 -2.76 -24.24
C GLY H 202 -30.53 -2.69 -23.31
N SER H 203 -30.82 -2.94 -22.02
CA SER H 203 -29.77 -2.93 -20.99
C SER H 203 -28.79 -4.07 -21.18
N ILE H 204 -29.21 -5.19 -21.76
CA ILE H 204 -28.34 -6.33 -22.01
C ILE H 204 -27.94 -6.43 -23.47
N CYS H 205 -28.18 -5.38 -24.26
CA CYS H 205 -28.06 -5.43 -25.71
C CYS H 205 -26.71 -4.85 -26.15
N THR H 206 -26.10 -5.50 -27.14
CA THR H 206 -24.86 -5.01 -27.73
C THR H 206 -25.00 -4.76 -29.24
N THR H 207 -26.22 -4.72 -29.76
CA THR H 207 -26.43 -4.54 -31.19
C THR H 207 -25.72 -3.29 -31.70
N ARG H 208 -25.90 -2.16 -31.03
CA ARG H 208 -25.27 -0.93 -31.50
C ARG H 208 -23.76 -0.99 -31.41
N VAL H 209 -23.22 -1.86 -30.58
CA VAL H 209 -21.78 -1.98 -30.42
C VAL H 209 -21.17 -2.98 -31.41
N VAL H 210 -21.84 -4.10 -31.66
CA VAL H 210 -21.24 -5.11 -32.53
C VAL H 210 -21.61 -4.93 -34.00
N ALA H 211 -22.72 -4.26 -34.30
CA ALA H 211 -23.09 -3.97 -35.68
C ALA H 211 -23.12 -2.48 -36.01
N GLY H 212 -23.03 -1.60 -35.00
CA GLY H 212 -23.06 -0.18 -35.24
C GLY H 212 -24.40 0.39 -35.60
N VAL H 213 -25.48 -0.37 -35.43
CA VAL H 213 -26.80 -0.02 -35.93
C VAL H 213 -27.70 0.32 -34.77
N GLY H 214 -28.47 1.39 -34.92
CA GLY H 214 -29.41 1.77 -33.89
C GLY H 214 -29.93 3.17 -34.11
N VAL H 215 -30.94 3.51 -33.31
CA VAL H 215 -31.50 4.85 -33.22
C VAL H 215 -31.74 5.15 -31.75
N PRO H 216 -31.31 6.31 -31.24
CA PRO H 216 -31.62 6.65 -29.84
C PRO H 216 -33.11 6.47 -29.55
N GLN H 217 -33.42 5.77 -28.45
CA GLN H 217 -34.74 5.18 -28.28
C GLN H 217 -35.84 6.23 -28.25
N LEU H 218 -35.61 7.37 -27.60
CA LEU H 218 -36.67 8.36 -27.46
C LEU H 218 -37.00 8.99 -28.81
N THR H 219 -35.99 9.18 -29.68
CA THR H 219 -36.26 9.64 -31.04
C THR H 219 -36.90 8.53 -31.89
N ALA H 220 -36.45 7.29 -31.71
CA ALA H 220 -37.09 6.18 -32.42
C ALA H 220 -38.56 6.10 -32.08
N VAL H 221 -38.88 6.19 -30.78
CA VAL H 221 -40.28 6.16 -30.38
C VAL H 221 -41.04 7.33 -30.98
N TYR H 222 -40.42 8.52 -30.95
CA TYR H 222 -41.10 9.69 -31.48
C TYR H 222 -41.30 9.59 -32.99
N ASP H 223 -40.27 9.15 -33.72
CA ASP H 223 -40.38 9.03 -35.17
C ASP H 223 -41.41 7.99 -35.56
N CYS H 224 -41.45 6.87 -34.83
CA CYS H 224 -42.40 5.82 -35.15
C CYS H 224 -43.82 6.22 -34.73
N ALA H 225 -43.93 6.92 -33.60
CA ALA H 225 -45.24 7.38 -33.18
C ALA H 225 -45.80 8.44 -34.13
N THR H 226 -44.92 9.22 -34.77
CA THR H 226 -45.37 10.20 -35.76
C THR H 226 -46.06 9.52 -36.93
N GLU H 227 -45.52 8.39 -37.38
CA GLU H 227 -46.09 7.66 -38.51
C GLU H 227 -47.32 6.87 -38.08
N ALA H 228 -47.24 6.19 -36.93
CA ALA H 228 -48.34 5.34 -36.47
C ALA H 228 -49.58 6.14 -36.08
N ARG H 229 -49.41 7.38 -35.61
CA ARG H 229 -50.59 8.20 -35.29
C ARG H 229 -51.45 8.43 -36.53
N LYS H 230 -50.83 8.54 -37.71
CA LYS H 230 -51.55 8.74 -38.96
C LYS H 230 -52.39 7.53 -39.36
N HIS H 231 -52.08 6.34 -38.84
CA HIS H 231 -52.84 5.13 -39.12
C HIS H 231 -53.67 4.68 -37.93
N GLY H 232 -53.67 5.42 -36.82
CA GLY H 232 -54.38 4.98 -35.63
C GLY H 232 -53.78 3.78 -34.93
N ILE H 233 -52.52 3.50 -35.17
CA ILE H 233 -51.84 2.31 -34.64
C ILE H 233 -51.07 2.71 -33.38
N PRO H 234 -51.16 1.93 -32.30
CA PRO H 234 -50.33 2.21 -31.12
C PRO H 234 -48.93 1.65 -31.30
N VAL H 235 -47.99 2.23 -30.55
CA VAL H 235 -46.61 1.76 -30.59
C VAL H 235 -46.16 1.36 -29.20
N ILE H 236 -45.21 0.43 -29.15
CA ILE H 236 -44.64 -0.09 -27.90
C ILE H 236 -43.22 0.42 -27.78
N ALA H 237 -42.93 1.12 -26.69
CA ALA H 237 -41.56 1.52 -26.38
C ALA H 237 -40.88 0.35 -25.67
N ASP H 238 -39.97 -0.32 -26.38
CA ASP H 238 -39.36 -1.55 -25.88
C ASP H 238 -37.86 -1.34 -25.66
N GLY H 239 -37.44 -1.41 -24.41
CA GLY H 239 -36.02 -1.40 -24.06
C GLY H 239 -35.50 -0.04 -23.65
N GLY H 240 -34.45 -0.05 -22.84
CA GLY H 240 -33.73 1.16 -22.46
C GLY H 240 -34.22 1.86 -21.22
N ILE H 241 -35.33 1.41 -20.64
CA ILE H 241 -35.92 2.06 -19.47
C ILE H 241 -35.21 1.58 -18.22
N LYS H 242 -34.58 2.50 -17.51
CA LYS H 242 -33.85 2.18 -16.28
C LYS H 242 -34.58 2.60 -15.01
N TYR H 243 -35.33 3.70 -15.06
CA TYR H 243 -36.07 4.24 -13.92
C TYR H 243 -37.51 4.49 -14.33
N SER H 244 -38.36 4.73 -13.33
CA SER H 244 -39.78 4.96 -13.61
C SER H 244 -40.01 6.21 -14.45
N GLY H 245 -39.14 7.22 -14.31
CA GLY H 245 -39.27 8.44 -15.09
C GLY H 245 -39.00 8.24 -16.57
N ASP H 246 -38.17 7.26 -16.91
CA ASP H 246 -37.95 6.95 -18.32
C ASP H 246 -39.22 6.44 -18.98
N MET H 247 -40.03 5.69 -18.22
CA MET H 247 -41.31 5.24 -18.73
C MET H 247 -42.24 6.41 -19.03
N VAL H 248 -42.24 7.42 -18.16
CA VAL H 248 -43.07 8.60 -18.40
C VAL H 248 -42.60 9.33 -19.66
N LYS H 249 -41.28 9.38 -19.87
CA LYS H 249 -40.75 10.01 -21.08
C LYS H 249 -41.11 9.21 -22.33
N ALA H 250 -41.10 7.88 -22.22
CA ALA H 250 -41.47 7.04 -23.35
C ALA H 250 -42.94 7.21 -23.71
N LEU H 251 -43.81 7.24 -22.71
CA LEU H 251 -45.23 7.44 -22.97
C LEU H 251 -45.49 8.82 -23.56
N ALA H 252 -44.83 9.85 -23.01
CA ALA H 252 -45.01 11.21 -23.50
C ALA H 252 -44.45 11.41 -24.91
N ALA H 253 -43.58 10.51 -25.36
CA ALA H 253 -43.02 10.60 -26.70
C ALA H 253 -43.93 10.01 -27.77
N GLY H 254 -45.05 9.40 -27.37
CA GLY H 254 -46.03 8.93 -28.33
C GLY H 254 -46.44 7.47 -28.14
N ALA H 255 -45.76 6.78 -27.22
CA ALA H 255 -46.00 5.35 -27.03
C ALA H 255 -47.22 5.10 -26.15
N HIS H 256 -48.01 4.10 -26.53
CA HIS H 256 -49.16 3.69 -25.72
C HIS H 256 -48.71 2.89 -24.52
N VAL H 257 -47.68 2.08 -24.69
CA VAL H 257 -47.27 1.10 -23.69
C VAL H 257 -45.76 0.97 -23.77
N VAL H 258 -45.15 0.56 -22.66
CA VAL H 258 -43.71 0.30 -22.60
C VAL H 258 -43.51 -1.16 -22.27
N MET H 259 -42.41 -1.72 -22.77
CA MET H 259 -42.02 -3.10 -22.50
C MET H 259 -40.73 -3.08 -21.69
N LEU H 260 -40.74 -3.79 -20.56
CA LEU H 260 -39.63 -3.77 -19.62
C LEU H 260 -39.00 -5.15 -19.52
N GLY H 261 -37.67 -5.17 -19.36
CA GLY H 261 -36.93 -6.39 -19.15
C GLY H 261 -36.11 -6.39 -17.88
N SER H 262 -35.09 -5.53 -17.82
CA SER H 262 -34.19 -5.55 -16.67
C SER H 262 -34.93 -5.20 -15.39
N MET H 263 -35.90 -4.31 -15.47
CA MET H 263 -36.65 -3.92 -14.28
C MET H 263 -37.57 -5.02 -13.78
N PHE H 264 -37.77 -6.09 -14.56
CA PHE H 264 -38.60 -7.19 -14.15
C PHE H 264 -37.84 -8.49 -13.89
N ALA H 265 -36.59 -8.59 -14.36
CA ALA H 265 -35.87 -9.86 -14.27
C ALA H 265 -35.52 -10.25 -12.85
N GLY H 266 -35.39 -9.28 -11.94
CA GLY H 266 -35.03 -9.59 -10.58
C GLY H 266 -36.19 -9.97 -9.71
N VAL H 267 -37.39 -9.94 -10.27
CA VAL H 267 -38.59 -10.15 -9.48
C VAL H 267 -38.80 -11.63 -9.19
N ALA H 268 -39.57 -11.90 -8.13
CA ALA H 268 -39.75 -13.27 -7.68
C ALA H 268 -40.51 -14.10 -8.71
N GLU H 269 -41.55 -13.52 -9.33
CA GLU H 269 -42.36 -14.26 -10.30
C GLU H 269 -41.73 -14.30 -11.69
N SER H 270 -40.41 -14.42 -11.80
CA SER H 270 -39.79 -14.45 -13.11
C SER H 270 -38.96 -15.73 -13.25
N PRO H 271 -38.82 -16.25 -14.47
CA PRO H 271 -38.13 -17.52 -14.66
C PRO H 271 -36.69 -17.49 -14.13
N GLY H 272 -36.19 -18.66 -13.76
CA GLY H 272 -34.93 -18.76 -13.06
C GLY H 272 -35.10 -18.73 -11.56
N GLU H 273 -34.05 -19.16 -10.87
CA GLU H 273 -33.99 -19.28 -9.43
C GLU H 273 -33.04 -18.23 -8.87
N THR H 274 -33.26 -17.89 -7.59
CA THR H 274 -32.40 -16.90 -6.95
C THR H 274 -30.98 -17.44 -6.84
N GLU H 275 -30.01 -16.63 -7.22
CA GLU H 275 -28.61 -16.99 -7.08
C GLU H 275 -27.98 -16.07 -6.06
N ILE H 276 -26.96 -16.55 -5.36
CA ILE H 276 -26.28 -15.78 -4.34
C ILE H 276 -24.93 -15.34 -4.88
N TYR H 277 -24.68 -14.03 -4.83
CA TYR H 277 -23.42 -13.43 -5.26
C TYR H 277 -23.02 -12.42 -4.21
N GLN H 278 -21.85 -12.63 -3.58
CA GLN H 278 -21.32 -11.71 -2.58
C GLN H 278 -22.30 -11.50 -1.43
N GLY H 279 -22.99 -12.58 -1.02
CA GLY H 279 -23.92 -12.53 0.08
C GLY H 279 -25.29 -11.97 -0.24
N ARG H 280 -25.55 -11.52 -1.47
CA ARG H 280 -26.87 -11.06 -1.85
C ARG H 280 -27.44 -12.01 -2.89
N GLN H 281 -28.76 -12.08 -2.95
CA GLN H 281 -29.43 -12.93 -3.93
C GLN H 281 -29.68 -12.14 -5.20
N PHE H 282 -29.42 -12.78 -6.34
CA PHE H 282 -29.53 -12.18 -7.66
C PHE H 282 -30.32 -13.11 -8.57
N LYS H 283 -30.79 -12.57 -9.68
CA LYS H 283 -31.42 -13.36 -10.72
C LYS H 283 -30.61 -13.19 -12.00
N VAL H 284 -30.46 -14.29 -12.75
CA VAL H 284 -29.75 -14.21 -14.01
C VAL H 284 -30.59 -13.41 -14.99
N TYR H 285 -29.95 -12.49 -15.71
CA TYR H 285 -30.63 -11.74 -16.75
C TYR H 285 -29.70 -11.69 -17.95
N ARG H 286 -30.18 -12.16 -19.09
CA ARG H 286 -29.35 -12.30 -20.28
C ARG H 286 -30.14 -11.87 -21.52
N GLY H 287 -29.40 -11.43 -22.54
CA GLY H 287 -30.03 -11.12 -23.79
C GLY H 287 -30.41 -12.39 -24.55
N MET H 288 -31.50 -12.31 -25.30
CA MET H 288 -31.90 -13.44 -26.12
C MET H 288 -30.94 -13.68 -27.27
N GLY H 289 -30.08 -12.71 -27.59
CA GLY H 289 -29.03 -12.89 -28.56
C GLY H 289 -27.67 -13.20 -27.99
N SER H 290 -27.58 -13.51 -26.69
CA SER H 290 -26.33 -13.86 -26.04
C SER H 290 -25.98 -15.32 -26.28
N VAL H 291 -24.73 -15.66 -25.95
CA VAL H 291 -24.26 -17.04 -26.11
C VAL H 291 -25.16 -18.00 -25.34
N GLY H 292 -25.48 -17.66 -24.08
CA GLY H 292 -26.26 -18.58 -23.26
C GLY H 292 -27.65 -18.82 -23.80
N ALA H 293 -28.33 -17.76 -24.26
CA ALA H 293 -29.69 -17.90 -24.76
C ALA H 293 -29.72 -18.59 -26.12
N MET H 294 -28.65 -18.48 -26.91
CA MET H 294 -28.65 -19.08 -28.23
C MET H 294 -28.33 -20.57 -28.18
N GLU H 295 -27.65 -21.04 -27.14
CA GLU H 295 -27.42 -22.47 -26.95
C GLU H 295 -28.71 -23.22 -26.63
N LEU H 310 -23.77 -15.76 -36.91
CA LEU H 310 -24.51 -15.91 -35.66
C LEU H 310 -23.68 -15.42 -34.47
N VAL H 311 -22.95 -14.33 -34.69
CA VAL H 311 -22.24 -13.63 -33.60
C VAL H 311 -23.27 -13.05 -32.64
N PRO H 312 -23.01 -13.07 -31.33
CA PRO H 312 -24.04 -12.61 -30.39
C PRO H 312 -24.23 -11.11 -30.47
N GLU H 313 -25.44 -10.67 -30.11
CA GLU H 313 -25.79 -9.26 -30.02
C GLU H 313 -26.32 -8.94 -28.62
N GLY H 314 -25.89 -9.71 -27.62
CA GLY H 314 -26.31 -9.49 -26.25
C GLY H 314 -25.30 -10.07 -25.30
N ILE H 315 -25.51 -9.80 -24.01
CA ILE H 315 -24.64 -10.26 -22.95
C ILE H 315 -25.47 -11.01 -21.92
N GLU H 316 -24.77 -11.72 -21.04
CA GLU H 316 -25.38 -12.43 -19.92
C GLU H 316 -24.97 -11.73 -18.63
N GLY H 317 -25.92 -11.46 -17.77
CA GLY H 317 -25.61 -10.74 -16.54
C GLY H 317 -26.48 -11.15 -15.38
N ARG H 318 -26.55 -10.29 -14.35
CA ARG H 318 -27.33 -10.56 -13.17
C ARG H 318 -27.82 -9.23 -12.63
N VAL H 319 -29.03 -9.24 -12.07
CA VAL H 319 -29.63 -8.05 -11.50
C VAL H 319 -30.04 -8.38 -10.07
N PRO H 320 -30.13 -7.38 -9.18
CA PRO H 320 -30.50 -7.66 -7.79
C PRO H 320 -31.91 -8.23 -7.67
N TYR H 321 -32.08 -9.11 -6.70
CA TYR H 321 -33.40 -9.69 -6.43
C TYR H 321 -34.30 -8.63 -5.81
N LYS H 322 -35.52 -8.52 -6.34
CA LYS H 322 -36.37 -7.38 -6.01
C LYS H 322 -37.65 -7.74 -5.26
N GLY H 323 -37.94 -9.02 -5.05
CA GLY H 323 -39.11 -9.41 -4.30
C GLY H 323 -40.34 -9.60 -5.17
N PRO H 324 -41.51 -9.32 -4.61
CA PRO H 324 -42.77 -9.53 -5.36
C PRO H 324 -42.93 -8.54 -6.50
N LEU H 325 -43.66 -8.99 -7.53
CA LEU H 325 -43.92 -8.14 -8.68
C LEU H 325 -44.72 -6.91 -8.32
N ALA H 326 -45.64 -7.03 -7.36
CA ALA H 326 -46.53 -5.91 -7.04
C ALA H 326 -45.74 -4.69 -6.55
N ASP H 327 -44.67 -4.92 -5.80
CA ASP H 327 -43.91 -3.81 -5.23
C ASP H 327 -43.18 -3.01 -6.30
N THR H 328 -42.63 -3.70 -7.31
CA THR H 328 -41.99 -3.00 -8.43
C THR H 328 -43.03 -2.26 -9.27
N VAL H 329 -44.15 -2.92 -9.57
CA VAL H 329 -45.21 -2.29 -10.35
C VAL H 329 -45.74 -1.06 -9.65
N HIS H 330 -45.89 -1.14 -8.32
CA HIS H 330 -46.40 -0.01 -7.55
C HIS H 330 -45.49 1.20 -7.66
N GLN H 331 -44.18 1.00 -7.60
CA GLN H 331 -43.26 2.12 -7.79
C GLN H 331 -43.29 2.60 -9.24
N LEU H 332 -43.38 1.68 -10.20
CA LEU H 332 -43.46 2.08 -11.60
C LEU H 332 -44.72 2.87 -11.88
N VAL H 333 -45.89 2.32 -11.52
CA VAL H 333 -47.14 3.03 -11.76
C VAL H 333 -47.18 4.31 -10.94
N GLY H 334 -46.68 4.25 -9.70
CA GLY H 334 -46.67 5.43 -8.86
C GLY H 334 -45.84 6.57 -9.44
N GLY H 335 -44.69 6.24 -10.01
CA GLY H 335 -43.90 7.25 -10.69
C GLY H 335 -44.61 7.81 -11.91
N LEU H 336 -45.36 6.96 -12.61
CA LEU H 336 -46.13 7.43 -13.74
C LEU H 336 -47.23 8.40 -13.29
N ARG H 337 -47.90 8.07 -12.18
CA ARG H 337 -48.94 8.95 -11.67
C ARG H 337 -48.38 10.30 -11.26
N ALA H 338 -47.17 10.31 -10.69
CA ALA H 338 -46.54 11.58 -10.34
C ALA H 338 -46.22 12.41 -11.58
N GLY H 339 -45.63 11.77 -12.60
CA GLY H 339 -45.29 12.49 -13.80
C GLY H 339 -46.51 13.05 -14.51
N MET H 340 -47.58 12.24 -14.58
CA MET H 340 -48.81 12.72 -15.20
C MET H 340 -49.41 13.87 -14.43
N GLY H 341 -49.28 13.88 -13.10
CA GLY H 341 -49.74 15.02 -12.33
C GLY H 341 -48.94 16.27 -12.63
N TYR H 342 -47.62 16.13 -12.79
CA TYR H 342 -46.77 17.27 -13.15
C TYR H 342 -47.12 17.84 -14.52
N CYS H 343 -47.53 16.99 -15.46
CA CYS H 343 -47.83 17.44 -16.82
C CYS H 343 -49.28 17.84 -17.01
N GLY H 344 -50.13 17.66 -16.01
CA GLY H 344 -51.54 17.98 -16.17
C GLY H 344 -52.30 17.01 -17.04
N ALA H 345 -51.84 15.76 -17.13
CA ALA H 345 -52.46 14.75 -17.97
C ALA H 345 -53.41 13.91 -17.12
N GLN H 346 -54.71 13.94 -17.48
CA GLN H 346 -55.69 13.11 -16.78
C GLN H 346 -55.69 11.68 -17.28
N ASP H 347 -55.29 11.48 -18.54
CA ASP H 347 -55.20 10.16 -19.14
C ASP H 347 -53.94 10.11 -20.00
N LEU H 348 -53.62 8.91 -20.49
CA LEU H 348 -52.38 8.74 -21.24
C LEU H 348 -52.43 9.41 -22.61
N GLU H 349 -53.63 9.59 -23.18
CA GLU H 349 -53.73 10.22 -24.49
C GLU H 349 -53.39 11.70 -24.41
N PHE H 350 -53.81 12.37 -23.33
CA PHE H 350 -53.42 13.76 -23.14
C PHE H 350 -51.91 13.89 -23.01
N LEU H 351 -51.29 12.99 -22.26
CA LEU H 351 -49.84 13.01 -22.13
C LEU H 351 -49.17 12.80 -23.48
N ARG H 352 -49.72 11.91 -24.31
CA ARG H 352 -49.09 11.62 -25.59
C ARG H 352 -49.15 12.81 -26.54
N GLU H 353 -50.21 13.60 -26.48
CA GLU H 353 -50.45 14.64 -27.47
C GLU H 353 -50.06 16.04 -27.01
N ASN H 354 -49.82 16.25 -25.71
CA ASN H 354 -49.56 17.58 -25.18
C ASN H 354 -48.23 17.72 -24.45
N ALA H 355 -47.66 16.64 -23.91
CA ALA H 355 -46.50 16.78 -23.04
C ALA H 355 -45.31 17.37 -23.79
N GLN H 356 -44.61 18.28 -23.14
CA GLN H 356 -43.46 18.96 -23.71
C GLN H 356 -42.17 18.52 -23.05
N PHE H 357 -41.13 18.34 -23.84
CA PHE H 357 -39.80 18.06 -23.33
C PHE H 357 -38.95 19.32 -23.37
N ILE H 358 -37.89 19.30 -22.58
CA ILE H 358 -36.83 20.29 -22.65
C ILE H 358 -35.51 19.54 -22.73
N ARG H 359 -34.64 19.95 -23.64
CA ARG H 359 -33.37 19.29 -23.84
C ARG H 359 -32.33 19.83 -22.86
N MET H 360 -31.43 18.95 -22.45
CA MET H 360 -30.39 19.31 -21.49
C MET H 360 -29.11 18.57 -21.82
N SER H 361 -28.02 19.02 -21.20
CA SER H 361 -26.71 18.43 -21.40
C SER H 361 -26.40 17.39 -20.32
N GLY H 362 -25.19 16.83 -20.39
CA GLY H 362 -24.77 15.91 -19.34
C GLY H 362 -24.72 16.56 -17.97
N ALA H 363 -24.37 17.85 -17.91
CA ALA H 363 -24.43 18.57 -16.66
C ALA H 363 -25.87 18.68 -16.15
N GLY H 364 -26.84 18.82 -17.06
CA GLY H 364 -28.24 18.82 -16.66
C GLY H 364 -28.69 17.47 -16.10
N LEU H 365 -28.17 16.38 -16.67
CA LEU H 365 -28.45 15.04 -16.15
C LEU H 365 -27.84 14.85 -14.77
N LEU H 366 -26.64 15.36 -14.55
CA LEU H 366 -26.02 15.25 -13.24
C LEU H 366 -26.80 16.04 -12.19
N GLU H 367 -27.46 17.13 -12.59
CA GLU H 367 -28.32 17.86 -11.66
C GLU H 367 -29.60 17.09 -11.37
N SER H 368 -30.12 16.36 -12.36
CA SER H 368 -31.40 15.66 -12.16
C SER H 368 -31.28 14.57 -11.11
N HIS H 369 -30.19 13.81 -11.14
CA HIS H 369 -29.94 12.81 -10.13
C HIS H 369 -29.51 13.49 -8.83
N PRO H 370 -29.64 12.82 -7.69
CA PRO H 370 -29.04 13.34 -6.47
C PRO H 370 -27.53 13.49 -6.63
N HIS H 371 -26.99 14.56 -6.03
CA HIS H 371 -25.57 14.89 -6.19
C HIS H 371 -25.04 15.52 -4.92
N HIS H 372 -23.71 15.37 -4.73
CA HIS H 372 -22.97 16.02 -3.64
C HIS H 372 -23.52 15.64 -2.26
N VAL H 373 -24.17 14.50 -2.17
CA VAL H 373 -24.65 13.96 -0.90
C VAL H 373 -24.47 12.46 -0.96
N GLN H 374 -23.84 11.89 0.07
CA GLN H 374 -23.63 10.45 0.12
C GLN H 374 -24.92 9.74 0.49
N ILE H 375 -25.45 8.93 -0.43
CA ILE H 375 -26.75 8.28 -0.22
C ILE H 375 -26.60 7.18 0.81
N THR H 376 -27.43 7.22 1.85
CA THR H 376 -27.37 6.28 2.96
C THR H 376 -28.33 5.12 2.82
N LYS H 377 -29.53 5.35 2.29
CA LYS H 377 -30.56 4.33 2.17
C LYS H 377 -31.00 4.21 0.71
N GLU H 378 -31.43 3.01 0.35
CA GLU H 378 -31.96 2.78 -1.00
C GLU H 378 -33.45 3.04 -0.98
N ALA H 379 -33.90 3.93 -1.83
CA ALA H 379 -35.32 4.15 -1.96
C ALA H 379 -35.90 3.09 -2.89
N PRO H 380 -37.19 2.77 -2.76
CA PRO H 380 -37.81 1.83 -3.70
C PRO H 380 -37.78 2.33 -5.15
N ASN H 381 -37.50 3.60 -5.40
CA ASN H 381 -37.45 4.02 -6.78
C ASN H 381 -36.08 4.44 -7.29
N TYR H 382 -35.06 4.41 -6.44
CA TYR H 382 -33.73 4.82 -6.89
C TYR H 382 -32.72 3.76 -6.47
N SER H 383 -32.14 3.06 -7.45
CA SER H 383 -31.10 2.05 -7.23
C SER H 383 -31.53 0.99 -6.21
P IMP I . 5.39 -0.89 32.55
O1P IMP I . 6.55 -1.49 31.78
O2P IMP I . 4.69 -2.01 33.28
O3P IMP I . 5.90 0.27 33.36
O5' IMP I . 4.33 -0.34 31.50
C5' IMP I . 3.37 0.64 31.87
C4' IMP I . 2.71 1.27 30.68
O4' IMP I . 2.13 0.25 29.84
C3' IMP I . 1.53 2.18 30.98
O3' IMP I . 1.91 3.45 31.47
C2' IMP I . 0.79 2.23 29.65
O2' IMP I . 1.38 3.17 28.77
C1' IMP I . 1.05 0.81 29.10
N9 IMP I . -0.13 -0.05 29.21
C8 IMP I . -0.96 -0.21 30.29
N7 IMP I . -1.94 -1.10 29.96
C5 IMP I . -1.73 -1.51 28.69
C6 IMP I . -2.42 -2.41 27.87
O6 IMP I . -3.13 -3.28 28.37
N1 IMP I . -1.95 -2.62 26.58
C2 IMP I . -0.84 -1.95 26.13
N3 IMP I . -0.17 -1.07 26.95
C4 IMP I . -0.61 -0.86 28.21
C7 8L4 J . -3.45 -0.10 24.47
C13 8L4 J . -7.83 -3.53 23.83
C17 8L4 J . -6.64 -0.19 19.11
C18 8L4 J . -7.15 1.10 19.12
C19 8L4 J . -6.98 1.93 18.02
C20 8L4 J . -6.29 1.47 16.91
C21 8L4 J . -5.77 0.18 16.89
C22 8L4 J . -5.95 -0.65 17.99
C1 8L4 J . -7.01 -1.30 24.43
C10 8L4 J . -7.38 -0.87 21.32
C11 8L4 J . -7.89 -2.06 23.47
C12 8L4 J . -9.33 -1.58 23.62
C2 8L4 J . -7.50 -0.89 25.67
C3 8L4 J . -6.65 -0.21 26.55
C4 8L4 J . -5.33 0.06 26.18
C5 8L4 J . -4.85 -0.35 24.94
C6 8L4 J . -5.70 -1.03 24.08
N1 8L4 J . -2.74 0.99 24.79
N2 8L4 J . -2.89 -1.01 23.68
N3 8L4 J . -7.33 -1.92 22.13
N4 8L4 J . -6.77 -1.06 20.15
O1 8L4 J . -3.23 2.00 25.60
O2 8L4 J . -7.93 0.18 21.62
CL 8L4 J . -6.07 2.54 15.49
K K K . 27.40 -7.89 36.23
K K L . 5.29 -6.08 26.07
P IMP M . 34.54 -11.18 39.40
O1P IMP M . 33.64 -11.39 38.21
O2P IMP M . 33.93 -11.92 40.56
O3P IMP M . 35.94 -11.54 38.98
O5' IMP M . 34.53 -9.63 39.76
C5' IMP M . 35.48 -9.07 40.65
C4' IMP M . 35.61 -7.58 40.48
O4' IMP M . 34.29 -6.96 40.53
C3' IMP M . 36.38 -6.84 41.56
O3' IMP M . 37.79 -6.96 41.42
C2' IMP M . 35.88 -5.41 41.39
O2' IMP M . 36.52 -4.77 40.30
C1' IMP M . 34.41 -5.64 41.01
N9 IMP M . 33.49 -5.45 42.15
C8 IMP M . 33.62 -5.96 43.42
N7 IMP M . 32.56 -5.57 44.17
C5 IMP M . 31.73 -4.82 43.40
C6 IMP M . 30.51 -4.18 43.66
O6 IMP M . 29.90 -4.38 44.72
N1 IMP M . 29.90 -3.49 42.64
C2 IMP M . 30.49 -3.43 41.40
N3 IMP M . 31.68 -4.06 41.15
C4 IMP M . 32.31 -4.75 42.12
C7 8L4 N . 31.90 -0.17 42.80
C13 8L4 N . 27.50 1.18 46.00
C17 8L4 N . 29.23 5.75 42.52
C18 8L4 N . 30.36 6.43 42.95
C19 8L4 N . 30.84 7.52 42.23
C20 8L4 N . 30.18 7.95 41.09
C21 8L4 N . 29.05 7.27 40.65
C22 8L4 N . 28.58 6.18 41.37
C1 8L4 N . 29.89 1.30 45.67
C10 8L4 N . 29.16 4.06 44.30
C11 8L4 N . 28.66 2.16 45.86
C12 8L4 N . 28.77 2.94 47.16
C2 8L4 N . 30.58 0.81 46.77
C3 8L4 N . 31.71 0.00 46.60
C4 8L4 N . 32.14 -0.32 45.32
C5 8L4 N . 31.47 0.17 44.20
C6 8L4 N . 30.33 0.96 44.39
N1 8L4 N . 33.18 -0.35 42.42
N2 8L4 N . 30.96 -0.27 41.85
N3 8L4 N . 28.42 3.01 44.69
N4 8L4 N . 28.71 4.66 43.18
O1 8L4 N . 34.27 -0.26 43.28
O2 8L4 N . 30.15 4.41 44.92
CL 8L4 N . 30.79 9.36 40.18
K K O . 31.98 -27.57 22.26
P IMP P . 1.74 -24.30 11.20
O1P IMP P . 0.61 -23.35 10.87
O2P IMP P . 1.44 -25.43 12.17
O3P IMP P . 2.89 -23.51 11.79
O5' IMP P . 2.28 -24.96 9.87
C5' IMP P . 1.40 -25.60 8.96
C4' IMP P . 2.06 -25.83 7.63
O4' IMP P . 3.21 -26.69 7.79
C3' IMP P . 1.22 -26.55 6.58
O3' IMP P . 0.29 -25.71 5.95
C2' IMP P . 2.29 -27.10 5.64
O2' IMP P . 2.74 -26.08 4.75
C1' IMP P . 3.43 -27.42 6.61
N9 IMP P . 3.51 -28.86 6.92
C8 IMP P . 2.50 -29.72 7.26
N7 IMP P . 3.03 -30.95 7.49
C5 IMP P . 4.37 -30.88 7.30
C6 IMP P . 5.39 -31.83 7.41
O6 IMP P . 5.23 -32.78 8.15
N1 IMP P . 6.68 -31.43 7.16
C2 IMP P . 6.97 -30.13 6.82
N3 IMP P . 5.96 -29.19 6.71
C4 IMP P . 4.68 -29.56 6.96
C7 8L4 Q . 7.16 -31.56 3.63
C13 8L4 Q . 8.69 -36.89 4.48
C17 8L4 Q . 11.29 -34.42 -0.26
C18 8L4 Q . 10.59 -34.48 -1.46
C19 8L4 Q . 11.16 -33.99 -2.64
C20 8L4 Q . 12.44 -33.44 -2.61
C21 8L4 Q . 13.14 -33.39 -1.41
C22 8L4 Q . 12.56 -33.88 -0.26
C1 8L4 Q . 7.24 -35.34 3.25
C10 8L4 Q . 9.63 -35.45 1.20
C11 8L4 Q . 8.29 -36.42 3.09
C12 8L4 Q . 7.72 -37.60 2.31
C2 8L4 Q . 5.90 -35.67 3.30
C3 8L4 Q . 4.94 -34.67 3.46
C4 8L4 Q . 5.33 -33.34 3.56
C5 8L4 Q . 6.68 -32.99 3.51
C6 8L4 Q . 7.63 -34.01 3.36
N1 8L4 Q . 6.47 -30.50 3.19
N2 8L4 Q . 8.34 -31.32 4.20
N3 8L4 Q . 9.46 -35.79 2.48
N4 8L4 Q . 10.81 -34.89 0.92
O1 8L4 Q . 5.23 -30.55 2.57
O2 8L4 Q . 8.77 -35.64 0.36
CL 8L4 Q . 13.19 -32.80 -4.10
K K R . 9.86 -26.02 12.08
P IMP S . 30.75 -34.68 18.27
O1P IMP S . 30.16 -33.30 18.07
O2P IMP S . 30.28 -35.18 19.61
O3P IMP S . 30.42 -35.49 17.03
O5' IMP S . 32.34 -34.51 18.40
C5' IMP S . 33.23 -35.40 17.75
C4' IMP S . 34.60 -34.80 17.57
O4' IMP S . 35.00 -34.07 18.75
C3' IMP S . 35.73 -35.79 17.38
O3' IMP S . 35.78 -36.33 16.06
C2' IMP S . 36.97 -34.98 17.76
O2' IMP S . 37.43 -34.20 16.67
C1' IMP S . 36.41 -34.03 18.83
N9 IMP S . 36.84 -34.40 20.19
C8 IMP S . 36.79 -35.64 20.78
N7 IMP S . 37.26 -35.53 22.05
C5 IMP S . 37.61 -34.23 22.27
C6 IMP S . 38.14 -33.58 23.38
O6 IMP S . 38.13 -34.11 24.49
N1 IMP S . 38.39 -32.23 23.31
C2 IMP S . 38.13 -31.54 22.15
N3 IMP S . 37.60 -32.20 21.05
C4 IMP S . 37.35 -33.52 21.11
C7 8L4 T . 41.72 -31.84 22.08
C13 8L4 T . 43.79 -31.96 27.31
C17 8L4 T . 46.95 -28.53 23.58
C18 8L4 T . 47.90 -29.19 22.81
C19 8L4 T . 48.74 -28.48 21.97
C20 8L4 T . 48.63 -27.10 21.89
C21 8L4 T . 47.68 -26.43 22.66
C22 8L4 T . 46.84 -27.15 23.50
C1 8L4 T . 43.86 -32.82 25.03
C10 8L4 T . 45.98 -30.49 24.70
C11 8L4 T . 44.68 -32.12 26.09
C12 8L4 T . 45.88 -32.98 26.48
C2 8L4 T . 43.75 -34.21 25.04
C3 8L4 T . 42.97 -34.84 24.08
C4 8L4 T . 42.30 -34.09 23.11
C5 8L4 T . 42.42 -32.70 23.09
C6 8L4 T . 43.19 -32.08 24.07
N1 8L4 T . 41.43 -32.23 20.83
N2 8L4 T . 41.36 -30.62 22.45
N3 8L4 T . 45.04 -30.79 25.60
N4 8L4 T . 46.09 -29.18 24.44
O1 8L4 T . 41.75 -33.50 20.33
O2 8L4 T . 46.68 -31.34 24.18
CL 8L4 T . 49.71 -26.16 20.80
P IMP U . -1.69 26.53 -14.70
O1P IMP U . -0.62 26.78 -15.73
O2P IMP U . -1.37 25.59 -13.55
O3P IMP U . -2.87 25.91 -15.43
O5' IMP U . -2.16 27.91 -14.05
C5' IMP U . -1.23 28.93 -13.74
C4' IMP U . -1.88 30.29 -13.71
O4' IMP U . -2.99 30.29 -12.77
C3' IMP U . -1.02 31.44 -13.21
O3' IMP U . -0.08 31.89 -14.17
C2' IMP U . -2.06 32.49 -12.83
O2' IMP U . -2.51 33.20 -13.98
C1' IMP U . -3.21 31.62 -12.32
N9 IMP U . -3.28 31.62 -10.85
C8 IMP U . -2.25 31.54 -9.96
N7 IMP U . -2.76 31.59 -8.71
C5 IMP U . -4.10 31.70 -8.77
C6 IMP U . -5.09 31.76 -7.80
O6 IMP U . -4.91 31.12 -6.76
N1 IMP U . -6.40 31.89 -8.21
C2 IMP U . -6.71 31.91 -9.54
N3 IMP U . -5.73 31.82 -10.50
C4 IMP U . -4.44 31.73 -10.12
C7 8L4 V . -6.69 35.53 -8.66
C13 8L4 V . -8.27 35.70 -3.34
C17 8L4 V . -10.95 39.80 -6.66
C18 8L4 V . -10.23 40.97 -6.95
C19 8L4 V . -10.82 41.98 -7.68
C20 8L4 V . -12.12 41.85 -8.13
C21 8L4 V . -12.84 40.70 -7.86
C22 8L4 V . -12.26 39.68 -7.11
C1 8L4 V . -6.85 36.63 -5.06
C10 8L4 V . -9.24 38.62 -5.39
C11 8L4 V . -7.91 36.99 -4.05
C12 8L4 V . -7.35 38.00 -3.05
C2 8L4 V . -5.51 36.62 -4.68
C3 8L4 V . -4.54 36.26 -5.61
C4 8L4 V . -4.90 35.90 -6.90
C5 8L4 V . -6.24 35.92 -7.28
C6 8L4 V . -7.21 36.26 -6.35
N1 8L4 V . -6.06 35.95 -9.76
N2 8L4 V . -7.76 34.74 -8.78
N3 8L4 V . -9.10 37.46 -4.76
N4 8L4 V . -10.45 38.76 -5.94
O1 8L4 V . -4.94 36.78 -9.73
O2 8L4 V . -8.35 39.45 -5.45
CL 8L4 V . -12.92 43.15 -9.09
K K W . -5.36 8.51 -29.50
K K X . -9.60 25.99 -12.59
P IMP Y . -5.59 0.96 -33.48
O1P IMP Y . -6.21 0.04 -34.50
O2P IMP Y . -4.82 0.38 -32.31
O3P IMP Y . -6.69 1.84 -32.91
O5' IMP Y . -4.57 1.92 -34.25
C5' IMP Y . -3.56 1.38 -35.10
C4' IMP Y . -3.01 2.43 -36.03
O4' IMP Y . -2.45 3.52 -35.27
C3' IMP Y . -1.85 1.98 -36.92
O3' IMP Y . -2.28 1.25 -38.04
C2' IMP Y . -1.17 3.30 -37.26
O2' IMP Y . -1.84 3.93 -38.35
C1' IMP Y . -1.41 4.13 -36.01
N9 IMP Y . -0.22 4.22 -35.15
C8 IMP Y . 0.62 3.19 -34.79
N7 IMP Y . 1.58 3.70 -33.97
C5 IMP Y . 1.36 5.03 -33.80
C6 IMP Y . 2.03 6.01 -33.07
O6 IMP Y . 2.72 5.66 -32.13
N1 IMP Y . 1.55 7.30 -33.10
C2 IMP Y . 0.43 7.61 -33.83
N3 IMP Y . -0.24 6.64 -34.54
C4 IMP Y . 0.23 5.37 -34.54
C7 8L4 Z . 2.93 8.71 -36.22
C13 8L4 Z . 7.25 10.17 -32.90
C17 8L4 Z . 6.21 14.11 -37.18
C18 8L4 Z . 6.76 13.86 -38.43
C19 8L4 Z . 6.61 14.79 -39.45
C20 8L4 Z . 5.92 15.97 -39.22
C21 8L4 Z . 5.36 16.22 -37.97
C22 8L4 Z . 5.52 15.29 -36.96
C1 8L4 Z . 6.48 9.12 -34.97
C10 8L4 Z . 6.91 12.07 -36.06
C11 8L4 Z . 7.34 10.21 -34.42
C12 8L4 Z . 8.79 9.95 -34.80
C2 8L4 Z . 7.00 7.84 -35.12
C3 8L4 Z . 6.19 6.82 -35.64
C4 8L4 Z . 4.88 7.09 -36.00
C5 8L4 Z . 4.35 8.38 -35.85
C6 8L4 Z . 5.16 9.38 -35.33
N1 8L4 Z . 2.19 8.01 -37.07
N2 8L4 Z . 2.40 9.78 -35.62
N3 8L4 Z . 6.81 11.50 -34.85
N4 8L4 Z . 6.31 13.25 -36.13
O1 8L4 Z . 2.63 6.88 -37.75
O2 8L4 Z . 7.49 11.54 -36.99
CL 8L4 Z . 5.71 17.17 -40.53
K K AA . -27.55 -1.09 -25.26
P IMP BA . -30.29 21.77 -2.01
O1P IMP BA . -30.17 21.32 -3.45
O2P IMP BA . -29.76 20.65 -1.14
O3P IMP BA . -29.59 23.11 -1.87
O5' IMP BA . -31.82 22.02 -1.63
C5' IMP BA . -32.83 21.08 -1.97
C4' IMP BA . -34.17 21.73 -2.26
O4' IMP BA . -35.01 20.79 -2.99
C3' IMP BA . -35.01 22.14 -1.05
O3' IMP BA . -34.70 23.44 -0.58
C2' IMP BA . -36.43 22.01 -1.56
O2' IMP BA . -36.80 23.13 -2.34
C1' IMP BA . -36.32 20.81 -2.48
N9 IMP BA . -36.59 19.54 -1.78
C8 IMP BA . -36.45 19.26 -0.45
N7 IMP BA . -36.77 17.96 -0.23
C5 IMP BA . -37.10 17.41 -1.42
C6 IMP BA . -37.52 16.13 -1.78
O6 IMP BA . -37.34 15.21 -0.98
N1 IMP BA . -37.80 15.85 -3.09
C2 IMP BA . -37.67 16.84 -4.05
N3 IMP BA . -37.26 18.12 -3.70
C4 IMP BA . -36.99 18.40 -2.40
C7 8L4 CA . -41.16 17.50 -3.62
C13 8L4 CA . -43.00 12.27 -2.45
C17 8L4 CA . -46.39 15.11 -6.46
C18 8L4 CA . -47.25 16.09 -5.98
C19 8L4 CA . -48.09 16.76 -6.85
C20 8L4 CA . -48.09 16.45 -8.21
C21 8L4 CA . -47.23 15.47 -8.69
C22 8L4 CA . -46.39 14.80 -7.82
C1 8L4 CA . -43.15 14.67 -2.06
C10 8L4 CA . -45.30 14.48 -4.37
C11 8L4 CA . -43.93 13.47 -2.54
C12 8L4 CA . -45.11 13.22 -1.60
C2 8L4 CA . -43.01 14.94 -0.70
C3 8L4 CA . -42.30 16.05 -0.27
C4 8L4 CA . -41.68 16.89 -1.20
C5 8L4 CA . -41.80 16.63 -2.56
C6 8L4 CA . -42.53 15.52 -2.98
N1 8L4 CA . -40.67 18.73 -3.40
N2 8L4 CA . -41.06 17.03 -4.86
N3 8L4 CA . -44.37 13.63 -3.91
N4 8L4 CA . -45.52 14.41 -5.68
O1 8L4 CA . -40.69 19.39 -2.16
O2 8L4 CA . -45.90 15.26 -3.64
CL 8L4 CA . -49.17 17.30 -9.36
K K DA . -31.74 16.21 -8.37
P IMP EA . -34.36 -3.79 -20.92
O1P IMP EA . -33.41 -2.73 -21.39
O2P IMP EA . -33.55 -4.82 -20.16
O3P IMP EA . -35.49 -3.12 -20.16
O5' IMP EA . -35.04 -4.52 -22.16
C5' IMP EA . -34.26 -4.91 -23.27
C4' IMP EA . -35.10 -5.21 -24.50
O4' IMP EA . -34.23 -5.45 -25.63
C3' IMP EA . -35.98 -6.45 -24.40
O3' IMP EA . -37.25 -6.17 -23.85
C2' IMP EA . -36.05 -6.94 -25.85
O2' IMP EA . -37.03 -6.21 -26.57
C1' IMP EA . -34.68 -6.54 -26.39
N9 IMP EA . -33.68 -7.63 -26.29
C8 IMP EA . -33.70 -8.74 -25.50
N7 IMP EA . -32.58 -9.46 -25.72
C5 IMP EA . -31.82 -8.81 -26.65
C6 IMP EA . -30.59 -9.09 -27.24
O6 IMP EA . -29.98 -10.14 -26.98
N1 IMP EA . -30.07 -8.22 -28.16
C2 IMP EA . -30.78 -7.08 -28.51
N3 IMP EA . -32.00 -6.80 -27.92
C4 IMP EA . -32.51 -7.66 -27.01
C7 8L4 FA . -32.01 -9.15 -31.40
C13 8L4 FA . -27.83 -12.84 -32.49
C17 8L4 FA . -29.70 -9.95 -37.37
C18 8L4 FA . -30.91 -10.37 -37.91
C19 8L4 FA . -31.41 -9.81 -39.07
C20 8L4 FA . -30.70 -8.79 -39.71
C21 8L4 FA . -29.50 -8.36 -39.18
C22 8L4 FA . -29.00 -8.93 -38.03
C1 8L4 FA . -30.20 -12.30 -32.43
C10 8L4 FA . -29.63 -11.44 -35.43
C11 8L4 FA . -29.09 -12.72 -33.35
C12 8L4 FA . -29.41 -14.11 -33.90
C2 8L4 FA . -30.81 -13.26 -31.62
C3 8L4 FA . -31.82 -12.88 -30.75
C4 8L4 FA . -32.22 -11.54 -30.66
C5 8L4 FA . -31.61 -10.59 -31.47
C6 8L4 FA . -30.59 -10.98 -32.34
N1 8L4 FA . -33.29 -8.78 -31.44
N2 8L4 FA . -31.07 -8.22 -31.29
N3 8L4 FA . -28.85 -11.72 -34.38
N4 8L4 FA . -29.16 -10.47 -36.23
O1 8L4 FA . -34.32 -9.71 -31.55
O2 8L4 FA . -30.69 -12.03 -35.62
CL 8L4 FA . -31.35 -8.06 -41.21
#